data_8H0W
#
_entry.id   8H0W
#
_cell.length_a   1.00
_cell.length_b   1.00
_cell.length_c   1.00
_cell.angle_alpha   90.00
_cell.angle_beta   90.00
_cell.angle_gamma   90.00
#
_symmetry.space_group_name_H-M   'P 1'
#
loop_
_entity.id
_entity.type
_entity.pdbx_description
1 polymer 'DNA-directed RNA polymerase subunit'
2 polymer 'DNA-directed RNA polymerase subunit beta'
3 polymer 'RNA polymerase II third largest subunit B44, part of central core'
4 polymer 'RNA polymerase II subunit B32'
5 polymer 'DNA-directed RNA polymerases I, II, and III subunit RPABC1'
6 polymer 'RNA polymerase subunit ABC23, common to RNA polymerases I, II, and III'
7 polymer 'RNA polymerase II subunit'
8 polymer 'DNA-directed RNA polymerases I, II, and III subunit RPABC3'
9 polymer 'DNA-directed RNA polymerase subunit'
10 polymer 'RNA polymerase subunit ABC10-beta, common to RNA polymerases I, II, and III'
11 polymer 'RNA polymerase II subunit B12.5'
12 polymer 'RNA polymerase subunit ABC10-alpha'
13 polymer "RNA (5'-R(P*CP*AP*AP*UP*AP*GP*GP*AP*GP*CP*UP*UP*AP*C)-3')"
14 polymer 'DNA (261-MER)'
15 polymer 'DNA (261-MER)'
16 polymer 'Histone H3.1'
17 polymer 'Histone H4'
18 polymer 'Histone H2A type 1-B/E'
19 polymer 'Histone H2B type 1-J'
20 polymer 'Histone H1.2'
21 non-polymer 'ZINC ION'
22 non-polymer 'MAGNESIUM ION'
#
loop_
_entity_poly.entity_id
_entity_poly.type
_entity_poly.pdbx_seq_one_letter_code
_entity_poly.pdbx_strand_id
1 'polypeptide(L)'
;MSQFPYSSAPLRSVKEVQFGLLSPEEIRAISVVKIEYPEIMDESRQRPREGGLNDPKLGSIDRNFKCQTCGEGMAECPGH
FGHMELAKPVFHIGFIPKIKKVCECICMNCGKLLLDETNPTMAQAIRIRDPKKRFNAVWQLCKTKMVCEADAPVDEYSEQ
KVVSRGGCGNTQPVVRKDGMKLWGTWKKSGFSDRDAQPERKLLTPGEILNVFKHISPEDCFRLGFNEDYARPEWMIITVL
PVPPPQVRPSIAMDETTQGQDDLTHKLSDILKANINVQKLEMDGSPQHIINEVEQLLQFHVATYMDNDIAGQPQALQKSG
RPVKAIRARLKGKEGRLRGNLMGKRVDFSARTVISGDPNLELDQVGVPISIAKTLSYPETVTQYNIHRLTEYVRNGPNEH
PGAKYVIRDNGDRIDLRYHKRAGDIVLQYGWKVERHLMDDDPVLFNRQPSLHKMSMMAHRVKVMPYSTFRLNLSVTSPYN
ADFDGDEMNLHVPQSEETRAELSQLCAVPLQIVSPQSNKPVMGIVQDTLCGVRKMTLRDTFIEYEQVMNMLFWVPSWDGV
VPQPAILKPKPLWTGKQLLSIAIPSGIHLQRTDGGNSLLSPKDNGMLIVDGKVMFGVVDKKTVGSGGGGLIHTVMREKGP
KICAELFGNIQKVVNYWLLHNGFSIGIGDAIADASTMKEITHAISSAKEQVQEIIYKAQHNELELKPGMTLRESFEGEVS
RTLNDARDSAGRSAEMNLKDLNNVKQMVSAGSKGSFINIAQMSACVGQQMVEGKRIAFGFADRSLPHFTKDDFSPESKGF
VENSYLRGLTPQEFFFHAMAGREGLIDTAVKTAETGYIQRRLVKALEDIMVHYDGTTRNSLGDIIQFLYGEDGLDGTQVE
RQTIDTIPGSDKAFHKRYYVDLMDEKNSIKPDVIEYAADILGDVELQKELNSEYEQLVSDRKFLREIVFVNGDHNWPLPV
NLRRIIQNAQQIFHLDRAKASDLTIPEIIHGVRDLCKKLFVLRGENELIKEAQQNATSLFQCLVRARLATRRILEEFRLN
RDAFEWVLGTIEAQFQRSLVHPGEMVGVIAAQSIGEPATQMTLNTFHYAGVSSKNVTLGVPRLKEILNVAKNIKTPALTV
YLDREIALDIEKAKVIQSSIEYTTLKNVTSATEIYYDPDPTSTVIEEDFDTVEAYFSIPDEKVEETIDKQSPWLLRLELD
RARMLDKQLTMNQVADKISEVFSDDLFVMWSEDNADKLIIRCRVIRDPKAMDEELEAEEDQMLKRIEAHMLDLIALRGIP
GISKVYMVKHKVSVPDESGEYKNEELWALETDGINLAEVMAVPGVDSSRTYSNSFVEILSVLGIEATRSSLYKEILNVIA
FDGSYVNYRHMALLVDVMTSRGYLMAITRHGINRADTGALMRCSFEETVEILFEAGAAAELDDCRGVSENVMLGQLAPMG
TGAFDVMIDEKLLTSLPADYAPTMPLFKGKATQGSATPYDNNAQYDDEFNHDDVADVMFSPMAETGSGDDRSGGLTEYAG
IQSPYQPTSPGLSATSPGFAPTSPGFAPTSPRYSPTSPGYSPTSPSYSPTSPSYSPTSPSYSPTSPSYSPTSPSYSPTSP
SYSPTSPSYSPTSPSYSPTSPSYSPTSPQYSPTSPQYSPTSPQYSPTSPQYSPTSPQYSPTSPQYSPTSPQYSPTSPQYS
PTSPQYSPTSPQYSPTSPQYSPTSPQYSPTSPQYSPTSPQYSPASPQYSPSRHSPNGESKEGE
;
A
2 'polypeptide(L)'
;MSYDPYSIDDTITTEDCWTVISAFFEEKGLVSQQLDSFDEFMETSIQDLVWEEPRLILDQPAQHTNEKDNINKRYEIRFG
KIYLSRPTMTEADGTTHAMFPQEARLRNLTYSSPVYLDMEKSMFTSIDDEGNPNATLDWQQVHEPIKDGVEEGNKVHIGK
VPIMLRSKFCSLRTLDEVDLYKMKECPYDMGGYFVINGSEKVLIAQERSAANIVQVFKKAAPSPISHVAEIRSALEKGSR
LISTMQIKLYGREDKGTGRTIKATLPYVKQDIPIVIVFRALGVVPDGEILQHICYDENDWQMLEMLKPCIEEGFVIQDKE
VALDFIGRRGSAALGIRREKRIQYAKDILQKELLPHITQEEGFETRKTFFLGYMVNRLLLCALERKDQDDRDHFGKKRLD
LAGPLLANLFRILFRKLTREIYRYMQRCIETDRDFNLNLAVKSTTITSGLKYSLATGNWGEQKKAMSSRAGVSQVLNRYT
YSSTLSHLRRTNTPIGRDGKLAKPRQLHNTHWGLVCPAETPEGQACGLVKNLSLLSGISIGSPSEPIINFLEEWGMEPLE
DYDPAQHTKSTRIFVNGVWTGIHRDPSMLVSTMRDLRRSGAISPEVSIIRDIREREFKIFTDVGRVYRPLFIVEDDESKD
NKGELRITKEHIRKIQQGYDDDAMNDDSEEQEQDVYGWSSLVTSGVIEYVDGEEEETIMIAMTPEDLQTRSLEQKEIDLN
DTAKRIKPEMSTSSHHTFTHCEIHPSMILGVAASIIPFPDHNQSPRNTYQSAMGKQAMGVFLTNYNVRMDTMANILYYPQ
KPLAKTQAMEYLKFRELPAGQNAIVAIACYSGYNQEDSMIMNQSSIDRGLFRSLFFRSYMDQEKRFGISIVEEFEKPTRA
TTLRLKHGTYEKLDEDGLIAPGVRVSGDDIIIGKTTPIPPDTEELGQRTKYHTKRDASTPLRSTENGIVDQVLLTTNQEG
LKFVKVRMRTTKVPQIGDKFASRHGQKGTIGVTYRHEDMPFSAEGIVPDLIINPHAIPSRMTVAHLIECLLSKVGSIRGY
EGDATPFTDLTVDAVSNLLRDNGYQSRGFEVMYNGHTGKKLMAQVFFGPTYYQRLRHMVDDKIHARARGPVQVLTRQPVE
GRSRDGGLRFGEMERDCMIAHGAAGFLKERLMEASDAFRVHVCGICGLMSVIANLKKNQFECRSCKNKTNIYQLHIPYAA
KLLFQELMAMNIAPRLYTERSGVSMRS
;
B
3 'polypeptide(L)'
;MSKEPKVNIINAQDDEVELMLSDVNLSLANSLRRTMLAEVPTLAIDLVEIKMNTSVLADEFISHRLGLIPLVSEDVEEMK
YSRDCTCEDYCDECSVVLELSARHEGEEGTTDVYSSSLIKVSGPGNLNVGEPVRRDDYDQGILLCKLRNHQELNIRCIAK
KGIAKEHAKWSPCSAIAFEYDPHNKLKHTDFWFEVDAKKEWPDSKYATWEEPPKPGEVFDYKAKPNRFYMTVETTGSLKA
NQVFSRGIKTLQEKLANVLFELENSRPANTTAYGGATAYGGQTVYGRETSYGGNTNYGDYNAPY
;
C
4 'polypeptide(L)'
;MNVSTSTVGARRRRAKQQVDDEENATLLRLGPEFALKQYDHDGNEHDLIALSLSESRLLIREALKARSRARNGGVDIESS
NGEIDDDELAKVTSGAVANGVVKKTLDYLNTFARFKDEETCTAVDQLLHNSSDCSVLHPFEIAQLSSLGCEDVDEAITLI
PSLAAKKEVNLQRILDELNRLEDPYK
;
D
5 'polypeptide(L)'
;MEDNNRIISRLWRSFRTVKEMAADRGYFISQEEMDQSLEEFRSKICDSMGNPQRKLMSFLANPTPEALEKYSDLGTLWVE
FCDEPSVGIKTMRNFCLRIQEKNFSTGIFIYQNNITPSANKMIPTVSPAIIETFQESDLVVNITHHELVPKHIRLSDGEK
SQLLQRYKLKESQLPRIQREDPVARYLGLKRGQVVKIIRRSETSGRYASYRICL
;
E
6 'polypeptide(L)'
;MSEDEAFNEQTENFENFEDEHFSDDNFEDRSTQPEDYAVGVTADGRQIINGDGIQEVNGTIKAHRKRSNKELAILKEERT
TTPYLTKYERARILGTRALQISMNAPVLVDIEGETDPLQIAMKELSQRKIPLVIRRYLPDGSYEDWGCDELIVDN
;
F
7 'polypeptide(L)'
;MFFLKDLSLILTLHPSYFGPQMNQYLREKLLTDVEGTCTGQFGYIVTVLDGMNIDVGKGRIIPGSGSAEFEVKYRAVVWK
PFKGEVVDAIVSNVSPIGFFADVGPLNVFVSTRLIPDNLVYNPSNSPPAYMSNDELITKGSKVRLKVVGTRTDVNEIYAI
GSIKEDFLGAI
;
G
8 'polypeptide(L)'
;MSSALFDDIFTVQTVDNGRYNKVSRIIGISTTNSAIKLTLDINNEMFPVSQDDSLTVTLANSLSLDGEDESANFSKSWRP
PKPTDKSLADDYDYVMFGTVYKFEEGDEDKIKVYVSFGGLLMCLEGGYKSLASLKQDNLYILIRR
;
H
9 'polypeptide(L)'
;MASFRFCLECNNMLYPKEDKENQRLLYSCRNCDYTELAEDPKVYRHELITNIGETAGIVDDIGQDPTLPRSDKECPECHS
RDCVFFQSQQRRKDTNMTLFYVCLNCKKTFRDESE
;
I
10 'polypeptide(L)' MIIPVRCFSCGKVVGDKWDAYLRLLEEGKQEGDALDELKLKRYCCRRMVLTHVDLIEKFLRYNPLEKKDFDS J
11 'polypeptide(L)'
;MNAPDRFELFILPDDVPKLKITPDSRVPNCIIIKFEREDHTLANLLREELALYPDVTFVAYKVEHPLFANFVMRLQTEEG
TRPKQALERACASIINKLKTLDHKFNEEWNIKNFSLND
;
K
12 'polypeptide(L)' MSREGFVAPSGTDLAAAASGVAPNKHYGVKYTCGACAHNFSLNKSDPVRCKECGHRVIYKARTKRMIQFDAR L
13 'polyribonucleotide' CAAUAGGAGCUUAC P
14 'polydeoxyribonucleotide'
;(DA)(DT)(DC)(DT)(DA)(DT)(DG)(DA)(DA)(DT)(DT)(DT)(DC)(DG)(DC)(DG)(DA)(DC)(DA)(DC)
(DA)(DA)(DG)(DG)(DC)(DC)(DT)(DG)(DG)(DA)(DT)(DG)(DT)(DA)(DT)(DA)(DT)(DA)(DT)(DC)
(DT)(DG)(DA)(DC)(DA)(DC)(DG)(DT)(DG)(DC)(DC)(DT)(DG)(DG)(DA)(DG)(DA)(DC)(DT)(DA)
(DG)(DG)(DG)(DA)(DG)(DT)(DA)(DA)(DT)(DC)(DC)(DC)(DC)(DT)(DT)(DG)(DG)(DC)(DG)(DG)
(DT)(DT)(DA)(DA)(DA)(DA)(DC)(DG)(DC)(DG)(DG)(DG)(DG)(DG)(DA)(DC)(DA)(DG)(DC)(DG)
(DC)(DG)(DT)(DA)(DC)(DG)(DT)(DG)(DC)(DG)(DT)(DT)(DT)(DA)(DA)(DG)(DC)(DG)(DG)(DT)
(DG)(DC)(DT)(DA)(DG)(DA)(DG)(DC)(DT)(DG)(DT)(DC)(DT)(DA)(DC)(DG)(DA)(DC)(DC)(DA)
(DA)(DT)(DT)(DG)(DA)(DG)(DC)(DG)(DG)(DC)(DC)(DT)(DC)(DG)(DG)(DC)(DA)(DC)(DC)(DG)
(DG)(DA)(DT)(DT)(DC)(DC)(DC)(DA)(DA)(DA)(DC)(DA)(DC)(DA)(DC)(DC)(DA)(DA)(DA)(DC)
(DA)(DC)(DA)(DA)(DG)(DT)(DG)(DG)(DA)(DC)(DC)(DG)(DT)(DA)(DA)(DG)(DC)(DT)(DC)(DC)
(DT)(DA)(DT)(DT)(DG)(DC)(DT)(DT)(DT)(DA)(DA)(DA)(DG)(DG)(DC)(DA)(DG)(DA)(DG)(DG)
(DA)(DC)(DA)(DA)(DA)(DC)(DA)(DC)(DG)(DT)(DC)(DC)(DG)(DG)(DA)(DA)(DT)(DG)(DA)(DG)
(DA)(DG)(DC)(DT)(DA)(DA)(DT)(DT)(DT)(DG)(DG)(DT)(DA)(DT)(DT)(DT)(DA)(DA)(DG)(DA)
(DA)
;
T
15 'polydeoxyribonucleotide'
;(DT)(DT)(DC)(DT)(DT)(DA)(DA)(DA)(DT)(DA)(DC)(DC)(DA)(DA)(DA)(DT)(DT)(DA)(DG)(DC)
(DT)(DC)(DT)(DC)(DA)(DT)(DT)(DC)(DC)(DG)(DG)(DA)(DC)(DG)(DT)(DG)(DT)(DT)(DT)(DG)
(DT)(DC)(DC)(DT)(DC)(DT)(DG)(DC)(DC)(DT)(DT)(DT)(DA)(DA)(DA)(DG)(DC)(DA)(DA)(DT)
(DA)(DG)(DG)(DA)(DG)(DC)(DT)(DT)(DA)(DC)(DG)(DG)(DT)(DC)(DC)(DA)(DC)(DT)(DT)(DG)
(DT)(DG)(DT)(DT)(DT)(DG)(DG)(DT)(DG)(DT)(DG)(DT)(DT)(DT)(DG)(DG)(DG)(DA)(DA)(DT)
(DC)(DC)(DG)(DG)(DT)(DG)(DC)(DC)(DG)(DA)(DG)(DG)(DC)(DC)(DG)(DC)(DT)(DC)(DA)(DA)
(DT)(DT)(DG)(DG)(DT)(DC)(DG)(DT)(DA)(DG)(DA)(DC)(DA)(DG)(DC)(DT)(DC)(DT)(DA)(DG)
(DC)(DA)(DC)(DC)(DG)(DC)(DT)(DT)(DA)(DA)(DA)(DC)(DG)(DC)(DA)(DC)(DG)(DT)(DA)(DC)
(DG)(DC)(DG)(DC)(DT)(DG)(DT)(DC)(DC)(DC)(DC)(DC)(DG)(DC)(DG)(DT)(DT)(DT)(DT)(DA)
(DA)(DC)(DC)(DG)(DC)(DC)(DA)(DA)(DG)(DG)(DG)(DG)(DA)(DT)(DT)(DA)(DC)(DT)(DC)(DC)
(DC)(DT)(DA)(DG)(DT)(DC)(DT)(DC)(DC)(DA)(DG)(DG)(DC)(DA)(DC)(DG)(DT)(DG)(DT)(DC)
(DA)(DG)(DA)(DT)(DA)(DT)(DA)(DT)(DA)(DC)(DA)(DT)(DC)(DC)(DA)(DG)(DG)(DC)(DC)(DT)
(DT)(DG)(DT)(DG)(DT)(DC)(DG)(DC)(DG)(DA)(DA)(DA)(DT)(DT)(DC)(DA)(DT)(DA)(DG)(DA)
(DT)
;
N
16 'polypeptide(L)'
;GSHMARTKQTARKSTGGKAPRKQLATKAARKSAPATGGVKKPHRYRPGTVALREIRRYQKSTELLIRKLPFQRLVREIAQ
DFKTDLRFQSSAVMALQEACEAYLVGLFEDTNLCAIHAKRVTIMPKDIQLARRIRGERA
;
a,e
17 'polypeptide(L)'
;GSHMSGRGKGGKGLGKGGAKRHRKVLRDNIQGITKPAIRRLARRGGVKRISGLIYEETRGVLKVFLENVIRDAVTYTEHA
KRKTVTAMDVVYALKRQGRTLYGFGG
;
b,f
18 'polypeptide(L)'
;GSHMSGRGKQGGKARAKAKTRSSRAGLQFPVGRVHRLLRKGNYSERVGAGAPVYLAAVLEYLTAEILELAGNAARDNKKT
RIIPRHLQLAIRNDEELNKLLGRVTIAQGGVLPNIQAVLLPKKTESHHKAKGK
;
c,g
19 'polypeptide(L)'
;GSHMPEPAKSAPAPKKGSKKAVTKAQKKDGKKRKRSRKESYSIYVYKVLKQVHPDTGISSKAMGIMNSFVNDIFERIAGE
ASRLAHYNKRSTITSREIQTAVRLLLPGELAKHAVSEGTKAVTKYTSAK
;
d,h
20 'polypeptide(L)'
;MSETAPAAPAAAPPAEKAPVKKKAAKKAGGTPRKASGPPVSELITKAVAASKERSGVSLAALKKALAAAGYDVEKNNSRI
KLGLKSLVSKGTLVQTKGTGASGSFKLNKKAASGEAKPKVKKAGGTKPKKPVGAAKKPKKAAGGATPKKSAKKTPKKAKK
PAAATVTKKVAKSPKKAKVAKPKKAAKSAAKAVKPKAAKPKVVKPKKAAPKKKLEVLFQ
;
u
#
loop_
_chem_comp.id
_chem_comp.type
_chem_comp.name
_chem_comp.formula
A RNA linking ADENOSINE-5'-MONOPHOSPHATE 'C10 H14 N5 O7 P'
C RNA linking CYTIDINE-5'-MONOPHOSPHATE 'C9 H14 N3 O8 P'
DA DNA linking 2'-DEOXYADENOSINE-5'-MONOPHOSPHATE 'C10 H14 N5 O6 P'
DC DNA linking 2'-DEOXYCYTIDINE-5'-MONOPHOSPHATE 'C9 H14 N3 O7 P'
DG DNA linking 2'-DEOXYGUANOSINE-5'-MONOPHOSPHATE 'C10 H14 N5 O7 P'
DT DNA linking THYMIDINE-5'-MONOPHOSPHATE 'C10 H15 N2 O8 P'
G RNA linking GUANOSINE-5'-MONOPHOSPHATE 'C10 H14 N5 O8 P'
MG non-polymer 'MAGNESIUM ION' 'Mg 2'
U RNA linking URIDINE-5'-MONOPHOSPHATE 'C9 H13 N2 O9 P'
ZN non-polymer 'ZINC ION' 'Zn 2'
#
# COMPACT_ATOMS: atom_id res chain seq x y z
N SER A 2 25.94 23.08 -29.32
CA SER A 2 26.38 24.15 -30.22
C SER A 2 25.22 24.63 -31.07
N GLN A 3 24.11 23.89 -31.04
CA GLN A 3 22.90 24.27 -31.75
C GLN A 3 22.08 25.30 -30.98
N PHE A 4 22.68 25.96 -29.99
CA PHE A 4 22.06 27.05 -29.27
C PHE A 4 22.78 28.35 -29.58
N PRO A 5 22.05 29.41 -29.94
CA PRO A 5 22.71 30.69 -30.21
C PRO A 5 23.46 31.20 -28.99
N TYR A 6 24.57 31.89 -29.27
CA TYR A 6 25.48 32.32 -28.21
C TYR A 6 24.76 33.15 -27.15
N SER A 7 24.99 32.82 -25.89
CA SER A 7 24.61 33.64 -24.76
C SER A 7 25.87 33.94 -23.96
N SER A 8 25.92 35.13 -23.36
CA SER A 8 27.16 35.50 -22.68
C SER A 8 27.30 34.92 -21.27
N ALA A 9 26.23 34.40 -20.66
CA ALA A 9 26.39 33.85 -19.33
C ALA A 9 27.22 32.57 -19.39
N PRO A 10 27.96 32.25 -18.33
CA PRO A 10 28.67 30.97 -18.32
C PRO A 10 27.70 29.81 -18.13
N LEU A 11 28.01 28.69 -18.79
CA LEU A 11 27.24 27.47 -18.62
C LEU A 11 27.74 26.61 -17.47
N ARG A 12 26.84 26.30 -16.54
CA ARG A 12 27.11 25.45 -15.39
C ARG A 12 25.96 24.48 -15.23
N SER A 13 26.14 23.56 -14.29
CA SER A 13 25.17 22.52 -14.03
C SER A 13 24.63 22.65 -12.61
N VAL A 14 23.42 22.14 -12.44
CA VAL A 14 22.68 22.23 -11.19
C VAL A 14 23.26 21.27 -10.16
N LYS A 15 23.76 21.84 -9.07
CA LYS A 15 24.30 21.11 -7.94
C LYS A 15 23.30 20.98 -6.80
N GLU A 16 22.41 21.95 -6.63
CA GLU A 16 21.45 21.92 -5.53
C GLU A 16 20.09 22.36 -6.04
N VAL A 17 19.06 21.64 -5.62
CA VAL A 17 17.66 22.02 -5.82
C VAL A 17 17.04 22.33 -4.47
N GLN A 18 16.42 23.51 -4.36
CA GLN A 18 15.80 24.00 -3.13
C GLN A 18 14.31 24.18 -3.39
N PHE A 19 13.50 23.26 -2.87
CA PHE A 19 12.06 23.40 -3.04
C PHE A 19 11.50 24.41 -2.06
N GLY A 20 10.22 24.71 -2.21
CA GLY A 20 9.60 25.74 -1.41
C GLY A 20 8.36 26.28 -2.07
N LEU A 21 7.60 27.05 -1.32
CA LEU A 21 6.41 27.70 -1.81
C LEU A 21 6.74 29.06 -2.43
N LEU A 22 5.80 29.55 -3.23
CA LEU A 22 5.91 30.85 -3.88
C LEU A 22 5.02 31.82 -3.15
N SER A 23 5.60 32.94 -2.70
CA SER A 23 4.79 33.93 -2.02
C SER A 23 3.97 34.72 -3.02
N PRO A 24 2.84 35.30 -2.59
CA PRO A 24 2.09 36.17 -3.51
C PRO A 24 2.90 37.34 -4.03
N GLU A 25 3.79 37.90 -3.20
CA GLU A 25 4.61 39.03 -3.65
C GLU A 25 5.48 38.63 -4.82
N GLU A 26 6.17 37.49 -4.71
CA GLU A 26 7.07 37.05 -5.77
C GLU A 26 6.29 36.55 -6.98
N ILE A 27 5.09 35.99 -6.77
CA ILE A 27 4.24 35.61 -7.90
C ILE A 27 3.87 36.84 -8.71
N ARG A 28 3.46 37.90 -8.04
CA ARG A 28 3.22 39.15 -8.75
C ARG A 28 4.48 39.69 -9.39
N ALA A 29 5.62 39.50 -8.74
CA ALA A 29 6.86 40.12 -9.21
C ALA A 29 7.37 39.47 -10.49
N ILE A 30 7.35 38.14 -10.56
CA ILE A 30 7.92 37.47 -11.73
C ILE A 30 6.97 37.50 -12.93
N SER A 31 5.70 37.81 -12.70
CA SER A 31 4.73 37.88 -13.79
C SER A 31 5.09 39.00 -14.75
N VAL A 32 4.42 38.99 -15.91
CA VAL A 32 4.65 39.98 -16.95
C VAL A 32 3.38 40.66 -17.42
N VAL A 33 2.20 40.12 -17.13
CA VAL A 33 0.93 40.74 -17.52
C VAL A 33 -0.17 40.21 -16.62
N LYS A 34 -1.00 41.10 -16.11
CA LYS A 34 -2.17 40.70 -15.34
C LYS A 34 -3.26 40.15 -16.26
N ILE A 35 -3.85 39.03 -15.85
CA ILE A 35 -4.85 38.33 -16.63
C ILE A 35 -6.20 38.53 -15.96
N GLU A 36 -7.13 39.18 -16.67
CA GLU A 36 -8.47 39.33 -16.10
C GLU A 36 -9.60 39.03 -17.07
N TYR A 37 -9.40 39.11 -18.38
CA TYR A 37 -10.50 38.93 -19.33
C TYR A 37 -10.61 37.46 -19.72
N PRO A 38 -11.76 36.81 -19.48
CA PRO A 38 -11.86 35.38 -19.80
C PRO A 38 -11.73 35.08 -21.29
N GLU A 39 -12.54 35.74 -22.11
CA GLU A 39 -12.68 35.38 -23.52
C GLU A 39 -11.33 35.26 -24.21
N ILE A 40 -11.11 34.12 -24.87
CA ILE A 40 -9.84 33.79 -25.50
C ILE A 40 -9.45 34.80 -26.57
N MET A 41 -10.23 34.88 -27.65
CA MET A 41 -9.93 35.82 -28.71
C MET A 41 -10.34 37.23 -28.29
N ASP A 42 -9.94 38.23 -29.06
CA ASP A 42 -10.41 39.59 -28.77
C ASP A 42 -11.92 39.73 -28.90
N GLU A 43 -12.44 39.66 -30.11
CA GLU A 43 -13.86 39.46 -30.40
C GLU A 43 -14.00 38.51 -31.58
N SER A 44 -13.24 37.41 -31.53
CA SER A 44 -12.93 36.62 -32.73
C SER A 44 -12.22 37.48 -33.76
N ARG A 45 -11.25 38.28 -33.29
CA ARG A 45 -10.76 39.42 -34.06
C ARG A 45 -9.23 39.56 -34.04
N GLN A 46 -8.52 38.50 -34.43
CA GLN A 46 -7.19 38.72 -35.02
C GLN A 46 -6.15 39.35 -34.09
N ARG A 47 -5.39 38.52 -33.34
CA ARG A 47 -4.45 38.91 -32.28
C ARG A 47 -5.17 39.30 -30.99
N PRO A 48 -5.59 38.29 -30.21
CA PRO A 48 -6.60 38.48 -29.17
C PRO A 48 -6.35 39.54 -28.11
N ARG A 49 -7.40 39.75 -27.32
CA ARG A 49 -7.48 40.76 -26.26
C ARG A 49 -6.29 40.70 -25.32
N GLU A 50 -5.55 41.79 -25.23
CA GLU A 50 -4.49 41.89 -24.24
C GLU A 50 -5.10 41.76 -22.85
N GLY A 51 -4.35 41.14 -21.95
CA GLY A 51 -4.89 40.75 -20.66
C GLY A 51 -5.80 39.55 -20.69
N GLY A 52 -5.79 38.80 -21.79
CA GLY A 52 -6.47 37.52 -21.87
C GLY A 52 -5.49 36.37 -21.76
N LEU A 53 -6.03 35.15 -21.94
CA LEU A 53 -5.19 33.98 -21.76
C LEU A 53 -4.20 33.75 -22.90
N ASN A 54 -4.32 34.50 -23.99
CA ASN A 54 -3.37 34.41 -25.10
C ASN A 54 -2.69 35.74 -25.34
N ASP A 55 -2.38 36.46 -24.27
CA ASP A 55 -1.63 37.69 -24.38
C ASP A 55 -0.25 37.39 -24.98
N PRO A 56 0.18 38.12 -26.01
CA PRO A 56 1.53 37.91 -26.55
C PRO A 56 2.63 38.19 -25.55
N LYS A 57 2.33 38.85 -24.43
CA LYS A 57 3.34 39.00 -23.39
C LYS A 57 3.68 37.64 -22.77
N LEU A 58 2.72 36.72 -22.74
CA LEU A 58 2.97 35.39 -22.20
C LEU A 58 3.98 34.61 -23.03
N GLY A 59 4.17 35.00 -24.29
CA GLY A 59 5.12 34.35 -25.18
C GLY A 59 4.48 33.94 -26.49
N SER A 60 5.36 33.49 -27.38
CA SER A 60 5.01 33.11 -28.74
C SER A 60 4.88 31.60 -28.86
N ILE A 61 3.83 31.16 -29.57
CA ILE A 61 3.68 29.75 -29.93
C ILE A 61 3.54 29.57 -31.44
N ASP A 62 3.94 30.59 -32.20
CA ASP A 62 3.86 30.59 -33.65
C ASP A 62 5.27 30.65 -34.23
N ARG A 63 5.44 30.08 -35.42
CA ARG A 63 6.76 29.95 -36.02
C ARG A 63 7.25 31.27 -36.62
N ASN A 64 6.35 32.10 -37.13
CA ASN A 64 6.70 33.35 -37.80
C ASN A 64 6.37 34.56 -36.96
N PHE A 65 6.20 34.38 -35.66
CA PHE A 65 5.96 35.48 -34.72
C PHE A 65 6.92 35.32 -33.54
N LYS A 66 7.30 36.44 -32.96
CA LYS A 66 8.22 36.46 -31.84
C LYS A 66 7.53 36.87 -30.56
N CYS A 67 8.19 36.61 -29.44
CA CYS A 67 7.65 36.93 -28.13
C CYS A 67 7.79 38.42 -27.87
N GLN A 68 6.69 39.06 -27.50
CA GLN A 68 6.73 40.49 -27.21
C GLN A 68 7.40 40.80 -25.88
N THR A 69 7.72 39.77 -25.09
CA THR A 69 8.38 39.97 -23.81
C THR A 69 9.90 39.83 -23.95
N CYS A 70 10.36 38.79 -24.62
CA CYS A 70 11.79 38.55 -24.77
C CYS A 70 12.28 38.74 -26.21
N GLY A 71 11.39 38.80 -27.18
CA GLY A 71 11.81 39.04 -28.56
C GLY A 71 12.53 37.88 -29.19
N GLU A 72 12.25 36.66 -28.75
CA GLU A 72 12.93 35.50 -29.29
C GLU A 72 11.96 34.60 -30.07
N GLY A 73 12.54 33.81 -30.97
CA GLY A 73 11.79 32.84 -31.73
C GLY A 73 11.16 31.77 -30.86
N MET A 74 10.31 30.97 -31.52
CA MET A 74 9.66 29.85 -30.87
C MET A 74 10.67 28.86 -30.31
N ALA A 75 11.79 28.65 -30.98
CA ALA A 75 12.76 27.67 -30.51
C ALA A 75 13.31 28.05 -29.14
N GLU A 76 13.63 29.33 -28.93
CA GLU A 76 14.35 29.70 -27.72
C GLU A 76 13.45 30.21 -26.60
N CYS A 77 12.30 30.81 -26.93
CA CYS A 77 11.49 31.44 -25.90
C CYS A 77 10.95 30.39 -24.94
N PRO A 78 11.25 30.47 -23.65
CA PRO A 78 10.76 29.47 -22.70
C PRO A 78 9.27 29.58 -22.41
N GLY A 79 8.66 30.72 -22.69
CA GLY A 79 7.34 30.98 -22.19
C GLY A 79 7.43 31.82 -20.93
N HIS A 80 6.37 32.59 -20.68
CA HIS A 80 6.43 33.56 -19.60
C HIS A 80 5.15 33.48 -18.78
N PHE A 81 5.28 33.63 -17.47
CA PHE A 81 4.14 33.49 -16.57
C PHE A 81 3.42 34.82 -16.43
N GLY A 82 2.08 34.74 -16.34
CA GLY A 82 1.28 35.84 -15.87
C GLY A 82 0.76 35.57 -14.47
N HIS A 83 -0.10 36.47 -14.02
CA HIS A 83 -0.77 36.27 -12.74
C HIS A 83 -2.22 36.71 -12.89
N MET A 84 -3.05 36.19 -11.99
CA MET A 84 -4.49 36.45 -12.04
C MET A 84 -4.99 36.53 -10.61
N GLU A 85 -5.11 37.75 -10.09
CA GLU A 85 -5.55 37.95 -8.72
C GLU A 85 -6.94 37.38 -8.49
N LEU A 86 -7.11 36.69 -7.37
CA LEU A 86 -8.39 36.11 -7.02
C LEU A 86 -9.16 37.07 -6.12
N ALA A 87 -10.48 37.05 -6.27
CA ALA A 87 -11.31 37.93 -5.45
C ALA A 87 -11.23 37.53 -3.98
N LYS A 88 -11.29 36.23 -3.69
CA LYS A 88 -11.11 35.74 -2.35
C LYS A 88 -9.99 34.70 -2.32
N PRO A 89 -9.26 34.60 -1.21
CA PRO A 89 -8.27 33.53 -1.08
C PRO A 89 -8.90 32.16 -0.98
N VAL A 90 -8.19 31.17 -1.48
CA VAL A 90 -8.65 29.78 -1.51
C VAL A 90 -7.50 28.88 -1.08
N PHE A 91 -7.86 27.69 -0.59
CA PHE A 91 -6.88 26.70 -0.20
C PHE A 91 -6.13 26.15 -1.41
N HIS A 92 -4.82 25.95 -1.25
CA HIS A 92 -4.10 25.06 -2.14
C HIS A 92 -4.54 23.63 -1.85
N ILE A 93 -5.03 22.95 -2.89
CA ILE A 93 -5.60 21.61 -2.71
C ILE A 93 -4.56 20.65 -2.15
N GLY A 94 -3.29 20.83 -2.50
CA GLY A 94 -2.28 19.90 -2.04
C GLY A 94 -1.72 20.20 -0.67
N PHE A 95 -2.36 21.07 0.11
CA PHE A 95 -1.85 21.43 1.42
C PHE A 95 -2.94 21.48 2.48
N ILE A 96 -4.18 21.10 2.14
CA ILE A 96 -5.27 21.15 3.12
C ILE A 96 -4.97 20.30 4.36
N PRO A 97 -4.48 19.07 4.25
CA PRO A 97 -4.14 18.32 5.48
C PRO A 97 -3.12 19.01 6.35
N LYS A 98 -2.11 19.64 5.75
CA LYS A 98 -1.11 20.32 6.55
C LYS A 98 -1.63 21.63 7.12
N ILE A 99 -2.53 22.32 6.40
CA ILE A 99 -3.21 23.47 6.97
C ILE A 99 -3.99 23.04 8.20
N LYS A 100 -4.70 21.92 8.11
CA LYS A 100 -5.45 21.41 9.25
C LYS A 100 -4.54 21.08 10.42
N LYS A 101 -3.39 20.45 10.14
CA LYS A 101 -2.45 20.12 11.21
C LYS A 101 -1.93 21.38 11.90
N VAL A 102 -1.55 22.38 11.12
CA VAL A 102 -1.05 23.62 11.71
C VAL A 102 -2.16 24.31 12.50
N CYS A 103 -3.40 24.23 12.00
CA CYS A 103 -4.53 24.81 12.73
C CYS A 103 -4.71 24.14 14.08
N GLU A 104 -4.57 22.81 14.12
CA GLU A 104 -4.65 22.12 15.40
C GLU A 104 -3.48 22.47 16.32
N CYS A 105 -2.30 22.69 15.75
CA CYS A 105 -1.12 22.89 16.59
C CYS A 105 -1.08 24.26 17.23
N ILE A 106 -1.52 25.30 16.53
CA ILE A 106 -1.26 26.66 16.96
C ILE A 106 -2.50 27.20 17.66
N CYS A 107 -2.35 28.33 18.35
CA CYS A 107 -3.46 29.06 18.95
C CYS A 107 -4.12 29.96 17.91
N MET A 108 -5.40 29.72 17.64
CA MET A 108 -6.11 30.31 16.52
C MET A 108 -6.60 31.74 16.82
N ASN A 109 -6.06 32.38 17.84
CA ASN A 109 -6.44 33.77 18.11
C ASN A 109 -5.24 34.70 18.18
N CYS A 110 -4.14 34.26 18.77
CA CYS A 110 -2.99 35.13 18.98
C CYS A 110 -1.75 34.67 18.23
N GLY A 111 -1.79 33.51 17.59
CA GLY A 111 -0.68 33.05 16.77
C GLY A 111 0.52 32.64 17.60
N LYS A 112 0.33 31.74 18.55
CA LYS A 112 1.41 31.27 19.40
C LYS A 112 1.25 29.78 19.65
N LEU A 113 2.37 29.10 19.83
CA LEU A 113 2.34 27.68 20.14
C LEU A 113 1.67 27.44 21.49
N LEU A 114 0.80 26.44 21.53
CA LEU A 114 0.02 26.18 22.74
C LEU A 114 0.89 25.84 23.93
N LEU A 115 2.02 25.16 23.71
CA LEU A 115 2.93 24.78 24.78
C LEU A 115 4.32 25.34 24.49
N ASP A 116 5.06 25.58 25.56
CA ASP A 116 6.37 26.20 25.49
C ASP A 116 7.46 25.18 25.79
N GLU A 117 8.69 25.67 25.89
CA GLU A 117 9.83 24.88 26.36
C GLU A 117 9.77 24.58 27.85
N THR A 118 8.78 25.12 28.58
CA THR A 118 8.61 24.76 29.98
C THR A 118 8.32 23.27 30.13
N ASN A 119 7.40 22.76 29.35
CA ASN A 119 7.10 21.34 29.34
C ASN A 119 8.28 20.60 28.71
N PRO A 120 8.96 19.69 29.44
CA PRO A 120 10.20 19.12 28.90
C PRO A 120 10.00 18.19 27.74
N THR A 121 8.81 17.58 27.61
CA THR A 121 8.54 16.73 26.46
C THR A 121 8.64 17.52 25.16
N MET A 122 7.93 18.65 25.09
CA MET A 122 8.06 19.53 23.94
C MET A 122 9.42 20.20 23.89
N ALA A 123 10.02 20.49 25.05
CA ALA A 123 11.35 21.09 25.06
C ALA A 123 12.38 20.19 24.39
N GLN A 124 12.15 18.87 24.40
CA GLN A 124 13.01 17.95 23.69
C GLN A 124 12.49 17.60 22.29
N ALA A 125 11.18 17.70 22.06
CA ALA A 125 10.67 17.53 20.70
C ALA A 125 11.13 18.64 19.79
N ILE A 126 11.38 19.84 20.33
CA ILE A 126 11.93 20.93 19.53
C ILE A 126 13.31 20.55 18.99
N ARG A 127 14.02 19.69 19.70
CA ARG A 127 15.44 19.41 19.47
C ARG A 127 15.67 18.42 18.34
N ILE A 128 14.72 18.20 17.43
CA ILE A 128 14.94 17.35 16.27
C ILE A 128 15.38 18.20 15.09
N ARG A 129 16.44 17.78 14.41
CA ARG A 129 16.98 18.56 13.30
C ARG A 129 16.10 18.46 12.06
N ASP A 130 15.52 17.29 11.81
CA ASP A 130 14.66 17.09 10.65
C ASP A 130 13.39 17.91 10.80
N PRO A 131 13.06 18.77 9.82
CA PRO A 131 11.78 19.50 9.89
C PRO A 131 10.55 18.61 10.03
N LYS A 132 10.52 17.47 9.33
CA LYS A 132 9.32 16.64 9.36
C LYS A 132 9.20 15.90 10.68
N LYS A 133 10.30 15.33 11.18
CA LYS A 133 10.25 14.66 12.48
C LYS A 133 9.96 15.65 13.59
N ARG A 134 10.55 16.85 13.54
CA ARG A 134 10.23 17.87 14.53
C ARG A 134 8.76 18.26 14.47
N PHE A 135 8.23 18.46 13.26
CA PHE A 135 6.83 18.82 13.13
C PHE A 135 5.91 17.73 13.68
N ASN A 136 6.23 16.47 13.38
CA ASN A 136 5.43 15.37 13.90
C ASN A 136 5.51 15.29 15.42
N ALA A 137 6.71 15.45 15.98
CA ALA A 137 6.88 15.34 17.41
C ALA A 137 6.27 16.51 18.17
N VAL A 138 6.11 17.66 17.52
CA VAL A 138 5.46 18.78 18.19
C VAL A 138 3.95 18.71 18.03
N TRP A 139 3.48 18.21 16.88
CA TRP A 139 2.05 18.11 16.65
C TRP A 139 1.44 16.98 17.47
N GLN A 140 2.18 15.89 17.68
CA GLN A 140 1.65 14.75 18.43
C GLN A 140 1.47 15.07 19.90
N LEU A 141 1.99 16.20 20.37
CA LEU A 141 1.84 16.64 21.74
C LEU A 141 0.96 17.89 21.85
N CYS A 142 1.25 18.91 21.04
CA CYS A 142 0.60 20.21 21.13
C CYS A 142 -0.85 20.16 20.65
N LYS A 143 -1.29 19.05 20.06
CA LYS A 143 -2.60 18.99 19.41
C LYS A 143 -3.72 18.81 20.42
N THR A 144 -3.40 18.48 21.67
CA THR A 144 -4.41 18.12 22.65
C THR A 144 -4.69 19.21 23.67
N LYS A 145 -3.76 20.13 23.90
CA LYS A 145 -4.02 21.23 24.82
C LYS A 145 -5.06 22.16 24.20
N MET A 146 -6.16 22.38 24.90
CA MET A 146 -7.30 23.11 24.35
C MET A 146 -7.38 24.54 24.87
N VAL A 147 -6.24 25.19 25.11
CA VAL A 147 -6.23 26.58 25.53
C VAL A 147 -4.83 27.13 25.32
N CYS A 148 -4.74 28.44 25.15
CA CYS A 148 -3.46 29.15 25.10
C CYS A 148 -3.19 29.77 26.47
N GLU A 149 -2.67 28.95 27.38
CA GLU A 149 -2.42 29.40 28.74
C GLU A 149 -1.49 30.60 28.76
N ALA A 150 -1.88 31.63 29.50
CA ALA A 150 -1.10 32.86 29.58
C ALA A 150 0.02 32.78 30.62
N ASP A 151 0.01 31.77 31.48
CA ASP A 151 1.05 31.58 32.48
C ASP A 151 1.77 30.27 32.22
N ALA A 152 3.10 30.30 32.26
CA ALA A 152 3.88 29.08 32.14
C ALA A 152 3.77 28.26 33.43
N PRO A 153 3.45 26.97 33.33
CA PRO A 153 3.28 26.07 34.48
C PRO A 153 4.48 26.07 35.43
N LYS A 161 3.98 33.52 42.95
CA LYS A 161 4.23 34.52 41.91
C LYS A 161 3.55 34.11 40.61
N VAL A 162 3.14 35.10 39.82
CA VAL A 162 2.49 34.88 38.54
C VAL A 162 3.41 35.40 37.44
N VAL A 163 3.87 34.49 36.58
CA VAL A 163 4.76 34.81 35.47
C VAL A 163 4.00 34.53 34.19
N SER A 164 3.84 35.56 33.36
CA SER A 164 3.06 35.45 32.13
C SER A 164 3.97 35.14 30.97
N ARG A 165 3.61 34.11 30.19
CA ARG A 165 4.31 33.78 28.96
C ARG A 165 3.81 34.58 27.76
N GLY A 166 2.89 35.52 27.96
CA GLY A 166 2.30 36.26 26.86
C GLY A 166 1.11 35.62 26.21
N GLY A 167 0.68 34.45 26.65
CA GLY A 167 -0.47 33.79 26.05
C GLY A 167 -1.76 34.55 26.23
N CYS A 168 -2.86 34.03 25.69
CA CYS A 168 -4.14 34.73 25.71
C CYS A 168 -5.16 34.08 26.62
N GLY A 169 -5.39 32.77 26.48
CA GLY A 169 -6.38 32.08 27.28
C GLY A 169 -7.62 31.63 26.54
N ASN A 170 -7.65 31.75 25.21
CA ASN A 170 -8.79 31.34 24.42
C ASN A 170 -8.75 29.85 24.16
N THR A 171 -9.92 29.21 24.19
CA THR A 171 -10.01 27.77 23.99
C THR A 171 -9.77 27.40 22.53
N GLN A 172 -9.42 26.12 22.31
CA GLN A 172 -9.04 25.66 21.00
C GLN A 172 -10.18 24.87 20.35
N PRO A 173 -10.32 24.95 19.03
CA PRO A 173 -11.37 24.20 18.34
C PRO A 173 -10.92 22.80 17.95
N VAL A 174 -11.90 21.93 17.73
CA VAL A 174 -11.64 20.58 17.24
C VAL A 174 -11.78 20.61 15.72
N VAL A 175 -10.65 20.73 15.03
CA VAL A 175 -10.66 20.84 13.57
C VAL A 175 -11.08 19.53 12.93
N ARG A 176 -11.79 19.64 11.81
CA ARG A 176 -12.25 18.48 11.06
C ARG A 176 -12.28 18.89 9.59
N LYS A 177 -12.21 17.91 8.71
CA LYS A 177 -12.17 18.17 7.27
C LYS A 177 -13.36 17.50 6.60
N ASP A 178 -14.12 18.29 5.84
CA ASP A 178 -15.24 17.77 5.04
C ASP A 178 -15.15 18.35 3.64
N GLY A 179 -14.41 17.67 2.77
CA GLY A 179 -14.18 18.15 1.41
C GLY A 179 -13.05 19.15 1.32
N MET A 180 -13.39 20.38 0.90
CA MET A 180 -12.43 21.48 0.93
C MET A 180 -12.75 22.49 2.02
N LYS A 181 -13.69 22.18 2.91
CA LYS A 181 -14.13 23.09 3.95
C LYS A 181 -13.60 22.63 5.30
N LEU A 182 -12.82 23.49 5.95
CA LEU A 182 -12.22 23.20 7.24
C LEU A 182 -13.15 23.65 8.35
N TRP A 183 -13.81 22.69 9.00
CA TRP A 183 -14.68 22.97 10.13
C TRP A 183 -13.87 22.97 11.42
N GLY A 184 -14.22 23.88 12.33
CA GLY A 184 -13.61 23.89 13.65
C GLY A 184 -14.64 23.96 14.76
N THR A 185 -14.68 22.93 15.59
CA THR A 185 -15.71 22.81 16.63
C THR A 185 -15.21 23.45 17.93
N TRP A 186 -15.87 24.53 18.35
CA TRP A 186 -15.60 25.15 19.63
C TRP A 186 -16.55 24.59 20.67
N LYS A 187 -16.01 23.89 21.67
CA LYS A 187 -16.81 23.31 22.75
C LYS A 187 -16.75 24.28 23.92
N LYS A 188 -17.67 25.24 23.92
CA LYS A 188 -17.71 26.26 24.95
C LYS A 188 -18.20 25.67 26.26
N SER A 189 -18.29 26.52 27.28
CA SER A 189 -18.70 26.09 28.62
C SER A 189 -19.19 27.27 29.43
N ALA A 196 -22.21 20.79 26.76
CA ALA A 196 -23.18 21.67 26.12
C ALA A 196 -22.99 21.68 24.60
N GLN A 197 -23.63 22.65 23.95
CA GLN A 197 -23.68 22.75 22.49
C GLN A 197 -22.36 23.27 21.94
N PRO A 198 -21.57 22.45 21.26
CA PRO A 198 -20.35 22.94 20.61
C PRO A 198 -20.65 23.62 19.28
N GLU A 199 -20.54 24.94 19.26
CA GLU A 199 -20.85 25.72 18.07
C GLU A 199 -19.80 25.51 16.99
N ARG A 200 -20.13 24.75 15.95
CA ARG A 200 -19.20 24.43 14.88
C ARG A 200 -19.36 25.44 13.76
N LYS A 201 -18.27 26.14 13.43
CA LYS A 201 -18.27 27.18 12.41
C LYS A 201 -17.31 26.83 11.28
N LEU A 202 -17.59 27.38 10.10
CA LEU A 202 -16.72 27.20 8.94
C LEU A 202 -15.51 28.12 9.02
N LEU A 203 -14.34 27.56 8.74
CA LEU A 203 -13.10 28.30 8.70
C LEU A 203 -12.77 28.61 7.24
N THR A 204 -12.93 29.87 6.86
CA THR A 204 -12.66 30.29 5.49
C THR A 204 -11.16 30.41 5.26
N PRO A 205 -10.72 30.32 4.01
CA PRO A 205 -9.30 30.53 3.73
C PRO A 205 -8.77 31.88 4.16
N GLY A 206 -9.59 32.93 4.09
CA GLY A 206 -9.11 34.25 4.49
C GLY A 206 -8.87 34.40 5.97
N GLU A 207 -9.75 33.84 6.80
CA GLU A 207 -9.53 33.92 8.24
C GLU A 207 -8.29 33.13 8.65
N ILE A 208 -8.12 31.93 8.10
CA ILE A 208 -6.93 31.14 8.37
C ILE A 208 -5.68 31.86 7.87
N LEU A 209 -5.80 32.57 6.75
CA LEU A 209 -4.66 33.34 6.25
C LEU A 209 -4.29 34.46 7.21
N ASN A 210 -5.30 35.15 7.75
CA ASN A 210 -5.04 36.21 8.73
C ASN A 210 -4.40 35.65 10.00
N VAL A 211 -4.91 34.52 10.49
CA VAL A 211 -4.32 33.86 11.65
C VAL A 211 -2.88 33.47 11.36
N PHE A 212 -2.61 33.02 10.13
CA PHE A 212 -1.31 32.48 9.79
C PHE A 212 -0.27 33.56 9.58
N LYS A 213 -0.70 34.76 9.16
CA LYS A 213 0.25 35.86 9.00
C LYS A 213 0.84 36.31 10.32
N HIS A 214 0.19 35.97 11.44
CA HIS A 214 0.60 36.41 12.76
C HIS A 214 1.65 35.52 13.40
N ILE A 215 1.93 34.35 12.82
CA ILE A 215 2.92 33.45 13.39
C ILE A 215 4.28 34.13 13.36
N SER A 216 4.97 34.12 14.50
CA SER A 216 6.25 34.77 14.60
C SER A 216 7.33 33.91 13.96
N PRO A 217 8.44 34.51 13.54
CA PRO A 217 9.48 33.72 12.85
C PRO A 217 9.99 32.55 13.66
N GLU A 218 10.20 32.72 14.97
CA GLU A 218 10.69 31.62 15.79
C GLU A 218 9.61 30.55 16.01
N ASP A 219 8.37 30.99 16.26
CA ASP A 219 7.24 30.07 16.28
C ASP A 219 7.19 29.29 14.98
N CYS A 220 7.33 29.99 13.85
CA CYS A 220 7.34 29.32 12.56
C CYS A 220 8.44 28.28 12.49
N PHE A 221 9.63 28.61 13.01
CA PHE A 221 10.73 27.63 13.01
C PHE A 221 10.38 26.38 13.81
N ARG A 222 9.72 26.54 14.97
CA ARG A 222 9.45 25.35 15.79
C ARG A 222 8.56 24.34 15.07
N LEU A 223 7.50 24.78 14.39
CA LEU A 223 6.68 23.81 13.68
C LEU A 223 7.39 23.18 12.49
N GLY A 224 8.53 23.69 12.07
CA GLY A 224 9.30 23.06 11.02
C GLY A 224 9.25 23.74 9.67
N PHE A 225 8.73 24.96 9.60
CA PHE A 225 8.66 25.69 8.35
C PHE A 225 9.94 26.50 8.16
N ASN A 226 9.94 27.41 7.19
CA ASN A 226 11.11 28.21 6.90
C ASN A 226 10.72 29.66 6.75
N GLU A 227 11.62 30.55 7.17
CA GLU A 227 11.31 31.98 7.10
C GLU A 227 11.46 32.51 5.69
N ASP A 228 12.37 31.93 4.89
CA ASP A 228 12.68 32.46 3.58
C ASP A 228 11.99 31.68 2.46
N TYR A 229 11.72 30.39 2.67
CA TYR A 229 11.27 29.51 1.60
C TYR A 229 9.86 28.99 1.78
N ALA A 230 9.42 28.72 3.01
CA ALA A 230 8.10 28.11 3.21
C ALA A 230 7.47 28.72 4.46
N ARG A 231 6.62 29.69 4.25
CA ARG A 231 5.85 30.40 5.25
C ARG A 231 4.44 29.85 5.27
N PRO A 232 3.89 29.47 6.43
CA PRO A 232 2.66 28.67 6.44
C PRO A 232 1.48 29.34 5.74
N GLU A 233 1.46 30.67 5.60
CA GLU A 233 0.34 31.31 4.92
C GLU A 233 0.46 31.24 3.41
N TRP A 234 1.64 30.98 2.87
CA TRP A 234 1.77 30.76 1.44
C TRP A 234 1.15 29.46 0.97
N MET A 235 0.65 28.63 1.88
CA MET A 235 -0.17 27.48 1.52
C MET A 235 -1.62 27.85 1.23
N ILE A 236 -1.96 29.13 1.27
CA ILE A 236 -3.27 29.64 0.87
C ILE A 236 -3.08 30.52 -0.36
N ILE A 237 -3.83 30.23 -1.41
CA ILE A 237 -3.68 30.93 -2.69
C ILE A 237 -4.52 32.20 -2.67
N THR A 238 -3.87 33.33 -2.96
CA THR A 238 -4.54 34.60 -3.14
C THR A 238 -4.34 35.19 -4.52
N VAL A 239 -3.21 34.93 -5.17
CA VAL A 239 -2.99 35.26 -6.57
C VAL A 239 -2.47 34.01 -7.26
N LEU A 240 -2.96 33.75 -8.46
CA LEU A 240 -2.69 32.49 -9.14
C LEU A 240 -1.80 32.74 -10.33
N PRO A 241 -0.71 31.99 -10.48
CA PRO A 241 0.13 32.14 -11.67
C PRO A 241 -0.57 31.54 -12.88
N VAL A 242 -0.41 32.20 -14.01
CA VAL A 242 -0.96 31.73 -15.28
C VAL A 242 0.20 31.19 -16.12
N PRO A 243 0.22 29.91 -16.45
CA PRO A 243 1.36 29.37 -17.17
C PRO A 243 1.37 29.86 -18.60
N PRO A 244 2.54 29.93 -19.24
CA PRO A 244 2.60 30.33 -20.63
C PRO A 244 1.86 29.34 -21.52
N PRO A 245 1.56 29.73 -22.77
CA PRO A 245 0.86 28.81 -23.66
C PRO A 245 1.68 27.59 -24.02
N GLN A 246 3.00 27.61 -23.85
CA GLN A 246 3.80 26.42 -24.08
C GLN A 246 3.31 25.24 -23.26
N VAL A 247 2.97 25.48 -22.00
CA VAL A 247 2.47 24.41 -21.15
C VAL A 247 1.08 23.95 -21.56
N ARG A 248 0.35 24.77 -22.32
CA ARG A 248 -1.02 24.44 -22.74
C ARG A 248 -1.22 24.84 -24.20
N PRO A 249 -0.44 24.28 -25.12
CA PRO A 249 -0.53 24.74 -26.51
C PRO A 249 -1.82 24.29 -27.15
N SER A 250 -2.27 25.08 -28.13
CA SER A 250 -3.42 24.64 -28.91
C SER A 250 -2.96 23.66 -29.98
N ILE A 251 -3.93 23.08 -30.68
CA ILE A 251 -3.65 22.09 -31.71
C ILE A 251 -4.65 22.28 -32.85
N ALA A 252 -4.38 21.60 -33.96
CA ALA A 252 -5.14 21.74 -35.19
C ALA A 252 -5.76 20.39 -35.53
N MET A 253 -7.06 20.36 -35.81
CA MET A 253 -7.77 19.09 -35.98
C MET A 253 -7.96 18.75 -37.45
N ASP A 254 -8.63 19.62 -38.22
CA ASP A 254 -8.64 19.46 -39.68
C ASP A 254 -8.35 20.81 -40.35
N GLU A 255 -7.08 21.15 -40.37
CA GLU A 255 -6.47 22.20 -41.20
C GLU A 255 -6.97 23.62 -40.95
N THR A 256 -8.07 23.78 -40.21
CA THR A 256 -8.59 25.12 -39.98
C THR A 256 -9.18 25.32 -38.59
N THR A 257 -9.16 24.31 -37.74
CA THR A 257 -9.91 24.29 -36.49
C THR A 257 -8.93 24.15 -35.34
N GLN A 258 -9.24 24.76 -34.20
CA GLN A 258 -8.39 24.59 -33.04
C GLN A 258 -9.21 24.62 -31.76
N GLY A 259 -8.91 23.68 -30.87
CA GLY A 259 -9.44 23.68 -29.51
C GLY A 259 -8.31 23.92 -28.53
N GLN A 260 -8.58 24.72 -27.50
CA GLN A 260 -7.60 24.98 -26.47
C GLN A 260 -7.37 23.76 -25.59
N ASP A 261 -6.20 23.72 -24.98
CA ASP A 261 -5.86 22.67 -24.03
C ASP A 261 -6.75 22.75 -22.81
N ASP A 262 -6.78 21.65 -22.04
CA ASP A 262 -7.63 21.60 -20.86
C ASP A 262 -7.29 22.70 -19.87
N LEU A 263 -6.00 22.96 -19.65
CA LEU A 263 -5.61 24.00 -18.71
C LEU A 263 -6.15 25.36 -19.12
N THR A 264 -6.26 25.62 -20.42
CA THR A 264 -6.75 26.92 -20.87
C THR A 264 -8.23 27.09 -20.57
N HIS A 265 -9.04 26.08 -20.90
CA HIS A 265 -10.45 26.13 -20.56
C HIS A 265 -10.67 26.16 -19.06
N LYS A 266 -9.83 25.48 -18.29
CA LYS A 266 -9.94 25.53 -16.84
C LYS A 266 -9.66 26.93 -16.32
N LEU A 267 -8.64 27.59 -16.87
CA LEU A 267 -8.35 28.97 -16.47
C LEU A 267 -9.48 29.90 -16.87
N SER A 268 -10.09 29.66 -18.03
CA SER A 268 -11.25 30.45 -18.42
C SER A 268 -12.41 30.27 -17.45
N ASP A 269 -12.66 29.02 -17.02
CA ASP A 269 -13.71 28.79 -16.04
C ASP A 269 -13.40 29.48 -14.72
N ILE A 270 -12.13 29.45 -14.31
CA ILE A 270 -11.73 30.15 -13.09
C ILE A 270 -11.98 31.65 -13.23
N LEU A 271 -11.66 32.22 -14.39
CA LEU A 271 -11.91 33.64 -14.61
C LEU A 271 -13.39 33.97 -14.54
N LYS A 272 -14.24 33.14 -15.16
CA LYS A 272 -15.67 33.33 -15.04
C LYS A 272 -16.12 33.29 -13.58
N ALA A 273 -15.61 32.34 -12.81
CA ALA A 273 -15.95 32.25 -11.40
C ALA A 273 -15.50 33.50 -10.65
N ASN A 274 -14.30 34.00 -10.94
CA ASN A 274 -13.79 35.19 -10.29
C ASN A 274 -14.69 36.39 -10.56
N ILE A 275 -15.09 36.57 -11.83
CA ILE A 275 -15.93 37.72 -12.16
C ILE A 275 -17.31 37.58 -11.51
N ASN A 276 -17.84 36.37 -11.44
CA ASN A 276 -19.10 36.17 -10.74
C ASN A 276 -18.97 36.49 -9.26
N VAL A 277 -17.82 36.17 -8.66
CA VAL A 277 -17.57 36.60 -7.28
C VAL A 277 -17.58 38.11 -7.18
N GLN A 278 -16.94 38.79 -8.14
CA GLN A 278 -16.94 40.25 -8.16
C GLN A 278 -18.28 40.86 -8.58
N LYS A 279 -19.33 40.08 -8.78
CA LYS A 279 -20.67 40.59 -9.04
C LYS A 279 -21.59 40.41 -7.85
N LEU A 280 -21.07 39.99 -6.70
CA LEU A 280 -21.87 39.78 -5.49
C LEU A 280 -21.56 40.77 -4.38
N GLU A 281 -20.29 41.08 -4.15
CA GLU A 281 -19.92 42.10 -3.18
C GLU A 281 -20.09 43.51 -3.74
N MET A 282 -20.78 43.66 -4.87
CA MET A 282 -21.11 44.96 -5.42
C MET A 282 -22.59 45.25 -5.44
N ASP A 283 -23.43 44.30 -5.03
CA ASP A 283 -24.87 44.48 -5.06
C ASP A 283 -25.52 43.46 -4.12
N GLY A 284 -26.85 43.33 -4.24
CA GLY A 284 -27.58 42.41 -3.38
C GLY A 284 -27.05 40.99 -3.48
N SER A 285 -26.93 40.34 -2.32
CA SER A 285 -26.32 39.03 -2.21
C SER A 285 -26.80 38.38 -0.91
N PRO A 286 -27.94 37.69 -0.92
CA PRO A 286 -28.54 37.22 0.34
C PRO A 286 -27.87 35.99 0.92
N GLN A 287 -26.54 35.97 0.91
CA GLN A 287 -25.73 35.08 1.74
C GLN A 287 -25.83 33.62 1.28
N HIS A 288 -26.77 33.32 0.39
CA HIS A 288 -26.83 32.00 -0.22
C HIS A 288 -26.37 32.03 -1.67
N ILE A 289 -25.81 33.14 -2.11
CA ILE A 289 -25.12 33.21 -3.39
C ILE A 289 -23.63 33.48 -3.21
N ILE A 290 -23.25 34.22 -2.17
CA ILE A 290 -21.83 34.47 -1.89
C ILE A 290 -21.12 33.15 -1.63
N ASN A 291 -21.65 32.34 -0.71
CA ASN A 291 -21.07 31.04 -0.42
C ASN A 291 -21.02 30.16 -1.67
N GLU A 292 -22.10 30.14 -2.45
CA GLU A 292 -22.16 29.27 -3.62
C GLU A 292 -21.10 29.66 -4.64
N VAL A 293 -20.97 30.94 -4.94
CA VAL A 293 -20.06 31.39 -5.98
C VAL A 293 -18.61 31.31 -5.50
N GLU A 294 -18.34 31.68 -4.25
CA GLU A 294 -17.00 31.51 -3.70
C GLU A 294 -16.59 30.04 -3.68
N GLN A 295 -17.54 29.14 -3.40
CA GLN A 295 -17.23 27.72 -3.44
C GLN A 295 -17.03 27.23 -4.86
N LEU A 296 -17.72 27.82 -5.83
CA LEU A 296 -17.44 27.54 -7.24
C LEU A 296 -16.02 27.93 -7.59
N LEU A 297 -15.58 29.10 -7.13
CA LEU A 297 -14.19 29.51 -7.33
C LEU A 297 -13.23 28.52 -6.68
N GLN A 298 -13.54 28.10 -5.45
CA GLN A 298 -12.68 27.15 -4.74
C GLN A 298 -12.58 25.84 -5.51
N PHE A 299 -13.70 25.34 -6.02
CA PHE A 299 -13.72 24.07 -6.72
C PHE A 299 -12.99 24.16 -8.05
N HIS A 300 -13.19 25.25 -8.80
CA HIS A 300 -12.45 25.41 -10.05
C HIS A 300 -10.95 25.48 -9.80
N VAL A 301 -10.53 26.23 -8.78
CA VAL A 301 -9.09 26.34 -8.49
C VAL A 301 -8.54 24.99 -8.03
N ALA A 302 -9.30 24.25 -7.21
CA ALA A 302 -8.85 22.96 -6.74
C ALA A 302 -8.67 21.99 -7.90
N THR A 303 -9.68 21.85 -8.75
CA THR A 303 -9.59 20.89 -9.85
C THR A 303 -8.67 21.36 -10.97
N TYR A 304 -8.28 22.64 -10.97
CA TYR A 304 -7.20 23.06 -11.88
C TYR A 304 -5.87 22.43 -11.52
N MET A 305 -5.68 22.03 -10.26
CA MET A 305 -4.43 21.45 -9.80
C MET A 305 -4.53 19.95 -9.53
N ASP A 306 -5.70 19.46 -9.14
CA ASP A 306 -5.86 18.08 -8.71
C ASP A 306 -7.32 17.71 -8.97
N ASN A 307 -7.55 16.92 -10.01
CA ASN A 307 -8.90 16.51 -10.38
C ASN A 307 -9.19 15.08 -9.92
N ASP A 308 -8.44 14.60 -8.93
CA ASP A 308 -8.66 13.26 -8.38
C ASP A 308 -8.97 13.36 -6.89
N ILE A 309 -9.84 14.28 -6.53
CA ILE A 309 -10.16 14.51 -5.12
C ILE A 309 -11.23 13.53 -4.71
N ALA A 310 -10.99 12.83 -3.60
CA ALA A 310 -11.90 11.80 -3.14
C ALA A 310 -13.23 12.39 -2.69
N GLY A 311 -14.30 11.66 -2.98
CA GLY A 311 -15.64 12.01 -2.52
C GLY A 311 -16.27 13.27 -3.10
N GLN A 312 -16.09 13.50 -4.39
CA GLN A 312 -16.77 14.59 -5.08
C GLN A 312 -16.71 14.33 -6.58
N PRO A 313 -17.60 14.93 -7.36
CA PRO A 313 -17.49 14.80 -8.82
C PRO A 313 -16.22 15.43 -9.35
N GLN A 314 -15.90 15.08 -10.59
CA GLN A 314 -14.75 15.62 -11.29
C GLN A 314 -15.15 16.71 -12.27
N ALA A 315 -14.34 17.75 -12.34
CA ALA A 315 -14.46 18.74 -13.41
C ALA A 315 -14.42 18.05 -14.76
N LEU A 316 -15.51 18.16 -15.50
CA LEU A 316 -15.69 17.39 -16.73
C LEU A 316 -15.54 18.28 -17.96
N GLN A 317 -15.21 17.64 -19.07
CA GLN A 317 -15.31 18.25 -20.39
C GLN A 317 -16.68 18.01 -20.99
N LYS A 318 -17.07 18.87 -21.92
CA LYS A 318 -18.34 18.69 -22.60
C LYS A 318 -18.37 17.45 -23.48
N SER A 319 -17.21 16.83 -23.71
CA SER A 319 -17.15 15.51 -24.32
C SER A 319 -17.37 14.40 -23.30
N GLY A 320 -17.49 14.72 -22.01
CA GLY A 320 -17.72 13.75 -20.98
C GLY A 320 -16.46 13.33 -20.24
N ARG A 321 -15.30 13.54 -20.84
CA ARG A 321 -14.03 13.22 -20.20
C ARG A 321 -13.75 14.18 -19.05
N PRO A 322 -12.96 13.74 -18.06
CA PRO A 322 -12.51 14.66 -17.01
C PRO A 322 -11.36 15.53 -17.49
N VAL A 323 -11.20 16.67 -16.81
CA VAL A 323 -10.13 17.60 -17.16
C VAL A 323 -8.78 16.98 -16.82
N LYS A 324 -7.81 17.16 -17.71
CA LYS A 324 -6.45 16.70 -17.50
C LYS A 324 -5.76 17.69 -16.56
N ALA A 325 -5.84 17.42 -15.26
CA ALA A 325 -5.22 18.29 -14.28
C ALA A 325 -3.71 18.15 -14.32
N ILE A 326 -3.04 19.09 -13.65
CA ILE A 326 -1.57 19.09 -13.61
C ILE A 326 -1.07 17.86 -12.87
N ARG A 327 -1.70 17.52 -11.75
CA ARG A 327 -1.30 16.32 -11.01
C ARG A 327 -1.38 15.08 -11.89
N ALA A 328 -2.50 14.93 -12.62
CA ALA A 328 -2.64 13.83 -13.56
C ALA A 328 -1.60 13.92 -14.67
N ARG A 329 -1.16 15.14 -15.00
CA ARG A 329 -0.05 15.32 -15.94
C ARG A 329 1.25 14.76 -15.38
N LEU A 330 1.42 14.79 -14.06
CA LEU A 330 2.73 14.50 -13.49
C LEU A 330 2.90 13.04 -13.06
N LYS A 331 1.84 12.28 -12.87
CA LYS A 331 1.96 10.96 -12.27
C LYS A 331 1.75 9.87 -13.30
N GLY A 332 2.28 8.69 -12.99
CA GLY A 332 2.00 7.46 -13.71
C GLY A 332 3.11 7.06 -14.66
N LYS A 333 2.92 5.88 -15.24
CA LYS A 333 3.83 5.40 -16.29
C LYS A 333 3.93 6.38 -17.45
N GLU A 334 2.83 7.04 -17.80
CA GLU A 334 2.79 7.97 -18.91
C GLU A 334 2.92 9.43 -18.48
N GLY A 335 3.08 9.70 -17.18
CA GLY A 335 3.20 11.07 -16.72
C GLY A 335 4.56 11.62 -17.06
N ARG A 336 4.79 12.87 -16.62
CA ARG A 336 6.05 13.54 -16.93
C ARG A 336 7.25 12.76 -16.41
N LEU A 337 7.22 12.35 -15.14
CA LEU A 337 8.42 11.82 -14.51
C LEU A 337 8.84 10.49 -15.13
N ARG A 338 7.91 9.55 -15.25
CA ARG A 338 8.25 8.24 -15.77
C ARG A 338 8.12 8.13 -17.28
N GLY A 339 7.40 9.03 -17.91
CA GLY A 339 7.15 8.92 -19.34
C GLY A 339 8.03 9.85 -20.15
N ASN A 340 8.65 10.83 -19.50
CA ASN A 340 9.47 11.81 -20.20
C ASN A 340 10.80 12.08 -19.53
N LEU A 341 11.03 11.63 -18.30
CA LEU A 341 12.25 11.92 -17.57
C LEU A 341 13.01 10.65 -17.22
N MET A 342 12.34 9.63 -16.66
CA MET A 342 13.02 8.36 -16.44
C MET A 342 13.23 7.61 -17.74
N GLY A 343 12.33 7.80 -18.69
CA GLY A 343 12.50 7.24 -20.02
C GLY A 343 11.85 8.14 -21.05
N LYS A 344 12.41 8.17 -22.25
CA LYS A 344 11.92 9.07 -23.27
C LYS A 344 12.27 8.48 -24.63
N ARG A 345 11.63 9.00 -25.66
CA ARG A 345 11.95 8.60 -27.02
C ARG A 345 13.17 9.33 -27.53
N VAL A 346 13.98 8.63 -28.32
CA VAL A 346 15.28 9.14 -28.71
C VAL A 346 15.43 9.05 -30.22
N ASP A 347 16.22 9.97 -30.76
CA ASP A 347 16.62 9.95 -32.16
C ASP A 347 17.68 8.87 -32.39
N PHE A 348 18.06 8.70 -33.65
CA PHE A 348 19.21 7.90 -34.04
C PHE A 348 19.09 6.46 -33.52
N SER A 349 17.91 5.90 -33.70
CA SER A 349 17.63 4.52 -33.34
C SER A 349 16.93 3.84 -34.50
N ALA A 350 16.96 2.52 -34.49
CA ALA A 350 16.37 1.73 -35.55
C ALA A 350 15.80 0.46 -34.95
N ARG A 351 14.92 -0.18 -35.71
CA ARG A 351 14.31 -1.41 -35.23
C ARG A 351 13.87 -2.22 -36.45
N THR A 352 14.14 -3.53 -36.41
CA THR A 352 13.67 -4.44 -37.43
C THR A 352 13.84 -5.86 -36.90
N VAL A 353 13.30 -6.82 -37.64
CA VAL A 353 13.41 -8.22 -37.26
C VAL A 353 14.87 -8.67 -37.29
N ILE A 354 15.22 -9.58 -36.39
CA ILE A 354 16.58 -10.11 -36.28
C ILE A 354 16.63 -11.46 -36.98
N SER A 355 17.80 -11.77 -37.53
CA SER A 355 18.06 -13.06 -38.15
C SER A 355 19.40 -13.59 -37.66
N GLY A 356 19.59 -14.89 -37.82
CA GLY A 356 20.81 -15.55 -37.39
C GLY A 356 21.77 -15.74 -38.56
N ASP A 357 23.06 -15.61 -38.27
CA ASP A 357 24.10 -15.70 -39.30
C ASP A 357 25.29 -16.45 -38.70
N PRO A 358 25.48 -17.72 -39.07
CA PRO A 358 26.64 -18.47 -38.58
C PRO A 358 27.96 -17.88 -38.96
N ASN A 359 28.00 -16.98 -39.95
CA ASN A 359 29.26 -16.51 -40.51
C ASN A 359 29.65 -15.14 -39.99
N LEU A 360 28.91 -14.61 -39.03
CA LEU A 360 29.28 -13.38 -38.37
C LEU A 360 30.11 -13.69 -37.13
N GLU A 361 30.97 -12.75 -36.77
CA GLU A 361 31.72 -12.89 -35.53
C GLU A 361 30.79 -12.59 -34.35
N LEU A 362 31.26 -12.90 -33.14
CA LEU A 362 30.42 -12.78 -31.96
C LEU A 362 29.98 -11.35 -31.72
N ASP A 363 30.90 -10.40 -31.88
CA ASP A 363 30.62 -8.98 -31.64
C ASP A 363 30.26 -8.22 -32.91
N GLN A 364 29.74 -8.92 -33.93
CA GLN A 364 29.28 -8.29 -35.16
C GLN A 364 27.77 -8.35 -35.24
N VAL A 365 27.17 -7.29 -35.78
CA VAL A 365 25.75 -7.26 -36.11
C VAL A 365 25.60 -6.85 -37.56
N GLY A 366 24.75 -7.56 -38.29
CA GLY A 366 24.47 -7.23 -39.67
C GLY A 366 23.40 -6.18 -39.78
N VAL A 367 23.70 -5.07 -40.45
CA VAL A 367 22.82 -3.91 -40.51
C VAL A 367 22.31 -3.77 -41.94
N PRO A 368 20.99 -3.67 -42.15
CA PRO A 368 20.47 -3.47 -43.49
C PRO A 368 21.03 -2.21 -44.13
N ILE A 369 21.16 -2.25 -45.45
CA ILE A 369 21.70 -1.10 -46.17
C ILE A 369 20.83 0.12 -45.97
N SER A 370 19.50 -0.06 -46.02
CA SER A 370 18.60 1.07 -45.89
C SER A 370 18.73 1.74 -44.54
N ILE A 371 18.85 0.95 -43.47
CA ILE A 371 19.07 1.52 -42.15
C ILE A 371 20.47 2.13 -42.06
N ALA A 372 21.47 1.48 -42.66
CA ALA A 372 22.80 2.05 -42.63
C ALA A 372 22.86 3.40 -43.31
N LYS A 373 21.99 3.64 -44.28
CA LYS A 373 21.93 4.95 -44.94
C LYS A 373 21.02 5.93 -44.22
N THR A 374 19.96 5.44 -43.56
CA THR A 374 19.09 6.33 -42.80
C THR A 374 19.76 6.86 -41.54
N LEU A 375 20.45 6.01 -40.80
CA LEU A 375 21.16 6.45 -39.62
C LEU A 375 22.50 7.04 -40.00
N SER A 376 23.07 7.81 -39.07
CA SER A 376 24.28 8.55 -39.39
C SER A 376 25.14 8.74 -38.14
N TYR A 377 26.41 9.02 -38.37
CA TYR A 377 27.37 9.36 -37.33
C TYR A 377 28.11 10.64 -37.70
N PRO A 378 28.17 11.62 -36.80
CA PRO A 378 28.90 12.87 -37.07
C PRO A 378 30.39 12.72 -36.80
N GLU A 379 31.21 12.91 -37.82
CA GLU A 379 32.64 12.68 -37.76
C GLU A 379 33.36 14.00 -38.03
N THR A 380 34.04 14.52 -37.01
CA THR A 380 34.76 15.77 -37.16
C THR A 380 35.87 15.62 -38.20
N VAL A 381 35.96 16.61 -39.08
CA VAL A 381 36.98 16.57 -40.12
C VAL A 381 38.35 16.86 -39.52
N THR A 382 39.31 16.00 -39.80
CA THR A 382 40.69 16.17 -39.35
C THR A 382 41.64 15.85 -40.50
N GLN A 383 42.91 16.15 -40.28
CA GLN A 383 43.96 15.90 -41.28
C GLN A 383 44.33 14.44 -41.41
N TYR A 384 43.62 13.48 -40.81
CA TYR A 384 43.84 12.08 -41.11
C TYR A 384 42.67 11.43 -41.84
N ASN A 385 41.54 12.11 -41.96
CA ASN A 385 40.35 11.53 -42.59
C ASN A 385 39.70 12.43 -43.64
N ILE A 386 40.43 13.39 -44.22
CA ILE A 386 39.83 14.39 -45.09
C ILE A 386 39.58 13.83 -46.49
N HIS A 387 40.46 12.97 -46.98
CA HIS A 387 40.24 12.37 -48.30
C HIS A 387 39.01 11.48 -48.28
N ARG A 388 38.91 10.63 -47.26
CA ARG A 388 37.79 9.71 -47.13
C ARG A 388 36.48 10.48 -46.99
N LEU A 389 36.48 11.57 -46.21
CA LEU A 389 35.24 12.33 -46.04
C LEU A 389 34.85 13.06 -47.30
N THR A 390 35.82 13.53 -48.07
CA THR A 390 35.45 14.21 -49.31
C THR A 390 34.93 13.21 -50.33
N GLU A 391 35.45 11.98 -50.32
CA GLU A 391 34.86 10.93 -51.14
C GLU A 391 33.42 10.64 -50.72
N TYR A 392 33.16 10.63 -49.41
CA TYR A 392 31.79 10.43 -48.95
C TYR A 392 30.88 11.57 -49.37
N VAL A 393 31.38 12.80 -49.32
CA VAL A 393 30.57 13.95 -49.75
C VAL A 393 30.25 13.87 -51.23
N ARG A 394 31.24 13.50 -52.06
CA ARG A 394 30.97 13.36 -53.48
C ARG A 394 29.99 12.23 -53.74
N ASN A 395 30.08 11.14 -52.97
CA ASN A 395 29.22 9.99 -53.21
C ASN A 395 27.75 10.35 -53.05
N GLY A 396 27.42 11.13 -52.04
CA GLY A 396 26.06 11.59 -51.85
C GLY A 396 25.27 10.72 -50.88
N PRO A 397 24.04 11.14 -50.58
CA PRO A 397 23.22 10.42 -49.60
C PRO A 397 22.41 9.27 -50.17
N ASN A 398 22.60 8.93 -51.45
CA ASN A 398 21.89 7.83 -52.08
C ASN A 398 22.81 6.70 -52.48
N GLU A 399 24.10 6.80 -52.17
CA GLU A 399 25.07 5.77 -52.52
C GLU A 399 25.91 5.49 -51.28
N HIS A 400 26.29 4.23 -51.11
CA HIS A 400 27.06 3.83 -49.95
C HIS A 400 28.46 3.43 -50.39
N PRO A 401 29.51 3.93 -49.74
CA PRO A 401 29.48 4.86 -48.60
C PRO A 401 29.40 6.34 -48.96
N GLY A 402 28.40 7.05 -48.43
CA GLY A 402 28.23 8.46 -48.71
C GLY A 402 28.14 9.27 -47.43
N ALA A 403 27.29 10.30 -47.47
CA ALA A 403 27.06 11.16 -46.32
C ALA A 403 25.74 11.88 -46.50
N LYS A 404 25.12 12.28 -45.39
CA LYS A 404 23.82 12.95 -45.40
C LYS A 404 23.90 14.46 -45.15
N TYR A 405 24.77 14.91 -44.24
CA TYR A 405 24.80 16.30 -43.87
C TYR A 405 26.24 16.74 -43.71
N VAL A 406 26.46 18.05 -43.89
CA VAL A 406 27.69 18.71 -43.53
C VAL A 406 27.33 19.83 -42.57
N ILE A 407 27.99 19.88 -41.42
CA ILE A 407 27.72 20.87 -40.40
C ILE A 407 28.86 21.86 -40.40
N ARG A 408 28.56 23.14 -40.62
CA ARG A 408 29.61 24.14 -40.62
C ARG A 408 29.99 24.49 -39.18
N ASP A 409 31.12 25.19 -39.05
CA ASP A 409 31.70 25.44 -37.73
C ASP A 409 30.84 26.35 -36.87
N ASN A 410 29.69 26.81 -37.38
CA ASN A 410 28.76 27.61 -36.60
C ASN A 410 27.40 26.96 -36.42
N GLY A 411 27.18 25.79 -37.01
CA GLY A 411 25.93 25.07 -36.88
C GLY A 411 25.06 25.05 -38.12
N ASP A 412 25.47 25.72 -39.20
CA ASP A 412 24.66 25.73 -40.41
C ASP A 412 24.76 24.37 -41.11
N ARG A 413 23.60 23.78 -41.39
CA ARG A 413 23.54 22.48 -42.04
C ARG A 413 23.55 22.62 -43.55
N ILE A 414 24.26 21.72 -44.22
CA ILE A 414 24.26 21.66 -45.68
C ILE A 414 23.65 20.31 -46.04
N ASP A 415 22.36 20.29 -46.29
CA ASP A 415 21.68 19.05 -46.68
C ASP A 415 22.17 18.67 -48.07
N LEU A 416 22.65 17.45 -48.23
CA LEU A 416 23.21 17.03 -49.52
C LEU A 416 22.17 16.42 -50.45
N ARG A 417 20.90 16.38 -50.04
CA ARG A 417 19.84 15.98 -50.96
C ARG A 417 19.50 17.11 -51.92
N TYR A 418 19.02 18.22 -51.38
CA TYR A 418 18.53 19.32 -52.21
C TYR A 418 19.64 20.14 -52.84
N HIS A 419 20.86 20.09 -52.29
CA HIS A 419 22.02 20.70 -52.92
C HIS A 419 22.33 20.03 -54.25
N LYS A 420 22.12 20.75 -55.35
CA LYS A 420 22.36 20.21 -56.69
C LYS A 420 23.83 20.18 -57.07
N ARG A 421 24.70 20.86 -56.32
CA ARG A 421 26.07 21.06 -56.79
C ARG A 421 27.03 20.35 -55.83
N ALA A 422 26.72 19.10 -55.51
CA ALA A 422 27.51 18.33 -54.54
C ALA A 422 28.98 18.23 -54.92
N GLY A 423 29.34 18.49 -56.18
CA GLY A 423 30.74 18.45 -56.57
C GLY A 423 31.54 19.66 -56.14
N ASP A 424 30.87 20.76 -55.81
CA ASP A 424 31.52 22.02 -55.47
C ASP A 424 31.53 22.29 -53.96
N ILE A 425 31.74 21.26 -53.15
CA ILE A 425 31.89 21.43 -51.71
C ILE A 425 33.30 21.00 -51.34
N VAL A 426 34.06 21.91 -50.73
CA VAL A 426 35.34 21.61 -50.12
C VAL A 426 35.17 21.59 -48.60
N LEU A 427 35.67 20.54 -47.97
CA LEU A 427 35.48 20.34 -46.54
C LEU A 427 36.57 21.11 -45.78
N GLN A 428 36.14 21.98 -44.87
CA GLN A 428 37.07 22.72 -44.04
C GLN A 428 37.46 21.88 -42.84
N TYR A 429 38.58 22.24 -42.22
CA TYR A 429 38.98 21.61 -40.98
C TYR A 429 38.09 22.07 -39.84
N GLY A 430 37.89 21.19 -38.85
CA GLY A 430 36.96 21.46 -37.77
C GLY A 430 35.50 21.35 -38.14
N TRP A 431 35.15 21.28 -39.42
CA TRP A 431 33.77 21.05 -39.80
C TRP A 431 33.33 19.65 -39.39
N LYS A 432 32.04 19.38 -39.57
CA LYS A 432 31.49 18.09 -39.19
C LYS A 432 30.61 17.56 -40.31
N VAL A 433 30.86 16.32 -40.70
CA VAL A 433 30.05 15.59 -41.68
C VAL A 433 29.30 14.50 -40.95
N GLU A 434 27.99 14.43 -41.20
CA GLU A 434 27.14 13.40 -40.62
C GLU A 434 27.06 12.26 -41.65
N ARG A 435 28.14 11.49 -41.71
CA ARG A 435 28.28 10.40 -42.68
C ARG A 435 27.34 9.24 -42.34
N HIS A 436 27.33 8.23 -43.21
CA HIS A 436 26.47 7.09 -43.05
C HIS A 436 26.98 6.15 -41.96
N LEU A 437 26.17 5.15 -41.66
CA LEU A 437 26.59 4.06 -40.79
C LEU A 437 27.50 3.12 -41.58
N MET A 438 28.63 2.74 -40.99
CA MET A 438 29.67 2.05 -41.75
C MET A 438 30.18 0.85 -40.96
N ASP A 439 30.99 0.04 -41.61
CA ASP A 439 31.50 -1.19 -40.99
C ASP A 439 32.37 -0.88 -39.78
N ASP A 440 32.17 -1.66 -38.72
CA ASP A 440 32.91 -1.64 -37.45
C ASP A 440 32.49 -0.50 -36.53
N ASP A 441 31.49 0.29 -36.89
CA ASP A 441 30.99 1.28 -35.94
C ASP A 441 30.39 0.57 -34.73
N PRO A 442 30.71 0.99 -33.51
CA PRO A 442 30.08 0.40 -32.33
C PRO A 442 28.68 0.97 -32.17
N VAL A 443 27.70 0.09 -32.04
CA VAL A 443 26.31 0.51 -31.83
C VAL A 443 25.77 -0.30 -30.68
N LEU A 444 24.93 0.32 -29.87
CA LEU A 444 24.28 -0.38 -28.78
C LEU A 444 23.09 -1.13 -29.32
N PHE A 445 22.98 -2.41 -28.98
CA PHE A 445 21.97 -3.27 -29.53
C PHE A 445 21.19 -3.86 -28.37
N ASN A 446 19.87 -3.97 -28.50
CA ASN A 446 19.04 -4.12 -27.31
C ASN A 446 17.75 -4.85 -27.65
N ARG A 447 17.35 -5.77 -26.78
CA ARG A 447 16.05 -6.42 -26.83
C ARG A 447 15.31 -6.21 -25.53
N GLN A 448 14.05 -5.90 -25.63
CA GLN A 448 13.18 -5.79 -24.47
C GLN A 448 12.51 -7.13 -24.17
N PRO A 449 12.26 -7.44 -22.89
CA PRO A 449 12.64 -6.59 -21.75
C PRO A 449 14.13 -6.71 -21.42
N SER A 450 14.72 -5.63 -20.88
CA SER A 450 16.15 -5.58 -20.56
C SER A 450 16.33 -5.92 -19.08
N LEU A 451 16.26 -7.21 -18.79
CA LEU A 451 16.25 -7.70 -17.42
C LEU A 451 17.61 -7.61 -16.74
N HIS A 452 18.71 -7.59 -17.50
CA HIS A 452 20.03 -7.53 -16.89
C HIS A 452 20.98 -6.83 -17.84
N LYS A 453 22.15 -6.46 -17.32
CA LYS A 453 23.04 -5.60 -18.07
C LYS A 453 23.50 -6.22 -19.38
N MET A 454 23.36 -7.53 -19.54
CA MET A 454 23.76 -8.21 -20.76
C MET A 454 22.60 -8.35 -21.73
N SER A 455 21.46 -7.74 -21.45
CA SER A 455 20.41 -7.64 -22.45
C SER A 455 20.61 -6.46 -23.39
N MET A 456 21.56 -5.59 -23.12
CA MET A 456 21.84 -4.49 -24.03
C MET A 456 23.36 -4.35 -24.12
N MET A 457 23.89 -4.68 -25.29
CA MET A 457 25.32 -4.82 -25.51
C MET A 457 25.69 -4.12 -26.81
N ALA A 458 26.95 -3.72 -26.89
CA ALA A 458 27.48 -2.99 -28.03
C ALA A 458 28.12 -3.94 -29.02
N HIS A 459 27.77 -3.79 -30.29
CA HIS A 459 28.19 -4.68 -31.37
C HIS A 459 28.91 -3.87 -32.43
N ARG A 460 29.78 -4.54 -33.20
CA ARG A 460 30.38 -3.91 -34.37
C ARG A 460 29.50 -4.10 -35.59
N VAL A 461 29.42 -3.07 -36.42
CA VAL A 461 28.51 -3.06 -37.56
C VAL A 461 29.15 -3.75 -38.75
N LYS A 462 28.35 -4.54 -39.46
CA LYS A 462 28.67 -5.01 -40.81
C LYS A 462 27.46 -4.77 -41.68
N VAL A 463 27.63 -4.03 -42.76
CA VAL A 463 26.51 -3.62 -43.61
C VAL A 463 26.14 -4.76 -44.56
N MET A 464 24.85 -5.02 -44.68
CA MET A 464 24.33 -6.16 -45.44
C MET A 464 23.03 -5.77 -46.13
N PRO A 465 22.66 -6.48 -47.19
CA PRO A 465 21.31 -6.33 -47.75
C PRO A 465 20.27 -7.06 -46.94
N TYR A 466 19.02 -7.13 -47.44
CA TYR A 466 18.04 -8.02 -46.84
C TYR A 466 17.68 -7.62 -45.41
N SER A 467 16.68 -6.75 -45.29
CA SER A 467 16.40 -5.80 -44.22
C SER A 467 16.38 -6.31 -42.77
N THR A 468 16.75 -7.56 -42.51
CA THR A 468 16.81 -7.98 -41.11
C THR A 468 18.17 -7.63 -40.49
N PHE A 469 18.19 -7.63 -39.17
CA PHE A 469 19.44 -7.59 -38.42
C PHE A 469 20.05 -8.99 -38.32
N ARG A 470 21.37 -9.06 -38.38
CA ARG A 470 22.07 -10.33 -38.31
C ARG A 470 22.85 -10.42 -37.01
N LEU A 471 22.74 -11.55 -36.34
CA LEU A 471 23.41 -11.81 -35.07
C LEU A 471 24.14 -13.14 -35.14
N ASN A 472 25.36 -13.17 -34.59
CA ASN A 472 25.97 -14.45 -34.33
C ASN A 472 25.12 -15.21 -33.33
N LEU A 473 25.09 -16.54 -33.46
CA LEU A 473 24.08 -17.31 -32.77
C LEU A 473 24.38 -17.55 -31.31
N SER A 474 25.61 -17.32 -30.86
CA SER A 474 25.94 -17.51 -29.46
C SER A 474 25.50 -16.36 -28.57
N VAL A 475 25.16 -15.19 -29.14
CA VAL A 475 24.72 -14.06 -28.33
C VAL A 475 23.22 -14.03 -28.15
N THR A 476 22.50 -14.97 -28.72
CA THR A 476 21.05 -15.02 -28.58
C THR A 476 20.61 -15.46 -27.19
N SER A 477 21.51 -16.03 -26.40
CA SER A 477 21.19 -16.46 -25.04
C SER A 477 21.12 -15.29 -24.07
N PRO A 478 22.13 -14.40 -24.00
CA PRO A 478 21.98 -13.23 -23.12
C PRO A 478 20.81 -12.33 -23.48
N TYR A 479 20.49 -12.17 -24.76
CA TYR A 479 19.31 -11.42 -25.16
C TYR A 479 18.02 -12.18 -24.94
N ASN A 480 18.09 -13.50 -24.75
CA ASN A 480 16.91 -14.36 -24.67
C ASN A 480 16.10 -14.32 -25.96
N ALA A 481 16.79 -14.15 -27.08
CA ALA A 481 16.16 -13.95 -28.38
C ALA A 481 16.16 -15.24 -29.19
N ASP A 482 15.23 -15.31 -30.14
CA ASP A 482 15.25 -16.29 -31.20
C ASP A 482 14.75 -15.60 -32.46
N PHE A 483 14.61 -16.36 -33.54
CA PHE A 483 14.41 -15.79 -34.86
C PHE A 483 13.04 -16.16 -35.41
N ASP A 484 12.01 -16.06 -34.59
CA ASP A 484 10.64 -16.38 -35.00
C ASP A 484 9.72 -15.17 -34.89
N GLY A 485 10.23 -13.98 -35.19
CA GLY A 485 9.40 -12.80 -35.15
C GLY A 485 10.01 -11.64 -34.39
N ASP A 486 11.05 -11.94 -33.61
CA ASP A 486 11.63 -10.95 -32.72
C ASP A 486 12.18 -9.76 -33.47
N GLU A 487 12.19 -8.63 -32.79
CA GLU A 487 12.77 -7.39 -33.29
C GLU A 487 13.65 -6.86 -32.19
N MET A 488 14.71 -6.16 -32.58
CA MET A 488 15.63 -5.66 -31.58
C MET A 488 15.98 -4.24 -31.97
N ASN A 489 16.39 -3.45 -30.99
CA ASN A 489 16.62 -2.04 -31.21
C ASN A 489 18.11 -1.75 -31.30
N LEU A 490 18.44 -0.74 -32.08
CA LEU A 490 19.82 -0.36 -32.33
C LEU A 490 19.95 1.12 -32.04
N HIS A 491 20.91 1.47 -31.19
CA HIS A 491 21.14 2.86 -30.81
C HIS A 491 22.54 3.24 -31.26
N VAL A 492 22.65 4.39 -31.91
CA VAL A 492 23.89 4.83 -32.52
C VAL A 492 24.48 5.93 -31.64
N PRO A 493 25.69 5.76 -31.12
CA PRO A 493 26.31 6.84 -30.34
C PRO A 493 26.75 7.99 -31.23
N GLN A 494 26.48 9.21 -30.78
CA GLN A 494 26.65 10.39 -31.60
C GLN A 494 27.90 11.17 -31.27
N SER A 495 28.81 10.61 -30.47
CA SER A 495 30.05 11.29 -30.13
C SER A 495 31.14 10.26 -29.87
N GLU A 496 32.36 10.76 -29.69
CA GLU A 496 33.49 9.89 -29.45
C GLU A 496 33.52 9.36 -28.03
N GLU A 497 33.04 10.14 -27.06
CA GLU A 497 33.02 9.66 -25.69
C GLU A 497 32.09 8.47 -25.58
N THR A 498 30.96 8.53 -26.26
CA THR A 498 30.02 7.42 -26.22
C THR A 498 30.50 6.24 -27.06
N ARG A 499 31.21 6.49 -28.16
CA ARG A 499 31.84 5.38 -28.87
C ARG A 499 32.82 4.64 -27.98
N ALA A 500 33.70 5.39 -27.30
CA ALA A 500 34.68 4.76 -26.42
C ALA A 500 34.00 4.06 -25.25
N GLU A 501 32.97 4.68 -24.67
CA GLU A 501 32.25 4.03 -23.58
C GLU A 501 31.66 2.71 -24.04
N LEU A 502 30.99 2.70 -25.19
CA LEU A 502 30.41 1.47 -25.69
C LEU A 502 31.48 0.41 -25.91
N SER A 503 32.55 0.77 -26.64
CA SER A 503 33.54 -0.23 -27.02
C SER A 503 34.37 -0.72 -25.83
N GLN A 504 34.52 0.08 -24.77
CA GLN A 504 35.34 -0.35 -23.64
C GLN A 504 34.54 -0.79 -22.42
N LEU A 505 33.23 -0.68 -22.45
CA LEU A 505 32.49 -1.19 -21.30
C LEU A 505 31.38 -2.14 -21.69
N CYS A 506 30.70 -1.90 -22.81
CA CYS A 506 29.50 -2.62 -23.17
C CYS A 506 29.74 -3.65 -24.26
N ALA A 507 30.97 -3.78 -24.74
CA ALA A 507 31.24 -4.63 -25.90
C ALA A 507 30.92 -6.08 -25.58
N VAL A 508 30.50 -6.81 -26.62
CA VAL A 508 30.09 -8.20 -26.43
C VAL A 508 31.17 -9.06 -25.80
N PRO A 509 32.45 -9.00 -26.23
CA PRO A 509 33.47 -9.84 -25.59
C PRO A 509 33.60 -9.62 -24.09
N LEU A 510 33.32 -8.41 -23.60
CA LEU A 510 33.48 -8.09 -22.19
C LEU A 510 32.37 -8.63 -21.29
N GLN A 511 31.27 -9.12 -21.86
CA GLN A 511 30.14 -9.59 -21.08
C GLN A 511 30.01 -11.10 -21.07
N ILE A 512 31.01 -11.83 -21.55
CA ILE A 512 30.90 -13.28 -21.67
C ILE A 512 30.71 -13.91 -20.29
N VAL A 513 31.46 -13.45 -19.30
CA VAL A 513 31.31 -13.88 -17.92
C VAL A 513 30.42 -12.88 -17.21
N SER A 514 29.45 -13.38 -16.47
CA SER A 514 28.49 -12.55 -15.76
C SER A 514 28.77 -12.53 -14.26
N PRO A 515 28.47 -11.41 -13.58
CA PRO A 515 28.63 -11.38 -12.13
C PRO A 515 27.45 -11.99 -11.38
N GLN A 516 26.38 -12.33 -12.09
CA GLN A 516 25.20 -12.88 -11.45
C GLN A 516 25.52 -14.21 -10.77
N SER A 517 26.25 -15.07 -11.47
CA SER A 517 26.61 -16.39 -10.96
C SER A 517 28.05 -16.74 -11.32
N ASN A 518 28.90 -15.72 -11.50
CA ASN A 518 30.32 -15.85 -11.85
C ASN A 518 30.62 -17.00 -12.80
N LYS A 519 29.78 -17.16 -13.82
CA LYS A 519 29.92 -18.15 -14.87
C LYS A 519 29.69 -17.47 -16.21
N PRO A 520 30.12 -18.09 -17.31
CA PRO A 520 29.82 -17.54 -18.63
C PRO A 520 28.33 -17.55 -18.93
N VAL A 521 27.89 -16.60 -19.75
CA VAL A 521 26.52 -16.56 -20.23
C VAL A 521 26.40 -16.89 -21.71
N MET A 522 27.46 -16.70 -22.50
CA MET A 522 27.50 -17.12 -23.88
C MET A 522 28.16 -18.49 -23.99
N GLY A 523 27.55 -19.38 -24.74
CA GLY A 523 28.12 -20.69 -24.97
C GLY A 523 28.04 -21.12 -26.43
N ILE A 524 28.23 -22.41 -26.66
CA ILE A 524 28.05 -23.02 -27.98
C ILE A 524 26.68 -23.67 -27.99
N VAL A 525 25.86 -23.34 -28.98
CA VAL A 525 24.44 -23.66 -28.91
C VAL A 525 23.90 -24.19 -30.24
N GLN A 526 22.92 -25.10 -30.09
CA GLN A 526 21.73 -25.20 -30.93
C GLN A 526 21.89 -25.82 -32.31
N ASP A 527 23.08 -25.80 -32.89
CA ASP A 527 23.56 -26.80 -33.83
C ASP A 527 25.04 -27.08 -33.72
N THR A 528 25.84 -26.11 -33.31
CA THR A 528 27.27 -26.33 -33.15
C THR A 528 27.52 -27.31 -32.02
N LEU A 529 26.65 -27.31 -31.01
CA LEU A 529 26.80 -28.26 -29.90
C LEU A 529 26.54 -29.70 -30.37
N CYS A 530 25.41 -29.93 -31.04
CA CYS A 530 25.14 -31.27 -31.58
C CYS A 530 26.23 -31.70 -32.56
N GLY A 531 26.66 -30.79 -33.43
CA GLY A 531 27.68 -31.15 -34.40
C GLY A 531 29.03 -31.44 -33.77
N VAL A 532 29.39 -30.72 -32.71
CA VAL A 532 30.67 -30.98 -32.07
C VAL A 532 30.60 -32.28 -31.30
N ARG A 533 29.44 -32.61 -30.72
CA ARG A 533 29.30 -33.93 -30.12
C ARG A 533 29.51 -35.02 -31.15
N LYS A 534 28.87 -34.89 -32.32
CA LYS A 534 29.02 -35.91 -33.34
C LYS A 534 30.44 -35.95 -33.88
N MET A 535 31.10 -34.80 -33.94
CA MET A 535 32.43 -34.71 -34.54
C MET A 535 33.51 -35.25 -33.62
N THR A 536 33.34 -35.09 -32.30
CA THR A 536 34.36 -35.55 -31.37
C THR A 536 34.08 -36.95 -30.82
N LEU A 537 33.16 -37.68 -31.43
CA LEU A 537 33.03 -39.09 -31.11
C LEU A 537 34.32 -39.82 -31.49
N ARG A 538 34.54 -40.97 -30.85
CA ARG A 538 35.82 -41.65 -31.02
C ARG A 538 35.96 -42.22 -32.43
N ASP A 539 34.86 -42.67 -33.03
CA ASP A 539 34.88 -43.31 -34.33
C ASP A 539 34.50 -42.36 -35.46
N THR A 540 34.87 -41.09 -35.34
CA THR A 540 34.64 -40.10 -36.38
C THR A 540 35.98 -39.81 -37.06
N PHE A 541 36.09 -40.15 -38.34
CA PHE A 541 37.31 -39.96 -39.10
C PHE A 541 37.01 -39.13 -40.34
N ILE A 542 38.02 -38.39 -40.78
CA ILE A 542 37.88 -37.39 -41.84
C ILE A 542 39.01 -37.61 -42.83
N GLU A 543 38.68 -37.60 -44.11
CA GLU A 543 39.72 -37.76 -45.11
C GLU A 543 40.43 -36.44 -45.38
N TYR A 544 41.48 -36.51 -46.20
CA TYR A 544 42.40 -35.39 -46.31
C TYR A 544 41.74 -34.15 -46.92
N GLU A 545 40.83 -34.33 -47.88
CA GLU A 545 40.27 -33.17 -48.58
C GLU A 545 39.30 -32.41 -47.70
N GLN A 546 38.43 -33.13 -46.99
CA GLN A 546 37.54 -32.48 -46.03
C GLN A 546 38.34 -31.86 -44.89
N VAL A 547 39.42 -32.51 -44.47
CA VAL A 547 40.29 -31.95 -43.44
C VAL A 547 40.84 -30.61 -43.91
N MET A 548 41.27 -30.55 -45.15
CA MET A 548 41.86 -29.35 -45.71
C MET A 548 40.84 -28.22 -45.73
N ASN A 549 39.61 -28.52 -46.16
CA ASN A 549 38.58 -27.48 -46.13
C ASN A 549 38.31 -26.98 -44.72
N MET A 550 38.21 -27.90 -43.74
CA MET A 550 37.94 -27.48 -42.38
C MET A 550 39.07 -26.62 -41.81
N LEU A 551 40.32 -26.97 -42.11
CA LEU A 551 41.43 -26.15 -41.66
C LEU A 551 41.39 -24.76 -42.28
N PHE A 552 41.15 -24.68 -43.59
CA PHE A 552 41.06 -23.36 -44.21
C PHE A 552 39.89 -22.57 -43.66
N TRP A 553 38.85 -23.26 -43.18
CA TRP A 553 37.68 -22.57 -42.62
C TRP A 553 37.96 -21.94 -41.27
N VAL A 554 39.02 -22.34 -40.58
CA VAL A 554 39.35 -21.80 -39.27
C VAL A 554 40.01 -20.44 -39.42
N PRO A 555 39.42 -19.37 -38.89
CA PRO A 555 40.02 -18.03 -39.09
C PRO A 555 41.38 -17.88 -38.44
N SER A 556 41.65 -18.59 -37.35
CA SER A 556 42.90 -18.45 -36.62
C SER A 556 43.90 -19.57 -36.90
N TRP A 557 43.67 -20.39 -37.93
CA TRP A 557 44.61 -21.44 -38.27
C TRP A 557 45.96 -20.85 -38.68
N ASP A 558 47.03 -21.46 -38.19
CA ASP A 558 48.38 -20.95 -38.39
C ASP A 558 49.05 -21.50 -39.64
N GLY A 559 48.32 -22.23 -40.46
CA GLY A 559 48.85 -22.73 -41.72
C GLY A 559 49.63 -24.02 -41.61
N VAL A 560 49.54 -24.72 -40.49
CA VAL A 560 50.25 -25.98 -40.28
C VAL A 560 49.22 -27.10 -40.26
N VAL A 561 49.40 -28.08 -41.15
CA VAL A 561 48.47 -29.20 -41.25
C VAL A 561 48.82 -30.19 -40.15
N PRO A 562 47.92 -30.49 -39.22
CA PRO A 562 48.25 -31.46 -38.18
C PRO A 562 48.47 -32.84 -38.78
N GLN A 563 49.36 -33.60 -38.16
CA GLN A 563 49.57 -34.98 -38.56
C GLN A 563 48.29 -35.77 -38.33
N PRO A 564 47.96 -36.71 -39.22
CA PRO A 564 46.77 -37.55 -38.99
C PRO A 564 47.00 -38.55 -37.89
N ALA A 565 45.91 -38.85 -37.17
CA ALA A 565 45.97 -39.89 -36.13
C ALA A 565 46.35 -41.24 -36.72
N ILE A 566 45.95 -41.50 -37.96
CA ILE A 566 46.30 -42.73 -38.67
C ILE A 566 47.12 -42.37 -39.89
N LEU A 567 48.25 -43.06 -40.07
CA LEU A 567 49.13 -42.85 -41.21
C LEU A 567 49.08 -43.96 -42.24
N LYS A 568 48.55 -45.13 -41.90
CA LYS A 568 48.59 -46.31 -42.76
C LYS A 568 47.42 -47.22 -42.41
N PRO A 569 46.71 -47.77 -43.39
CA PRO A 569 46.98 -47.69 -44.83
C PRO A 569 46.40 -46.46 -45.52
N LYS A 570 45.75 -45.58 -44.76
CA LYS A 570 45.10 -44.42 -45.36
C LYS A 570 45.09 -43.29 -44.34
N PRO A 571 45.59 -42.10 -44.69
CA PRO A 571 45.60 -40.99 -43.73
C PRO A 571 44.20 -40.60 -43.30
N LEU A 572 43.96 -40.69 -41.99
CA LEU A 572 42.68 -40.34 -41.41
C LEU A 572 42.87 -39.44 -40.20
N TRP A 573 42.08 -38.38 -40.12
CA TRP A 573 42.03 -37.49 -38.97
C TRP A 573 40.80 -37.79 -38.14
N THR A 574 40.93 -37.63 -36.84
CA THR A 574 39.75 -37.76 -35.99
C THR A 574 39.15 -36.39 -35.76
N GLY A 575 37.86 -36.38 -35.45
CA GLY A 575 37.20 -35.11 -35.18
C GLY A 575 37.79 -34.34 -34.02
N LYS A 576 38.36 -35.05 -33.04
CA LYS A 576 39.00 -34.38 -31.91
C LYS A 576 40.18 -33.54 -32.34
N GLN A 577 40.95 -34.00 -33.33
CA GLN A 577 42.06 -33.21 -33.83
C GLN A 577 41.57 -31.92 -34.47
N LEU A 578 40.52 -32.01 -35.29
CA LEU A 578 40.04 -30.83 -35.98
C LEU A 578 39.41 -29.85 -35.00
N LEU A 579 38.77 -30.33 -33.95
CA LEU A 579 38.26 -29.41 -32.94
C LEU A 579 39.40 -28.81 -32.11
N SER A 580 40.43 -29.60 -31.81
CA SER A 580 41.56 -29.06 -31.06
C SER A 580 42.27 -27.98 -31.85
N ILE A 581 42.19 -28.04 -33.17
CA ILE A 581 42.73 -26.96 -33.99
C ILE A 581 42.07 -25.63 -33.62
N ALA A 582 40.75 -25.66 -33.37
CA ALA A 582 40.03 -24.45 -33.01
C ALA A 582 40.49 -23.86 -31.68
N ILE A 583 40.75 -24.71 -30.70
CA ILE A 583 41.09 -24.24 -29.35
C ILE A 583 42.45 -23.56 -29.37
N PRO A 584 42.63 -22.44 -28.68
CA PRO A 584 43.97 -21.83 -28.59
C PRO A 584 44.91 -22.68 -27.77
N SER A 585 46.20 -22.49 -28.04
CA SER A 585 47.23 -23.21 -27.30
C SER A 585 47.46 -22.58 -25.93
N GLY A 586 47.97 -23.39 -25.01
CA GLY A 586 48.13 -22.99 -23.64
C GLY A 586 46.91 -23.18 -22.77
N ILE A 587 45.97 -24.01 -23.18
CA ILE A 587 44.74 -24.26 -22.44
C ILE A 587 44.79 -25.67 -21.90
N HIS A 588 44.53 -25.84 -20.61
CA HIS A 588 44.45 -27.16 -20.00
C HIS A 588 43.12 -27.29 -19.26
N LEU A 589 42.41 -28.36 -19.54
CA LEU A 589 41.14 -28.63 -18.88
C LEU A 589 41.07 -30.11 -18.56
N GLN A 590 40.53 -30.43 -17.40
CA GLN A 590 40.41 -31.80 -16.94
C GLN A 590 39.11 -31.93 -16.16
N ARG A 591 38.30 -32.92 -16.53
CA ARG A 591 37.04 -33.18 -15.84
C ARG A 591 36.83 -34.67 -15.73
N THR A 592 36.30 -35.10 -14.59
CA THR A 592 35.96 -36.49 -14.34
C THR A 592 34.45 -36.62 -14.19
N ASP A 593 33.86 -37.58 -14.89
CA ASP A 593 32.42 -37.79 -14.89
C ASP A 593 32.15 -39.21 -14.37
N GLY A 594 31.72 -39.30 -13.12
CA GLY A 594 31.45 -40.60 -12.52
C GLY A 594 32.65 -41.50 -12.37
N GLY A 595 33.79 -40.93 -11.96
CA GLY A 595 34.98 -41.71 -11.71
C GLY A 595 35.54 -42.49 -12.88
N ASN A 596 35.78 -41.82 -14.00
CA ASN A 596 36.32 -42.51 -15.16
C ASN A 596 37.84 -42.60 -15.04
N SER A 597 38.40 -43.65 -15.62
CA SER A 597 39.85 -43.80 -15.60
C SER A 597 40.47 -42.94 -16.70
N LEU A 598 41.80 -42.84 -16.66
CA LEU A 598 42.51 -42.10 -17.69
C LEU A 598 42.44 -42.76 -19.06
N LEU A 599 41.94 -43.99 -19.13
CA LEU A 599 41.73 -44.68 -20.39
C LEU A 599 40.31 -44.56 -20.92
N SER A 600 39.39 -44.03 -20.12
CA SER A 600 38.04 -43.61 -20.51
C SER A 600 37.35 -44.61 -21.44
N PRO A 601 36.89 -45.75 -20.92
CA PRO A 601 36.18 -46.70 -21.79
C PRO A 601 34.94 -46.12 -22.45
N LYS A 602 34.22 -45.25 -21.75
CA LYS A 602 33.01 -44.61 -22.27
C LYS A 602 33.28 -43.36 -23.09
N ASP A 603 34.53 -42.89 -23.18
CA ASP A 603 34.85 -41.60 -23.78
C ASP A 603 34.16 -40.45 -23.04
N ASN A 604 34.07 -40.60 -21.72
CA ASN A 604 33.53 -39.57 -20.86
C ASN A 604 34.70 -38.85 -20.18
N GLY A 605 34.36 -37.90 -19.33
CA GLY A 605 35.38 -37.01 -18.81
C GLY A 605 35.89 -36.06 -19.88
N MET A 606 37.00 -35.41 -19.54
CA MET A 606 37.58 -34.47 -20.48
C MET A 606 39.03 -34.30 -20.08
N LEU A 607 39.92 -34.30 -21.07
CA LEU A 607 41.31 -33.92 -20.84
C LEU A 607 41.80 -33.04 -21.97
N ILE A 608 42.31 -31.86 -21.66
CA ILE A 608 42.86 -30.98 -22.67
C ILE A 608 44.27 -30.61 -22.24
N VAL A 609 45.24 -30.86 -23.10
CA VAL A 609 46.63 -30.60 -22.81
C VAL A 609 47.18 -29.70 -23.91
N ASP A 610 47.62 -28.52 -23.53
CA ASP A 610 48.15 -27.53 -24.48
C ASP A 610 47.16 -27.26 -25.60
N GLY A 611 45.87 -27.30 -25.29
CA GLY A 611 44.83 -27.03 -26.27
C GLY A 611 44.44 -28.21 -27.15
N LYS A 612 44.90 -29.40 -26.83
CA LYS A 612 44.61 -30.60 -27.62
C LYS A 612 43.79 -31.57 -26.79
N VAL A 613 42.71 -32.09 -27.37
CA VAL A 613 41.82 -33.01 -26.69
C VAL A 613 42.45 -34.40 -26.70
N MET A 614 42.68 -34.95 -25.51
CA MET A 614 43.19 -36.31 -25.40
C MET A 614 42.07 -37.35 -25.39
N PHE A 615 41.02 -37.12 -24.62
CA PHE A 615 39.85 -37.98 -24.70
C PHE A 615 38.64 -37.20 -24.21
N GLY A 616 37.46 -37.72 -24.52
CA GLY A 616 36.23 -37.13 -24.05
C GLY A 616 35.40 -36.51 -25.15
N VAL A 617 34.16 -36.95 -25.29
CA VAL A 617 33.21 -36.28 -26.18
C VAL A 617 33.02 -34.84 -25.73
N VAL A 618 32.98 -33.93 -26.70
CA VAL A 618 32.78 -32.52 -26.42
C VAL A 618 31.30 -32.22 -26.55
N ASP A 619 30.66 -31.86 -25.44
CA ASP A 619 29.22 -31.66 -25.39
C ASP A 619 28.95 -30.47 -24.48
N LYS A 620 27.71 -30.35 -23.99
CA LYS A 620 27.32 -29.22 -23.18
C LYS A 620 28.22 -29.03 -21.97
N LYS A 621 28.76 -30.12 -21.41
CA LYS A 621 29.59 -30.00 -20.24
C LYS A 621 30.96 -29.38 -20.51
N THR A 622 31.34 -29.22 -21.78
CA THR A 622 32.64 -28.66 -22.12
C THR A 622 32.55 -27.29 -22.79
N VAL A 623 31.57 -27.10 -23.67
CA VAL A 623 31.43 -25.88 -24.43
C VAL A 623 30.11 -25.16 -24.14
N GLY A 624 29.42 -25.57 -23.08
CA GLY A 624 28.25 -24.88 -22.61
C GLY A 624 28.60 -23.66 -21.79
N SER A 625 27.57 -23.10 -21.16
CA SER A 625 27.72 -21.90 -20.34
C SER A 625 27.97 -22.22 -18.88
N GLY A 626 28.16 -23.48 -18.54
CA GLY A 626 28.48 -23.84 -17.16
C GLY A 626 29.84 -23.34 -16.73
N GLY A 627 30.00 -23.23 -15.42
CA GLY A 627 31.25 -22.75 -14.86
C GLY A 627 32.32 -23.83 -14.84
N GLY A 628 33.56 -23.41 -15.06
CA GLY A 628 34.67 -24.35 -15.10
C GLY A 628 34.92 -25.00 -16.45
N GLY A 629 34.09 -24.74 -17.44
CA GLY A 629 34.25 -25.35 -18.74
C GLY A 629 35.34 -24.70 -19.55
N LEU A 630 35.34 -25.00 -20.84
CA LEU A 630 36.39 -24.49 -21.73
C LEU A 630 36.27 -22.99 -21.95
N ILE A 631 35.04 -22.50 -22.09
CA ILE A 631 34.84 -21.07 -22.34
C ILE A 631 35.32 -20.24 -21.16
N HIS A 632 34.97 -20.67 -19.94
CA HIS A 632 35.42 -19.98 -18.75
C HIS A 632 36.93 -19.99 -18.65
N THR A 633 37.55 -21.13 -18.94
CA THR A 633 39.01 -21.24 -18.87
C THR A 633 39.68 -20.30 -19.87
N VAL A 634 39.21 -20.29 -21.11
CA VAL A 634 39.81 -19.42 -22.13
C VAL A 634 39.58 -17.96 -21.79
N MET A 635 38.40 -17.63 -21.27
CA MET A 635 38.13 -16.26 -20.85
C MET A 635 39.11 -15.82 -19.77
N ARG A 636 39.35 -16.69 -18.79
CA ARG A 636 40.17 -16.31 -17.65
C ARG A 636 41.64 -16.28 -18.00
N GLU A 637 42.10 -17.15 -18.91
CA GLU A 637 43.53 -17.19 -19.24
C GLU A 637 43.94 -16.26 -20.37
N LYS A 638 43.14 -16.16 -21.42
CA LYS A 638 43.55 -15.47 -22.63
C LYS A 638 42.95 -14.10 -22.80
N GLY A 639 41.81 -13.82 -22.18
CA GLY A 639 41.18 -12.53 -22.27
C GLY A 639 39.88 -12.61 -23.04
N PRO A 640 39.18 -11.47 -23.15
CA PRO A 640 37.89 -11.48 -23.85
C PRO A 640 37.98 -11.62 -25.35
N LYS A 641 39.03 -11.09 -25.98
CA LYS A 641 39.11 -11.14 -27.44
C LYS A 641 39.31 -12.57 -27.94
N ILE A 642 40.27 -13.29 -27.36
CA ILE A 642 40.52 -14.66 -27.76
C ILE A 642 39.33 -15.55 -27.45
N CYS A 643 38.67 -15.30 -26.31
CA CYS A 643 37.48 -16.09 -25.98
C CYS A 643 36.36 -15.80 -26.96
N ALA A 644 36.23 -14.56 -27.42
CA ALA A 644 35.24 -14.23 -28.43
C ALA A 644 35.53 -14.92 -29.75
N GLU A 645 36.80 -14.95 -30.16
CA GLU A 645 37.16 -15.62 -31.41
C GLU A 645 37.01 -17.13 -31.32
N LEU A 646 37.06 -17.68 -30.10
CA LEU A 646 36.84 -19.12 -29.95
C LEU A 646 35.44 -19.52 -30.41
N PHE A 647 34.43 -18.74 -30.06
CA PHE A 647 33.07 -19.01 -30.51
C PHE A 647 33.01 -19.11 -32.02
N GLY A 648 33.64 -18.16 -32.72
CA GLY A 648 33.60 -18.17 -34.17
C GLY A 648 34.34 -19.36 -34.75
N ASN A 649 35.52 -19.67 -34.21
CA ASN A 649 36.28 -20.80 -34.73
C ASN A 649 35.48 -22.10 -34.60
N ILE A 650 34.94 -22.36 -33.41
CA ILE A 650 34.21 -23.60 -33.21
C ILE A 650 32.95 -23.63 -34.07
N GLN A 651 32.23 -22.51 -34.13
CA GLN A 651 31.02 -22.46 -34.95
C GLN A 651 31.33 -22.78 -36.41
N LYS A 652 32.37 -22.17 -36.96
CA LYS A 652 32.66 -22.38 -38.38
C LYS A 652 33.06 -23.82 -38.66
N VAL A 653 33.98 -24.37 -37.86
CA VAL A 653 34.43 -25.74 -38.12
C VAL A 653 33.26 -26.72 -38.01
N VAL A 654 32.50 -26.62 -36.92
CA VAL A 654 31.43 -27.59 -36.69
C VAL A 654 30.32 -27.43 -37.73
N ASN A 655 30.05 -26.18 -38.14
CA ASN A 655 28.99 -25.97 -39.13
C ASN A 655 29.38 -26.53 -40.49
N TYR A 656 30.65 -26.39 -40.88
CA TYR A 656 31.08 -27.00 -42.13
C TYR A 656 30.97 -28.52 -42.06
N TRP A 657 31.45 -29.11 -40.96
CA TRP A 657 31.38 -30.57 -40.85
C TRP A 657 29.95 -31.06 -40.88
N LEU A 658 29.04 -30.35 -40.21
CA LEU A 658 27.66 -30.79 -40.21
C LEU A 658 26.98 -30.55 -41.53
N LEU A 659 27.35 -29.48 -42.25
CA LEU A 659 26.86 -29.28 -43.61
C LEU A 659 27.22 -30.45 -44.51
N HIS A 660 28.44 -30.96 -44.41
CA HIS A 660 28.82 -32.07 -45.27
C HIS A 660 28.55 -33.45 -44.68
N ASN A 661 28.16 -33.53 -43.42
CA ASN A 661 27.72 -34.77 -42.81
C ASN A 661 26.20 -34.88 -42.90
N GLY A 662 25.52 -33.89 -42.36
CA GLY A 662 24.07 -33.84 -42.32
C GLY A 662 23.54 -34.29 -40.99
N PHE A 663 22.40 -33.74 -40.60
CA PHE A 663 21.70 -34.14 -39.40
C PHE A 663 20.24 -33.84 -39.58
N SER A 664 19.40 -34.81 -39.24
CA SER A 664 17.97 -34.71 -39.46
C SER A 664 17.26 -35.30 -38.26
N ILE A 665 15.93 -35.29 -38.33
CA ILE A 665 15.10 -35.98 -37.36
C ILE A 665 13.80 -36.30 -38.07
N GLY A 666 13.24 -37.47 -37.78
CA GLY A 666 12.06 -37.93 -38.47
C GLY A 666 11.08 -38.56 -37.51
N ILE A 667 9.98 -39.06 -38.08
CA ILE A 667 8.98 -39.72 -37.25
C ILE A 667 9.54 -41.00 -36.66
N GLY A 668 10.52 -41.61 -37.34
CA GLY A 668 11.09 -42.86 -36.86
C GLY A 668 11.98 -42.70 -35.65
N ASP A 669 12.49 -41.50 -35.40
CA ASP A 669 13.34 -41.28 -34.23
C ASP A 669 12.56 -41.26 -32.92
N ALA A 670 11.23 -41.25 -32.96
CA ALA A 670 10.40 -41.30 -31.78
C ALA A 670 9.75 -42.66 -31.56
N ILE A 671 10.13 -43.67 -32.33
CA ILE A 671 9.46 -44.98 -32.32
C ILE A 671 10.38 -46.00 -31.65
N ALA A 672 9.86 -46.67 -30.62
CA ALA A 672 10.56 -47.73 -29.93
C ALA A 672 10.06 -49.09 -30.44
N ASP A 673 10.94 -50.08 -30.39
CA ASP A 673 10.61 -51.40 -30.91
C ASP A 673 9.57 -52.10 -30.03
N ALA A 674 9.13 -53.28 -30.49
CA ALA A 674 8.00 -53.95 -29.86
C ALA A 674 8.30 -54.37 -28.42
N SER A 675 9.49 -54.91 -28.18
CA SER A 675 9.82 -55.37 -26.83
C SER A 675 9.83 -54.22 -25.83
N THR A 676 10.38 -53.08 -26.23
CA THR A 676 10.34 -51.90 -25.37
C THR A 676 8.92 -51.41 -25.16
N MET A 677 8.07 -51.52 -26.18
CA MET A 677 6.68 -51.15 -25.99
C MET A 677 6.01 -52.07 -24.98
N LYS A 678 6.31 -53.37 -25.04
CA LYS A 678 5.80 -54.31 -24.04
C LYS A 678 6.28 -53.95 -22.65
N GLU A 679 7.57 -53.60 -22.50
CA GLU A 679 8.10 -53.22 -21.20
C GLU A 679 7.40 -51.97 -20.67
N ILE A 680 7.26 -50.96 -21.53
CA ILE A 680 6.64 -49.70 -21.13
C ILE A 680 5.20 -49.92 -20.70
N THR A 681 4.43 -50.66 -21.50
CA THR A 681 3.04 -50.89 -21.15
C THR A 681 2.91 -51.74 -19.90
N HIS A 682 3.83 -52.69 -19.69
CA HIS A 682 3.82 -53.47 -18.47
C HIS A 682 4.07 -52.58 -17.26
N ALA A 683 5.04 -51.67 -17.36
CA ALA A 683 5.31 -50.76 -16.25
C ALA A 683 4.11 -49.87 -15.95
N ILE A 684 3.45 -49.37 -17.00
CA ILE A 684 2.28 -48.53 -16.80
C ILE A 684 1.14 -49.33 -16.17
N SER A 685 0.95 -50.58 -16.61
CA SER A 685 -0.09 -51.41 -16.01
C SER A 685 0.22 -51.72 -14.54
N SER A 686 1.49 -51.98 -14.23
CA SER A 686 1.87 -52.22 -12.85
C SER A 686 1.60 -50.99 -11.98
N ALA A 687 1.89 -49.81 -12.51
CA ALA A 687 1.61 -48.60 -11.75
C ALA A 687 0.11 -48.37 -11.59
N LYS A 688 -0.67 -48.71 -12.60
CA LYS A 688 -2.12 -48.60 -12.47
C LYS A 688 -2.64 -49.55 -11.40
N GLU A 689 -2.09 -50.77 -11.34
CA GLU A 689 -2.44 -51.69 -10.27
C GLU A 689 -2.04 -51.16 -8.92
N GLN A 690 -0.86 -50.56 -8.82
CA GLN A 690 -0.41 -49.98 -7.56
C GLN A 690 -1.35 -48.87 -7.10
N VAL A 691 -1.77 -48.01 -8.03
CA VAL A 691 -2.70 -46.94 -7.70
C VAL A 691 -4.04 -47.52 -7.27
N GLN A 692 -4.50 -48.57 -7.95
CA GLN A 692 -5.76 -49.20 -7.56
C GLN A 692 -5.65 -49.79 -6.15
N GLU A 693 -4.48 -50.32 -5.80
CA GLU A 693 -4.28 -50.85 -4.45
C GLU A 693 -4.28 -49.73 -3.42
N ILE A 694 -3.64 -48.60 -3.73
CA ILE A 694 -3.68 -47.45 -2.85
C ILE A 694 -5.13 -46.98 -2.66
N ILE A 695 -5.91 -47.02 -3.73
CA ILE A 695 -7.31 -46.60 -3.65
C ILE A 695 -8.09 -47.53 -2.76
N TYR A 696 -7.89 -48.84 -2.92
CA TYR A 696 -8.54 -49.82 -2.05
C TYR A 696 -8.17 -49.59 -0.60
N LYS A 697 -6.89 -49.36 -0.34
CA LYS A 697 -6.43 -49.15 1.04
C LYS A 697 -7.08 -47.90 1.63
N ALA A 698 -7.17 -46.83 0.83
CA ALA A 698 -7.80 -45.61 1.31
C ALA A 698 -9.29 -45.79 1.55
N GLN A 699 -9.97 -46.55 0.67
CA GLN A 699 -11.40 -46.74 0.82
C GLN A 699 -11.77 -47.65 1.98
N HIS A 700 -10.95 -48.65 2.31
CA HIS A 700 -11.25 -49.46 3.49
C HIS A 700 -10.52 -48.97 4.73
N ASN A 701 -10.05 -47.73 4.72
CA ASN A 701 -9.52 -47.03 5.89
C ASN A 701 -8.32 -47.75 6.52
N GLU A 702 -7.26 -47.93 5.73
CA GLU A 702 -6.07 -48.61 6.26
C GLU A 702 -4.79 -47.92 5.79
N LEU A 703 -4.89 -46.71 5.24
CA LEU A 703 -3.74 -46.00 4.71
C LEU A 703 -3.05 -45.27 5.85
N GLU A 704 -1.73 -45.18 5.76
CA GLU A 704 -0.91 -44.57 6.81
C GLU A 704 -0.61 -43.12 6.46
N LEU A 705 -1.14 -42.22 7.28
CA LEU A 705 -1.01 -40.78 7.08
C LEU A 705 0.42 -40.34 7.37
N LYS A 706 0.70 -39.08 7.04
CA LYS A 706 2.00 -38.46 7.19
C LYS A 706 1.86 -37.23 8.08
N PRO A 707 2.90 -36.81 8.80
CA PRO A 707 2.77 -35.61 9.63
C PRO A 707 2.48 -34.35 8.84
N GLY A 708 1.63 -33.50 9.42
CA GLY A 708 1.20 -32.27 8.79
C GLY A 708 0.49 -32.45 7.47
N MET A 709 -0.24 -33.56 7.30
CA MET A 709 -0.79 -33.90 6.00
C MET A 709 -2.03 -34.74 6.26
N THR A 710 -3.10 -34.45 5.52
CA THR A 710 -4.36 -35.13 5.72
C THR A 710 -4.37 -36.50 5.04
N LEU A 711 -5.34 -37.34 5.43
CA LEU A 711 -5.52 -38.64 4.78
C LEU A 711 -5.79 -38.48 3.30
N ARG A 712 -6.63 -37.52 2.92
CA ARG A 712 -6.88 -37.31 1.51
C ARG A 712 -5.65 -36.73 0.82
N GLU A 713 -4.93 -35.84 1.50
CA GLU A 713 -3.71 -35.30 0.93
C GLU A 713 -2.62 -36.36 0.90
N SER A 714 -2.60 -37.28 1.88
CA SER A 714 -1.66 -38.39 1.84
C SER A 714 -1.95 -39.31 0.67
N PHE A 715 -3.22 -39.63 0.45
CA PHE A 715 -3.62 -40.46 -0.67
C PHE A 715 -3.20 -39.81 -1.99
N GLU A 716 -3.47 -38.51 -2.13
CA GLU A 716 -3.11 -37.81 -3.35
C GLU A 716 -1.59 -37.74 -3.53
N GLY A 717 -0.84 -37.51 -2.46
CA GLY A 717 0.60 -37.47 -2.57
C GLY A 717 1.19 -38.80 -2.96
N GLU A 718 0.66 -39.90 -2.40
CA GLU A 718 1.16 -41.22 -2.75
C GLU A 718 0.83 -41.56 -4.19
N VAL A 719 -0.38 -41.22 -4.65
CA VAL A 719 -0.75 -41.49 -6.04
C VAL A 719 0.13 -40.68 -6.99
N SER A 720 0.37 -39.41 -6.67
CA SER A 720 1.21 -38.59 -7.52
C SER A 720 2.64 -39.12 -7.56
N ARG A 721 3.17 -39.56 -6.42
CA ARG A 721 4.48 -40.20 -6.40
C ARG A 721 4.52 -41.41 -7.31
N THR A 722 3.52 -42.28 -7.18
CA THR A 722 3.47 -43.49 -7.98
C THR A 722 3.45 -43.17 -9.47
N LEU A 723 2.62 -42.21 -9.88
CA LEU A 723 2.47 -41.94 -11.30
C LEU A 723 3.69 -41.21 -11.87
N ASN A 724 4.29 -40.32 -11.10
CA ASN A 724 5.54 -39.69 -11.54
C ASN A 724 6.63 -40.73 -11.71
N ASP A 725 6.72 -41.68 -10.77
CA ASP A 725 7.73 -42.74 -10.92
C ASP A 725 7.41 -43.67 -12.06
N ALA A 726 6.13 -43.91 -12.33
CA ALA A 726 5.73 -44.69 -13.50
C ALA A 726 6.23 -44.05 -14.78
N ARG A 727 5.96 -42.75 -14.94
CA ARG A 727 6.42 -42.05 -16.12
C ARG A 727 7.93 -42.07 -16.22
N ASP A 728 8.62 -41.90 -15.09
CA ASP A 728 10.09 -41.89 -15.12
C ASP A 728 10.63 -43.27 -15.51
N SER A 729 10.01 -44.34 -15.05
CA SER A 729 10.48 -45.68 -15.39
C SER A 729 10.22 -46.00 -16.86
N ALA A 730 9.02 -45.66 -17.36
CA ALA A 730 8.75 -45.86 -18.78
C ALA A 730 9.71 -45.06 -19.64
N GLY A 731 10.02 -43.83 -19.23
CA GLY A 731 10.99 -43.04 -19.94
C GLY A 731 12.37 -43.66 -19.92
N ARG A 732 12.76 -44.24 -18.78
CA ARG A 732 14.05 -44.91 -18.70
C ARG A 732 14.12 -46.08 -19.66
N SER A 733 13.04 -46.87 -19.74
CA SER A 733 12.99 -47.96 -20.71
C SER A 733 13.16 -47.43 -22.12
N ALA A 734 12.40 -46.39 -22.46
CA ALA A 734 12.49 -45.84 -23.81
C ALA A 734 13.90 -45.32 -24.10
N GLU A 735 14.52 -44.64 -23.14
CA GLU A 735 15.87 -44.14 -23.34
C GLU A 735 16.88 -45.26 -23.54
N MET A 736 16.74 -46.36 -22.78
CA MET A 736 17.68 -47.47 -23.00
C MET A 736 17.46 -48.12 -24.35
N ASN A 737 16.22 -48.11 -24.86
CA ASN A 737 15.98 -48.71 -26.17
C ASN A 737 16.60 -47.93 -27.31
N LEU A 738 16.91 -46.66 -27.13
CA LEU A 738 17.30 -45.82 -28.26
C LEU A 738 18.73 -46.14 -28.67
N LYS A 739 18.94 -46.34 -29.96
CA LYS A 739 20.28 -46.56 -30.46
C LYS A 739 21.10 -45.28 -30.43
N ASP A 740 22.41 -45.43 -30.64
CA ASP A 740 23.28 -44.27 -30.76
C ASP A 740 23.07 -43.51 -32.05
N LEU A 741 22.41 -44.10 -33.04
CA LEU A 741 22.06 -43.39 -34.25
C LEU A 741 20.71 -42.67 -34.16
N ASN A 742 19.98 -42.87 -33.07
CA ASN A 742 18.72 -42.15 -32.88
C ASN A 742 18.99 -40.65 -32.76
N ASN A 743 18.28 -39.86 -33.55
CA ASN A 743 18.58 -38.43 -33.65
C ASN A 743 18.12 -37.68 -32.41
N VAL A 744 16.98 -38.07 -31.83
CA VAL A 744 16.55 -37.47 -30.57
C VAL A 744 17.58 -37.74 -29.49
N LYS A 745 18.09 -38.97 -29.43
CA LYS A 745 19.11 -39.31 -28.45
C LYS A 745 20.38 -38.50 -28.66
N GLN A 746 20.78 -38.29 -29.91
CA GLN A 746 21.97 -37.47 -30.17
C GLN A 746 21.77 -36.03 -29.70
N MET A 747 20.59 -35.45 -29.98
CA MET A 747 20.34 -34.08 -29.53
C MET A 747 20.33 -33.98 -28.01
N VAL A 748 19.71 -34.97 -27.35
CA VAL A 748 19.67 -34.95 -25.89
C VAL A 748 21.06 -35.13 -25.30
N SER A 749 21.82 -36.10 -25.83
CA SER A 749 23.15 -36.37 -25.29
C SER A 749 24.08 -35.18 -25.50
N ALA A 750 23.98 -34.51 -26.64
CA ALA A 750 24.75 -33.28 -26.82
C ALA A 750 24.31 -32.22 -25.83
N GLY A 751 23.07 -32.27 -25.35
CA GLY A 751 22.56 -31.22 -24.50
C GLY A 751 22.20 -29.94 -25.21
N SER A 752 21.95 -29.99 -26.51
CA SER A 752 21.66 -28.79 -27.28
C SER A 752 20.18 -28.49 -27.36
N LYS A 753 19.33 -29.48 -27.15
CA LYS A 753 17.89 -29.29 -27.13
C LYS A 753 17.25 -30.56 -26.60
N GLY A 754 16.21 -30.41 -25.81
CA GLY A 754 15.50 -31.54 -25.29
C GLY A 754 16.20 -32.15 -24.09
N SER A 755 15.44 -32.99 -23.37
CA SER A 755 15.96 -33.67 -22.19
C SER A 755 15.29 -35.04 -22.12
N PHE A 756 15.54 -35.75 -21.02
CA PHE A 756 14.99 -37.09 -20.87
C PHE A 756 13.46 -37.07 -20.82
N ILE A 757 12.87 -36.02 -20.23
CA ILE A 757 11.42 -35.95 -20.14
C ILE A 757 10.81 -35.82 -21.53
N ASN A 758 11.49 -35.12 -22.44
CA ASN A 758 10.98 -34.99 -23.80
C ASN A 758 10.94 -36.33 -24.51
N ILE A 759 12.03 -37.11 -24.37
CA ILE A 759 12.05 -38.46 -24.93
C ILE A 759 10.93 -39.29 -24.34
N ALA A 760 10.75 -39.20 -23.03
CA ALA A 760 9.72 -40.00 -22.35
C ALA A 760 8.34 -39.66 -22.88
N GLN A 761 8.04 -38.37 -23.02
CA GLN A 761 6.71 -37.98 -23.46
C GLN A 761 6.47 -38.29 -24.93
N MET A 762 7.51 -38.20 -25.78
CA MET A 762 7.29 -38.51 -27.19
C MET A 762 7.17 -40.00 -27.43
N SER A 763 7.98 -40.82 -26.75
CA SER A 763 8.04 -42.23 -27.13
C SER A 763 7.28 -43.15 -26.18
N ALA A 764 7.20 -42.84 -24.89
CA ALA A 764 6.68 -43.78 -23.90
C ALA A 764 5.38 -43.32 -23.26
N CYS A 765 5.36 -42.14 -22.64
CA CYS A 765 4.22 -41.74 -21.81
C CYS A 765 4.28 -40.24 -21.56
N VAL A 766 3.17 -39.55 -21.83
CA VAL A 766 3.09 -38.14 -21.48
C VAL A 766 2.97 -37.96 -19.97
N GLY A 767 2.28 -38.87 -19.30
CA GLY A 767 2.22 -38.88 -17.86
C GLY A 767 1.11 -38.02 -17.28
N GLN A 768 1.34 -37.51 -16.08
CA GLN A 768 0.30 -36.84 -15.32
C GLN A 768 0.32 -35.33 -15.53
N GLN A 769 -0.87 -34.76 -15.75
CA GLN A 769 -1.04 -33.33 -15.89
C GLN A 769 -1.49 -32.73 -14.56
N MET A 770 -0.90 -31.58 -14.22
CA MET A 770 -1.19 -30.90 -12.97
C MET A 770 -1.80 -29.54 -13.27
N VAL A 771 -2.88 -29.20 -12.58
CA VAL A 771 -3.47 -27.87 -12.62
C VAL A 771 -3.47 -27.32 -11.21
N GLU A 772 -2.68 -26.27 -10.98
CA GLU A 772 -2.56 -25.62 -9.68
C GLU A 772 -2.04 -26.60 -8.63
N GLY A 773 -0.98 -27.34 -8.98
CA GLY A 773 -0.31 -28.21 -8.05
C GLY A 773 -1.00 -29.53 -7.80
N LYS A 774 -2.29 -29.63 -8.08
CA LYS A 774 -3.06 -30.85 -7.84
C LYS A 774 -3.29 -31.56 -9.16
N ARG A 775 -3.89 -32.74 -9.08
CA ARG A 775 -4.30 -33.44 -10.29
C ARG A 775 -5.51 -32.72 -10.88
N ILE A 776 -6.09 -33.29 -11.94
CA ILE A 776 -7.20 -32.61 -12.60
C ILE A 776 -8.41 -32.64 -11.69
N ALA A 777 -8.92 -31.47 -11.35
CA ALA A 777 -9.99 -31.35 -10.38
C ALA A 777 -11.31 -31.84 -10.96
N PHE A 778 -12.25 -32.10 -10.04
CA PHE A 778 -13.61 -32.50 -10.39
C PHE A 778 -14.39 -31.24 -10.76
N GLY A 779 -14.17 -30.78 -11.99
CA GLY A 779 -14.86 -29.59 -12.46
C GLY A 779 -16.35 -29.82 -12.64
N PHE A 780 -16.73 -31.00 -13.11
CA PHE A 780 -18.11 -31.41 -13.02
C PHE A 780 -18.40 -31.88 -11.60
N ALA A 781 -19.64 -32.27 -11.33
CA ALA A 781 -19.99 -32.77 -10.01
C ALA A 781 -19.38 -34.15 -9.81
N ASP A 782 -18.34 -34.22 -8.99
CA ASP A 782 -17.68 -35.47 -8.63
C ASP A 782 -17.00 -36.16 -9.81
N ARG A 783 -16.67 -35.41 -10.87
CA ARG A 783 -15.91 -36.00 -11.96
C ARG A 783 -15.21 -34.89 -12.74
N SER A 784 -14.19 -35.31 -13.48
CA SER A 784 -13.45 -34.38 -14.31
C SER A 784 -14.17 -34.09 -15.63
N LEU A 785 -14.73 -35.11 -16.26
CA LEU A 785 -15.43 -34.98 -17.53
C LEU A 785 -16.76 -35.72 -17.44
N PRO A 786 -17.73 -35.38 -18.29
CA PRO A 786 -19.01 -36.09 -18.27
C PRO A 786 -18.98 -37.44 -18.95
N HIS A 787 -17.81 -37.93 -19.32
CA HIS A 787 -17.62 -39.27 -19.86
C HIS A 787 -17.15 -40.24 -18.78
N PHE A 788 -16.93 -39.76 -17.57
CA PHE A 788 -16.54 -40.57 -16.42
C PHE A 788 -17.73 -40.72 -15.47
N THR A 789 -17.61 -41.68 -14.58
CA THR A 789 -18.58 -41.91 -13.50
C THR A 789 -18.22 -41.11 -12.24
N LYS A 790 -19.18 -41.04 -11.33
CA LYS A 790 -19.00 -40.27 -10.10
C LYS A 790 -17.95 -40.91 -9.21
N ASP A 791 -17.15 -40.08 -8.56
CA ASP A 791 -16.21 -40.55 -7.54
C ASP A 791 -15.27 -41.61 -8.11
N ASP A 792 -14.70 -41.31 -9.27
CA ASP A 792 -13.73 -42.21 -9.90
C ASP A 792 -12.36 -41.57 -9.78
N PHE A 793 -11.52 -42.13 -8.92
CA PHE A 793 -10.21 -41.58 -8.60
C PHE A 793 -9.08 -42.23 -9.37
N SER A 794 -9.40 -43.02 -10.39
CA SER A 794 -8.38 -43.72 -11.15
C SER A 794 -7.47 -42.71 -11.84
N PRO A 795 -6.26 -43.12 -12.25
CA PRO A 795 -5.36 -42.17 -12.91
C PRO A 795 -5.93 -41.55 -14.16
N GLU A 796 -6.69 -42.31 -14.96
CA GLU A 796 -7.23 -41.76 -16.20
C GLU A 796 -8.28 -40.68 -15.96
N SER A 797 -9.06 -40.82 -14.89
CA SER A 797 -10.12 -39.86 -14.60
C SER A 797 -9.55 -38.51 -14.18
N LYS A 798 -8.43 -38.51 -13.45
CA LYS A 798 -7.91 -37.30 -12.83
C LYS A 798 -6.62 -36.82 -13.50
N GLY A 799 -6.47 -37.10 -14.79
CA GLY A 799 -5.48 -36.45 -15.60
C GLY A 799 -4.20 -37.17 -15.90
N PHE A 800 -4.20 -38.50 -15.91
CA PHE A 800 -3.05 -39.27 -16.36
C PHE A 800 -3.18 -39.61 -17.84
N VAL A 801 -2.16 -39.25 -18.61
CA VAL A 801 -2.14 -39.49 -20.04
C VAL A 801 -1.27 -40.71 -20.29
N GLU A 802 -1.89 -41.83 -20.65
CA GLU A 802 -1.15 -43.07 -20.80
C GLU A 802 -0.40 -43.15 -22.12
N ASN A 803 -0.86 -42.43 -23.14
CA ASN A 803 -0.25 -42.50 -24.45
C ASN A 803 0.95 -41.57 -24.55
N SER A 804 1.66 -41.69 -25.67
CA SER A 804 2.71 -40.75 -26.01
C SER A 804 2.21 -39.83 -27.11
N TYR A 805 2.99 -38.79 -27.41
CA TYR A 805 2.62 -37.91 -28.52
C TYR A 805 2.66 -38.66 -29.83
N LEU A 806 3.62 -39.56 -30.00
CA LEU A 806 3.68 -40.38 -31.21
C LEU A 806 2.41 -41.21 -31.35
N ARG A 807 1.96 -41.83 -30.27
CA ARG A 807 0.81 -42.70 -30.35
C ARG A 807 -0.47 -41.89 -30.53
N GLY A 808 -0.50 -40.67 -30.01
CA GLY A 808 -1.67 -39.82 -30.08
C GLY A 808 -2.49 -39.85 -28.81
N LEU A 809 -2.99 -38.70 -28.41
CA LEU A 809 -3.80 -38.58 -27.21
C LEU A 809 -5.26 -38.85 -27.52
N THR A 810 -5.95 -39.42 -26.54
CA THR A 810 -7.38 -39.59 -26.64
C THR A 810 -8.06 -38.23 -26.43
N PRO A 811 -9.34 -38.10 -26.77
CA PRO A 811 -10.02 -36.82 -26.53
C PRO A 811 -9.97 -36.37 -25.08
N GLN A 812 -10.16 -37.29 -24.13
CA GLN A 812 -10.07 -36.96 -22.73
C GLN A 812 -8.68 -36.49 -22.35
N GLU A 813 -7.65 -37.24 -22.76
CA GLU A 813 -6.29 -36.85 -22.48
C GLU A 813 -5.96 -35.53 -23.17
N PHE A 814 -6.50 -35.33 -24.37
CA PHE A 814 -6.30 -34.07 -25.08
C PHE A 814 -6.87 -32.90 -24.29
N PHE A 815 -8.07 -33.05 -23.75
CA PHE A 815 -8.67 -31.96 -22.98
C PHE A 815 -7.90 -31.70 -21.69
N PHE A 816 -7.47 -32.76 -20.99
CA PHE A 816 -6.70 -32.56 -19.75
C PHE A 816 -5.38 -31.87 -20.04
N HIS A 817 -4.70 -32.30 -21.10
CA HIS A 817 -3.45 -31.67 -21.49
C HIS A 817 -3.68 -30.24 -21.91
N ALA A 818 -4.84 -29.94 -22.52
CA ALA A 818 -5.18 -28.58 -22.84
C ALA A 818 -5.36 -27.72 -21.60
N MET A 819 -6.02 -28.27 -20.56
CA MET A 819 -6.13 -27.53 -19.31
C MET A 819 -4.75 -27.24 -18.73
N ALA A 820 -3.86 -28.22 -18.73
CA ALA A 820 -2.53 -28.00 -18.17
C ALA A 820 -1.75 -26.97 -18.97
N GLY A 821 -1.75 -27.07 -20.29
CA GLY A 821 -1.08 -26.07 -21.11
C GLY A 821 -1.68 -24.68 -20.94
N ARG A 822 -2.99 -24.59 -20.77
CA ARG A 822 -3.62 -23.30 -20.51
C ARG A 822 -3.16 -22.73 -19.18
N GLU A 823 -3.05 -23.58 -18.16
CA GLU A 823 -2.51 -23.12 -16.87
C GLU A 823 -1.10 -22.58 -17.04
N GLY A 824 -0.27 -23.28 -17.81
CA GLY A 824 1.08 -22.80 -18.04
C GLY A 824 1.10 -21.45 -18.75
N LEU A 825 0.25 -21.29 -19.77
CA LEU A 825 0.22 -20.02 -20.49
C LEU A 825 -0.25 -18.89 -19.58
N ILE A 826 -1.27 -19.14 -18.75
CA ILE A 826 -1.74 -18.13 -17.82
C ILE A 826 -0.63 -17.74 -16.85
N ASP A 827 0.06 -18.74 -16.29
CA ASP A 827 1.17 -18.46 -15.39
C ASP A 827 2.22 -17.59 -16.05
N THR A 828 2.64 -17.96 -17.26
CA THR A 828 3.65 -17.16 -17.95
C THR A 828 3.15 -15.74 -18.19
N ALA A 829 1.87 -15.59 -18.53
CA ALA A 829 1.32 -14.27 -18.83
C ALA A 829 1.16 -13.42 -17.58
N VAL A 830 0.94 -14.03 -16.42
CA VAL A 830 0.46 -13.30 -15.25
C VAL A 830 1.59 -13.06 -14.26
N LYS A 831 2.57 -13.96 -14.17
CA LYS A 831 3.59 -13.75 -13.17
C LYS A 831 4.60 -12.71 -13.60
N THR A 832 4.71 -12.48 -14.92
CA THR A 832 5.73 -11.55 -15.42
C THR A 832 5.49 -10.15 -14.93
N ALA A 833 4.24 -9.78 -14.64
CA ALA A 833 3.96 -8.44 -14.15
C ALA A 833 4.43 -8.28 -12.72
N GLU A 834 4.16 -9.27 -11.87
CA GLU A 834 4.68 -9.26 -10.51
C GLU A 834 6.20 -9.25 -10.51
N THR A 835 6.81 -10.05 -11.38
CA THR A 835 8.26 -10.10 -11.44
C THR A 835 8.85 -8.77 -11.89
N GLY A 836 8.25 -8.13 -12.90
CA GLY A 836 8.74 -6.84 -13.33
C GLY A 836 8.58 -5.78 -12.26
N TYR A 837 7.45 -5.81 -11.54
CA TYR A 837 7.28 -4.88 -10.42
C TYR A 837 8.33 -5.10 -9.35
N ILE A 838 8.59 -6.36 -9.00
CA ILE A 838 9.59 -6.67 -7.99
C ILE A 838 10.95 -6.18 -8.42
N GLN A 839 11.31 -6.42 -9.68
CA GLN A 839 12.63 -6.00 -10.13
C GLN A 839 12.75 -4.49 -10.20
N ARG A 840 11.67 -3.78 -10.58
CA ARG A 840 11.72 -2.32 -10.55
C ARG A 840 11.90 -1.80 -9.13
N ARG A 841 11.19 -2.39 -8.16
CA ARG A 841 11.34 -1.93 -6.78
C ARG A 841 12.74 -2.21 -6.26
N LEU A 842 13.29 -3.38 -6.58
CA LEU A 842 14.66 -3.67 -6.17
C LEU A 842 15.63 -2.69 -6.79
N VAL A 843 15.45 -2.36 -8.07
CA VAL A 843 16.37 -1.42 -8.71
C VAL A 843 16.26 -0.04 -8.07
N LYS A 844 15.05 0.43 -7.81
CA LYS A 844 14.90 1.72 -7.15
C LYS A 844 15.48 1.71 -5.73
N ALA A 845 15.39 0.58 -5.04
CA ALA A 845 15.93 0.51 -3.68
C ALA A 845 17.45 0.52 -3.71
N LEU A 846 18.05 -0.11 -4.72
CA LEU A 846 19.48 -0.30 -4.78
C LEU A 846 20.16 0.57 -5.84
N GLU A 847 19.43 1.52 -6.43
CA GLU A 847 19.97 2.24 -7.58
C GLU A 847 21.10 3.18 -7.20
N ASP A 848 21.14 3.64 -5.94
CA ASP A 848 22.06 4.69 -5.53
C ASP A 848 23.28 4.14 -4.78
N ILE A 849 23.57 2.85 -4.91
CA ILE A 849 24.59 2.20 -4.10
C ILE A 849 25.81 1.90 -4.94
N MET A 850 26.96 2.38 -4.50
CA MET A 850 28.19 2.31 -5.26
C MET A 850 29.35 1.98 -4.34
N VAL A 851 30.33 1.24 -4.86
CA VAL A 851 31.58 0.99 -4.15
C VAL A 851 32.47 2.21 -4.31
N HIS A 852 32.95 2.75 -3.20
CA HIS A 852 33.77 3.95 -3.22
C HIS A 852 35.25 3.63 -3.14
N TYR A 853 36.06 4.66 -3.39
CA TYR A 853 37.50 4.50 -3.57
C TYR A 853 38.20 4.05 -2.29
N ASP A 854 37.57 4.20 -1.13
CA ASP A 854 38.12 3.67 0.11
C ASP A 854 37.68 2.25 0.40
N GLY A 855 36.94 1.62 -0.51
CA GLY A 855 36.53 0.25 -0.38
C GLY A 855 35.14 0.07 0.18
N THR A 856 34.58 1.10 0.80
CA THR A 856 33.30 1.02 1.46
C THR A 856 32.18 0.97 0.43
N THR A 857 31.01 0.51 0.86
CA THR A 857 29.83 0.47 0.01
C THR A 857 28.81 1.44 0.59
N ARG A 858 28.63 2.58 -0.07
CA ARG A 858 27.79 3.65 0.46
C ARG A 858 26.72 4.03 -0.54
N ASN A 859 25.65 4.62 -0.01
CA ASN A 859 24.55 5.14 -0.82
C ASN A 859 24.79 6.61 -1.13
N SER A 860 23.77 7.29 -1.65
CA SER A 860 23.93 8.69 -2.04
C SER A 860 24.05 9.61 -0.84
N LEU A 861 23.47 9.22 0.30
CA LEU A 861 23.64 9.99 1.53
C LEU A 861 25.01 9.83 2.16
N GLY A 862 25.88 9.00 1.59
CA GLY A 862 27.16 8.74 2.21
C GLY A 862 27.11 7.70 3.32
N ASP A 863 25.95 7.13 3.60
CA ASP A 863 25.85 6.15 4.67
C ASP A 863 26.47 4.83 4.27
N ILE A 864 27.10 4.17 5.22
CA ILE A 864 27.79 2.91 4.95
C ILE A 864 26.78 1.78 4.92
N ILE A 865 26.82 0.97 3.88
CA ILE A 865 26.03 -0.24 3.79
C ILE A 865 26.87 -1.47 4.11
N GLN A 866 28.11 -1.48 3.65
CA GLN A 866 29.09 -2.52 3.96
C GLN A 866 30.44 -1.82 4.03
N PHE A 867 31.23 -2.21 5.03
CA PHE A 867 32.54 -1.59 5.19
C PHE A 867 33.53 -2.06 4.14
N LEU A 868 33.34 -3.26 3.60
CA LEU A 868 34.11 -3.73 2.45
C LEU A 868 33.18 -4.49 1.52
N TYR A 869 33.32 -4.27 0.21
CA TYR A 869 32.37 -4.84 -0.74
C TYR A 869 32.48 -6.35 -0.80
N GLY A 870 31.34 -7.02 -0.64
CA GLY A 870 31.31 -8.46 -0.66
C GLY A 870 32.03 -9.10 0.51
N GLU A 871 32.52 -8.28 1.43
CA GLU A 871 33.28 -8.67 2.62
C GLU A 871 34.67 -9.17 2.22
N ASP A 872 34.92 -9.30 0.92
CA ASP A 872 36.25 -9.62 0.40
C ASP A 872 36.84 -8.55 -0.49
N GLY A 873 36.06 -7.57 -0.94
CA GLY A 873 36.54 -6.52 -1.83
C GLY A 873 36.74 -6.91 -3.27
N LEU A 874 36.22 -8.04 -3.71
CA LEU A 874 36.48 -8.58 -5.05
C LEU A 874 35.31 -8.38 -5.99
N ASP A 875 35.64 -8.19 -7.26
CA ASP A 875 34.61 -8.12 -8.30
C ASP A 875 34.02 -9.51 -8.52
N GLY A 876 32.70 -9.56 -8.69
CA GLY A 876 31.95 -10.80 -8.70
C GLY A 876 32.10 -11.65 -9.96
N THR A 877 32.78 -11.15 -10.99
CA THR A 877 33.07 -11.96 -12.17
C THR A 877 34.38 -12.73 -12.04
N GLN A 878 35.17 -12.42 -11.04
CA GLN A 878 36.57 -12.81 -10.95
C GLN A 878 36.82 -14.02 -10.07
N VAL A 879 35.79 -14.62 -9.46
CA VAL A 879 36.02 -15.69 -8.50
C VAL A 879 35.53 -17.02 -9.08
N GLU A 880 36.23 -18.09 -8.70
CA GLU A 880 35.97 -19.43 -9.19
C GLU A 880 36.01 -20.41 -8.03
N ARG A 881 35.16 -21.44 -8.09
CA ARG A 881 35.15 -22.47 -7.06
C ARG A 881 36.50 -23.19 -6.95
N GLN A 882 37.01 -23.27 -5.72
CA GLN A 882 38.28 -23.92 -5.43
C GLN A 882 38.17 -24.68 -4.11
N THR A 883 38.86 -25.82 -4.04
CA THR A 883 38.89 -26.61 -2.81
C THR A 883 39.92 -26.06 -1.84
N ILE A 884 39.54 -25.92 -0.58
CA ILE A 884 40.46 -25.58 0.50
C ILE A 884 40.95 -26.89 1.10
N ASP A 885 42.24 -27.17 0.94
CA ASP A 885 42.75 -28.51 1.19
C ASP A 885 43.05 -28.77 2.66
N THR A 886 43.17 -27.73 3.49
CA THR A 886 43.37 -27.96 4.92
C THR A 886 42.09 -28.36 5.63
N ILE A 887 40.93 -28.17 5.02
CA ILE A 887 39.67 -28.47 5.70
C ILE A 887 39.42 -29.98 5.76
N PRO A 888 39.33 -30.69 4.63
CA PRO A 888 38.81 -32.05 4.68
C PRO A 888 39.84 -33.06 5.16
N GLY A 889 39.35 -34.23 5.52
CA GLY A 889 40.17 -35.38 5.84
C GLY A 889 40.32 -35.60 7.34
N SER A 890 40.99 -36.70 7.66
CA SER A 890 41.34 -37.06 9.02
C SER A 890 42.67 -36.42 9.42
N ASP A 891 42.96 -36.47 10.72
CA ASP A 891 44.19 -35.85 11.20
C ASP A 891 45.42 -36.61 10.68
N LYS A 892 45.30 -37.92 10.49
CA LYS A 892 46.41 -38.68 9.94
C LYS A 892 46.71 -38.26 8.50
N ALA A 893 45.66 -38.07 7.69
CA ALA A 893 45.86 -37.62 6.31
C ALA A 893 46.47 -36.23 6.28
N PHE A 894 45.98 -35.34 7.14
CA PHE A 894 46.55 -34.00 7.28
C PHE A 894 48.03 -34.08 7.62
N HIS A 895 48.36 -34.91 8.61
CA HIS A 895 49.74 -35.04 9.06
C HIS A 895 50.64 -35.56 7.96
N LYS A 896 50.16 -36.57 7.22
CA LYS A 896 50.99 -37.12 6.14
C LYS A 896 51.14 -36.16 4.97
N ARG A 897 50.11 -35.39 4.63
CA ARG A 897 50.27 -34.46 3.51
C ARG A 897 51.19 -33.30 3.86
N TYR A 898 51.12 -32.78 5.08
CA TYR A 898 51.74 -31.48 5.36
C TYR A 898 52.92 -31.51 6.31
N TYR A 899 53.03 -32.48 7.21
CA TYR A 899 54.06 -32.43 8.24
C TYR A 899 55.36 -33.01 7.68
N VAL A 900 56.44 -32.24 7.76
CA VAL A 900 57.80 -32.67 7.47
C VAL A 900 58.66 -32.76 8.72
N ASP A 901 59.65 -33.66 8.69
CA ASP A 901 60.59 -33.89 9.79
C ASP A 901 61.99 -33.98 9.24
N LEU A 902 62.90 -33.19 9.79
CA LEU A 902 64.26 -33.10 9.28
C LEU A 902 65.16 -34.16 9.92
N MET A 903 65.11 -34.29 11.24
CA MET A 903 65.89 -35.30 11.94
C MET A 903 65.44 -36.70 11.52
N ASP A 904 64.14 -36.94 11.52
CA ASP A 904 63.61 -38.24 11.10
C ASP A 904 63.90 -38.48 9.63
N GLU A 905 64.57 -39.59 9.33
CA GLU A 905 65.10 -39.82 8.00
C GLU A 905 63.98 -40.19 7.01
N LYS A 906 63.03 -41.02 7.45
CA LYS A 906 62.05 -41.56 6.52
C LYS A 906 60.95 -40.57 6.19
N ASN A 907 60.43 -39.85 7.19
CA ASN A 907 59.31 -38.94 7.00
C ASN A 907 59.74 -37.58 6.48
N SER A 908 60.94 -37.48 5.93
CA SER A 908 61.42 -36.23 5.36
C SER A 908 61.08 -36.18 3.88
N ILE A 909 61.65 -35.19 3.17
CA ILE A 909 61.55 -35.14 1.72
C ILE A 909 62.16 -36.40 1.12
N LYS A 910 61.51 -36.93 0.10
CA LYS A 910 62.11 -38.00 -0.68
C LYS A 910 63.41 -37.47 -1.28
N PRO A 911 64.54 -38.16 -1.07
CA PRO A 911 65.83 -37.59 -1.51
C PRO A 911 65.94 -37.38 -3.01
N ASP A 912 65.24 -38.15 -3.83
CA ASP A 912 65.45 -38.14 -5.26
C ASP A 912 64.76 -36.97 -5.97
N VAL A 913 64.31 -35.93 -5.26
CA VAL A 913 63.64 -34.80 -5.89
C VAL A 913 64.40 -33.49 -5.79
N ILE A 914 65.39 -33.39 -4.89
CA ILE A 914 66.06 -32.13 -4.63
C ILE A 914 67.57 -32.30 -4.76
N GLU A 915 68.24 -31.21 -5.12
CA GLU A 915 69.70 -31.21 -5.19
C GLU A 915 70.32 -31.36 -3.80
N TYR A 916 69.82 -30.61 -2.83
CA TYR A 916 70.38 -30.47 -1.50
C TYR A 916 69.89 -31.52 -0.50
N ALA A 917 69.46 -32.67 -0.99
CA ALA A 917 68.81 -33.68 -0.14
C ALA A 917 69.68 -34.08 1.05
N ALA A 918 70.98 -34.33 0.81
CA ALA A 918 71.85 -34.81 1.88
C ALA A 918 72.09 -33.77 2.95
N ASP A 919 72.16 -32.49 2.57
CA ASP A 919 72.37 -31.41 3.53
C ASP A 919 71.19 -31.23 4.47
N ILE A 920 70.01 -31.74 4.11
CA ILE A 920 68.80 -31.49 4.90
C ILE A 920 68.85 -32.21 6.24
N LEU A 921 69.23 -33.49 6.25
CA LEU A 921 68.98 -34.32 7.44
C LEU A 921 69.64 -33.71 8.67
N GLY A 922 68.91 -33.75 9.80
CA GLY A 922 69.47 -33.45 11.10
C GLY A 922 69.46 -31.98 11.47
N ASP A 923 69.14 -31.08 10.53
CA ASP A 923 69.21 -29.65 10.79
C ASP A 923 68.14 -29.24 11.81
N VAL A 924 68.39 -28.10 12.45
CA VAL A 924 67.49 -27.57 13.47
C VAL A 924 66.98 -26.18 13.13
N GLU A 925 67.88 -25.30 12.67
CA GLU A 925 67.54 -23.94 12.24
C GLU A 925 66.63 -23.94 11.01
N LEU A 926 66.32 -25.11 10.47
CA LEU A 926 65.32 -25.23 9.42
C LEU A 926 64.08 -26.00 9.88
N GLN A 927 64.26 -26.96 10.77
CA GLN A 927 63.11 -27.63 11.37
C GLN A 927 62.26 -26.66 12.17
N LYS A 928 62.88 -25.59 12.71
CA LYS A 928 62.09 -24.53 13.33
C LYS A 928 61.13 -23.88 12.34
N GLU A 929 61.61 -23.53 11.14
CA GLU A 929 60.72 -22.93 10.15
C GLU A 929 59.66 -23.93 9.70
N LEU A 930 60.03 -25.19 9.55
CA LEU A 930 59.04 -26.21 9.18
C LEU A 930 57.96 -26.33 10.24
N ASN A 931 58.34 -26.31 11.51
CA ASN A 931 57.34 -26.38 12.58
C ASN A 931 56.46 -25.14 12.59
N SER A 932 57.04 -23.96 12.33
CA SER A 932 56.21 -22.75 12.26
C SER A 932 55.20 -22.86 11.13
N GLU A 933 55.62 -23.34 9.97
CA GLU A 933 54.71 -23.58 8.86
C GLU A 933 53.59 -24.54 9.25
N TYR A 934 53.95 -25.68 9.84
CA TYR A 934 52.93 -26.67 10.19
C TYR A 934 51.96 -26.12 11.22
N GLU A 935 52.44 -25.29 12.15
CA GLU A 935 51.55 -24.72 13.14
C GLU A 935 50.63 -23.68 12.52
N GLN A 936 51.14 -22.91 11.55
CA GLN A 936 50.24 -22.03 10.81
C GLN A 936 49.16 -22.81 10.07
N LEU A 937 49.54 -23.95 9.48
CA LEU A 937 48.55 -24.78 8.79
C LEU A 937 47.53 -25.35 9.78
N VAL A 938 47.97 -25.73 10.97
CA VAL A 938 47.02 -26.24 11.96
C VAL A 938 46.10 -25.12 12.44
N SER A 939 46.64 -23.91 12.58
CA SER A 939 45.81 -22.76 12.91
C SER A 939 44.74 -22.54 11.85
N ASP A 940 45.11 -22.61 10.56
CA ASP A 940 44.12 -22.48 9.50
C ASP A 940 43.09 -23.59 9.57
N ARG A 941 43.54 -24.83 9.76
CA ARG A 941 42.63 -25.96 9.90
C ARG A 941 41.60 -25.70 10.99
N LYS A 942 42.08 -25.32 12.18
CA LYS A 942 41.18 -25.07 13.31
C LYS A 942 40.24 -23.91 13.02
N PHE A 943 40.76 -22.81 12.48
CA PHE A 943 39.93 -21.66 12.18
C PHE A 943 38.81 -22.02 11.23
N LEU A 944 39.16 -22.63 10.10
CA LEU A 944 38.14 -22.97 9.09
C LEU A 944 37.16 -24.01 9.62
N ARG A 945 37.64 -24.96 10.42
CA ARG A 945 36.75 -26.02 10.89
C ARG A 945 35.82 -25.55 11.99
N GLU A 946 36.24 -24.59 12.81
CA GLU A 946 35.44 -24.22 13.97
C GLU A 946 34.69 -22.90 13.85
N ILE A 947 35.14 -21.97 13.02
CA ILE A 947 34.52 -20.66 12.90
C ILE A 947 33.81 -20.48 11.56
N VAL A 948 34.53 -20.70 10.47
CA VAL A 948 34.02 -20.34 9.15
C VAL A 948 33.13 -21.43 8.59
N PHE A 949 33.69 -22.61 8.38
CA PHE A 949 32.96 -23.72 7.76
C PHE A 949 32.88 -24.81 8.80
N VAL A 950 31.86 -24.74 9.65
CA VAL A 950 31.69 -25.71 10.72
C VAL A 950 31.14 -27.03 10.21
N ASN A 951 30.45 -27.02 9.08
CA ASN A 951 29.82 -28.22 8.54
C ASN A 951 30.69 -28.97 7.55
N GLY A 952 31.92 -28.53 7.31
CA GLY A 952 32.89 -29.29 6.55
C GLY A 952 33.01 -28.92 5.09
N ASP A 953 32.10 -28.12 4.54
CA ASP A 953 32.17 -27.76 3.13
C ASP A 953 33.47 -27.03 2.83
N HIS A 954 34.14 -27.45 1.76
CA HIS A 954 35.47 -26.95 1.44
C HIS A 954 35.61 -26.51 -0.02
N ASN A 955 34.53 -26.48 -0.78
CA ASN A 955 34.54 -26.04 -2.17
C ASN A 955 33.77 -24.73 -2.24
N TRP A 956 34.50 -23.62 -2.32
CA TRP A 956 33.89 -22.30 -2.24
C TRP A 956 34.41 -21.38 -3.33
N PRO A 957 33.58 -20.44 -3.78
CA PRO A 957 34.04 -19.48 -4.79
C PRO A 957 35.06 -18.54 -4.20
N LEU A 958 36.19 -18.41 -4.88
CA LEU A 958 37.33 -17.65 -4.36
C LEU A 958 38.04 -17.03 -5.55
N PRO A 959 38.88 -16.04 -5.30
CA PRO A 959 39.70 -15.50 -6.39
C PRO A 959 40.78 -16.49 -6.82
N VAL A 960 41.80 -15.97 -7.48
CA VAL A 960 42.55 -16.61 -8.56
C VAL A 960 42.66 -18.12 -8.41
N ASN A 961 42.34 -18.83 -9.49
CA ASN A 961 42.38 -20.29 -9.51
C ASN A 961 43.81 -20.77 -9.53
N LEU A 962 44.21 -21.49 -8.48
CA LEU A 962 45.62 -21.87 -8.29
C LEU A 962 45.96 -23.17 -8.98
N ARG A 963 44.99 -24.08 -9.12
CA ARG A 963 45.23 -25.28 -9.91
C ARG A 963 45.69 -24.88 -11.30
N ARG A 964 45.00 -23.92 -11.91
CA ARG A 964 45.30 -23.52 -13.26
C ARG A 964 46.64 -22.81 -13.32
N ILE A 965 46.97 -22.04 -12.28
CA ILE A 965 48.28 -21.38 -12.20
C ILE A 965 49.38 -22.43 -12.16
N ILE A 966 49.21 -23.45 -11.31
CA ILE A 966 50.24 -24.47 -11.14
C ILE A 966 50.43 -25.24 -12.43
N GLN A 967 49.32 -25.62 -13.08
CA GLN A 967 49.42 -26.38 -14.32
C GLN A 967 50.02 -25.55 -15.43
N ASN A 968 49.72 -24.25 -15.49
CA ASN A 968 50.37 -23.40 -16.47
C ASN A 968 51.86 -23.29 -16.20
N ALA A 969 52.25 -23.21 -14.93
CA ALA A 969 53.67 -23.16 -14.59
C ALA A 969 54.37 -24.45 -14.99
N GLN A 970 53.71 -25.59 -14.79
CA GLN A 970 54.28 -26.85 -15.21
C GLN A 970 54.48 -26.89 -16.72
N GLN A 971 53.48 -26.43 -17.47
CA GLN A 971 53.58 -26.41 -18.93
C GLN A 971 54.70 -25.50 -19.42
N ILE A 972 54.85 -24.30 -18.85
CA ILE A 972 55.83 -23.36 -19.40
C ILE A 972 57.27 -23.80 -19.12
N PHE A 973 57.53 -24.34 -17.95
CA PHE A 973 58.89 -24.69 -17.56
C PHE A 973 59.22 -26.17 -17.63
N HIS A 974 58.31 -26.99 -18.17
CA HIS A 974 58.63 -28.36 -18.58
C HIS A 974 59.18 -29.17 -17.39
N LEU A 975 58.28 -29.47 -16.46
CA LEU A 975 58.67 -30.04 -15.18
C LEU A 975 58.77 -31.57 -15.24
N ASP A 976 59.12 -32.09 -16.41
CA ASP A 976 59.30 -33.53 -16.62
C ASP A 976 60.71 -33.93 -16.19
N ARG A 977 61.00 -35.23 -16.33
CA ARG A 977 62.27 -35.86 -16.00
C ARG A 977 62.60 -35.79 -14.51
N ALA A 978 61.63 -35.41 -13.68
CA ALA A 978 61.77 -35.45 -12.21
C ALA A 978 63.10 -34.89 -11.74
N LYS A 979 63.48 -33.74 -12.30
CA LYS A 979 64.83 -33.22 -12.10
C LYS A 979 65.03 -32.79 -10.65
N ALA A 980 66.28 -32.88 -10.20
CA ALA A 980 66.65 -32.36 -8.90
C ALA A 980 66.22 -30.92 -8.75
N SER A 981 65.44 -30.64 -7.70
CA SER A 981 64.88 -29.31 -7.52
C SER A 981 65.82 -28.43 -6.71
N ASP A 982 66.10 -27.24 -7.23
CA ASP A 982 66.98 -26.27 -6.58
C ASP A 982 66.23 -25.30 -5.70
N LEU A 983 65.07 -25.69 -5.19
CA LEU A 983 64.17 -24.79 -4.48
C LEU A 983 64.24 -25.14 -2.99
N THR A 984 64.95 -24.33 -2.23
CA THR A 984 65.22 -24.63 -0.83
C THR A 984 63.99 -24.38 0.03
N ILE A 985 63.92 -25.10 1.15
CA ILE A 985 62.78 -24.95 2.07
C ILE A 985 62.67 -23.52 2.59
N PRO A 986 63.72 -22.89 3.12
CA PRO A 986 63.56 -21.54 3.65
C PRO A 986 63.09 -20.56 2.58
N GLU A 987 63.50 -20.75 1.33
CA GLU A 987 63.06 -19.86 0.27
C GLU A 987 61.58 -20.05 -0.02
N ILE A 988 61.10 -21.29 0.05
CA ILE A 988 59.66 -21.54 -0.10
C ILE A 988 58.88 -20.86 1.01
N ILE A 989 59.33 -21.07 2.26
CA ILE A 989 58.59 -20.55 3.39
C ILE A 989 58.56 -19.02 3.35
N HIS A 990 59.70 -18.39 3.06
CA HIS A 990 59.73 -16.94 3.02
C HIS A 990 58.98 -16.39 1.80
N GLY A 991 58.97 -17.13 0.69
CA GLY A 991 58.19 -16.71 -0.45
C GLY A 991 56.70 -16.70 -0.18
N VAL A 992 56.21 -17.77 0.45
CA VAL A 992 54.78 -17.83 0.78
C VAL A 992 54.44 -16.80 1.84
N ARG A 993 55.33 -16.58 2.81
CA ARG A 993 55.06 -15.56 3.82
C ARG A 993 54.98 -14.16 3.20
N ASP A 994 55.92 -13.84 2.32
CA ASP A 994 55.88 -12.53 1.67
C ASP A 994 54.64 -12.41 0.80
N LEU A 995 54.28 -13.47 0.07
CA LEU A 995 53.08 -13.42 -0.73
C LEU A 995 51.85 -13.15 0.14
N CYS A 996 51.74 -13.90 1.25
CA CYS A 996 50.61 -13.67 2.16
C CYS A 996 50.60 -12.27 2.72
N LYS A 997 51.75 -11.58 2.73
CA LYS A 997 51.82 -10.19 3.15
C LYS A 997 51.91 -9.24 1.96
N LYS A 998 51.33 -9.64 0.82
CA LYS A 998 51.36 -8.82 -0.38
C LYS A 998 50.01 -8.75 -1.08
N LEU A 999 48.94 -9.28 -0.48
CA LEU A 999 47.62 -9.28 -1.10
C LEU A 999 46.85 -8.12 -0.50
N PHE A 1000 46.78 -7.02 -1.23
CA PHE A 1000 46.27 -5.76 -0.70
C PHE A 1000 44.84 -5.56 -1.17
N VAL A 1001 43.90 -5.75 -0.26
CA VAL A 1001 42.53 -5.31 -0.49
C VAL A 1001 42.33 -3.87 -0.03
N LEU A 1002 43.09 -3.44 0.99
CA LEU A 1002 43.05 -2.07 1.48
C LEU A 1002 44.48 -1.60 1.66
N ARG A 1003 44.76 -0.38 1.22
CA ARG A 1003 46.08 0.21 1.31
C ARG A 1003 46.08 1.34 2.33
N GLY A 1004 47.08 1.36 3.18
CA GLY A 1004 47.19 2.38 4.21
C GLY A 1004 47.98 1.86 5.39
N GLU A 1005 48.68 2.77 6.06
CA GLU A 1005 49.45 2.41 7.23
C GLU A 1005 48.66 2.50 8.52
N ASN A 1006 47.37 2.83 8.45
CA ASN A 1006 46.51 2.89 9.62
C ASN A 1006 46.41 1.49 10.25
N GLU A 1007 45.83 1.45 11.45
CA GLU A 1007 45.73 0.19 12.16
C GLU A 1007 44.42 -0.53 11.87
N LEU A 1008 43.32 0.22 11.78
CA LEU A 1008 42.09 -0.40 11.32
C LEU A 1008 42.20 -0.83 9.86
N ILE A 1009 43.01 -0.11 9.08
CA ILE A 1009 43.28 -0.55 7.71
C ILE A 1009 43.98 -1.90 7.71
N LYS A 1010 44.98 -2.07 8.58
CA LYS A 1010 45.69 -3.34 8.66
C LYS A 1010 44.77 -4.47 9.12
N GLU A 1011 43.95 -4.19 10.14
CA GLU A 1011 43.02 -5.21 10.61
C GLU A 1011 42.03 -5.63 9.53
N ALA A 1012 41.45 -4.65 8.83
CA ALA A 1012 40.51 -4.97 7.76
C ALA A 1012 41.18 -5.68 6.60
N GLN A 1013 42.43 -5.32 6.30
CA GLN A 1013 43.16 -5.99 5.25
C GLN A 1013 43.41 -7.45 5.59
N GLN A 1014 43.76 -7.74 6.84
CA GLN A 1014 44.01 -9.13 7.21
C GLN A 1014 42.71 -9.92 7.30
N ASN A 1015 41.63 -9.30 7.77
CA ASN A 1015 40.33 -9.98 7.74
C ASN A 1015 39.82 -10.21 6.33
N ALA A 1016 40.22 -9.35 5.38
CA ALA A 1016 39.71 -9.46 4.02
C ALA A 1016 40.27 -10.69 3.31
N THR A 1017 41.54 -11.00 3.54
CA THR A 1017 42.23 -12.03 2.77
C THR A 1017 42.57 -13.25 3.62
N SER A 1018 41.84 -13.48 4.71
CA SER A 1018 42.16 -14.61 5.57
C SER A 1018 41.83 -15.93 4.89
N LEU A 1019 40.64 -16.04 4.28
CA LEU A 1019 40.28 -17.26 3.58
C LEU A 1019 41.19 -17.54 2.40
N PHE A 1020 41.52 -16.50 1.62
CA PHE A 1020 42.38 -16.70 0.47
C PHE A 1020 43.79 -17.07 0.89
N GLN A 1021 44.27 -16.48 1.99
CA GLN A 1021 45.56 -16.90 2.54
C GLN A 1021 45.50 -18.33 3.01
N CYS A 1022 44.38 -18.74 3.61
CA CYS A 1022 44.23 -20.14 4.00
C CYS A 1022 44.35 -21.06 2.79
N LEU A 1023 43.72 -20.67 1.68
CA LEU A 1023 43.84 -21.47 0.46
C LEU A 1023 45.28 -21.53 -0.03
N VAL A 1024 45.93 -20.37 -0.13
CA VAL A 1024 47.29 -20.31 -0.65
C VAL A 1024 48.27 -21.08 0.22
N ARG A 1025 48.02 -21.14 1.53
CA ARG A 1025 48.91 -21.88 2.40
C ARG A 1025 48.58 -23.36 2.41
N ALA A 1026 47.30 -23.72 2.22
CA ALA A 1026 46.93 -25.12 2.08
C ALA A 1026 47.46 -25.73 0.80
N ARG A 1027 47.61 -24.92 -0.26
CA ARG A 1027 48.10 -25.44 -1.53
C ARG A 1027 49.63 -25.40 -1.61
N LEU A 1028 50.23 -24.25 -1.34
CA LEU A 1028 51.68 -24.10 -1.49
C LEU A 1028 52.41 -24.54 -0.22
N ALA A 1029 52.12 -25.75 0.24
CA ALA A 1029 52.83 -26.31 1.37
C ALA A 1029 54.14 -26.92 0.89
N THR A 1030 55.11 -27.00 1.81
CA THR A 1030 56.45 -27.43 1.43
C THR A 1030 56.46 -28.85 0.86
N ARG A 1031 55.84 -29.81 1.57
CA ARG A 1031 55.81 -31.16 1.04
C ARG A 1031 55.05 -31.22 -0.29
N ARG A 1032 53.93 -30.53 -0.38
CA ARG A 1032 53.16 -30.56 -1.64
C ARG A 1032 53.94 -29.93 -2.78
N ILE A 1033 54.47 -28.72 -2.57
CA ILE A 1033 55.23 -28.05 -3.62
C ILE A 1033 56.40 -28.91 -4.08
N LEU A 1034 57.08 -29.57 -3.15
CA LEU A 1034 58.30 -30.30 -3.51
C LEU A 1034 58.00 -31.65 -4.14
N GLU A 1035 57.02 -32.38 -3.62
CA GLU A 1035 56.76 -33.74 -4.08
C GLU A 1035 55.64 -33.79 -5.12
N GLU A 1036 54.48 -33.22 -4.82
CA GLU A 1036 53.32 -33.41 -5.69
C GLU A 1036 53.43 -32.56 -6.93
N PHE A 1037 53.96 -31.34 -6.82
CA PHE A 1037 54.06 -30.44 -7.96
C PHE A 1037 55.47 -30.27 -8.48
N ARG A 1038 56.49 -30.55 -7.65
CA ARG A 1038 57.89 -30.59 -8.08
C ARG A 1038 58.33 -29.32 -8.80
N LEU A 1039 57.96 -28.17 -8.25
CA LEU A 1039 58.36 -26.90 -8.87
C LEU A 1039 59.81 -26.61 -8.53
N ASN A 1040 60.52 -25.98 -9.47
CA ASN A 1040 61.83 -25.42 -9.23
C ASN A 1040 61.74 -23.93 -8.84
N ARG A 1041 62.90 -23.26 -8.77
CA ARG A 1041 62.94 -21.87 -8.34
C ARG A 1041 62.27 -20.95 -9.35
N ASP A 1042 62.47 -21.22 -10.65
CA ASP A 1042 61.88 -20.36 -11.67
C ASP A 1042 60.36 -20.46 -11.63
N ALA A 1043 59.85 -21.69 -11.61
CA ALA A 1043 58.41 -21.88 -11.51
C ALA A 1043 57.86 -21.29 -10.24
N PHE A 1044 58.61 -21.36 -9.14
CA PHE A 1044 58.15 -20.80 -7.89
C PHE A 1044 58.00 -19.28 -7.99
N GLU A 1045 59.04 -18.59 -8.48
CA GLU A 1045 58.95 -17.15 -8.64
C GLU A 1045 57.82 -16.78 -9.58
N TRP A 1046 57.63 -17.54 -10.66
CA TRP A 1046 56.54 -17.25 -11.58
C TRP A 1046 55.17 -17.42 -10.93
N VAL A 1047 54.99 -18.47 -10.13
CA VAL A 1047 53.72 -18.67 -9.45
C VAL A 1047 53.43 -17.52 -8.50
N LEU A 1048 54.43 -17.13 -7.71
CA LEU A 1048 54.21 -16.01 -6.79
C LEU A 1048 53.88 -14.71 -7.51
N GLY A 1049 54.67 -14.35 -8.53
CA GLY A 1049 54.40 -13.10 -9.23
C GLY A 1049 53.03 -13.10 -9.88
N THR A 1050 52.65 -14.24 -10.44
CA THR A 1050 51.34 -14.34 -11.06
C THR A 1050 50.23 -14.24 -10.03
N ILE A 1051 50.42 -14.80 -8.83
CA ILE A 1051 49.40 -14.65 -7.79
C ILE A 1051 49.24 -13.18 -7.41
N GLU A 1052 50.35 -12.47 -7.15
CA GLU A 1052 50.22 -11.02 -6.95
C GLU A 1052 49.39 -10.36 -8.04
N ALA A 1053 49.79 -10.51 -9.30
CA ALA A 1053 49.14 -9.72 -10.34
C ALA A 1053 47.68 -10.13 -10.54
N GLN A 1054 47.38 -11.43 -10.53
CA GLN A 1054 45.99 -11.84 -10.76
C GLN A 1054 45.10 -11.51 -9.57
N PHE A 1055 45.64 -11.51 -8.35
CA PHE A 1055 44.84 -11.05 -7.22
C PHE A 1055 44.57 -9.56 -7.35
N GLN A 1056 45.58 -8.78 -7.75
CA GLN A 1056 45.35 -7.36 -7.97
C GLN A 1056 44.33 -7.14 -9.07
N ARG A 1057 44.19 -8.09 -9.99
CA ARG A 1057 43.18 -7.98 -11.04
C ARG A 1057 41.82 -8.46 -10.59
N SER A 1058 41.72 -9.21 -9.50
CA SER A 1058 40.42 -9.72 -9.05
C SER A 1058 39.62 -8.72 -8.24
N LEU A 1059 40.15 -7.53 -7.96
CA LEU A 1059 39.50 -6.59 -7.07
C LEU A 1059 38.42 -5.79 -7.79
N VAL A 1060 37.34 -5.49 -7.06
CA VAL A 1060 36.26 -4.68 -7.60
C VAL A 1060 36.75 -3.26 -7.87
N HIS A 1061 36.20 -2.65 -8.91
CA HIS A 1061 36.69 -1.31 -9.16
C HIS A 1061 35.83 -0.29 -8.40
N PRO A 1062 36.45 0.73 -7.82
CA PRO A 1062 35.67 1.85 -7.29
C PRO A 1062 34.84 2.49 -8.40
N GLY A 1063 33.59 2.80 -8.08
CA GLY A 1063 32.68 3.32 -9.08
C GLY A 1063 31.66 2.30 -9.53
N GLU A 1064 31.88 1.04 -9.22
CA GLU A 1064 30.93 -0.02 -9.56
C GLU A 1064 29.55 0.28 -8.99
N MET A 1065 28.53 0.06 -9.83
CA MET A 1065 27.15 0.20 -9.39
C MET A 1065 26.63 -1.15 -8.90
N VAL A 1066 27.21 -1.58 -7.78
CA VAL A 1066 26.92 -2.90 -7.24
C VAL A 1066 25.47 -3.02 -6.85
N GLY A 1067 24.80 -1.91 -6.56
CA GLY A 1067 23.38 -1.99 -6.23
C GLY A 1067 22.52 -2.35 -7.41
N VAL A 1068 22.73 -1.70 -8.56
CA VAL A 1068 21.99 -2.05 -9.76
C VAL A 1068 22.34 -3.46 -10.24
N ILE A 1069 23.61 -3.83 -10.19
CA ILE A 1069 24.01 -5.17 -10.60
C ILE A 1069 23.37 -6.21 -9.69
N ALA A 1070 23.38 -5.96 -8.37
CA ALA A 1070 22.76 -6.89 -7.44
C ALA A 1070 21.25 -6.96 -7.65
N ALA A 1071 20.60 -5.82 -7.90
CA ALA A 1071 19.16 -5.83 -8.15
C ALA A 1071 18.83 -6.65 -9.38
N GLN A 1072 19.61 -6.52 -10.44
CA GLN A 1072 19.34 -7.28 -11.66
C GLN A 1072 19.66 -8.76 -11.43
N SER A 1073 20.76 -9.04 -10.73
CA SER A 1073 21.15 -10.42 -10.45
C SER A 1073 20.15 -11.14 -9.56
N ILE A 1074 19.41 -10.39 -8.74
CA ILE A 1074 18.37 -11.02 -7.93
C ILE A 1074 17.06 -11.12 -8.70
N GLY A 1075 16.72 -10.09 -9.50
CA GLY A 1075 15.44 -10.07 -10.16
C GLY A 1075 15.34 -10.99 -11.36
N GLU A 1076 16.43 -11.12 -12.13
CA GLU A 1076 16.41 -11.98 -13.31
C GLU A 1076 16.05 -13.42 -12.98
N PRO A 1077 16.64 -14.07 -11.97
CA PRO A 1077 16.22 -15.45 -11.65
C PRO A 1077 14.75 -15.57 -11.31
N ALA A 1078 14.15 -14.51 -10.76
CA ALA A 1078 12.71 -14.55 -10.49
C ALA A 1078 11.90 -14.73 -11.76
N THR A 1079 12.45 -14.36 -12.92
CA THR A 1079 11.74 -14.55 -14.17
C THR A 1079 11.70 -16.01 -14.59
N GLN A 1080 12.55 -16.87 -14.01
CA GLN A 1080 12.50 -18.29 -14.28
C GLN A 1080 11.93 -19.14 -13.15
N MET A 1081 11.62 -18.54 -12.01
CA MET A 1081 10.94 -19.28 -10.95
C MET A 1081 9.49 -18.84 -10.86
N ASN A 1095 4.85 -27.89 3.62
CA ASN A 1095 4.21 -26.90 2.75
C ASN A 1095 4.89 -25.55 2.86
N VAL A 1096 6.15 -25.49 2.46
CA VAL A 1096 6.96 -24.29 2.61
C VAL A 1096 6.67 -23.35 1.45
N THR A 1097 6.42 -22.08 1.76
CA THR A 1097 6.22 -21.10 0.71
C THR A 1097 7.56 -20.75 0.07
N LEU A 1098 7.60 -20.81 -1.26
CA LEU A 1098 8.83 -20.58 -2.00
C LEU A 1098 8.52 -19.79 -3.27
N GLY A 1099 9.58 -19.42 -3.99
CA GLY A 1099 9.43 -18.72 -5.25
C GLY A 1099 9.00 -17.27 -5.08
N VAL A 1100 8.20 -16.81 -6.05
CA VAL A 1100 7.86 -15.39 -6.11
C VAL A 1100 7.06 -14.92 -4.91
N PRO A 1101 6.02 -15.62 -4.45
CA PRO A 1101 5.31 -15.15 -3.25
C PRO A 1101 6.20 -15.05 -2.02
N ARG A 1102 7.13 -16.00 -1.85
CA ARG A 1102 8.01 -15.96 -0.70
C ARG A 1102 9.00 -14.81 -0.82
N LEU A 1103 9.55 -14.58 -2.02
CA LEU A 1103 10.44 -13.43 -2.22
C LEU A 1103 9.70 -12.12 -1.99
N LYS A 1104 8.42 -12.07 -2.37
CA LYS A 1104 7.60 -10.88 -2.12
C LYS A 1104 7.38 -10.68 -0.63
N GLU A 1105 7.14 -11.77 0.10
CA GLU A 1105 7.05 -11.66 1.56
C GLU A 1105 8.34 -11.12 2.15
N ILE A 1106 9.48 -11.58 1.64
CA ILE A 1106 10.77 -11.16 2.20
C ILE A 1106 10.99 -9.68 1.93
N LEU A 1107 10.81 -9.25 0.67
CA LEU A 1107 11.10 -7.88 0.30
C LEU A 1107 10.04 -6.92 0.84
N ASN A 1108 8.76 -7.31 0.76
CA ASN A 1108 7.69 -6.57 1.43
C ASN A 1108 7.59 -7.10 2.84
N VAL A 1109 8.44 -6.57 3.72
CA VAL A 1109 8.65 -7.12 5.05
C VAL A 1109 7.29 -7.23 5.72
N ALA A 1110 6.85 -8.45 5.99
CA ALA A 1110 5.50 -8.69 6.47
C ALA A 1110 5.53 -9.00 7.96
N LYS A 1111 4.53 -8.48 8.68
CA LYS A 1111 4.44 -8.78 10.10
C LYS A 1111 3.96 -10.21 10.33
N ASN A 1112 3.21 -10.76 9.38
CA ASN A 1112 2.87 -12.17 9.37
C ASN A 1112 3.12 -12.74 7.98
N ILE A 1113 3.50 -14.02 7.95
CA ILE A 1113 3.81 -14.70 6.69
C ILE A 1113 2.86 -15.89 6.53
N LYS A 1114 2.86 -16.45 5.32
CA LYS A 1114 1.95 -17.54 5.01
C LYS A 1114 2.22 -18.78 5.85
N THR A 1115 3.49 -19.16 6.01
CA THR A 1115 3.87 -20.37 6.72
C THR A 1115 4.98 -20.08 7.72
N PRO A 1116 4.63 -19.60 8.91
CA PRO A 1116 5.61 -19.48 9.99
C PRO A 1116 6.08 -20.84 10.49
N ALA A 1117 7.35 -20.90 10.92
CA ALA A 1117 7.94 -22.16 11.34
C ALA A 1117 9.21 -21.89 12.13
N LEU A 1118 9.41 -22.67 13.19
CA LEU A 1118 10.67 -22.71 13.93
C LEU A 1118 11.44 -23.98 13.58
N THR A 1119 12.76 -23.93 13.74
CA THR A 1119 13.61 -25.13 13.72
C THR A 1119 14.32 -25.27 15.06
N VAL A 1120 13.79 -26.17 15.90
CA VAL A 1120 14.22 -26.33 17.28
C VAL A 1120 15.26 -27.44 17.35
N TYR A 1121 16.55 -27.08 17.43
CA TYR A 1121 17.58 -28.07 17.65
C TYR A 1121 17.56 -28.55 19.09
N LEU A 1122 17.60 -29.86 19.28
CA LEU A 1122 17.53 -30.47 20.60
C LEU A 1122 18.91 -30.63 21.23
N ASP A 1123 18.92 -30.74 22.55
CA ASP A 1123 20.13 -31.10 23.27
C ASP A 1123 20.58 -32.49 22.87
N ARG A 1124 21.89 -32.72 22.92
CA ARG A 1124 22.46 -33.91 22.30
C ARG A 1124 21.94 -35.19 22.93
N GLU A 1125 21.84 -35.21 24.26
CA GLU A 1125 21.28 -36.39 24.94
C GLU A 1125 19.87 -36.69 24.43
N ILE A 1126 19.05 -35.65 24.28
CA ILE A 1126 17.74 -35.81 23.65
C ILE A 1126 17.90 -36.06 22.15
N ALA A 1127 18.89 -35.43 21.52
CA ALA A 1127 18.96 -35.43 20.06
C ALA A 1127 19.19 -36.82 19.47
N LEU A 1128 19.66 -37.78 20.26
CA LEU A 1128 19.86 -39.14 19.77
C LEU A 1128 18.73 -40.09 20.15
N ASP A 1129 18.17 -39.94 21.34
CA ASP A 1129 17.07 -40.78 21.79
C ASP A 1129 15.76 -40.30 21.17
N ILE A 1130 14.89 -41.25 20.83
CA ILE A 1130 13.62 -40.89 20.20
C ILE A 1130 12.51 -40.70 21.24
N GLU A 1131 12.53 -41.48 22.33
CA GLU A 1131 11.52 -41.29 23.37
C GLU A 1131 11.66 -39.93 24.03
N LYS A 1132 12.90 -39.53 24.31
CA LYS A 1132 13.16 -38.23 24.91
C LYS A 1132 12.73 -37.11 23.96
N ALA A 1133 13.02 -37.28 22.66
CA ALA A 1133 12.57 -36.30 21.68
C ALA A 1133 11.05 -36.20 21.65
N LYS A 1134 10.35 -37.32 21.80
CA LYS A 1134 8.88 -37.25 21.82
C LYS A 1134 8.38 -36.59 23.10
N VAL A 1135 9.09 -36.77 24.21
CA VAL A 1135 8.71 -36.08 25.44
C VAL A 1135 8.90 -34.57 25.29
N ILE A 1136 10.00 -34.16 24.65
CA ILE A 1136 10.21 -32.74 24.39
C ILE A 1136 9.14 -32.21 23.45
N GLN A 1137 8.78 -32.99 22.43
CA GLN A 1137 7.66 -32.63 21.55
C GLN A 1137 6.40 -32.38 22.35
N SER A 1138 6.08 -33.30 23.27
CA SER A 1138 4.88 -33.13 24.10
C SER A 1138 4.99 -31.86 24.95
N SER A 1139 6.20 -31.56 25.43
CA SER A 1139 6.38 -30.35 26.23
C SER A 1139 6.21 -29.07 25.41
N ILE A 1140 6.59 -29.11 24.13
CA ILE A 1140 6.59 -27.90 23.30
C ILE A 1140 5.24 -27.63 22.64
N GLU A 1141 4.41 -28.66 22.45
CA GLU A 1141 3.18 -28.49 21.71
C GLU A 1141 2.09 -27.88 22.59
N TYR A 1142 1.20 -27.12 21.96
CA TYR A 1142 0.17 -26.37 22.65
C TYR A 1142 -1.15 -27.13 22.55
N THR A 1143 -1.75 -27.46 23.69
CA THR A 1143 -3.08 -28.03 23.72
C THR A 1143 -4.01 -27.20 24.58
N THR A 1144 -5.21 -26.97 24.08
CA THR A 1144 -6.30 -26.30 24.78
C THR A 1144 -7.43 -27.29 25.07
N LEU A 1145 -8.36 -26.88 25.93
CA LEU A 1145 -9.50 -27.74 26.23
C LEU A 1145 -10.27 -28.10 24.97
N LYS A 1146 -10.23 -27.24 23.95
CA LYS A 1146 -10.81 -27.61 22.67
C LYS A 1146 -10.18 -28.89 22.13
N ASN A 1147 -8.87 -29.05 22.30
CA ASN A 1147 -8.19 -30.17 21.67
C ASN A 1147 -8.56 -31.51 22.27
N VAL A 1148 -9.21 -31.52 23.43
CA VAL A 1148 -9.49 -32.77 24.13
C VAL A 1148 -10.95 -32.83 24.55
N THR A 1149 -11.80 -31.95 23.99
CA THR A 1149 -13.20 -31.88 24.39
C THR A 1149 -14.07 -32.38 23.24
N SER A 1150 -15.04 -33.24 23.57
CA SER A 1150 -15.93 -33.82 22.59
C SER A 1150 -17.21 -33.01 22.46
N ALA A 1151 -17.93 -32.85 23.58
CA ALA A 1151 -19.24 -32.23 23.58
C ALA A 1151 -19.55 -31.82 25.02
N THR A 1152 -19.97 -30.58 25.20
CA THR A 1152 -20.26 -30.06 26.53
C THR A 1152 -21.76 -29.97 26.67
N GLU A 1153 -22.26 -30.38 27.84
CA GLU A 1153 -23.67 -30.27 28.14
C GLU A 1153 -23.93 -29.24 29.24
N ILE A 1154 -25.21 -29.02 29.53
CA ILE A 1154 -25.66 -28.26 30.69
C ILE A 1154 -26.86 -28.95 31.33
N TYR A 1155 -26.72 -29.37 32.59
CA TYR A 1155 -27.79 -30.01 33.35
C TYR A 1155 -28.24 -29.10 34.49
N TYR A 1156 -29.56 -29.02 34.68
CA TYR A 1156 -30.14 -28.40 35.88
C TYR A 1156 -30.12 -29.43 37.00
N ASP A 1157 -29.32 -29.17 38.04
CA ASP A 1157 -29.18 -30.08 39.19
C ASP A 1157 -29.56 -29.29 40.43
N PRO A 1158 -30.83 -29.28 40.83
CA PRO A 1158 -31.28 -28.40 41.91
C PRO A 1158 -30.60 -28.64 43.25
N ASP A 1159 -30.19 -29.88 43.55
CA ASP A 1159 -29.60 -30.18 44.85
C ASP A 1159 -28.16 -30.61 44.66
N PRO A 1160 -27.20 -29.88 45.24
CA PRO A 1160 -25.78 -30.23 45.04
C PRO A 1160 -25.40 -31.61 45.55
N THR A 1161 -26.00 -32.08 46.64
CA THR A 1161 -25.62 -33.36 47.21
C THR A 1161 -26.26 -34.55 46.50
N SER A 1162 -27.27 -34.33 45.69
CA SER A 1162 -27.91 -35.38 44.92
C SER A 1162 -27.76 -35.09 43.43
N THR A 1163 -28.42 -35.90 42.61
CA THR A 1163 -28.41 -35.70 41.17
C THR A 1163 -29.66 -36.32 40.56
N VAL A 1164 -30.07 -35.75 39.42
CA VAL A 1164 -31.17 -36.30 38.63
C VAL A 1164 -30.64 -37.29 37.59
N ILE A 1165 -29.33 -37.44 37.49
CA ILE A 1165 -28.70 -38.31 36.50
C ILE A 1165 -28.43 -39.65 37.15
N GLU A 1166 -28.18 -40.66 36.32
CA GLU A 1166 -28.12 -42.04 36.76
C GLU A 1166 -26.76 -42.69 36.65
N GLU A 1167 -25.79 -42.05 36.00
CA GLU A 1167 -24.45 -42.63 35.90
C GLU A 1167 -23.56 -42.19 37.06
N ASP A 1168 -23.53 -40.90 37.37
CA ASP A 1168 -22.55 -40.34 38.28
C ASP A 1168 -23.06 -40.25 39.72
N PHE A 1169 -24.24 -40.80 40.01
CA PHE A 1169 -24.75 -40.77 41.36
C PHE A 1169 -23.84 -41.50 42.32
N ASP A 1170 -23.36 -42.69 41.92
CA ASP A 1170 -22.44 -43.44 42.77
C ASP A 1170 -21.14 -42.68 42.98
N THR A 1171 -20.66 -42.03 41.92
CA THR A 1171 -19.41 -41.26 42.02
C THR A 1171 -19.54 -40.14 43.04
N VAL A 1172 -20.64 -39.40 43.01
CA VAL A 1172 -20.78 -38.29 43.95
C VAL A 1172 -21.18 -38.76 45.34
N GLU A 1173 -21.75 -39.97 45.47
CA GLU A 1173 -21.90 -40.55 46.79
C GLU A 1173 -20.57 -41.04 47.36
N ALA A 1174 -19.61 -41.36 46.49
CA ALA A 1174 -18.25 -41.65 46.91
C ALA A 1174 -17.38 -40.40 47.03
N TYR A 1175 -17.86 -39.24 46.60
CA TYR A 1175 -17.06 -38.02 46.70
C TYR A 1175 -17.47 -37.12 47.85
N PHE A 1176 -18.48 -37.49 48.62
CA PHE A 1176 -18.94 -36.64 49.71
C PHE A 1176 -18.78 -37.28 51.08
N SER A 1177 -19.02 -38.59 51.19
CA SER A 1177 -18.84 -39.30 52.45
C SER A 1177 -17.54 -40.08 52.45
N GLN A 1190 -24.95 -23.34 46.65
CA GLN A 1190 -24.48 -22.81 45.37
C GLN A 1190 -25.50 -23.02 44.27
N SER A 1191 -25.20 -22.51 43.09
CA SER A 1191 -26.17 -22.48 42.01
C SER A 1191 -26.50 -23.89 41.53
N PRO A 1192 -27.74 -24.13 41.12
CA PRO A 1192 -28.14 -25.46 40.64
C PRO A 1192 -27.77 -25.70 39.18
N TRP A 1193 -26.87 -24.88 38.65
CA TRP A 1193 -26.49 -24.97 37.25
C TRP A 1193 -25.17 -25.74 37.10
N LEU A 1194 -25.22 -26.77 36.25
CA LEU A 1194 -24.15 -27.75 36.10
C LEU A 1194 -23.65 -27.75 34.67
N LEU A 1195 -22.36 -27.97 34.49
CA LEU A 1195 -21.75 -28.10 33.17
C LEU A 1195 -21.15 -29.49 33.05
N ARG A 1196 -21.60 -30.25 32.05
CA ARG A 1196 -21.20 -31.64 31.87
C ARG A 1196 -20.50 -31.83 30.52
N LEU A 1197 -19.17 -31.71 30.53
CA LEU A 1197 -18.36 -31.82 29.33
C LEU A 1197 -17.73 -33.21 29.27
N GLU A 1198 -17.67 -33.79 28.07
CA GLU A 1198 -17.23 -35.16 27.88
C GLU A 1198 -15.89 -35.20 27.16
N LEU A 1199 -15.05 -36.16 27.55
CA LEU A 1199 -13.67 -36.26 27.09
C LEU A 1199 -13.43 -37.60 26.40
N ASP A 1200 -13.17 -37.57 25.10
CA ASP A 1200 -12.97 -38.81 24.35
C ASP A 1200 -11.68 -39.51 24.83
N ARG A 1201 -11.64 -40.83 24.63
CA ARG A 1201 -10.55 -41.61 25.20
C ARG A 1201 -9.23 -41.44 24.44
N ALA A 1202 -9.23 -41.74 23.13
CA ALA A 1202 -7.96 -41.72 22.39
C ALA A 1202 -7.34 -40.34 22.33
N ARG A 1203 -8.17 -39.30 22.27
CA ARG A 1203 -7.69 -37.92 22.23
C ARG A 1203 -6.96 -37.56 23.51
N MET A 1204 -7.53 -37.96 24.65
CA MET A 1204 -6.90 -37.80 25.94
C MET A 1204 -5.60 -38.61 25.98
N LEU A 1205 -5.66 -39.82 25.43
CA LEU A 1205 -4.56 -40.78 25.44
C LEU A 1205 -3.32 -40.28 24.69
N ASP A 1206 -3.53 -39.61 23.56
CA ASP A 1206 -2.44 -39.22 22.66
C ASP A 1206 -1.58 -38.08 23.18
N LYS A 1207 -2.07 -37.27 24.12
CA LYS A 1207 -1.32 -36.12 24.61
C LYS A 1207 -0.75 -36.38 26.00
N GLN A 1208 -0.78 -37.63 26.46
CA GLN A 1208 -0.19 -38.04 27.74
C GLN A 1208 -0.85 -37.33 28.91
N LEU A 1209 -2.10 -36.96 28.70
CA LEU A 1209 -2.90 -36.19 29.64
C LEU A 1209 -3.92 -37.08 30.34
N THR A 1210 -4.06 -36.88 31.64
CA THR A 1210 -5.01 -37.59 32.47
C THR A 1210 -5.96 -36.55 33.07
N MET A 1211 -6.87 -37.00 33.93
CA MET A 1211 -7.89 -36.12 34.50
C MET A 1211 -7.30 -35.14 35.51
N ASN A 1212 -6.28 -35.55 36.28
CA ASN A 1212 -5.77 -34.71 37.35
C ASN A 1212 -5.27 -33.36 36.84
N GLN A 1213 -4.39 -33.35 35.82
CA GLN A 1213 -3.86 -32.08 35.36
C GLN A 1213 -4.96 -31.20 34.79
N VAL A 1214 -5.91 -31.78 34.07
CA VAL A 1214 -6.98 -30.97 33.48
C VAL A 1214 -7.81 -30.31 34.57
N ALA A 1215 -8.20 -31.08 35.60
CA ALA A 1215 -8.98 -30.50 36.68
C ALA A 1215 -8.20 -29.45 37.45
N ASP A 1216 -6.91 -29.71 37.69
CA ASP A 1216 -6.05 -28.71 38.33
C ASP A 1216 -6.00 -27.44 37.50
N LYS A 1217 -5.84 -27.57 36.18
CA LYS A 1217 -5.74 -26.39 35.31
C LYS A 1217 -7.03 -25.59 35.32
N ILE A 1218 -8.17 -26.28 35.36
CA ILE A 1218 -9.44 -25.57 35.46
C ILE A 1218 -9.50 -24.79 36.77
N SER A 1219 -9.11 -25.43 37.87
CA SER A 1219 -9.11 -24.72 39.14
C SER A 1219 -8.06 -23.61 39.19
N GLU A 1220 -7.05 -23.66 38.31
CA GLU A 1220 -6.01 -22.64 38.34
C GLU A 1220 -6.55 -21.25 38.03
N VAL A 1221 -7.45 -21.16 37.05
CA VAL A 1221 -8.06 -19.88 36.70
C VAL A 1221 -9.49 -19.75 37.22
N PHE A 1222 -10.06 -20.81 37.79
CA PHE A 1222 -11.34 -20.70 38.44
C PHE A 1222 -11.25 -21.07 39.92
N SER A 1223 -10.26 -20.48 40.60
CA SER A 1223 -9.88 -20.84 41.95
C SER A 1223 -11.09 -21.02 42.86
N ASP A 1224 -11.87 -19.97 43.05
CA ASP A 1224 -13.00 -20.01 43.97
C ASP A 1224 -14.32 -19.53 43.39
N ASP A 1225 -14.34 -19.00 42.16
CA ASP A 1225 -15.61 -18.70 41.49
C ASP A 1225 -16.14 -19.88 40.70
N LEU A 1226 -15.70 -21.10 41.03
CA LEU A 1226 -16.16 -22.30 40.35
C LEU A 1226 -15.75 -23.52 41.17
N PHE A 1227 -16.59 -24.54 41.17
CA PHE A 1227 -16.32 -25.76 41.93
C PHE A 1227 -16.43 -26.94 40.98
N VAL A 1228 -15.33 -27.67 40.83
CA VAL A 1228 -15.16 -28.64 39.75
C VAL A 1228 -15.28 -30.05 40.30
N MET A 1229 -16.12 -30.85 39.66
CA MET A 1229 -16.18 -32.29 39.86
C MET A 1229 -15.65 -32.97 38.59
N TRP A 1230 -14.96 -34.10 38.77
CA TRP A 1230 -14.42 -34.80 37.60
C TRP A 1230 -14.54 -36.29 37.84
N SER A 1231 -15.07 -37.01 36.86
CA SER A 1231 -15.12 -38.46 36.96
C SER A 1231 -13.70 -39.02 36.85
N GLU A 1232 -13.56 -40.27 37.30
CA GLU A 1232 -12.25 -40.90 37.28
C GLU A 1232 -11.88 -41.34 35.85
N ASP A 1233 -10.59 -41.66 35.68
CA ASP A 1233 -10.08 -41.92 34.35
C ASP A 1233 -10.52 -43.30 33.86
N ASN A 1234 -10.59 -44.28 34.76
CA ASN A 1234 -11.06 -45.61 34.40
C ASN A 1234 -12.57 -45.68 34.22
N ALA A 1235 -13.30 -44.60 34.52
CA ALA A 1235 -14.75 -44.63 34.44
C ALA A 1235 -15.21 -44.91 33.02
N ASP A 1236 -16.29 -45.68 32.89
CA ASP A 1236 -16.81 -46.01 31.56
C ASP A 1236 -17.26 -44.77 30.80
N LYS A 1237 -17.48 -43.66 31.50
CA LYS A 1237 -17.74 -42.36 30.89
C LYS A 1237 -16.85 -41.31 31.52
N LEU A 1238 -16.09 -40.60 30.70
CA LEU A 1238 -15.18 -39.57 31.18
C LEU A 1238 -15.96 -38.26 31.22
N ILE A 1239 -16.17 -37.74 32.44
CA ILE A 1239 -17.12 -36.67 32.65
C ILE A 1239 -16.46 -35.62 33.53
N ILE A 1240 -16.97 -34.39 33.45
CA ILE A 1240 -16.60 -33.30 34.34
C ILE A 1240 -17.88 -32.57 34.73
N ARG A 1241 -17.95 -32.17 36.00
CA ARG A 1241 -19.11 -31.48 36.54
C ARG A 1241 -18.69 -30.21 37.26
N CYS A 1242 -19.42 -29.13 37.03
CA CYS A 1242 -19.07 -27.83 37.61
C CYS A 1242 -20.33 -27.17 38.15
N ARG A 1243 -20.13 -26.30 39.13
CA ARG A 1243 -21.21 -25.61 39.81
C ARG A 1243 -20.87 -24.13 39.93
N VAL A 1244 -21.88 -23.28 39.80
CA VAL A 1244 -21.70 -21.85 39.88
C VAL A 1244 -21.91 -21.42 41.33
N ILE A 1245 -21.12 -20.46 41.78
CA ILE A 1245 -21.15 -20.01 43.17
C ILE A 1245 -21.50 -18.53 43.25
N GLU A 1258 -31.31 -16.21 37.60
CA GLU A 1258 -31.15 -16.75 36.25
C GLU A 1258 -29.68 -16.76 35.86
N GLU A 1259 -29.12 -17.96 35.71
CA GLU A 1259 -27.73 -18.13 35.31
C GLU A 1259 -27.60 -19.20 34.23
N ASP A 1260 -28.50 -19.19 33.25
CA ASP A 1260 -28.38 -20.10 32.13
C ASP A 1260 -27.56 -19.51 30.97
N GLN A 1261 -27.06 -18.29 31.11
CA GLN A 1261 -26.26 -17.67 30.07
C GLN A 1261 -24.85 -17.31 30.50
N MET A 1262 -24.65 -16.98 31.77
CA MET A 1262 -23.29 -16.87 32.28
C MET A 1262 -22.57 -18.22 32.19
N LEU A 1263 -23.30 -19.31 32.37
CA LEU A 1263 -22.72 -20.63 32.16
C LEU A 1263 -22.27 -20.81 30.71
N LYS A 1264 -23.08 -20.34 29.75
CA LYS A 1264 -22.68 -20.46 28.34
C LYS A 1264 -21.45 -19.61 28.06
N ARG A 1265 -21.40 -18.38 28.58
CA ARG A 1265 -20.23 -17.53 28.38
C ARG A 1265 -18.98 -18.16 29.00
N ILE A 1266 -19.11 -18.70 30.20
CA ILE A 1266 -17.97 -19.35 30.86
C ILE A 1266 -17.53 -20.57 30.08
N GLU A 1267 -18.48 -21.35 29.56
CA GLU A 1267 -18.13 -22.52 28.76
C GLU A 1267 -17.35 -22.11 27.52
N ALA A 1268 -17.82 -21.06 26.83
CA ALA A 1268 -17.11 -20.58 25.65
C ALA A 1268 -15.71 -20.10 26.01
N HIS A 1269 -15.59 -19.35 27.11
CA HIS A 1269 -14.29 -18.81 27.51
C HIS A 1269 -13.33 -19.92 27.92
N MET A 1270 -13.85 -20.99 28.52
CA MET A 1270 -13.03 -22.15 28.86
C MET A 1270 -12.57 -22.88 27.61
N LEU A 1271 -13.53 -23.22 26.73
CA LEU A 1271 -13.21 -23.95 25.52
C LEU A 1271 -12.28 -23.19 24.61
N ASP A 1272 -12.24 -21.86 24.71
CA ASP A 1272 -11.46 -21.05 23.79
C ASP A 1272 -10.25 -20.36 24.42
N LEU A 1273 -10.03 -20.49 25.73
CA LEU A 1273 -8.87 -19.84 26.34
C LEU A 1273 -8.12 -20.64 27.40
N ILE A 1274 -8.55 -21.84 27.75
CA ILE A 1274 -7.82 -22.62 28.74
C ILE A 1274 -6.68 -23.39 28.07
N ALA A 1275 -5.45 -23.15 28.53
CA ALA A 1275 -4.29 -23.87 28.05
C ALA A 1275 -3.98 -25.03 28.99
N LEU A 1276 -3.36 -26.07 28.46
CA LEU A 1276 -2.98 -27.23 29.25
C LEU A 1276 -1.47 -27.41 29.39
N ARG A 1277 -0.75 -27.43 28.28
CA ARG A 1277 0.71 -27.47 28.31
C ARG A 1277 1.25 -26.96 26.99
N GLY A 1278 2.47 -26.44 27.05
CA GLY A 1278 3.20 -26.04 25.86
C GLY A 1278 3.28 -24.54 25.72
N ILE A 1279 3.93 -24.13 24.63
CA ILE A 1279 4.20 -22.72 24.36
C ILE A 1279 3.08 -22.19 23.48
N PRO A 1280 2.37 -21.15 23.90
CA PRO A 1280 1.36 -20.53 23.03
C PRO A 1280 2.00 -20.01 21.75
N GLY A 1281 1.33 -20.25 20.63
CA GLY A 1281 1.86 -19.89 19.33
C GLY A 1281 2.43 -21.03 18.53
N ILE A 1282 2.55 -22.21 19.12
CA ILE A 1282 3.05 -23.40 18.44
C ILE A 1282 1.88 -24.35 18.26
N SER A 1283 1.30 -24.36 17.07
CA SER A 1283 0.08 -25.12 16.85
C SER A 1283 0.33 -26.56 16.41
N LYS A 1284 1.49 -26.85 15.83
CA LYS A 1284 1.83 -28.22 15.46
C LYS A 1284 3.33 -28.40 15.62
N VAL A 1285 3.74 -29.63 15.91
CA VAL A 1285 5.15 -29.97 16.02
C VAL A 1285 5.41 -31.28 15.28
N TYR A 1286 6.54 -31.34 14.58
CA TYR A 1286 6.93 -32.50 13.81
C TYR A 1286 8.28 -33.01 14.29
N MET A 1287 8.48 -34.33 14.17
CA MET A 1287 9.71 -34.99 14.58
C MET A 1287 10.55 -35.22 13.32
N VAL A 1288 11.48 -34.32 13.08
CA VAL A 1288 12.23 -34.27 11.83
C VAL A 1288 13.63 -34.81 12.06
N LYS A 1289 14.27 -35.23 10.96
CA LYS A 1289 15.60 -35.82 10.98
C LYS A 1289 16.55 -34.94 10.18
N HIS A 1290 17.71 -34.65 10.77
CA HIS A 1290 18.69 -33.77 10.15
C HIS A 1290 19.99 -34.53 9.97
N LYS A 1291 20.51 -34.53 8.74
CA LYS A 1291 21.75 -35.22 8.40
C LYS A 1291 22.94 -34.27 8.56
N VAL A 1292 23.24 -33.98 9.82
CA VAL A 1292 24.38 -33.11 10.14
C VAL A 1292 25.68 -33.86 9.89
N SER A 1293 26.69 -33.13 9.41
CA SER A 1293 28.03 -33.64 9.17
C SER A 1293 28.94 -33.12 10.28
N VAL A 1294 29.47 -34.02 11.09
CA VAL A 1294 30.35 -33.64 12.20
C VAL A 1294 31.64 -34.43 12.10
N PRO A 1295 32.76 -33.90 12.61
CA PRO A 1295 34.02 -34.65 12.58
C PRO A 1295 33.94 -35.90 13.44
N ASP A 1296 34.70 -36.91 13.03
CA ASP A 1296 34.83 -38.13 13.82
C ASP A 1296 35.91 -37.94 14.88
N GLU A 1297 36.17 -39.00 15.64
CA GLU A 1297 37.26 -38.96 16.62
C GLU A 1297 38.63 -39.00 15.96
N SER A 1298 38.70 -39.29 14.67
CA SER A 1298 39.92 -39.17 13.89
C SER A 1298 40.05 -37.83 13.18
N GLY A 1299 39.09 -36.94 13.37
CA GLY A 1299 39.11 -35.65 12.71
C GLY A 1299 38.47 -35.63 11.34
N GLU A 1300 37.99 -36.76 10.85
CA GLU A 1300 37.43 -36.85 9.51
C GLU A 1300 35.91 -36.71 9.57
N TYR A 1301 35.36 -35.99 8.59
CA TYR A 1301 33.94 -35.64 8.65
C TYR A 1301 33.09 -36.85 8.30
N LYS A 1302 32.11 -37.12 9.15
CA LYS A 1302 31.22 -38.27 9.00
C LYS A 1302 29.80 -37.82 9.33
N ASN A 1303 28.83 -38.32 8.57
CA ASN A 1303 27.46 -37.97 8.82
C ASN A 1303 26.98 -38.54 10.16
N GLU A 1304 25.92 -37.94 10.69
CA GLU A 1304 25.45 -38.30 12.02
C GLU A 1304 23.96 -37.97 12.11
N GLU A 1305 23.17 -38.95 12.53
CA GLU A 1305 21.72 -38.94 12.35
C GLU A 1305 21.05 -38.51 13.66
N LEU A 1306 20.51 -37.29 13.70
CA LEU A 1306 19.98 -36.70 14.92
C LEU A 1306 18.54 -36.24 14.73
N TRP A 1307 17.77 -36.32 15.82
CA TRP A 1307 16.40 -35.86 15.87
C TRP A 1307 16.35 -34.38 16.20
N ALA A 1308 15.70 -33.59 15.35
CA ALA A 1308 15.46 -32.18 15.60
C ALA A 1308 13.97 -31.90 15.50
N LEU A 1309 13.59 -30.63 15.65
CA LEU A 1309 12.19 -30.22 15.67
C LEU A 1309 11.90 -29.14 14.65
N GLU A 1310 10.74 -29.28 13.99
CA GLU A 1310 10.13 -28.22 13.21
C GLU A 1310 8.75 -27.94 13.81
N THR A 1311 8.28 -26.71 13.67
CA THR A 1311 6.99 -26.34 14.25
C THR A 1311 6.18 -25.54 13.24
N ASP A 1312 4.89 -25.44 13.50
CA ASP A 1312 4.04 -24.40 12.95
C ASP A 1312 3.87 -23.29 13.97
N GLY A 1313 3.64 -22.07 13.49
CA GLY A 1313 3.55 -20.93 14.38
C GLY A 1313 4.90 -20.51 14.94
N ILE A 1314 4.94 -19.39 15.66
CA ILE A 1314 6.21 -18.82 16.11
C ILE A 1314 6.05 -18.27 17.52
N ASN A 1315 6.89 -18.74 18.42
CA ASN A 1315 7.14 -18.09 19.72
C ASN A 1315 8.59 -18.44 20.04
N LEU A 1316 9.51 -17.55 19.65
CA LEU A 1316 10.92 -17.85 19.74
C LEU A 1316 11.43 -17.76 21.17
N ALA A 1317 11.00 -16.74 21.92
CA ALA A 1317 11.57 -16.48 23.23
C ALA A 1317 11.25 -17.61 24.21
N GLU A 1318 10.02 -18.09 24.19
CA GLU A 1318 9.62 -19.11 25.17
C GLU A 1318 10.17 -20.48 24.81
N VAL A 1319 10.23 -20.81 23.52
CA VAL A 1319 10.81 -22.09 23.14
C VAL A 1319 12.32 -22.14 23.40
N MET A 1320 13.02 -21.01 23.19
CA MET A 1320 14.45 -20.99 23.50
C MET A 1320 14.74 -21.32 24.95
N ALA A 1321 13.80 -21.03 25.86
CA ALA A 1321 14.03 -21.23 27.29
C ALA A 1321 13.76 -22.64 27.75
N VAL A 1322 12.85 -23.36 27.08
CA VAL A 1322 12.42 -24.69 27.49
C VAL A 1322 13.62 -25.60 27.66
N PRO A 1323 13.76 -26.28 28.80
CA PRO A 1323 14.90 -27.18 28.99
C PRO A 1323 14.85 -28.36 28.04
N GLY A 1324 16.05 -28.79 27.61
CA GLY A 1324 16.20 -29.80 26.60
C GLY A 1324 16.40 -29.26 25.20
N VAL A 1325 16.21 -27.96 25.00
CA VAL A 1325 16.39 -27.33 23.70
C VAL A 1325 17.78 -26.70 23.66
N ASP A 1326 18.44 -26.81 22.52
CA ASP A 1326 19.70 -26.10 22.34
C ASP A 1326 19.44 -24.61 22.19
N SER A 1327 19.52 -23.89 23.30
CA SER A 1327 19.15 -22.48 23.33
C SER A 1327 20.02 -21.63 22.43
N SER A 1328 21.21 -22.11 22.06
CA SER A 1328 22.13 -21.33 21.26
C SER A 1328 21.97 -21.58 19.77
N ARG A 1329 20.96 -22.36 19.37
CA ARG A 1329 20.80 -22.71 17.97
C ARG A 1329 19.36 -22.66 17.46
N THR A 1330 18.40 -22.26 18.28
CA THR A 1330 17.03 -22.15 17.79
C THR A 1330 16.90 -21.05 16.76
N TYR A 1331 16.21 -21.34 15.67
CA TYR A 1331 16.11 -20.45 14.52
C TYR A 1331 14.66 -20.34 14.07
N SER A 1332 14.31 -19.17 13.55
CA SER A 1332 12.97 -18.90 13.07
C SER A 1332 13.05 -18.43 11.62
N ASN A 1333 12.04 -18.77 10.83
CA ASN A 1333 11.99 -18.29 9.45
C ASN A 1333 11.33 -16.93 9.33
N SER A 1334 10.92 -16.31 10.43
CA SER A 1334 10.41 -14.95 10.45
C SER A 1334 11.49 -14.06 11.07
N PHE A 1335 12.18 -13.30 10.24
CA PHE A 1335 13.27 -12.46 10.71
C PHE A 1335 12.82 -11.21 11.45
N VAL A 1336 11.56 -10.81 11.37
CA VAL A 1336 11.06 -9.79 12.29
C VAL A 1336 11.12 -10.30 13.73
N GLU A 1337 10.74 -11.55 13.96
CA GLU A 1337 10.88 -12.16 15.26
C GLU A 1337 12.35 -12.20 15.69
N ILE A 1338 13.24 -12.55 14.77
CA ILE A 1338 14.67 -12.56 15.06
C ILE A 1338 15.12 -11.18 15.54
N LEU A 1339 14.68 -10.13 14.84
CA LEU A 1339 15.06 -8.78 15.23
C LEU A 1339 14.54 -8.45 16.62
N SER A 1340 13.30 -8.83 16.91
CA SER A 1340 12.75 -8.50 18.22
C SER A 1340 13.45 -9.29 19.33
N VAL A 1341 13.97 -10.47 19.03
CA VAL A 1341 14.55 -11.35 20.04
C VAL A 1341 16.08 -11.29 20.03
N LEU A 1342 16.72 -11.41 18.86
CA LEU A 1342 18.15 -11.64 18.81
C LEU A 1342 18.98 -10.44 18.36
N GLY A 1343 18.38 -9.41 17.80
CA GLY A 1343 19.15 -8.25 17.38
C GLY A 1343 19.20 -8.13 15.86
N ILE A 1344 19.98 -7.16 15.41
CA ILE A 1344 19.99 -6.82 14.00
C ILE A 1344 20.99 -7.66 13.19
N GLU A 1345 22.13 -8.02 13.77
CA GLU A 1345 23.06 -8.88 13.03
C GLU A 1345 22.49 -10.29 12.81
N ALA A 1346 21.85 -10.84 13.84
CA ALA A 1346 21.17 -12.12 13.65
C ALA A 1346 20.05 -11.99 12.64
N THR A 1347 19.39 -10.82 12.59
CA THR A 1347 18.39 -10.58 11.57
C THR A 1347 18.99 -10.61 10.19
N ARG A 1348 20.17 -10.01 10.02
CA ARG A 1348 20.84 -10.06 8.73
C ARG A 1348 21.17 -11.49 8.33
N SER A 1349 21.67 -12.28 9.28
CA SER A 1349 21.99 -13.67 8.98
C SER A 1349 20.73 -14.43 8.55
N SER A 1350 19.64 -14.27 9.30
CA SER A 1350 18.39 -14.94 8.95
C SER A 1350 17.88 -14.48 7.59
N LEU A 1351 18.00 -13.19 7.30
CA LEU A 1351 17.54 -12.65 6.01
C LEU A 1351 18.33 -13.28 4.87
N TYR A 1352 19.65 -13.38 5.03
CA TYR A 1352 20.44 -14.03 3.98
C TYR A 1352 20.04 -15.48 3.84
N LYS A 1353 19.78 -16.17 4.95
CA LYS A 1353 19.39 -17.58 4.86
C LYS A 1353 18.09 -17.73 4.09
N GLU A 1354 17.10 -16.88 4.36
CA GLU A 1354 15.83 -16.96 3.63
C GLU A 1354 16.02 -16.67 2.14
N ILE A 1355 16.76 -15.62 1.81
CA ILE A 1355 16.93 -15.27 0.40
C ILE A 1355 17.68 -16.38 -0.32
N LEU A 1356 18.72 -16.94 0.30
CA LEU A 1356 19.43 -18.06 -0.30
C LEU A 1356 18.50 -19.25 -0.49
N ASN A 1357 17.61 -19.50 0.46
CA ASN A 1357 16.67 -20.60 0.30
C ASN A 1357 15.76 -20.37 -0.90
N VAL A 1358 15.21 -19.16 -1.01
CA VAL A 1358 14.28 -18.86 -2.11
C VAL A 1358 14.97 -19.00 -3.45
N ILE A 1359 16.20 -18.51 -3.56
CA ILE A 1359 16.88 -18.55 -4.86
C ILE A 1359 17.34 -19.97 -5.17
N ALA A 1360 18.08 -20.59 -4.24
CA ALA A 1360 18.65 -21.91 -4.47
C ALA A 1360 17.64 -23.04 -4.39
N PHE A 1361 16.36 -22.75 -4.18
CA PHE A 1361 15.35 -23.82 -4.18
C PHE A 1361 15.46 -24.67 -5.44
N ASP A 1362 15.53 -24.02 -6.61
CA ASP A 1362 15.43 -24.70 -7.89
C ASP A 1362 16.80 -25.04 -8.49
N GLY A 1363 17.87 -24.90 -7.71
CA GLY A 1363 19.21 -25.14 -8.19
C GLY A 1363 19.89 -23.90 -8.77
N SER A 1364 19.22 -22.76 -8.78
CA SER A 1364 19.86 -21.52 -9.15
C SER A 1364 20.91 -21.13 -8.13
N TYR A 1365 21.99 -20.52 -8.60
CA TYR A 1365 23.07 -20.05 -7.73
C TYR A 1365 23.30 -18.57 -8.03
N VAL A 1366 23.03 -17.72 -7.06
CA VAL A 1366 23.41 -16.31 -7.12
C VAL A 1366 24.63 -16.12 -6.24
N ASN A 1367 25.63 -15.41 -6.76
CA ASN A 1367 26.85 -15.13 -5.99
C ASN A 1367 26.49 -14.47 -4.67
N TYR A 1368 27.35 -14.69 -3.67
CA TYR A 1368 27.06 -14.25 -2.31
C TYR A 1368 26.87 -12.74 -2.21
N ARG A 1369 27.74 -11.97 -2.88
CA ARG A 1369 27.80 -10.54 -2.62
C ARG A 1369 26.50 -9.83 -2.94
N HIS A 1370 25.73 -10.31 -3.92
CA HIS A 1370 24.49 -9.64 -4.29
C HIS A 1370 23.44 -9.75 -3.18
N MET A 1371 23.25 -10.97 -2.66
CA MET A 1371 22.29 -11.14 -1.58
C MET A 1371 22.80 -10.52 -0.29
N ALA A 1372 24.12 -10.51 -0.08
CA ALA A 1372 24.69 -9.79 1.06
C ALA A 1372 24.37 -8.31 0.98
N LEU A 1373 24.53 -7.70 -0.21
CA LEU A 1373 24.18 -6.30 -0.38
C LEU A 1373 22.70 -6.06 -0.14
N LEU A 1374 21.85 -6.94 -0.65
CA LEU A 1374 20.42 -6.75 -0.47
C LEU A 1374 20.04 -6.81 1.01
N VAL A 1375 20.62 -7.74 1.75
CA VAL A 1375 20.28 -7.81 3.18
C VAL A 1375 20.95 -6.71 4.00
N ASP A 1376 22.08 -6.18 3.53
CA ASP A 1376 22.71 -5.07 4.24
C ASP A 1376 21.95 -3.78 4.05
N VAL A 1377 21.35 -3.57 2.87
CA VAL A 1377 20.51 -2.39 2.68
C VAL A 1377 19.25 -2.47 3.54
N MET A 1378 18.71 -3.66 3.73
CA MET A 1378 17.45 -3.84 4.46
C MET A 1378 17.64 -3.76 5.97
N THR A 1379 18.88 -3.82 6.47
CA THR A 1379 19.14 -3.81 7.90
C THR A 1379 20.11 -2.71 8.30
N SER A 1380 20.34 -1.73 7.44
CA SER A 1380 21.39 -0.75 7.70
C SER A 1380 20.97 0.28 8.76
N ARG A 1381 19.68 0.56 8.88
CA ARG A 1381 19.22 1.58 9.81
C ARG A 1381 19.03 1.08 11.23
N GLY A 1382 19.22 -0.21 11.46
CA GLY A 1382 18.93 -0.82 12.75
C GLY A 1382 17.60 -1.55 12.79
N TYR A 1383 16.75 -1.35 11.80
CA TYR A 1383 15.46 -2.00 11.71
C TYR A 1383 15.24 -2.40 10.26
N LEU A 1384 14.25 -3.25 10.05
CA LEU A 1384 13.99 -3.82 8.73
C LEU A 1384 13.33 -2.78 7.84
N MET A 1385 14.00 -2.46 6.73
CA MET A 1385 13.48 -1.50 5.77
C MET A 1385 12.95 -2.29 4.59
N ALA A 1386 11.63 -2.26 4.41
CA ALA A 1386 11.01 -3.01 3.33
C ALA A 1386 11.28 -2.37 1.99
N ILE A 1387 11.24 -3.19 0.94
CA ILE A 1387 11.40 -2.70 -0.43
C ILE A 1387 10.00 -2.33 -0.92
N THR A 1388 9.56 -1.15 -0.51
CA THR A 1388 8.26 -0.59 -0.88
C THR A 1388 8.39 0.93 -0.82
N ARG A 1389 7.31 1.61 -1.21
CA ARG A 1389 7.30 3.06 -1.05
C ARG A 1389 7.35 3.46 0.42
N HIS A 1390 6.67 2.71 1.29
CA HIS A 1390 6.70 2.96 2.72
C HIS A 1390 8.08 2.79 3.32
N GLY A 1391 8.97 2.05 2.65
CA GLY A 1391 10.34 1.92 3.11
C GLY A 1391 11.30 2.83 2.38
N ILE A 1392 11.21 2.85 1.05
CA ILE A 1392 12.18 3.59 0.26
C ILE A 1392 11.98 5.09 0.43
N ASN A 1393 10.73 5.55 0.46
CA ASN A 1393 10.43 6.97 0.47
C ASN A 1393 10.42 7.59 1.86
N ARG A 1394 10.74 6.82 2.89
CA ARG A 1394 10.94 7.36 4.23
C ARG A 1394 12.40 7.58 4.57
N ALA A 1395 13.28 7.54 3.58
CA ALA A 1395 14.69 7.87 3.77
C ALA A 1395 14.89 9.38 3.73
N ASP A 1396 16.13 9.81 3.90
CA ASP A 1396 16.47 11.23 3.95
C ASP A 1396 17.07 11.71 2.64
N THR A 1397 17.00 10.90 1.59
CA THR A 1397 17.55 11.26 0.30
C THR A 1397 16.78 12.42 -0.31
N GLY A 1398 17.23 12.86 -1.47
CA GLY A 1398 16.60 14.02 -2.09
C GLY A 1398 15.17 13.76 -2.51
N ALA A 1399 14.44 14.86 -2.68
CA ALA A 1399 13.03 14.75 -3.05
C ALA A 1399 12.84 14.21 -4.47
N LEU A 1400 13.76 14.54 -5.38
CA LEU A 1400 13.58 14.13 -6.77
C LEU A 1400 13.71 12.61 -6.94
N MET A 1401 14.64 11.98 -6.21
CA MET A 1401 14.71 10.53 -6.23
C MET A 1401 13.41 9.91 -5.73
N ARG A 1402 12.92 10.35 -4.58
CA ARG A 1402 11.73 9.74 -4.01
C ARG A 1402 10.52 9.94 -4.92
N CYS A 1403 10.37 11.13 -5.50
CA CYS A 1403 9.26 11.40 -6.41
C CYS A 1403 9.39 10.57 -7.69
N SER A 1404 10.61 10.37 -8.18
CA SER A 1404 10.81 9.59 -9.40
C SER A 1404 10.40 8.13 -9.24
N PHE A 1405 10.32 7.63 -8.01
CA PHE A 1405 9.93 6.25 -7.78
C PHE A 1405 8.42 6.12 -7.65
N GLU A 1406 7.83 6.77 -6.64
CA GLU A 1406 6.42 6.63 -6.35
C GLU A 1406 5.94 7.92 -5.70
N GLU A 1407 4.61 8.08 -5.61
CA GLU A 1407 3.97 9.19 -4.90
C GLU A 1407 4.60 10.53 -5.32
N THR A 1408 4.74 10.72 -6.63
CA THR A 1408 5.51 11.85 -7.13
C THR A 1408 4.94 13.18 -6.65
N VAL A 1409 3.63 13.38 -6.83
CA VAL A 1409 3.05 14.69 -6.54
C VAL A 1409 3.04 14.96 -5.04
N GLU A 1410 2.67 13.95 -4.24
CA GLU A 1410 2.67 14.13 -2.79
C GLU A 1410 4.06 14.42 -2.26
N ILE A 1411 5.07 13.71 -2.76
CA ILE A 1411 6.43 13.95 -2.32
C ILE A 1411 6.90 15.35 -2.72
N LEU A 1412 6.55 15.80 -3.93
CA LEU A 1412 6.95 17.15 -4.33
C LEU A 1412 6.25 18.21 -3.48
N PHE A 1413 4.97 18.00 -3.16
CA PHE A 1413 4.29 18.93 -2.27
C PHE A 1413 4.92 18.97 -0.89
N GLU A 1414 5.28 17.82 -0.33
CA GLU A 1414 5.94 17.81 0.98
C GLU A 1414 7.30 18.48 0.90
N ALA A 1415 8.02 18.30 -0.21
CA ALA A 1415 9.29 18.98 -0.38
C ALA A 1415 9.12 20.48 -0.44
N GLY A 1416 8.07 20.95 -1.12
CA GLY A 1416 7.79 22.37 -1.14
C GLY A 1416 7.43 22.92 0.23
N ALA A 1417 6.55 22.21 0.94
CA ALA A 1417 6.04 22.69 2.21
C ALA A 1417 7.06 22.64 3.34
N ALA A 1418 8.21 22.01 3.13
CA ALA A 1418 9.24 21.93 4.16
C ALA A 1418 10.57 22.50 3.71
N ALA A 1419 10.66 23.05 2.51
CA ALA A 1419 11.89 23.67 2.01
C ALA A 1419 13.05 22.70 2.05
N GLU A 1420 12.80 21.48 1.56
CA GLU A 1420 13.85 20.49 1.44
C GLU A 1420 14.96 20.98 0.52
N LEU A 1421 16.20 20.70 0.89
CA LEU A 1421 17.33 20.96 0.02
C LEU A 1421 17.80 19.63 -0.56
N ASP A 1422 17.78 19.54 -1.89
CA ASP A 1422 18.23 18.36 -2.60
C ASP A 1422 19.69 18.52 -2.98
N ASP A 1423 20.53 17.60 -2.51
CA ASP A 1423 21.97 17.70 -2.70
C ASP A 1423 22.45 17.23 -4.06
N CYS A 1424 21.57 16.63 -4.87
CA CYS A 1424 21.88 16.25 -6.25
C CYS A 1424 23.08 15.30 -6.32
N ARG A 1425 23.20 14.41 -5.35
CA ARG A 1425 24.22 13.38 -5.35
C ARG A 1425 23.73 12.05 -5.90
N GLY A 1426 22.42 11.91 -6.13
CA GLY A 1426 21.89 10.63 -6.58
C GLY A 1426 22.04 10.43 -8.07
N VAL A 1427 21.51 9.30 -8.54
CA VAL A 1427 21.56 8.96 -9.95
C VAL A 1427 20.36 9.56 -10.68
N SER A 1428 19.15 9.25 -10.20
CA SER A 1428 17.94 9.69 -10.89
C SER A 1428 17.86 11.21 -10.96
N GLU A 1429 18.32 11.88 -9.91
CA GLU A 1429 18.27 13.34 -9.87
C GLU A 1429 19.16 13.94 -10.95
N ASN A 1430 20.36 13.38 -11.13
CA ASN A 1430 21.22 13.81 -12.21
C ASN A 1430 20.70 13.40 -13.58
N VAL A 1431 19.89 12.33 -13.63
CA VAL A 1431 19.29 11.88 -14.88
C VAL A 1431 18.25 12.88 -15.38
N MET A 1432 17.34 13.30 -14.51
CA MET A 1432 16.28 14.17 -14.98
C MET A 1432 16.78 15.55 -15.36
N LEU A 1433 17.90 15.99 -14.82
CA LEU A 1433 18.51 17.25 -15.20
C LEU A 1433 19.49 17.12 -16.36
N GLY A 1434 19.66 15.91 -16.90
CA GLY A 1434 20.57 15.75 -18.02
C GLY A 1434 22.01 16.07 -17.68
N GLN A 1435 22.48 15.66 -16.51
CA GLN A 1435 23.84 15.92 -16.11
C GLN A 1435 24.59 14.59 -15.95
N LEU A 1436 25.90 14.69 -15.84
CA LEU A 1436 26.74 13.51 -15.68
C LEU A 1436 26.62 12.98 -14.26
N ALA A 1437 26.15 11.75 -14.13
CA ALA A 1437 25.91 11.19 -12.80
C ALA A 1437 27.23 10.90 -12.12
N PRO A 1438 27.32 11.08 -10.80
CA PRO A 1438 28.55 10.70 -10.09
C PRO A 1438 28.70 9.19 -10.03
N MET A 1439 28.73 8.59 -11.21
CA MET A 1439 28.57 7.16 -11.41
C MET A 1439 29.49 6.67 -12.51
N GLY A 1440 30.05 5.48 -12.32
CA GLY A 1440 30.87 4.84 -13.33
C GLY A 1440 31.92 5.78 -13.90
N THR A 1441 31.77 6.09 -15.19
CA THR A 1441 32.67 7.03 -15.86
C THR A 1441 32.51 8.44 -15.34
N GLY A 1442 31.42 8.76 -14.67
CA GLY A 1442 31.24 10.10 -14.14
C GLY A 1442 31.50 10.24 -12.65
N ALA A 1443 32.26 9.31 -12.08
CA ALA A 1443 32.60 9.35 -10.67
C ALA A 1443 33.91 10.06 -10.40
N PHE A 1444 34.44 10.76 -11.39
CA PHE A 1444 35.71 11.45 -11.27
C PHE A 1444 35.74 12.61 -12.26
N ASP A 1445 36.86 13.32 -12.28
CA ASP A 1445 37.09 14.46 -13.15
C ASP A 1445 38.40 14.23 -13.90
N VAL A 1446 38.55 14.88 -15.04
CA VAL A 1446 39.77 14.74 -15.83
C VAL A 1446 40.41 16.12 -15.97
N MET A 1447 41.51 16.35 -15.24
CA MET A 1447 42.24 17.60 -15.35
C MET A 1447 43.26 17.59 -16.48
N ILE A 1448 43.95 18.72 -16.65
CA ILE A 1448 45.08 18.85 -17.58
C ILE A 1448 46.42 18.96 -16.83
N ASP A 1449 47.30 18.01 -17.11
CA ASP A 1449 48.60 17.89 -16.45
C ASP A 1449 49.55 18.87 -17.11
N GLU A 1450 50.25 19.69 -16.32
CA GLU A 1450 51.22 20.62 -16.87
C GLU A 1450 52.65 20.08 -16.89
N LYS A 1451 53.01 19.28 -15.88
CA LYS A 1451 54.38 18.80 -15.77
C LYS A 1451 54.75 17.94 -16.98
N LEU A 1452 53.85 17.06 -17.40
CA LEU A 1452 54.11 16.29 -18.61
C LEU A 1452 54.01 17.14 -19.88
N LEU A 1453 53.10 18.13 -19.92
CA LEU A 1453 52.93 18.89 -21.15
C LEU A 1453 54.15 19.74 -21.48
N THR A 1454 54.77 20.37 -20.47
CA THR A 1454 55.86 21.29 -20.83
C THR A 1454 57.07 20.60 -21.44
N SER A 1455 57.06 19.28 -21.62
CA SER A 1455 58.15 18.60 -22.28
C SER A 1455 58.06 18.64 -23.80
N LEU A 1456 56.98 19.19 -24.37
CA LEU A 1456 56.77 19.11 -25.80
C LEU A 1456 57.74 20.04 -26.54
N PRO A 1457 57.96 19.79 -27.83
CA PRO A 1457 58.74 20.73 -28.64
C PRO A 1457 58.10 22.10 -28.69
N ALA A 1458 58.94 23.13 -28.68
CA ALA A 1458 58.48 24.51 -28.61
C ALA A 1458 57.76 24.99 -29.88
N ASP A 1459 57.82 24.23 -30.97
CA ASP A 1459 57.12 24.60 -32.20
C ASP A 1459 55.69 24.10 -32.29
N TYR A 1460 55.22 23.32 -31.31
CA TYR A 1460 53.84 22.84 -31.30
C TYR A 1460 52.92 23.77 -30.50
N ALA A 1461 53.31 25.02 -30.34
CA ALA A 1461 52.81 26.03 -29.42
C ALA A 1461 51.69 26.86 -30.01
N PRO A 1462 50.86 27.45 -29.14
CA PRO A 1462 49.92 28.48 -29.57
C PRO A 1462 50.61 29.71 -30.15
N THR A 1463 50.01 30.29 -31.18
CA THR A 1463 50.57 31.47 -31.82
C THR A 1463 49.71 32.71 -31.52
N ASP B 9 -30.58 -53.79 -40.25
CA ASP B 9 -29.90 -52.55 -39.89
C ASP B 9 -28.43 -52.83 -39.55
N ASP B 10 -27.56 -51.86 -39.80
CA ASP B 10 -26.13 -52.07 -39.63
C ASP B 10 -25.55 -51.03 -38.68
N THR B 11 -24.26 -51.18 -38.37
CA THR B 11 -23.58 -50.31 -37.42
C THR B 11 -23.24 -48.95 -38.03
N ILE B 12 -23.59 -47.89 -37.30
CA ILE B 12 -23.28 -46.52 -37.72
C ILE B 12 -21.76 -46.33 -37.69
N THR B 13 -21.20 -45.95 -38.82
CA THR B 13 -19.76 -45.73 -38.95
C THR B 13 -19.43 -44.25 -38.75
N THR B 14 -18.13 -43.93 -38.83
CA THR B 14 -17.70 -42.54 -38.73
C THR B 14 -18.22 -41.70 -39.88
N GLU B 15 -18.23 -42.27 -41.09
CA GLU B 15 -18.73 -41.54 -42.25
C GLU B 15 -20.20 -41.19 -42.10
N ASP B 16 -20.97 -42.06 -41.45
CA ASP B 16 -22.35 -41.72 -41.15
C ASP B 16 -22.42 -40.50 -40.23
N CYS B 17 -21.51 -40.42 -39.27
CA CYS B 17 -21.46 -39.26 -38.39
C CYS B 17 -21.13 -37.99 -39.17
N TRP B 18 -20.19 -38.08 -40.13
CA TRP B 18 -19.87 -36.91 -40.94
C TRP B 18 -21.02 -36.54 -41.88
N THR B 19 -21.83 -37.51 -42.29
CA THR B 19 -23.03 -37.18 -43.05
C THR B 19 -24.02 -36.40 -42.19
N VAL B 20 -24.17 -36.83 -40.93
CA VAL B 20 -25.04 -36.12 -39.99
C VAL B 20 -24.53 -34.70 -39.77
N ILE B 21 -23.22 -34.55 -39.61
CA ILE B 21 -22.62 -33.24 -39.37
C ILE B 21 -22.78 -32.35 -40.61
N SER B 22 -22.68 -32.94 -41.80
CA SER B 22 -22.92 -32.18 -43.01
C SER B 22 -24.36 -31.70 -43.10
N ALA B 23 -25.31 -32.51 -42.63
CA ALA B 23 -26.69 -32.06 -42.54
C ALA B 23 -26.81 -30.87 -41.59
N PHE B 24 -26.16 -30.96 -40.43
CA PHE B 24 -26.17 -29.88 -39.46
C PHE B 24 -25.67 -28.57 -40.07
N PHE B 25 -24.54 -28.63 -40.79
CA PHE B 25 -23.98 -27.41 -41.34
C PHE B 25 -24.76 -26.92 -42.57
N GLU B 26 -25.34 -27.83 -43.35
CA GLU B 26 -26.24 -27.43 -44.43
C GLU B 26 -27.42 -26.65 -43.87
N GLU B 27 -27.88 -27.00 -42.66
CA GLU B 27 -29.00 -26.23 -42.12
C GLU B 27 -28.54 -24.93 -41.50
N LYS B 28 -27.49 -24.96 -40.69
CA LYS B 28 -27.22 -23.81 -39.82
C LYS B 28 -26.06 -22.95 -40.31
N GLY B 29 -25.08 -23.53 -40.99
CA GLY B 29 -23.97 -22.69 -41.37
C GLY B 29 -23.09 -22.41 -40.16
N LEU B 30 -22.38 -21.29 -40.21
CA LEU B 30 -21.42 -20.96 -39.19
C LEU B 30 -21.73 -19.68 -38.42
N VAL B 31 -22.70 -18.89 -38.86
CA VAL B 31 -23.03 -17.65 -38.19
C VAL B 31 -24.51 -17.58 -37.85
N SER B 32 -25.14 -18.75 -37.66
CA SER B 32 -26.58 -18.77 -37.45
C SER B 32 -26.99 -18.11 -36.14
N GLN B 33 -26.11 -18.04 -35.15
CA GLN B 33 -26.47 -17.42 -33.89
C GLN B 33 -26.68 -15.91 -34.05
N GLN B 34 -25.79 -15.24 -34.78
CA GLN B 34 -25.95 -13.82 -35.06
C GLN B 34 -27.26 -13.56 -35.78
N LEU B 35 -27.49 -14.28 -36.86
CA LEU B 35 -28.67 -14.05 -37.69
C LEU B 35 -29.94 -14.31 -36.90
N ASP B 36 -29.98 -15.40 -36.15
CA ASP B 36 -31.20 -15.71 -35.40
C ASP B 36 -31.45 -14.70 -34.28
N SER B 37 -30.39 -14.26 -33.60
CA SER B 37 -30.56 -13.22 -32.59
C SER B 37 -31.15 -11.95 -33.20
N PHE B 38 -30.61 -11.50 -34.33
CA PHE B 38 -31.09 -10.27 -34.92
C PHE B 38 -32.50 -10.42 -35.48
N ASP B 39 -32.82 -11.58 -36.05
CA ASP B 39 -34.19 -11.80 -36.51
C ASP B 39 -35.16 -11.76 -35.36
N GLU B 40 -34.81 -12.38 -34.23
CA GLU B 40 -35.66 -12.29 -33.05
C GLU B 40 -35.81 -10.86 -32.59
N PHE B 41 -34.71 -10.10 -32.61
CA PHE B 41 -34.76 -8.70 -32.20
C PHE B 41 -35.76 -7.93 -33.06
N MET B 42 -35.61 -7.98 -34.38
CA MET B 42 -36.50 -7.20 -35.24
C MET B 42 -37.91 -7.74 -35.29
N GLU B 43 -38.14 -9.00 -34.92
CA GLU B 43 -39.52 -9.47 -34.94
C GLU B 43 -40.24 -9.10 -33.64
N THR B 44 -39.55 -9.16 -32.52
CA THR B 44 -40.32 -9.00 -31.29
C THR B 44 -39.77 -7.93 -30.37
N SER B 45 -38.44 -7.78 -30.29
CA SER B 45 -37.85 -6.98 -29.23
C SER B 45 -38.20 -5.50 -29.38
N ILE B 46 -38.16 -4.98 -30.61
CA ILE B 46 -38.43 -3.57 -30.82
C ILE B 46 -39.85 -3.23 -30.41
N GLN B 47 -40.81 -4.06 -30.85
CA GLN B 47 -42.20 -3.82 -30.47
C GLN B 47 -42.39 -3.94 -28.96
N ASP B 48 -41.70 -4.88 -28.33
CA ASP B 48 -41.83 -5.03 -26.89
C ASP B 48 -41.23 -3.84 -26.15
N LEU B 49 -40.11 -3.30 -26.68
CA LEU B 49 -39.53 -2.10 -26.07
C LEU B 49 -40.45 -0.91 -26.26
N VAL B 50 -41.16 -0.84 -27.37
CA VAL B 50 -42.09 0.27 -27.55
C VAL B 50 -43.27 0.13 -26.60
N TRP B 51 -43.76 -1.10 -26.39
CA TRP B 51 -44.86 -1.34 -25.46
C TRP B 51 -44.46 -1.51 -23.99
N GLU B 52 -43.18 -1.42 -23.64
CA GLU B 52 -42.78 -1.48 -22.23
C GLU B 52 -43.36 -0.32 -21.43
N GLU B 53 -43.21 0.90 -21.94
CA GLU B 53 -43.74 2.13 -21.32
C GLU B 53 -44.66 2.79 -22.33
N PRO B 54 -45.91 2.34 -22.38
CA PRO B 54 -46.80 2.62 -23.51
C PRO B 54 -47.59 3.91 -23.43
N ARG B 55 -47.38 4.78 -22.44
CA ARG B 55 -48.21 5.96 -22.29
C ARG B 55 -47.46 7.11 -21.64
N LEU B 56 -47.71 8.32 -22.15
CA LEU B 56 -47.25 9.55 -21.55
C LEU B 56 -48.49 10.31 -21.09
N ILE B 57 -48.36 11.10 -20.03
CA ILE B 57 -49.54 11.76 -19.46
C ILE B 57 -49.12 13.14 -18.95
N LEU B 58 -49.72 14.18 -19.50
CA LEU B 58 -49.67 15.49 -18.89
C LEU B 58 -50.96 15.75 -18.12
N ASP B 59 -50.89 16.66 -17.16
CA ASP B 59 -52.04 16.93 -16.32
C ASP B 59 -51.99 18.34 -15.75
N GLN B 60 -53.17 18.93 -15.58
CA GLN B 60 -53.34 20.17 -14.83
C GLN B 60 -54.81 20.22 -14.39
N PRO B 61 -55.08 20.26 -13.08
CA PRO B 61 -56.47 20.23 -12.63
C PRO B 61 -57.16 21.58 -12.48
N ALA B 62 -56.42 22.61 -12.08
CA ALA B 62 -57.09 23.82 -11.58
C ALA B 62 -56.11 24.91 -11.16
N GLN B 63 -56.66 26.05 -10.76
CA GLN B 63 -55.91 27.15 -10.12
C GLN B 63 -54.80 27.67 -11.03
N HIS B 64 -55.22 28.24 -12.16
CA HIS B 64 -54.32 28.93 -13.07
C HIS B 64 -54.85 30.33 -13.36
N THR B 65 -55.18 31.05 -12.27
CA THR B 65 -55.69 32.41 -12.34
C THR B 65 -56.97 32.49 -13.17
N ASN B 66 -57.86 31.52 -12.98
CA ASN B 66 -59.17 31.53 -13.59
C ASN B 66 -60.24 31.95 -12.57
N GLU B 67 -61.50 31.87 -12.99
CA GLU B 67 -62.63 32.27 -12.14
C GLU B 67 -63.19 31.08 -11.37
N LYS B 68 -62.29 30.43 -10.63
CA LYS B 68 -62.55 29.22 -9.85
C LYS B 68 -63.04 28.05 -10.69
N ASP B 69 -63.02 28.17 -12.02
CA ASP B 69 -63.51 27.09 -12.89
C ASP B 69 -62.40 26.05 -13.07
N ASN B 70 -62.69 24.81 -12.67
CA ASN B 70 -61.71 23.74 -12.66
C ASN B 70 -62.09 22.63 -13.63
N ILE B 71 -61.10 22.17 -14.41
CA ILE B 71 -61.28 21.08 -15.36
C ILE B 71 -60.04 20.19 -15.32
N ASN B 72 -60.25 18.88 -15.27
CA ASN B 72 -59.16 17.92 -15.32
C ASN B 72 -58.85 17.64 -16.78
N LYS B 73 -57.60 17.86 -17.17
CA LYS B 73 -57.20 17.86 -18.58
C LYS B 73 -56.00 16.93 -18.73
N ARG B 74 -56.21 15.78 -19.37
CA ARG B 74 -55.15 14.81 -19.61
C ARG B 74 -54.83 14.84 -21.11
N TYR B 75 -53.58 15.08 -21.42
CA TYR B 75 -53.04 14.91 -22.76
C TYR B 75 -52.22 13.63 -22.82
N GLU B 76 -52.45 12.85 -23.87
CA GLU B 76 -52.00 11.46 -23.92
C GLU B 76 -51.75 11.06 -25.37
N ILE B 77 -50.71 10.26 -25.59
CA ILE B 77 -50.40 9.70 -26.90
C ILE B 77 -50.24 8.19 -26.78
N ARG B 78 -50.74 7.47 -27.78
CA ARG B 78 -50.65 6.02 -27.86
C ARG B 78 -49.80 5.53 -29.04
N PHE B 79 -48.70 4.87 -28.71
CA PHE B 79 -47.82 4.25 -29.68
C PHE B 79 -48.49 3.04 -30.30
N GLY B 80 -48.37 2.89 -31.61
CA GLY B 80 -49.01 1.75 -32.21
C GLY B 80 -48.00 0.77 -32.78
N LYS B 81 -48.30 0.20 -33.95
CA LYS B 81 -47.46 -0.81 -34.56
C LYS B 81 -46.12 -0.24 -35.01
N ILE B 82 -45.13 -1.13 -35.13
CA ILE B 82 -43.85 -0.80 -35.74
C ILE B 82 -43.89 -1.32 -37.18
N TYR B 83 -43.48 -0.50 -38.12
CA TYR B 83 -43.39 -0.89 -39.53
C TYR B 83 -41.94 -0.92 -39.96
N LEU B 84 -41.52 -2.04 -40.55
CA LEU B 84 -40.14 -2.26 -40.94
C LEU B 84 -40.12 -2.41 -42.45
N SER B 85 -39.39 -1.52 -43.12
CA SER B 85 -39.27 -1.48 -44.56
C SER B 85 -37.86 -1.89 -44.98
N ARG B 86 -37.70 -2.15 -46.27
CA ARG B 86 -36.40 -2.51 -46.77
C ARG B 86 -35.48 -1.29 -46.66
N PRO B 87 -34.17 -1.52 -46.56
CA PRO B 87 -33.24 -0.38 -46.50
C PRO B 87 -33.38 0.48 -47.74
N THR B 88 -33.47 1.79 -47.53
CA THR B 88 -33.61 2.75 -48.61
C THR B 88 -32.53 3.81 -48.49
N MET B 89 -32.27 4.49 -49.60
CA MET B 89 -31.30 5.57 -49.66
C MET B 89 -31.98 6.85 -50.12
N THR B 90 -31.65 7.94 -49.46
CA THR B 90 -32.20 9.26 -49.78
C THR B 90 -31.05 10.20 -50.15
N GLU B 91 -31.15 10.80 -51.33
CA GLU B 91 -30.13 11.68 -51.85
C GLU B 91 -30.40 13.12 -51.43
N ALA B 92 -29.38 13.97 -51.60
CA ALA B 92 -29.52 15.38 -51.28
C ALA B 92 -30.58 16.04 -52.16
N ASP B 93 -30.89 15.44 -53.31
CA ASP B 93 -32.03 15.91 -54.09
C ASP B 93 -33.34 15.62 -53.38
N GLY B 94 -33.40 14.53 -52.61
CA GLY B 94 -34.64 14.01 -52.07
C GLY B 94 -35.18 12.78 -52.77
N THR B 95 -34.61 12.40 -53.91
CA THR B 95 -34.98 11.15 -54.56
C THR B 95 -34.59 9.95 -53.69
N THR B 96 -35.38 8.89 -53.81
CA THR B 96 -35.14 7.66 -53.04
C THR B 96 -35.15 6.47 -53.99
N HIS B 97 -34.63 5.35 -53.49
CA HIS B 97 -34.49 4.11 -54.26
C HIS B 97 -33.96 3.05 -53.30
N ALA B 98 -33.92 1.81 -53.79
CA ALA B 98 -33.45 0.71 -52.96
C ALA B 98 -31.95 0.83 -52.73
N MET B 99 -31.52 0.42 -51.54
CA MET B 99 -30.12 0.47 -51.14
C MET B 99 -29.61 -0.94 -50.90
N PHE B 100 -28.44 -1.24 -51.46
CA PHE B 100 -27.83 -2.55 -51.33
C PHE B 100 -26.50 -2.44 -50.59
N PRO B 101 -26.06 -3.52 -49.94
CA PRO B 101 -24.85 -3.43 -49.09
C PRO B 101 -23.62 -2.94 -49.82
N GLN B 102 -23.47 -3.26 -51.10
CA GLN B 102 -22.27 -2.82 -51.80
C GLN B 102 -22.25 -1.31 -51.98
N GLU B 103 -23.40 -0.71 -52.31
CA GLU B 103 -23.47 0.74 -52.41
C GLU B 103 -23.19 1.40 -51.06
N ALA B 104 -23.76 0.86 -49.99
CA ALA B 104 -23.47 1.38 -48.66
C ALA B 104 -21.99 1.26 -48.32
N ARG B 105 -21.33 0.20 -48.81
CA ARG B 105 -19.92 0.02 -48.53
C ARG B 105 -19.08 1.01 -49.32
N LEU B 106 -19.47 1.28 -50.56
CA LEU B 106 -18.66 2.12 -51.44
C LEU B 106 -18.76 3.60 -51.06
N ARG B 107 -19.95 4.06 -50.70
CA ARG B 107 -20.18 5.47 -50.41
C ARG B 107 -20.11 5.80 -48.93
N ASN B 108 -19.57 4.90 -48.11
CA ASN B 108 -19.42 5.11 -46.67
C ASN B 108 -20.75 5.45 -46.02
N LEU B 109 -21.79 4.72 -46.39
CA LEU B 109 -23.12 4.87 -45.81
C LEU B 109 -23.36 3.85 -44.71
N THR B 110 -24.45 4.06 -43.99
CA THR B 110 -24.94 3.13 -43.00
C THR B 110 -26.11 2.37 -43.62
N TYR B 111 -26.11 1.05 -43.45
CA TYR B 111 -27.08 0.19 -44.11
C TYR B 111 -28.21 -0.08 -43.12
N SER B 112 -29.25 0.74 -43.20
CA SER B 112 -30.29 0.76 -42.20
C SER B 112 -31.65 0.93 -42.86
N SER B 113 -32.70 0.46 -42.14
CA SER B 113 -34.11 0.47 -42.47
C SER B 113 -34.85 1.55 -41.68
N PRO B 114 -35.88 2.15 -42.26
CA PRO B 114 -36.66 3.13 -41.50
C PRO B 114 -37.67 2.44 -40.58
N VAL B 115 -37.81 2.99 -39.38
CA VAL B 115 -38.74 2.46 -38.39
C VAL B 115 -39.82 3.50 -38.16
N TYR B 116 -41.07 3.11 -38.36
CA TYR B 116 -42.22 3.98 -38.15
C TYR B 116 -43.05 3.51 -36.96
N LEU B 117 -43.54 4.48 -36.18
CA LEU B 117 -44.35 4.19 -35.01
C LEU B 117 -45.64 5.00 -35.11
N ASP B 118 -46.76 4.29 -35.27
CA ASP B 118 -48.05 4.95 -35.26
C ASP B 118 -48.33 5.58 -33.90
N MET B 119 -48.79 6.82 -33.90
CA MET B 119 -49.16 7.50 -32.66
C MET B 119 -50.56 8.06 -32.80
N GLU B 120 -51.41 7.78 -31.82
CA GLU B 120 -52.80 8.24 -31.79
C GLU B 120 -52.99 9.05 -30.50
N LYS B 121 -52.94 10.37 -30.62
CA LYS B 121 -53.07 11.24 -29.46
C LYS B 121 -54.54 11.33 -29.06
N SER B 122 -54.83 11.11 -27.78
CA SER B 122 -56.17 11.23 -27.25
C SER B 122 -56.20 12.22 -26.09
N MET B 123 -57.37 12.84 -25.89
CA MET B 123 -57.57 13.75 -24.76
C MET B 123 -58.92 13.49 -24.10
N PHE B 124 -58.92 13.59 -22.77
CA PHE B 124 -60.13 13.52 -21.95
C PHE B 124 -60.13 14.77 -21.07
N THR B 125 -61.30 15.40 -20.94
CA THR B 125 -61.45 16.64 -20.20
C THR B 125 -62.69 16.55 -19.32
N SER B 126 -62.48 16.40 -18.01
CA SER B 126 -63.56 16.33 -17.04
C SER B 126 -63.49 17.55 -16.12
N ILE B 127 -64.62 18.22 -15.94
CA ILE B 127 -64.67 19.51 -15.24
C ILE B 127 -64.91 19.21 -13.77
N ASP B 128 -63.83 18.93 -13.04
CA ASP B 128 -63.84 18.88 -11.58
C ASP B 128 -62.41 18.79 -11.05
N GLY B 153 -51.65 12.32 -36.65
CA GLY B 153 -51.26 10.99 -36.21
C GLY B 153 -51.18 9.98 -37.33
N ASN B 154 -49.97 9.84 -37.88
CA ASN B 154 -49.73 8.92 -38.99
C ASN B 154 -48.44 8.17 -38.68
N LYS B 155 -47.85 7.54 -39.70
CA LYS B 155 -46.61 6.81 -39.49
C LYS B 155 -45.43 7.75 -39.27
N VAL B 156 -45.25 8.17 -38.02
CA VAL B 156 -44.14 9.03 -37.63
C VAL B 156 -42.83 8.29 -37.78
N HIS B 157 -41.87 8.90 -38.48
CA HIS B 157 -40.55 8.32 -38.64
C HIS B 157 -39.74 8.57 -37.38
N ILE B 158 -39.41 7.49 -36.65
CA ILE B 158 -38.70 7.62 -35.37
C ILE B 158 -37.22 7.29 -35.45
N GLY B 159 -36.73 6.77 -36.55
CA GLY B 159 -35.29 6.55 -36.71
C GLY B 159 -35.00 5.42 -37.66
N LYS B 160 -33.71 5.26 -37.95
CA LYS B 160 -33.21 4.22 -38.83
C LYS B 160 -32.39 3.21 -38.03
N VAL B 161 -32.74 1.93 -38.16
CA VAL B 161 -32.07 0.84 -37.45
C VAL B 161 -31.12 0.16 -38.42
N PRO B 162 -29.83 0.06 -38.11
CA PRO B 162 -28.92 -0.69 -38.99
C PRO B 162 -29.34 -2.15 -39.12
N ILE B 163 -29.07 -2.73 -40.29
CA ILE B 163 -29.53 -4.06 -40.63
C ILE B 163 -28.36 -5.03 -40.67
N MET B 164 -28.57 -6.21 -40.09
CA MET B 164 -27.57 -7.28 -40.12
C MET B 164 -27.63 -7.95 -41.49
N LEU B 165 -26.50 -8.00 -42.18
CA LEU B 165 -26.46 -8.58 -43.51
C LEU B 165 -26.79 -10.07 -43.49
N ARG B 166 -27.54 -10.50 -44.50
CA ARG B 166 -28.00 -11.87 -44.68
C ARG B 166 -29.06 -12.27 -43.66
N SER B 167 -29.70 -11.30 -43.01
CA SER B 167 -30.80 -11.60 -42.12
C SER B 167 -32.13 -11.39 -42.86
N LYS B 168 -33.23 -11.68 -42.16
CA LYS B 168 -34.53 -11.71 -42.81
C LYS B 168 -34.96 -10.33 -43.30
N PHE B 169 -34.34 -9.27 -42.80
CA PHE B 169 -34.66 -7.92 -43.23
C PHE B 169 -33.61 -7.34 -44.17
N CYS B 170 -32.52 -8.04 -44.40
CA CYS B 170 -31.56 -7.63 -45.41
C CYS B 170 -32.16 -7.80 -46.80
N SER B 171 -31.75 -6.96 -47.73
CA SER B 171 -32.21 -7.07 -49.11
C SER B 171 -31.48 -8.16 -49.88
N LEU B 172 -30.52 -8.84 -49.27
CA LEU B 172 -29.83 -9.96 -49.90
C LEU B 172 -30.39 -11.31 -49.47
N ARG B 173 -31.42 -11.32 -48.62
CA ARG B 173 -31.92 -12.58 -48.08
C ARG B 173 -32.49 -13.43 -49.21
N THR B 174 -33.27 -12.81 -50.10
CA THR B 174 -33.70 -13.39 -51.36
C THR B 174 -32.56 -13.31 -52.38
N LEU B 175 -32.89 -13.36 -53.67
CA LEU B 175 -31.89 -13.20 -54.72
C LEU B 175 -30.90 -14.36 -54.70
N ASP B 176 -31.34 -15.53 -55.13
CA ASP B 176 -30.46 -16.69 -55.29
C ASP B 176 -29.24 -16.32 -56.14
N GLU B 177 -28.24 -17.20 -56.14
CA GLU B 177 -26.86 -16.91 -56.50
C GLU B 177 -26.65 -15.99 -57.70
N VAL B 178 -27.50 -16.09 -58.72
CA VAL B 178 -27.30 -15.28 -59.92
C VAL B 178 -27.38 -13.79 -59.60
N ASP B 179 -28.45 -13.39 -58.91
CA ASP B 179 -28.62 -11.97 -58.60
C ASP B 179 -27.67 -11.52 -57.51
N LEU B 180 -27.25 -12.44 -56.64
CA LEU B 180 -26.16 -12.12 -55.72
C LEU B 180 -24.91 -11.73 -56.50
N TYR B 181 -24.59 -12.50 -57.54
CA TYR B 181 -23.46 -12.13 -58.39
C TYR B 181 -23.69 -10.79 -59.06
N LYS B 182 -24.92 -10.53 -59.51
CA LYS B 182 -25.19 -9.24 -60.14
C LYS B 182 -25.12 -8.08 -59.16
N MET B 183 -25.34 -8.32 -57.87
CA MET B 183 -25.27 -7.27 -56.86
C MET B 183 -23.88 -7.15 -56.24
N LYS B 184 -22.87 -7.80 -56.84
CA LYS B 184 -21.47 -7.70 -56.42
C LYS B 184 -21.23 -8.35 -55.07
N GLU B 185 -22.09 -9.26 -54.64
CA GLU B 185 -21.96 -9.92 -53.34
C GLU B 185 -21.35 -11.30 -53.52
N CYS B 186 -20.41 -11.62 -52.64
CA CYS B 186 -19.79 -12.94 -52.69
C CYS B 186 -20.72 -13.98 -52.08
N PRO B 187 -20.98 -15.10 -52.76
CA PRO B 187 -21.85 -16.13 -52.17
C PRO B 187 -21.26 -16.76 -50.91
N TYR B 188 -19.94 -16.71 -50.72
CA TYR B 188 -19.33 -17.28 -49.53
C TYR B 188 -19.53 -16.39 -48.31
N ASP B 189 -19.64 -15.08 -48.51
CA ASP B 189 -19.96 -14.15 -47.43
C ASP B 189 -21.22 -14.59 -46.70
N MET B 190 -21.08 -14.85 -45.39
CA MET B 190 -22.18 -15.39 -44.60
C MET B 190 -22.98 -14.34 -43.85
N GLY B 191 -22.59 -13.07 -43.89
CA GLY B 191 -23.32 -12.08 -43.12
C GLY B 191 -22.96 -12.10 -41.65
N GLY B 192 -23.96 -11.77 -40.82
CA GLY B 192 -23.79 -11.74 -39.38
C GLY B 192 -23.23 -10.45 -38.83
N TYR B 193 -22.97 -9.47 -39.68
CA TYR B 193 -22.39 -8.19 -39.29
C TYR B 193 -23.26 -7.04 -39.78
N PHE B 194 -22.89 -5.84 -39.36
CA PHE B 194 -23.59 -4.61 -39.72
C PHE B 194 -22.67 -3.74 -40.57
N VAL B 195 -23.27 -2.82 -41.32
CA VAL B 195 -22.53 -1.83 -42.11
C VAL B 195 -22.88 -0.43 -41.60
N ILE B 196 -21.93 0.19 -40.91
CA ILE B 196 -22.07 1.56 -40.39
C ILE B 196 -21.02 2.44 -41.05
N ASN B 197 -21.49 3.46 -41.77
CA ASN B 197 -20.61 4.35 -42.54
C ASN B 197 -19.68 3.55 -43.46
N GLY B 198 -20.23 2.53 -44.08
CA GLY B 198 -19.47 1.72 -45.01
C GLY B 198 -18.46 0.80 -44.37
N SER B 199 -18.52 0.63 -43.05
CA SER B 199 -17.58 -0.22 -42.33
C SER B 199 -18.34 -1.39 -41.73
N GLU B 200 -17.84 -2.60 -41.96
CA GLU B 200 -18.46 -3.79 -41.42
C GLU B 200 -18.16 -3.92 -39.93
N LYS B 201 -19.20 -4.10 -39.13
CA LYS B 201 -19.05 -4.18 -37.69
C LYS B 201 -19.70 -5.46 -37.22
N VAL B 202 -19.03 -6.17 -36.31
CA VAL B 202 -19.52 -7.41 -35.74
C VAL B 202 -19.68 -7.23 -34.24
N LEU B 203 -20.78 -7.73 -33.71
CA LEU B 203 -21.06 -7.64 -32.29
C LEU B 203 -20.49 -8.85 -31.58
N ILE B 204 -19.58 -8.62 -30.64
CA ILE B 204 -18.97 -9.70 -29.89
C ILE B 204 -19.90 -10.10 -28.77
N ALA B 205 -20.12 -11.40 -28.62
CA ALA B 205 -21.01 -11.87 -27.58
C ALA B 205 -20.42 -11.57 -26.22
N GLN B 206 -21.26 -11.08 -25.31
CA GLN B 206 -20.80 -10.69 -23.99
C GLN B 206 -21.18 -11.80 -23.03
N GLU B 207 -20.23 -12.19 -22.19
CA GLU B 207 -20.42 -13.26 -21.24
C GLU B 207 -20.75 -12.67 -19.89
N ARG B 208 -21.79 -13.19 -19.25
CA ARG B 208 -22.24 -12.69 -17.97
C ARG B 208 -22.78 -13.84 -17.14
N SER B 209 -22.69 -13.69 -15.82
CA SER B 209 -23.29 -14.68 -14.94
C SER B 209 -24.80 -14.71 -15.17
N ALA B 210 -25.39 -15.88 -14.97
CA ALA B 210 -26.81 -16.03 -15.19
C ALA B 210 -27.59 -15.16 -14.21
N ALA B 211 -28.89 -15.06 -14.45
CA ALA B 211 -29.78 -14.25 -13.64
C ALA B 211 -30.82 -15.15 -12.99
N ASN B 212 -31.25 -14.75 -11.80
CA ASN B 212 -32.29 -15.44 -11.03
C ASN B 212 -31.83 -16.80 -10.52
N ILE B 213 -30.55 -16.92 -10.16
CA ILE B 213 -30.01 -18.14 -9.58
C ILE B 213 -29.29 -17.77 -8.29
N VAL B 214 -29.45 -18.60 -7.27
CA VAL B 214 -28.79 -18.35 -5.99
C VAL B 214 -27.44 -19.04 -5.98
N GLN B 215 -26.41 -18.27 -5.65
CA GLN B 215 -25.06 -18.79 -5.52
C GLN B 215 -24.49 -18.38 -4.17
N VAL B 216 -23.80 -19.31 -3.50
CA VAL B 216 -23.31 -19.10 -2.15
C VAL B 216 -21.79 -19.24 -2.12
N PHE B 217 -21.11 -18.24 -1.57
CA PHE B 217 -19.66 -18.09 -1.65
C PHE B 217 -19.07 -18.04 -0.24
N LYS B 218 -17.90 -18.66 -0.08
CA LYS B 218 -17.12 -18.45 1.13
C LYS B 218 -16.48 -17.07 1.11
N LYS B 219 -16.00 -16.64 2.28
CA LYS B 219 -15.36 -15.34 2.41
C LYS B 219 -13.99 -15.48 3.06
N ALA B 220 -13.36 -14.36 3.40
CA ALA B 220 -11.95 -14.34 3.76
C ALA B 220 -11.78 -14.16 5.27
N ALA B 221 -10.54 -14.40 5.71
CA ALA B 221 -10.27 -14.45 7.15
C ALA B 221 -10.47 -13.10 7.83
N PRO B 222 -9.91 -11.98 7.34
CA PRO B 222 -10.17 -10.69 8.02
C PRO B 222 -11.49 -10.07 7.59
N SER B 223 -12.54 -10.90 7.53
CA SER B 223 -13.87 -10.44 7.17
C SER B 223 -14.86 -10.98 8.19
N PRO B 224 -15.67 -10.11 8.81
CA PRO B 224 -16.72 -10.62 9.71
C PRO B 224 -17.71 -11.50 8.98
N ILE B 225 -17.98 -11.22 7.70
CA ILE B 225 -18.88 -12.02 6.90
C ILE B 225 -18.15 -13.28 6.47
N SER B 226 -18.80 -14.43 6.62
CA SER B 226 -18.22 -15.70 6.22
C SER B 226 -18.87 -16.33 4.99
N HIS B 227 -20.20 -16.27 4.90
CA HIS B 227 -20.94 -16.95 3.84
C HIS B 227 -21.94 -15.96 3.25
N VAL B 228 -21.97 -15.87 1.92
CA VAL B 228 -22.80 -14.88 1.24
C VAL B 228 -23.57 -15.56 0.12
N ALA B 229 -24.90 -15.46 0.18
CA ALA B 229 -25.77 -15.89 -0.91
C ALA B 229 -26.17 -14.68 -1.74
N GLU B 230 -25.79 -14.68 -3.00
CA GLU B 230 -26.03 -13.55 -3.91
C GLU B 230 -26.94 -13.98 -5.05
N ILE B 231 -27.99 -13.21 -5.29
CA ILE B 231 -28.86 -13.43 -6.44
C ILE B 231 -29.07 -12.11 -7.17
N ARG B 232 -28.95 -12.14 -8.49
CA ARG B 232 -29.36 -11.03 -9.35
C ARG B 232 -30.70 -11.36 -9.98
N SER B 233 -31.56 -10.36 -10.09
CA SER B 233 -32.94 -10.57 -10.52
C SER B 233 -33.20 -9.90 -11.86
N ALA B 234 -34.07 -10.53 -12.63
CA ALA B 234 -34.42 -10.06 -13.96
C ALA B 234 -35.78 -10.63 -14.33
N LEU B 235 -36.41 -10.05 -15.35
CA LEU B 235 -37.76 -10.39 -15.72
C LEU B 235 -37.77 -11.21 -17.01
N GLU B 236 -38.77 -12.11 -17.11
CA GLU B 236 -38.90 -12.94 -18.30
C GLU B 236 -39.16 -12.10 -19.56
N LYS B 237 -39.77 -10.93 -19.40
CA LYS B 237 -40.01 -10.03 -20.52
C LYS B 237 -38.96 -8.93 -20.47
N GLY B 238 -38.14 -8.85 -21.52
CA GLY B 238 -37.07 -7.91 -21.60
C GLY B 238 -35.72 -8.49 -21.22
N SER B 239 -35.70 -9.43 -20.27
CA SER B 239 -34.48 -10.07 -19.80
C SER B 239 -33.46 -9.04 -19.33
N ARG B 240 -33.93 -8.04 -18.59
CA ARG B 240 -33.09 -6.98 -18.05
C ARG B 240 -32.99 -7.10 -16.54
N LEU B 241 -31.81 -6.82 -16.01
CA LEU B 241 -31.59 -6.74 -14.57
C LEU B 241 -32.50 -5.70 -13.92
N ILE B 242 -32.93 -6.00 -12.70
CA ILE B 242 -33.75 -5.07 -11.94
C ILE B 242 -33.08 -4.78 -10.60
N SER B 243 -32.86 -5.82 -9.80
CA SER B 243 -32.36 -5.62 -8.44
C SER B 243 -31.58 -6.84 -7.97
N THR B 244 -30.75 -6.62 -6.94
CA THR B 244 -29.90 -7.64 -6.35
C THR B 244 -30.08 -7.60 -4.85
N MET B 245 -29.96 -8.76 -4.20
CA MET B 245 -30.33 -8.86 -2.79
C MET B 245 -29.52 -10.01 -2.19
N GLN B 246 -28.53 -9.66 -1.37
CA GLN B 246 -27.68 -10.61 -0.65
C GLN B 246 -28.19 -10.94 0.75
N ILE B 247 -27.79 -12.12 1.25
CA ILE B 247 -28.09 -12.56 2.61
C ILE B 247 -26.78 -13.07 3.21
N LYS B 248 -26.14 -12.25 4.03
CA LYS B 248 -24.80 -12.54 4.52
C LYS B 248 -24.86 -13.22 5.88
N LEU B 249 -23.79 -13.96 6.20
CA LEU B 249 -23.64 -14.64 7.49
C LEU B 249 -22.52 -13.97 8.29
N TYR B 250 -22.91 -13.10 9.22
CA TYR B 250 -21.94 -12.46 10.09
C TYR B 250 -21.44 -13.45 11.13
N GLY B 251 -20.20 -13.27 11.56
CA GLY B 251 -19.61 -14.19 12.51
C GLY B 251 -18.62 -15.16 11.89
N ARG B 252 -17.35 -15.03 12.24
CA ARG B 252 -16.33 -15.92 11.73
C ARG B 252 -16.34 -17.23 12.53
N GLU B 253 -15.57 -18.21 12.04
CA GLU B 253 -15.35 -19.43 12.80
C GLU B 253 -14.64 -19.12 14.11
N ASP B 254 -15.31 -19.40 15.22
CA ASP B 254 -14.83 -19.24 16.60
C ASP B 254 -14.67 -17.79 17.03
N LYS B 255 -14.95 -16.83 16.15
CA LYS B 255 -14.87 -15.41 16.49
C LYS B 255 -16.10 -14.71 15.92
N GLY B 256 -16.43 -13.55 16.49
CA GLY B 256 -17.69 -12.96 16.11
C GLY B 256 -18.86 -13.76 16.65
N THR B 257 -19.07 -13.68 17.97
CA THR B 257 -19.94 -14.63 18.66
C THR B 257 -21.32 -14.73 18.02
N GLY B 258 -21.85 -13.62 17.51
CA GLY B 258 -23.13 -13.68 16.86
C GLY B 258 -23.05 -14.21 15.44
N ARG B 259 -23.49 -15.45 15.24
CA ARG B 259 -23.56 -16.04 13.91
C ARG B 259 -24.97 -15.85 13.33
N THR B 260 -25.39 -14.60 13.29
CA THR B 260 -26.66 -14.24 12.70
C THR B 260 -26.55 -14.13 11.17
N ILE B 261 -27.71 -14.09 10.52
CA ILE B 261 -27.80 -13.86 9.08
C ILE B 261 -28.64 -12.61 8.86
N LYS B 262 -28.09 -11.68 8.07
CA LYS B 262 -28.73 -10.39 7.85
C LYS B 262 -28.81 -10.14 6.34
N ALA B 263 -30.01 -9.78 5.87
CA ALA B 263 -30.23 -9.48 4.45
C ALA B 263 -29.64 -8.12 4.07
N THR B 264 -29.73 -7.83 2.76
CA THR B 264 -29.36 -6.52 2.20
C THR B 264 -30.38 -6.21 1.10
N LEU B 265 -31.45 -5.53 1.46
CA LEU B 265 -32.45 -5.13 0.47
C LEU B 265 -31.92 -4.00 -0.39
N PRO B 266 -32.28 -3.97 -1.67
CA PRO B 266 -31.96 -2.80 -2.50
C PRO B 266 -32.72 -1.57 -2.01
N TYR B 267 -32.09 -0.41 -2.19
CA TYR B 267 -32.66 0.89 -1.84
C TYR B 267 -32.76 1.09 -0.32
N VAL B 268 -31.98 0.34 0.45
CA VAL B 268 -31.83 0.58 1.88
C VAL B 268 -30.35 0.57 2.24
N LYS B 269 -29.95 1.48 3.14
CA LYS B 269 -28.53 1.67 3.43
C LYS B 269 -27.99 0.63 4.39
N GLN B 270 -28.78 0.23 5.39
CA GLN B 270 -28.32 -0.69 6.42
C GLN B 270 -29.02 -2.03 6.29
N ASP B 271 -28.29 -3.07 6.67
CA ASP B 271 -28.71 -4.44 6.40
C ASP B 271 -29.71 -4.91 7.45
N ILE B 272 -30.85 -5.42 7.00
CA ILE B 272 -31.95 -5.81 7.90
C ILE B 272 -31.81 -7.27 8.29
N PRO B 273 -32.03 -7.63 9.56
CA PRO B 273 -32.11 -9.04 9.93
C PRO B 273 -33.22 -9.78 9.18
N ILE B 274 -33.06 -11.10 9.10
CA ILE B 274 -33.95 -11.90 8.26
C ILE B 274 -35.34 -12.07 8.89
N VAL B 275 -35.40 -12.33 10.19
CA VAL B 275 -36.71 -12.52 10.80
C VAL B 275 -37.55 -11.26 10.68
N ILE B 276 -36.91 -10.09 10.65
CA ILE B 276 -37.64 -8.83 10.50
C ILE B 276 -38.35 -8.78 9.16
N VAL B 277 -37.66 -9.19 8.10
CA VAL B 277 -38.27 -9.11 6.77
C VAL B 277 -39.27 -10.24 6.58
N PHE B 278 -39.03 -11.42 7.15
CA PHE B 278 -40.06 -12.45 7.15
C PHE B 278 -41.33 -11.99 7.84
N ARG B 279 -41.21 -11.26 8.96
CA ARG B 279 -42.40 -10.73 9.61
C ARG B 279 -43.04 -9.63 8.78
N ALA B 280 -42.21 -8.77 8.19
CA ALA B 280 -42.70 -7.69 7.35
C ALA B 280 -43.45 -8.21 6.12
N LEU B 281 -43.12 -9.41 5.66
CA LEU B 281 -43.79 -9.95 4.48
C LEU B 281 -45.07 -10.68 4.82
N GLY B 282 -45.36 -10.91 6.11
CA GLY B 282 -46.67 -11.36 6.48
C GLY B 282 -46.77 -12.74 7.10
N VAL B 283 -45.68 -13.24 7.70
CA VAL B 283 -45.71 -14.49 8.45
C VAL B 283 -45.03 -14.22 9.80
N VAL B 284 -45.85 -13.91 10.81
CA VAL B 284 -45.36 -13.55 12.14
C VAL B 284 -44.95 -14.73 13.03
N PRO B 285 -45.71 -15.83 13.12
CA PRO B 285 -45.37 -16.85 14.12
C PRO B 285 -44.04 -17.52 13.85
N ASP B 286 -43.20 -17.57 14.87
CA ASP B 286 -41.84 -18.09 14.71
C ASP B 286 -41.84 -19.56 14.26
N GLY B 287 -42.87 -20.33 14.64
CA GLY B 287 -42.96 -21.69 14.13
C GLY B 287 -43.05 -21.73 12.62
N GLU B 288 -43.84 -20.81 12.05
CA GLU B 288 -44.00 -20.77 10.60
C GLU B 288 -42.73 -20.24 9.93
N ILE B 289 -42.07 -19.29 10.58
CA ILE B 289 -40.79 -18.78 10.07
C ILE B 289 -39.78 -19.92 9.98
N LEU B 290 -39.64 -20.67 11.07
CA LEU B 290 -38.74 -21.81 11.08
C LEU B 290 -39.12 -22.83 10.03
N GLN B 291 -40.41 -23.08 9.88
CA GLN B 291 -40.85 -24.08 8.92
C GLN B 291 -40.56 -23.65 7.49
N HIS B 292 -40.72 -22.35 7.19
CA HIS B 292 -40.25 -21.82 5.92
C HIS B 292 -38.74 -21.98 5.77
N ILE B 293 -38.01 -22.01 6.89
CA ILE B 293 -36.57 -22.24 6.79
C ILE B 293 -36.23 -23.73 6.89
N CYS B 294 -36.89 -24.44 7.81
CA CYS B 294 -36.56 -25.83 8.13
C CYS B 294 -37.63 -26.72 7.49
N TYR B 295 -37.23 -27.52 6.50
CA TYR B 295 -38.11 -28.53 5.93
C TYR B 295 -38.20 -29.79 6.78
N ASP B 296 -37.21 -30.07 7.62
CA ASP B 296 -37.12 -31.31 8.37
C ASP B 296 -36.79 -30.96 9.83
N GLU B 297 -37.81 -31.02 10.69
CA GLU B 297 -37.63 -30.69 12.10
C GLU B 297 -36.62 -31.59 12.78
N ASN B 298 -36.49 -32.84 12.32
CA ASN B 298 -35.58 -33.79 12.98
C ASN B 298 -34.13 -33.31 12.95
N ASP B 299 -33.72 -32.66 11.85
CA ASP B 299 -32.37 -32.10 11.81
C ASP B 299 -32.19 -31.12 12.94
N TRP B 300 -31.01 -31.13 13.57
CA TRP B 300 -30.79 -30.35 14.78
C TRP B 300 -29.61 -29.38 14.72
N GLN B 301 -28.54 -29.68 13.97
CA GLN B 301 -27.41 -28.76 13.92
C GLN B 301 -27.80 -27.41 13.33
N MET B 302 -28.55 -27.45 12.23
CA MET B 302 -28.99 -26.22 11.59
C MET B 302 -29.89 -25.43 12.51
N LEU B 303 -30.79 -26.10 13.21
CA LEU B 303 -31.64 -25.41 14.16
C LEU B 303 -30.83 -24.82 15.31
N GLU B 304 -29.70 -25.46 15.65
CA GLU B 304 -28.83 -24.90 16.68
C GLU B 304 -28.05 -23.69 16.17
N MET B 305 -27.85 -23.59 14.86
CA MET B 305 -27.20 -22.42 14.26
C MET B 305 -28.20 -21.31 13.92
N LEU B 306 -29.48 -21.54 14.12
CA LEU B 306 -30.53 -20.57 13.78
C LEU B 306 -31.00 -19.72 14.96
N LYS B 307 -30.71 -20.10 16.19
CA LYS B 307 -31.18 -19.34 17.34
C LYS B 307 -30.71 -17.88 17.39
N PRO B 308 -29.43 -17.54 17.15
CA PRO B 308 -29.05 -16.13 17.30
C PRO B 308 -29.84 -15.17 16.42
N CYS B 309 -30.28 -15.61 15.24
CA CYS B 309 -31.16 -14.78 14.42
C CYS B 309 -32.48 -14.53 15.13
N ILE B 310 -33.09 -15.60 15.65
CA ILE B 310 -34.37 -15.48 16.35
C ILE B 310 -34.23 -14.54 17.55
N GLU B 311 -33.08 -14.60 18.23
CA GLU B 311 -32.88 -13.76 19.40
C GLU B 311 -32.67 -12.31 19.00
N GLU B 312 -31.87 -12.07 17.97
CA GLU B 312 -31.65 -10.69 17.51
C GLU B 312 -32.88 -10.09 16.86
N GLY B 313 -33.87 -10.91 16.50
CA GLY B 313 -35.11 -10.31 16.02
C GLY B 313 -36.35 -10.69 16.80
N PHE B 314 -36.22 -10.84 18.12
CA PHE B 314 -37.37 -11.19 18.95
C PHE B 314 -38.25 -9.99 19.23
N VAL B 315 -37.71 -8.77 19.10
CA VAL B 315 -38.44 -7.57 19.51
C VAL B 315 -39.74 -7.45 18.73
N ILE B 316 -39.70 -7.70 17.43
CA ILE B 316 -40.85 -7.43 16.59
C ILE B 316 -41.86 -8.55 16.78
N GLN B 317 -43.15 -8.21 16.76
CA GLN B 317 -44.19 -9.23 16.82
C GLN B 317 -45.33 -9.03 15.83
N ASP B 318 -45.31 -7.97 15.03
CA ASP B 318 -46.34 -7.74 14.02
C ASP B 318 -45.72 -7.16 12.77
N LYS B 319 -46.52 -7.09 11.71
CA LYS B 319 -46.01 -6.74 10.39
C LYS B 319 -45.71 -5.24 10.30
N GLU B 320 -46.56 -4.41 10.90
CA GLU B 320 -46.42 -2.96 10.74
C GLU B 320 -45.13 -2.45 11.36
N VAL B 321 -44.79 -2.92 12.55
CA VAL B 321 -43.61 -2.41 13.25
C VAL B 321 -42.33 -2.84 12.53
N ALA B 322 -42.26 -4.10 12.11
CA ALA B 322 -41.09 -4.55 11.34
C ALA B 322 -40.98 -3.81 10.02
N LEU B 323 -42.13 -3.55 9.38
CA LEU B 323 -42.08 -2.92 8.07
C LEU B 323 -41.67 -1.45 8.20
N ASP B 324 -42.03 -0.80 9.30
CA ASP B 324 -41.46 0.50 9.64
C ASP B 324 -39.97 0.43 9.95
N PHE B 325 -39.55 -0.57 10.73
CA PHE B 325 -38.14 -0.76 11.03
C PHE B 325 -37.33 -0.83 9.75
N ILE B 326 -37.86 -1.52 8.74
CA ILE B 326 -37.26 -1.48 7.40
C ILE B 326 -37.35 -0.07 6.84
N GLY B 327 -38.50 0.58 6.99
CA GLY B 327 -38.71 1.89 6.41
C GLY B 327 -37.76 2.94 6.97
N ARG B 328 -37.41 2.82 8.26
CA ARG B 328 -36.52 3.78 8.91
C ARG B 328 -35.13 3.78 8.29
N ARG B 329 -34.90 2.87 7.34
CA ARG B 329 -33.61 2.70 6.70
C ARG B 329 -33.67 2.88 5.19
N GLY B 330 -34.84 3.24 4.66
CA GLY B 330 -35.08 3.25 3.22
C GLY B 330 -34.35 4.30 2.41
N SER B 331 -33.40 5.00 3.04
CA SER B 331 -32.53 5.98 2.40
C SER B 331 -33.29 7.15 1.79
N ALA B 332 -34.57 7.32 2.13
CA ALA B 332 -35.35 8.43 1.62
C ALA B 332 -35.06 9.69 2.45
N ALA B 333 -35.84 10.73 2.19
CA ALA B 333 -35.75 11.98 2.93
C ALA B 333 -35.99 11.74 4.43
N LEU B 334 -35.69 12.76 5.23
CA LEU B 334 -35.79 12.63 6.68
C LEU B 334 -37.19 12.99 7.16
N GLY B 335 -37.67 12.22 8.14
CA GLY B 335 -38.83 12.62 8.92
C GLY B 335 -40.19 12.27 8.37
N ILE B 336 -40.29 11.27 7.49
CA ILE B 336 -41.59 10.83 7.01
C ILE B 336 -42.38 10.18 8.15
N ARG B 337 -43.66 10.52 8.22
CA ARG B 337 -44.57 9.97 9.21
C ARG B 337 -44.86 8.48 8.95
N ARG B 338 -45.30 7.80 10.00
CA ARG B 338 -45.39 6.35 9.99
C ARG B 338 -46.27 5.83 8.86
N GLU B 339 -47.43 6.47 8.65
CA GLU B 339 -48.42 5.92 7.71
C GLU B 339 -47.91 5.86 6.28
N LYS B 340 -46.96 6.72 5.91
CA LYS B 340 -46.43 6.67 4.56
C LYS B 340 -45.01 6.14 4.49
N ARG B 341 -44.26 6.19 5.58
CA ARG B 341 -43.07 5.34 5.70
C ARG B 341 -43.42 3.88 5.49
N ILE B 342 -44.56 3.44 6.04
CA ILE B 342 -45.07 2.09 5.81
C ILE B 342 -45.34 1.86 4.32
N GLN B 343 -45.96 2.84 3.65
CA GLN B 343 -46.25 2.66 2.23
C GLN B 343 -44.98 2.55 1.41
N TYR B 344 -43.98 3.37 1.72
CA TYR B 344 -42.70 3.32 1.02
C TYR B 344 -42.03 1.96 1.22
N ALA B 345 -41.98 1.49 2.46
CA ALA B 345 -41.35 0.21 2.74
C ALA B 345 -42.13 -0.94 2.12
N LYS B 346 -43.46 -0.88 2.14
CA LYS B 346 -44.28 -1.92 1.51
C LYS B 346 -44.07 -1.95 0.01
N ASP B 347 -43.88 -0.78 -0.60
CA ASP B 347 -43.58 -0.74 -2.02
C ASP B 347 -42.24 -1.39 -2.32
N ILE B 348 -41.24 -1.13 -1.46
CA ILE B 348 -39.94 -1.78 -1.64
C ILE B 348 -40.06 -3.29 -1.49
N LEU B 349 -40.79 -3.74 -0.47
CA LEU B 349 -41.00 -5.18 -0.27
C LEU B 349 -41.77 -5.82 -1.41
N GLN B 350 -42.62 -5.06 -2.10
CA GLN B 350 -43.42 -5.64 -3.18
C GLN B 350 -42.66 -5.64 -4.50
N LYS B 351 -42.19 -4.47 -4.93
CA LYS B 351 -41.38 -4.31 -6.14
C LYS B 351 -39.97 -3.88 -5.78
N GLU B 352 -39.01 -4.37 -6.54
CA GLU B 352 -37.55 -4.35 -6.31
C GLU B 352 -37.10 -5.43 -5.34
N LEU B 353 -38.00 -6.27 -4.83
CA LEU B 353 -37.63 -7.47 -4.07
C LEU B 353 -38.06 -8.69 -4.89
N LEU B 354 -37.09 -9.35 -5.51
CA LEU B 354 -37.33 -10.52 -6.34
C LEU B 354 -38.40 -10.27 -7.41
N PRO B 355 -38.18 -9.33 -8.33
CA PRO B 355 -39.17 -9.11 -9.39
C PRO B 355 -39.42 -10.34 -10.24
N HIS B 356 -38.44 -11.24 -10.33
CA HIS B 356 -38.65 -12.46 -11.12
C HIS B 356 -39.71 -13.36 -10.50
N ILE B 357 -39.87 -13.32 -9.18
CA ILE B 357 -40.93 -14.10 -8.54
C ILE B 357 -42.29 -13.59 -8.98
N THR B 358 -42.60 -12.34 -8.64
CA THR B 358 -43.75 -11.59 -9.15
C THR B 358 -43.69 -10.18 -8.59
N GLN B 359 -44.26 -9.21 -9.32
CA GLN B 359 -44.29 -7.82 -8.86
C GLN B 359 -45.68 -7.36 -8.45
N GLU B 360 -46.65 -8.25 -8.36
CA GLU B 360 -47.98 -7.86 -7.92
C GLU B 360 -48.20 -8.27 -6.47
N GLU B 361 -49.20 -7.64 -5.85
CA GLU B 361 -49.46 -7.80 -4.43
C GLU B 361 -50.37 -9.01 -4.21
N GLY B 362 -50.36 -9.50 -2.97
CA GLY B 362 -51.16 -10.64 -2.60
C GLY B 362 -50.52 -11.99 -2.82
N PHE B 363 -49.22 -12.02 -3.12
CA PHE B 363 -48.49 -13.25 -3.36
C PHE B 363 -47.19 -13.24 -2.57
N GLU B 364 -47.24 -12.75 -1.34
CA GLU B 364 -46.04 -12.63 -0.53
C GLU B 364 -45.53 -13.99 -0.06
N THR B 365 -46.41 -14.99 0.00
CA THR B 365 -46.00 -16.30 0.48
C THR B 365 -44.92 -16.91 -0.41
N ARG B 366 -45.03 -16.70 -1.71
CA ARG B 366 -44.03 -17.25 -2.63
C ARG B 366 -42.66 -16.60 -2.43
N LYS B 367 -42.65 -15.28 -2.16
CA LYS B 367 -41.39 -14.62 -1.85
C LYS B 367 -40.83 -15.12 -0.53
N THR B 368 -41.69 -15.38 0.45
CA THR B 368 -41.20 -15.93 1.71
C THR B 368 -40.59 -17.30 1.50
N PHE B 369 -41.20 -18.13 0.65
CA PHE B 369 -40.64 -19.45 0.37
C PHE B 369 -39.30 -19.35 -0.34
N PHE B 370 -39.16 -18.43 -1.30
CA PHE B 370 -37.84 -18.28 -1.92
C PHE B 370 -36.80 -17.77 -0.94
N LEU B 371 -37.19 -16.89 -0.02
CA LEU B 371 -36.26 -16.45 1.03
C LEU B 371 -35.87 -17.62 1.92
N GLY B 372 -36.81 -18.49 2.25
CA GLY B 372 -36.49 -19.67 3.03
C GLY B 372 -35.49 -20.55 2.30
N TYR B 373 -35.71 -20.73 0.99
CA TYR B 373 -34.75 -21.50 0.20
C TYR B 373 -33.37 -20.89 0.19
N MET B 374 -33.28 -19.57 0.04
CA MET B 374 -31.97 -18.94 0.02
C MET B 374 -31.27 -19.08 1.36
N VAL B 375 -32.02 -18.90 2.46
CA VAL B 375 -31.43 -19.06 3.79
C VAL B 375 -30.99 -20.51 4.01
N ASN B 376 -31.80 -21.46 3.56
CA ASN B 376 -31.43 -22.87 3.71
C ASN B 376 -30.16 -23.20 2.93
N ARG B 377 -30.03 -22.71 1.71
CA ARG B 377 -28.79 -22.96 0.97
C ARG B 377 -27.61 -22.29 1.65
N LEU B 378 -27.82 -21.09 2.20
CA LEU B 378 -26.77 -20.43 2.97
C LEU B 378 -26.30 -21.33 4.10
N LEU B 379 -27.24 -21.88 4.86
CA LEU B 379 -26.86 -22.69 6.02
C LEU B 379 -26.20 -24.00 5.58
N LEU B 380 -26.72 -24.62 4.52
CA LEU B 380 -26.08 -25.82 3.97
C LEU B 380 -24.62 -25.54 3.62
N CYS B 381 -24.34 -24.39 3.01
CA CYS B 381 -22.96 -24.06 2.74
C CYS B 381 -22.19 -23.74 4.03
N ALA B 382 -22.85 -23.16 5.03
CA ALA B 382 -22.16 -22.83 6.28
C ALA B 382 -21.92 -24.04 7.16
N LEU B 383 -22.83 -25.00 7.15
CA LEU B 383 -22.73 -26.22 7.95
C LEU B 383 -21.97 -27.32 7.23
N GLU B 384 -21.34 -27.00 6.11
CA GLU B 384 -20.52 -27.90 5.32
C GLU B 384 -21.31 -29.09 4.76
N ARG B 385 -22.64 -29.06 4.83
CA ARG B 385 -23.44 -30.14 4.29
C ARG B 385 -23.61 -30.05 2.78
N LYS B 386 -23.16 -28.96 2.16
CA LYS B 386 -23.15 -28.81 0.71
C LYS B 386 -22.00 -27.91 0.30
N ASP B 387 -21.43 -28.19 -0.87
CA ASP B 387 -20.28 -27.44 -1.35
C ASP B 387 -20.66 -26.06 -1.88
N GLN B 388 -19.67 -25.17 -1.87
CA GLN B 388 -19.87 -23.80 -2.34
C GLN B 388 -20.04 -23.77 -3.86
N ASP B 389 -20.76 -22.77 -4.34
CA ASP B 389 -21.09 -22.72 -5.75
C ASP B 389 -19.84 -22.40 -6.56
N ASP B 390 -19.77 -22.95 -7.78
CA ASP B 390 -18.60 -22.83 -8.63
C ASP B 390 -18.74 -21.58 -9.48
N ARG B 391 -17.81 -20.63 -9.32
CA ARG B 391 -17.87 -19.41 -10.11
C ARG B 391 -17.56 -19.69 -11.57
N ASP B 392 -16.66 -20.63 -11.86
CA ASP B 392 -16.20 -20.85 -13.22
C ASP B 392 -17.07 -21.83 -14.00
N HIS B 393 -18.02 -22.48 -13.35
CA HIS B 393 -18.94 -23.37 -14.03
C HIS B 393 -19.62 -22.65 -15.19
N PHE B 394 -19.50 -23.20 -16.40
CA PHE B 394 -20.01 -22.55 -17.59
C PHE B 394 -21.52 -22.66 -17.75
N GLY B 395 -22.16 -23.53 -16.97
CA GLY B 395 -23.61 -23.62 -16.97
C GLY B 395 -24.29 -22.48 -16.26
N LYS B 396 -23.58 -21.75 -15.40
CA LYS B 396 -24.11 -20.59 -14.71
C LYS B 396 -23.72 -19.30 -15.39
N LYS B 397 -23.57 -19.32 -16.71
CA LYS B 397 -23.23 -18.13 -17.47
C LYS B 397 -24.14 -18.03 -18.69
N ARG B 398 -24.32 -16.81 -19.17
CA ARG B 398 -25.15 -16.53 -20.33
C ARG B 398 -24.37 -15.71 -21.34
N LEU B 399 -24.74 -15.85 -22.62
CA LEU B 399 -24.11 -15.14 -23.71
C LEU B 399 -25.11 -14.19 -24.35
N ASP B 400 -24.77 -12.91 -24.38
CA ASP B 400 -25.64 -11.87 -24.91
C ASP B 400 -25.21 -11.59 -26.34
N LEU B 401 -26.05 -11.97 -27.28
CA LEU B 401 -25.79 -11.78 -28.70
C LEU B 401 -26.41 -10.45 -29.15
N ALA B 402 -26.54 -10.27 -30.48
CA ALA B 402 -27.00 -9.00 -31.02
C ALA B 402 -28.37 -8.63 -30.48
N GLY B 403 -29.24 -9.61 -30.28
CA GLY B 403 -30.58 -9.36 -29.83
C GLY B 403 -30.66 -8.57 -28.53
N PRO B 404 -30.23 -9.18 -27.42
CA PRO B 404 -30.27 -8.45 -26.14
C PRO B 404 -29.42 -7.19 -26.08
N LEU B 405 -28.28 -7.15 -26.77
CA LEU B 405 -27.46 -5.94 -26.75
C LEU B 405 -28.19 -4.78 -27.42
N LEU B 406 -28.73 -5.01 -28.62
CA LEU B 406 -29.52 -3.99 -29.28
C LEU B 406 -30.79 -3.67 -28.50
N ALA B 407 -31.35 -4.65 -27.79
CA ALA B 407 -32.52 -4.37 -26.97
C ALA B 407 -32.19 -3.38 -25.87
N ASN B 408 -31.07 -3.59 -25.17
CA ASN B 408 -30.67 -2.66 -24.12
C ASN B 408 -30.44 -1.26 -24.69
N LEU B 409 -29.65 -1.18 -25.77
CA LEU B 409 -29.33 0.13 -26.33
C LEU B 409 -30.58 0.84 -26.84
N PHE B 410 -31.47 0.11 -27.52
CA PHE B 410 -32.69 0.68 -28.03
C PHE B 410 -33.59 1.15 -26.89
N ARG B 411 -33.66 0.38 -25.79
CA ARG B 411 -34.46 0.83 -24.66
C ARG B 411 -33.95 2.17 -24.13
N ILE B 412 -32.63 2.28 -23.95
CA ILE B 412 -32.06 3.54 -23.47
C ILE B 412 -32.42 4.69 -24.41
N LEU B 413 -32.16 4.50 -25.71
CA LEU B 413 -32.36 5.60 -26.65
C LEU B 413 -33.83 5.93 -26.84
N PHE B 414 -34.72 4.96 -26.75
CA PHE B 414 -36.14 5.24 -26.93
C PHE B 414 -36.74 5.89 -25.70
N ARG B 415 -36.23 5.57 -24.50
CA ARG B 415 -36.63 6.34 -23.33
C ARG B 415 -36.14 7.77 -23.44
N LYS B 416 -34.94 7.97 -24.00
CA LYS B 416 -34.49 9.31 -24.37
C LYS B 416 -35.52 10.00 -25.25
N LEU B 417 -35.96 9.31 -26.31
CA LEU B 417 -36.90 9.90 -27.26
C LEU B 417 -38.22 10.25 -26.58
N THR B 418 -38.73 9.37 -25.72
CA THR B 418 -40.00 9.67 -25.07
C THR B 418 -39.86 10.83 -24.10
N ARG B 419 -38.69 10.96 -23.44
CA ARG B 419 -38.45 12.14 -22.62
C ARG B 419 -38.43 13.40 -23.47
N GLU B 420 -37.87 13.32 -24.69
CA GLU B 420 -37.93 14.45 -25.61
C GLU B 420 -39.36 14.79 -25.98
N ILE B 421 -40.19 13.77 -26.21
CA ILE B 421 -41.59 14.01 -26.55
C ILE B 421 -42.30 14.72 -25.40
N TYR B 422 -42.02 14.29 -24.17
CA TYR B 422 -42.59 14.96 -23.00
C TYR B 422 -42.10 16.41 -22.90
N ARG B 423 -40.81 16.63 -23.10
CA ARG B 423 -40.21 17.96 -23.01
C ARG B 423 -40.65 18.87 -24.13
N TYR B 424 -41.24 18.32 -25.19
CA TYR B 424 -41.85 19.12 -26.24
C TYR B 424 -43.34 19.37 -25.94
N MET B 425 -44.05 18.35 -25.44
CA MET B 425 -45.45 18.51 -25.11
C MET B 425 -45.69 19.36 -23.89
N GLN B 426 -44.68 19.59 -23.05
CA GLN B 426 -44.83 20.59 -22.00
C GLN B 426 -44.97 22.00 -22.58
N ARG B 427 -44.16 22.34 -23.57
CA ARG B 427 -44.20 23.69 -24.14
C ARG B 427 -45.33 23.86 -25.15
N CYS B 428 -45.36 23.00 -26.18
CA CYS B 428 -46.24 23.25 -27.31
C CYS B 428 -47.71 23.25 -26.91
N ILE B 429 -48.10 22.40 -25.95
CA ILE B 429 -49.50 22.36 -25.55
C ILE B 429 -49.92 23.67 -24.90
N GLU B 430 -48.98 24.36 -24.24
CA GLU B 430 -49.28 25.67 -23.67
C GLU B 430 -49.83 26.63 -24.71
N THR B 431 -49.31 26.56 -25.95
CA THR B 431 -49.82 27.41 -27.03
C THR B 431 -51.27 27.11 -27.38
N ASP B 432 -51.81 25.98 -26.94
CA ASP B 432 -53.17 25.56 -27.27
C ASP B 432 -53.38 25.50 -28.78
N ARG B 433 -52.64 24.60 -29.43
CA ARG B 433 -52.75 24.40 -30.86
C ARG B 433 -52.78 22.91 -31.15
N ASP B 434 -53.38 22.55 -32.28
CA ASP B 434 -53.26 21.20 -32.80
C ASP B 434 -51.90 21.01 -33.46
N PHE B 435 -51.26 19.88 -33.17
CA PHE B 435 -49.93 19.57 -33.68
C PHE B 435 -49.94 18.17 -34.28
N ASN B 436 -49.16 18.00 -35.35
CA ASN B 436 -49.22 16.81 -36.20
C ASN B 436 -48.18 15.77 -35.82
N LEU B 437 -47.37 16.03 -34.79
CA LEU B 437 -46.49 15.03 -34.20
C LEU B 437 -45.31 14.69 -35.09
N ASN B 438 -45.29 15.22 -36.32
CA ASN B 438 -44.15 15.03 -37.22
C ASN B 438 -43.06 16.06 -37.00
N LEU B 439 -43.31 17.07 -36.18
CA LEU B 439 -42.26 17.94 -35.66
C LEU B 439 -42.00 17.69 -34.18
N ALA B 440 -42.70 16.72 -33.58
CA ALA B 440 -42.53 16.40 -32.18
C ALA B 440 -41.52 15.30 -31.95
N VAL B 441 -41.22 14.50 -32.96
CA VAL B 441 -40.25 13.42 -32.84
C VAL B 441 -38.99 13.84 -33.59
N LYS B 442 -37.89 13.96 -32.85
CA LYS B 442 -36.57 14.17 -33.44
C LYS B 442 -36.01 12.79 -33.76
N SER B 443 -36.21 12.35 -35.00
CA SER B 443 -35.81 11.00 -35.39
C SER B 443 -34.31 10.77 -35.27
N THR B 444 -33.50 11.83 -35.25
CA THR B 444 -32.06 11.68 -35.24
C THR B 444 -31.51 11.09 -33.94
N THR B 445 -32.33 10.97 -32.89
CA THR B 445 -31.82 10.47 -31.61
C THR B 445 -31.51 8.98 -31.69
N ILE B 446 -32.46 8.17 -32.16
CA ILE B 446 -32.24 6.73 -32.24
C ILE B 446 -31.16 6.43 -33.28
N THR B 447 -31.20 7.13 -34.41
CA THR B 447 -30.21 6.91 -35.46
C THR B 447 -28.81 7.23 -34.96
N SER B 448 -28.63 8.41 -34.37
CA SER B 448 -27.31 8.79 -33.88
C SER B 448 -26.84 7.88 -32.75
N GLY B 449 -27.75 7.44 -31.87
CA GLY B 449 -27.31 6.57 -30.78
C GLY B 449 -26.88 5.20 -31.25
N LEU B 450 -27.72 4.53 -32.06
CA LEU B 450 -27.35 3.24 -32.61
C LEU B 450 -26.07 3.33 -33.42
N LYS B 451 -25.94 4.36 -34.25
CA LYS B 451 -24.74 4.51 -35.07
C LYS B 451 -23.51 4.75 -34.22
N TYR B 452 -23.63 5.57 -33.18
CA TYR B 452 -22.47 5.83 -32.32
C TYR B 452 -22.02 4.57 -31.59
N SER B 453 -22.98 3.79 -31.07
CA SER B 453 -22.59 2.61 -30.33
C SER B 453 -22.00 1.55 -31.25
N LEU B 454 -22.62 1.32 -32.40
CA LEU B 454 -22.10 0.31 -33.31
C LEU B 454 -20.80 0.74 -33.97
N ALA B 455 -20.53 2.04 -34.08
CA ALA B 455 -19.30 2.49 -34.70
C ALA B 455 -18.14 2.64 -33.72
N THR B 456 -18.43 2.84 -32.44
CA THR B 456 -17.36 2.93 -31.45
C THR B 456 -17.21 1.67 -30.61
N GLY B 457 -18.31 0.94 -30.38
CA GLY B 457 -18.30 -0.19 -29.50
C GLY B 457 -18.70 0.11 -28.07
N ASN B 458 -18.57 1.37 -27.65
CA ASN B 458 -18.98 1.77 -26.31
C ASN B 458 -20.49 1.59 -26.17
N TRP B 459 -20.92 0.64 -25.36
CA TRP B 459 -22.32 0.23 -25.29
C TRP B 459 -23.01 1.06 -24.21
N GLY B 460 -23.62 2.16 -24.63
CA GLY B 460 -24.26 3.07 -23.69
C GLY B 460 -24.40 4.44 -24.31
N GLU B 461 -24.98 5.35 -23.53
CA GLU B 461 -25.12 6.72 -23.97
C GLU B 461 -23.76 7.35 -24.25
N GLN B 462 -23.73 8.26 -25.22
CA GLN B 462 -22.47 8.82 -25.67
C GLN B 462 -21.78 9.63 -24.58
N LYS B 463 -22.55 10.40 -23.81
CA LYS B 463 -22.00 11.20 -22.73
C LYS B 463 -21.65 10.40 -21.49
N LYS B 464 -21.95 9.10 -21.47
CA LYS B 464 -21.56 8.20 -20.40
C LYS B 464 -20.62 7.12 -20.91
N ALA B 465 -19.62 7.52 -21.71
CA ALA B 465 -18.69 6.56 -22.27
C ALA B 465 -17.91 5.82 -21.18
N MET B 466 -17.43 6.54 -20.17
CA MET B 466 -16.99 5.89 -18.96
C MET B 466 -18.18 5.30 -18.21
N SER B 467 -17.93 4.16 -17.55
CA SER B 467 -18.90 3.27 -16.91
C SER B 467 -19.73 2.49 -17.93
N SER B 468 -19.45 2.61 -19.22
CA SER B 468 -20.07 1.80 -20.25
C SER B 468 -19.09 0.74 -20.74
N ARG B 469 -19.63 -0.41 -21.16
CA ARG B 469 -18.81 -1.47 -21.70
C ARG B 469 -18.17 -1.04 -23.02
N ALA B 470 -16.87 -1.27 -23.15
CA ALA B 470 -16.14 -1.01 -24.37
C ALA B 470 -15.99 -2.29 -25.19
N GLY B 471 -15.60 -2.11 -26.45
CA GLY B 471 -15.30 -3.25 -27.31
C GLY B 471 -16.42 -4.21 -27.56
N VAL B 472 -17.68 -3.79 -27.34
CA VAL B 472 -18.81 -4.67 -27.63
C VAL B 472 -18.98 -4.84 -29.14
N SER B 473 -18.64 -3.82 -29.92
CA SER B 473 -18.60 -3.89 -31.36
C SER B 473 -17.17 -3.73 -31.85
N GLN B 474 -16.79 -4.52 -32.85
CA GLN B 474 -15.44 -4.49 -33.36
C GLN B 474 -15.48 -4.54 -34.89
N VAL B 475 -14.42 -4.05 -35.50
CA VAL B 475 -14.32 -4.07 -36.95
C VAL B 475 -14.11 -5.50 -37.43
N LEU B 476 -15.00 -5.98 -38.28
CA LEU B 476 -14.94 -7.35 -38.74
C LEU B 476 -13.60 -7.61 -39.41
N ASN B 477 -12.93 -8.68 -39.00
CA ASN B 477 -11.62 -9.05 -39.51
C ASN B 477 -11.76 -9.77 -40.84
N ARG B 478 -11.29 -9.15 -41.92
CA ARG B 478 -11.39 -9.70 -43.26
C ARG B 478 -10.02 -10.04 -43.83
N TYR B 479 -9.05 -10.33 -42.97
CA TYR B 479 -7.71 -10.64 -43.47
C TYR B 479 -7.71 -11.95 -44.27
N THR B 480 -8.35 -12.98 -43.73
CA THR B 480 -8.55 -14.22 -44.43
C THR B 480 -9.90 -14.79 -44.05
N TYR B 481 -10.32 -15.85 -44.73
CA TYR B 481 -11.70 -16.31 -44.58
C TYR B 481 -11.91 -16.91 -43.20
N SER B 482 -10.97 -17.73 -42.73
CA SER B 482 -11.13 -18.35 -41.43
C SER B 482 -11.06 -17.32 -40.32
N SER B 483 -10.29 -16.25 -40.51
CA SER B 483 -10.27 -15.19 -39.51
C SER B 483 -11.65 -14.53 -39.41
N THR B 484 -12.32 -14.35 -40.54
CA THR B 484 -13.68 -13.82 -40.51
C THR B 484 -14.62 -14.78 -39.80
N LEU B 485 -14.54 -16.08 -40.15
CA LEU B 485 -15.41 -17.06 -39.52
C LEU B 485 -15.18 -17.15 -38.02
N SER B 486 -13.94 -16.96 -37.57
CA SER B 486 -13.66 -17.00 -36.14
C SER B 486 -14.13 -15.74 -35.45
N HIS B 487 -13.88 -14.57 -36.06
CA HIS B 487 -14.35 -13.32 -35.49
C HIS B 487 -15.86 -13.30 -35.34
N LEU B 488 -16.58 -13.95 -36.26
CA LEU B 488 -18.03 -13.98 -36.12
C LEU B 488 -18.51 -14.92 -35.02
N ARG B 489 -17.62 -15.70 -34.41
CA ARG B 489 -18.00 -16.66 -33.38
C ARG B 489 -17.28 -16.41 -32.06
N ARG B 490 -16.78 -15.20 -31.84
CA ARG B 490 -15.95 -14.88 -30.68
C ARG B 490 -16.80 -14.47 -29.48
N THR B 491 -16.20 -14.60 -28.30
CA THR B 491 -16.88 -14.36 -27.04
C THR B 491 -15.94 -13.60 -26.13
N ASN B 492 -16.51 -12.79 -25.23
CA ASN B 492 -15.70 -11.92 -24.37
C ASN B 492 -16.37 -11.87 -23.01
N THR B 493 -15.62 -12.21 -21.95
CA THR B 493 -16.11 -12.00 -20.60
C THR B 493 -15.56 -10.69 -20.07
N PRO B 494 -16.40 -9.72 -19.73
CA PRO B 494 -15.92 -8.39 -19.38
C PRO B 494 -15.49 -8.29 -17.91
N ILE B 495 -14.68 -9.27 -17.49
CA ILE B 495 -14.12 -9.24 -16.14
C ILE B 495 -13.20 -8.04 -15.98
N GLY B 496 -12.37 -7.80 -16.98
CA GLY B 496 -11.36 -6.78 -16.91
C GLY B 496 -10.04 -7.30 -16.36
N ARG B 497 -8.99 -6.58 -16.71
CA ARG B 497 -7.62 -6.87 -16.32
C ARG B 497 -7.23 -6.26 -14.99
N ASP B 498 -8.08 -5.45 -14.38
CA ASP B 498 -7.86 -4.94 -13.03
C ASP B 498 -8.17 -6.07 -12.05
N GLY B 499 -7.15 -6.88 -11.76
CA GLY B 499 -7.32 -8.02 -10.90
C GLY B 499 -6.58 -9.23 -11.43
N LYS B 500 -5.77 -9.87 -10.58
CA LYS B 500 -4.91 -10.96 -10.99
C LYS B 500 -5.51 -12.33 -10.68
N LEU B 501 -6.83 -12.41 -10.51
CA LEU B 501 -7.47 -13.69 -10.28
C LEU B 501 -7.31 -14.53 -11.55
N ALA B 502 -6.46 -15.54 -11.49
CA ALA B 502 -6.21 -16.43 -12.62
C ALA B 502 -7.29 -17.48 -12.78
N LYS B 503 -8.23 -17.56 -11.83
CA LYS B 503 -9.26 -18.60 -11.90
C LYS B 503 -10.17 -18.45 -13.12
N PRO B 504 -10.76 -17.27 -13.41
CA PRO B 504 -11.64 -17.18 -14.58
C PRO B 504 -10.93 -17.27 -15.92
N ARG B 505 -9.59 -17.23 -15.94
CA ARG B 505 -8.86 -17.39 -17.18
C ARG B 505 -8.59 -18.85 -17.52
N GLN B 506 -8.97 -19.77 -16.65
CA GLN B 506 -8.54 -21.16 -16.76
C GLN B 506 -9.51 -21.94 -17.62
N LEU B 507 -8.98 -22.83 -18.45
CA LEU B 507 -9.83 -23.76 -19.16
C LEU B 507 -10.47 -24.70 -18.15
N HIS B 508 -11.78 -24.81 -18.19
CA HIS B 508 -12.54 -25.50 -17.17
C HIS B 508 -13.17 -26.75 -17.75
N ASN B 509 -13.51 -27.69 -16.85
CA ASN B 509 -14.11 -28.93 -17.29
C ASN B 509 -15.41 -28.68 -18.04
N THR B 510 -16.21 -27.73 -17.55
CA THR B 510 -17.50 -27.48 -18.18
C THR B 510 -17.36 -26.84 -19.55
N HIS B 511 -16.15 -26.40 -19.93
CA HIS B 511 -15.93 -25.86 -21.26
C HIS B 511 -16.02 -26.91 -22.35
N TRP B 512 -16.05 -28.20 -21.98
CA TRP B 512 -16.04 -29.27 -22.98
C TRP B 512 -17.23 -29.15 -23.93
N GLY B 513 -16.94 -29.19 -25.23
CA GLY B 513 -17.95 -29.18 -26.26
C GLY B 513 -18.58 -27.84 -26.53
N LEU B 514 -18.31 -26.83 -25.70
CA LEU B 514 -18.97 -25.55 -25.79
C LEU B 514 -18.08 -24.44 -26.32
N VAL B 515 -16.84 -24.35 -25.85
CA VAL B 515 -15.87 -23.40 -26.35
C VAL B 515 -14.58 -24.13 -26.66
N CYS B 516 -13.89 -23.67 -27.70
CA CYS B 516 -12.70 -24.35 -28.17
C CYS B 516 -11.64 -24.39 -27.07
N PRO B 517 -11.07 -25.56 -26.77
CA PRO B 517 -10.03 -25.63 -25.73
C PRO B 517 -8.70 -25.04 -26.15
N ALA B 518 -8.51 -24.68 -27.41
CA ALA B 518 -7.21 -24.25 -27.89
C ALA B 518 -7.19 -22.80 -28.35
N GLU B 519 -8.29 -22.27 -28.87
CA GLU B 519 -8.28 -20.93 -29.44
C GLU B 519 -8.58 -19.92 -28.34
N THR B 520 -7.57 -19.13 -27.98
CA THR B 520 -7.68 -18.07 -26.99
C THR B 520 -6.52 -17.11 -27.25
N PRO B 521 -6.69 -15.81 -27.07
CA PRO B 521 -5.59 -14.89 -27.36
C PRO B 521 -4.44 -15.08 -26.41
N GLU B 522 -3.25 -14.77 -26.89
CA GLU B 522 -2.08 -14.70 -26.03
C GLU B 522 -2.09 -13.41 -25.23
N GLY B 523 -1.41 -13.44 -24.09
CA GLY B 523 -1.20 -12.23 -23.32
C GLY B 523 -2.26 -11.92 -22.29
N GLN B 524 -2.62 -10.64 -22.20
CA GLN B 524 -3.47 -10.13 -21.15
C GLN B 524 -4.94 -10.47 -21.34
N ALA B 525 -5.33 -10.93 -22.53
CA ALA B 525 -6.69 -11.39 -22.82
C ALA B 525 -6.83 -12.91 -22.73
N CYS B 526 -5.78 -13.61 -22.33
CA CYS B 526 -5.76 -15.06 -22.24
C CYS B 526 -6.82 -15.57 -21.29
N GLY B 527 -7.69 -16.46 -21.81
CA GLY B 527 -8.75 -17.06 -21.03
C GLY B 527 -10.01 -16.25 -20.88
N LEU B 528 -9.96 -14.94 -21.16
CA LEU B 528 -11.16 -14.12 -21.06
C LEU B 528 -11.92 -14.06 -22.38
N VAL B 529 -11.20 -14.05 -23.50
CA VAL B 529 -11.81 -14.11 -24.83
C VAL B 529 -11.83 -15.55 -25.30
N LYS B 530 -13.03 -16.09 -25.48
CA LYS B 530 -13.26 -17.48 -25.87
C LYS B 530 -13.81 -17.55 -27.29
N ASN B 531 -13.79 -18.76 -27.83
CA ASN B 531 -14.24 -19.03 -29.20
C ASN B 531 -15.17 -20.22 -29.18
N LEU B 532 -16.32 -20.09 -29.85
CA LEU B 532 -17.32 -21.15 -29.83
C LEU B 532 -16.81 -22.42 -30.51
N SER B 533 -17.19 -23.57 -29.96
CA SER B 533 -16.99 -24.85 -30.62
C SER B 533 -17.88 -24.97 -31.86
N LEU B 534 -17.45 -25.82 -32.80
CA LEU B 534 -18.10 -25.87 -34.10
C LEU B 534 -19.59 -26.20 -34.00
N LEU B 535 -19.96 -27.10 -33.10
CA LEU B 535 -21.36 -27.48 -32.97
C LEU B 535 -22.05 -26.74 -31.85
N SER B 536 -21.42 -25.71 -31.29
CA SER B 536 -22.06 -24.92 -30.26
C SER B 536 -23.20 -24.11 -30.84
N GLY B 537 -24.16 -23.79 -30.00
CA GLY B 537 -25.26 -22.94 -30.39
C GLY B 537 -25.78 -22.20 -29.17
N ILE B 538 -26.30 -21.00 -29.41
CA ILE B 538 -26.74 -20.11 -28.34
C ILE B 538 -28.26 -20.08 -28.38
N SER B 539 -28.88 -20.23 -27.22
CA SER B 539 -30.33 -20.22 -27.15
C SER B 539 -30.90 -18.85 -27.48
N ILE B 540 -32.09 -18.86 -28.08
CA ILE B 540 -32.78 -17.63 -28.46
C ILE B 540 -33.75 -17.17 -27.37
N GLY B 541 -34.05 -18.02 -26.41
CA GLY B 541 -35.13 -17.73 -25.49
C GLY B 541 -36.47 -18.22 -26.01
N SER B 542 -37.37 -18.52 -25.08
CA SER B 542 -38.62 -19.18 -25.40
C SER B 542 -39.63 -18.82 -24.33
N PRO B 543 -40.91 -18.72 -24.68
CA PRO B 543 -41.92 -18.43 -23.66
C PRO B 543 -42.00 -19.58 -22.66
N SER B 544 -42.17 -19.23 -21.39
CA SER B 544 -42.27 -20.21 -20.32
C SER B 544 -43.69 -20.66 -20.05
N GLU B 545 -44.68 -20.09 -20.73
CA GLU B 545 -46.07 -20.50 -20.50
C GLU B 545 -46.35 -21.96 -20.84
N PRO B 546 -45.95 -22.50 -22.00
CA PRO B 546 -46.22 -23.92 -22.26
C PRO B 546 -45.52 -24.84 -21.29
N ILE B 547 -44.32 -24.46 -20.86
CA ILE B 547 -43.60 -25.26 -19.87
C ILE B 547 -44.42 -25.36 -18.59
N ILE B 548 -44.90 -24.22 -18.09
CA ILE B 548 -45.70 -24.20 -16.87
C ILE B 548 -46.97 -25.02 -17.06
N ASN B 549 -47.60 -24.92 -18.24
CA ASN B 549 -48.83 -25.68 -18.47
C ASN B 549 -48.57 -27.19 -18.44
N PHE B 550 -47.50 -27.63 -19.09
CA PHE B 550 -47.14 -29.05 -19.08
C PHE B 550 -46.86 -29.51 -17.66
N LEU B 551 -46.14 -28.68 -16.89
CA LEU B 551 -45.84 -29.02 -15.51
C LEU B 551 -47.11 -29.14 -14.69
N GLU B 552 -48.06 -28.22 -14.88
CA GLU B 552 -49.31 -28.26 -14.14
C GLU B 552 -50.12 -29.49 -14.48
N GLU B 553 -50.10 -29.90 -15.76
CA GLU B 553 -50.87 -31.08 -16.15
C GLU B 553 -50.36 -32.34 -15.45
N TRP B 554 -49.04 -32.57 -15.47
CA TRP B 554 -48.55 -33.88 -15.06
C TRP B 554 -48.51 -34.08 -13.55
N GLY B 555 -48.80 -33.06 -12.75
CA GLY B 555 -48.97 -33.32 -11.34
C GLY B 555 -48.25 -32.41 -10.36
N MET B 556 -47.57 -31.37 -10.84
CA MET B 556 -46.90 -30.47 -9.91
C MET B 556 -47.94 -29.78 -9.02
N GLU B 557 -47.67 -29.74 -7.72
CA GLU B 557 -48.54 -29.07 -6.77
C GLU B 557 -47.97 -27.72 -6.39
N PRO B 558 -48.81 -26.71 -6.17
CA PRO B 558 -48.32 -25.35 -6.02
C PRO B 558 -47.77 -25.11 -4.62
N LEU B 559 -47.17 -23.94 -4.45
CA LEU B 559 -46.65 -23.48 -3.17
C LEU B 559 -47.68 -22.80 -2.29
N GLU B 560 -48.88 -22.54 -2.80
CA GLU B 560 -49.98 -22.17 -1.91
C GLU B 560 -50.65 -23.38 -1.28
N ASP B 561 -50.21 -24.59 -1.60
CA ASP B 561 -50.64 -25.83 -0.96
C ASP B 561 -49.43 -26.59 -0.45
N TYR B 562 -48.45 -25.87 0.08
CA TYR B 562 -47.18 -26.45 0.50
C TYR B 562 -47.05 -26.42 2.02
N ASP B 563 -46.56 -27.53 2.58
CA ASP B 563 -46.44 -27.67 4.03
C ASP B 563 -45.30 -28.63 4.34
N PRO B 564 -44.10 -28.08 4.59
CA PRO B 564 -42.92 -28.95 4.76
C PRO B 564 -42.99 -29.86 5.98
N ALA B 565 -44.01 -29.74 6.82
CA ALA B 565 -44.22 -30.74 7.85
C ALA B 565 -44.57 -32.09 7.22
N GLN B 566 -45.40 -32.08 6.18
CA GLN B 566 -45.76 -33.30 5.47
C GLN B 566 -44.78 -33.61 4.34
N HIS B 567 -44.47 -32.62 3.50
CA HIS B 567 -43.67 -32.83 2.30
C HIS B 567 -42.20 -32.93 2.70
N THR B 568 -41.82 -34.06 3.27
CA THR B 568 -40.43 -34.34 3.59
C THR B 568 -39.70 -35.10 2.49
N LYS B 569 -40.42 -35.70 1.54
CA LYS B 569 -39.80 -36.46 0.46
C LYS B 569 -39.99 -35.82 -0.90
N SER B 570 -40.80 -34.76 -1.00
CA SER B 570 -41.16 -34.16 -2.26
C SER B 570 -39.95 -33.49 -2.92
N THR B 571 -39.94 -33.49 -4.24
CA THR B 571 -38.87 -32.87 -5.01
C THR B 571 -39.34 -31.51 -5.53
N ARG B 572 -38.53 -30.50 -5.28
CA ARG B 572 -38.85 -29.11 -5.62
C ARG B 572 -38.42 -28.74 -7.02
N ILE B 573 -39.29 -28.00 -7.70
CA ILE B 573 -39.17 -27.73 -9.13
C ILE B 573 -38.86 -26.25 -9.36
N PHE B 574 -37.72 -25.97 -9.98
CA PHE B 574 -37.35 -24.62 -10.36
C PHE B 574 -37.58 -24.46 -11.85
N VAL B 575 -38.13 -23.31 -12.25
CA VAL B 575 -38.34 -22.97 -13.66
C VAL B 575 -37.72 -21.62 -13.96
N ASN B 576 -36.61 -21.63 -14.70
CA ASN B 576 -35.87 -20.41 -15.03
C ASN B 576 -35.31 -19.73 -13.79
N GLY B 577 -34.93 -20.53 -12.80
CA GLY B 577 -34.44 -20.02 -11.54
C GLY B 577 -35.51 -19.61 -10.57
N VAL B 578 -36.78 -19.87 -10.90
CA VAL B 578 -37.91 -19.50 -10.06
C VAL B 578 -38.48 -20.79 -9.49
N TRP B 579 -38.54 -20.89 -8.17
CA TRP B 579 -39.12 -22.08 -7.56
C TRP B 579 -40.64 -22.00 -7.69
N THR B 580 -41.23 -22.93 -8.43
CA THR B 580 -42.64 -22.84 -8.76
C THR B 580 -43.50 -23.96 -8.19
N GLY B 581 -42.90 -24.97 -7.57
CA GLY B 581 -43.70 -26.05 -7.02
C GLY B 581 -42.85 -27.23 -6.65
N ILE B 582 -43.54 -28.32 -6.26
CA ILE B 582 -42.91 -29.56 -5.86
C ILE B 582 -43.68 -30.72 -6.48
N HIS B 583 -43.00 -31.85 -6.61
CA HIS B 583 -43.58 -33.06 -7.20
C HIS B 583 -43.32 -34.27 -6.32
N ARG B 584 -44.26 -35.21 -6.35
CA ARG B 584 -44.12 -36.45 -5.60
C ARG B 584 -43.19 -37.46 -6.26
N ASP B 585 -42.89 -37.30 -7.55
CA ASP B 585 -42.26 -38.37 -8.31
C ASP B 585 -41.60 -37.76 -9.54
N PRO B 586 -40.37 -37.26 -9.41
CA PRO B 586 -39.72 -36.59 -10.54
C PRO B 586 -39.44 -37.51 -11.73
N SER B 587 -39.47 -38.82 -11.52
CA SER B 587 -39.05 -39.73 -12.58
C SER B 587 -39.95 -39.62 -13.80
N MET B 588 -41.25 -39.76 -13.61
CA MET B 588 -42.16 -39.71 -14.76
C MET B 588 -42.27 -38.31 -15.32
N LEU B 589 -42.06 -37.28 -14.48
CA LEU B 589 -42.11 -35.92 -15.00
C LEU B 589 -40.92 -35.63 -15.91
N VAL B 590 -39.71 -36.03 -15.51
CA VAL B 590 -38.57 -35.82 -16.39
C VAL B 590 -38.66 -36.70 -17.63
N SER B 591 -39.15 -37.94 -17.49
CA SER B 591 -39.32 -38.78 -18.68
C SER B 591 -40.29 -38.16 -19.66
N THR B 592 -41.44 -37.67 -19.18
CA THR B 592 -42.43 -37.09 -20.09
C THR B 592 -41.93 -35.78 -20.67
N MET B 593 -41.23 -34.96 -19.87
CA MET B 593 -40.70 -33.70 -20.40
C MET B 593 -39.65 -33.98 -21.48
N ARG B 594 -38.79 -34.96 -21.26
CA ARG B 594 -37.78 -35.29 -22.28
C ARG B 594 -38.44 -35.83 -23.54
N ASP B 595 -39.49 -36.65 -23.39
CA ASP B 595 -40.20 -37.13 -24.56
C ASP B 595 -40.89 -36.00 -25.31
N LEU B 596 -41.45 -35.03 -24.57
CA LEU B 596 -42.07 -33.88 -25.24
C LEU B 596 -41.03 -33.06 -26.00
N ARG B 597 -39.85 -32.87 -25.41
CA ARG B 597 -38.81 -32.11 -26.11
C ARG B 597 -38.30 -32.88 -27.32
N ARG B 598 -38.16 -34.20 -27.19
CA ARG B 598 -37.69 -35.03 -28.29
C ARG B 598 -38.77 -35.30 -29.34
N SER B 599 -40.02 -34.92 -29.07
CA SER B 599 -41.06 -35.02 -30.07
C SER B 599 -41.34 -33.71 -30.79
N GLY B 600 -40.76 -32.61 -30.33
CA GLY B 600 -40.97 -31.31 -30.93
C GLY B 600 -41.98 -30.44 -30.23
N ALA B 601 -42.74 -30.99 -29.28
CA ALA B 601 -43.76 -30.22 -28.60
C ALA B 601 -43.16 -29.10 -27.76
N ILE B 602 -41.94 -29.30 -27.26
CA ILE B 602 -41.20 -28.30 -26.51
C ILE B 602 -40.02 -27.86 -27.35
N SER B 603 -39.62 -26.60 -27.20
CA SER B 603 -38.52 -26.09 -27.99
C SER B 603 -37.28 -26.92 -27.73
N PRO B 604 -36.59 -27.39 -28.77
CA PRO B 604 -35.45 -28.29 -28.56
C PRO B 604 -34.32 -27.68 -27.75
N GLU B 605 -34.26 -26.37 -27.60
CA GLU B 605 -33.18 -25.71 -26.86
C GLU B 605 -33.57 -25.41 -25.42
N VAL B 606 -34.43 -26.24 -24.83
CA VAL B 606 -34.93 -26.05 -23.46
C VAL B 606 -34.29 -27.10 -22.57
N SER B 607 -33.61 -26.63 -21.52
CA SER B 607 -32.95 -27.54 -20.57
C SER B 607 -33.97 -28.23 -19.68
N ILE B 608 -33.75 -29.52 -19.45
CA ILE B 608 -34.59 -30.34 -18.58
C ILE B 608 -33.61 -31.06 -17.65
N ILE B 609 -33.42 -30.52 -16.45
CA ILE B 609 -32.28 -30.88 -15.60
C ILE B 609 -32.80 -31.45 -14.29
N ARG B 610 -32.74 -32.77 -14.12
CA ARG B 610 -33.04 -33.37 -12.83
C ARG B 610 -31.78 -33.46 -11.99
N ASP B 611 -31.88 -33.05 -10.72
CA ASP B 611 -30.83 -33.24 -9.73
C ASP B 611 -31.38 -34.22 -8.71
N ILE B 612 -30.61 -35.25 -8.40
CA ILE B 612 -31.12 -36.37 -7.63
C ILE B 612 -30.77 -36.29 -6.15
N ARG B 613 -29.52 -35.95 -5.80
CA ARG B 613 -29.22 -35.80 -4.37
C ARG B 613 -29.95 -34.62 -3.74
N GLU B 614 -30.16 -33.54 -4.48
CA GLU B 614 -30.78 -32.36 -3.91
C GLU B 614 -32.29 -32.34 -4.08
N ARG B 615 -32.84 -33.36 -4.74
CA ARG B 615 -34.29 -33.49 -4.92
C ARG B 615 -34.89 -32.26 -5.58
N GLU B 616 -34.33 -31.88 -6.72
CA GLU B 616 -34.76 -30.68 -7.42
C GLU B 616 -34.93 -31.04 -8.89
N PHE B 617 -35.75 -30.25 -9.58
CA PHE B 617 -35.96 -30.40 -11.01
C PHE B 617 -35.96 -29.01 -11.62
N LYS B 618 -34.93 -28.72 -12.42
CA LYS B 618 -34.74 -27.39 -12.97
C LYS B 618 -34.95 -27.43 -14.48
N ILE B 619 -35.91 -26.64 -14.96
CA ILE B 619 -36.16 -26.47 -16.38
C ILE B 619 -35.79 -25.04 -16.72
N PHE B 620 -34.96 -24.86 -17.74
CA PHE B 620 -34.54 -23.54 -18.17
C PHE B 620 -34.99 -23.28 -19.60
N THR B 621 -35.58 -22.10 -19.84
CA THR B 621 -35.85 -21.62 -21.18
C THR B 621 -35.21 -20.24 -21.39
N ASP B 622 -34.11 -19.98 -20.70
CA ASP B 622 -33.43 -18.69 -20.75
C ASP B 622 -32.79 -18.47 -22.12
N VAL B 623 -32.58 -17.21 -22.45
CA VAL B 623 -31.85 -16.83 -23.65
C VAL B 623 -30.38 -16.65 -23.30
N GLY B 624 -29.51 -17.06 -24.21
CA GLY B 624 -28.08 -16.88 -24.06
C GLY B 624 -27.34 -18.10 -23.55
N ARG B 625 -28.03 -19.18 -23.24
CA ARG B 625 -27.36 -20.41 -22.85
C ARG B 625 -26.67 -21.04 -24.05
N VAL B 626 -25.46 -21.53 -23.82
CA VAL B 626 -24.70 -22.22 -24.85
C VAL B 626 -25.04 -23.71 -24.78
N TYR B 627 -25.22 -24.33 -25.94
CA TYR B 627 -25.62 -25.74 -25.99
C TYR B 627 -24.97 -26.42 -27.19
N ARG B 628 -24.97 -27.75 -27.15
CA ARG B 628 -24.35 -28.57 -28.18
C ARG B 628 -25.17 -29.82 -28.38
N PRO B 629 -25.19 -30.37 -29.60
CA PRO B 629 -25.96 -31.58 -29.87
C PRO B 629 -25.19 -32.86 -29.54
N LEU B 630 -25.95 -33.90 -29.21
CA LEU B 630 -25.40 -35.21 -28.92
C LEU B 630 -26.29 -36.27 -29.55
N PHE B 631 -25.71 -37.44 -29.81
CA PHE B 631 -26.56 -38.58 -30.11
C PHE B 631 -27.28 -39.04 -28.84
N ILE B 632 -28.45 -39.63 -29.04
CA ILE B 632 -29.25 -40.15 -27.94
C ILE B 632 -29.15 -41.67 -27.96
N VAL B 633 -28.49 -42.22 -26.94
CA VAL B 633 -28.47 -43.68 -26.74
C VAL B 633 -29.78 -44.10 -26.10
N GLU B 634 -30.40 -45.13 -26.65
CA GLU B 634 -31.62 -45.66 -26.04
C GLU B 634 -31.31 -46.24 -24.67
N ASP B 635 -31.94 -45.67 -23.64
CA ASP B 635 -31.68 -46.03 -22.25
C ASP B 635 -32.86 -46.64 -21.52
N ASP B 636 -34.05 -46.66 -22.13
CA ASP B 636 -35.18 -47.36 -21.54
C ASP B 636 -34.86 -48.85 -21.37
N GLU B 637 -34.94 -49.32 -20.13
CA GLU B 637 -34.47 -50.66 -19.79
C GLU B 637 -35.59 -51.69 -19.93
N SER B 638 -36.22 -51.70 -21.11
CA SER B 638 -37.36 -52.56 -21.33
C SER B 638 -37.40 -53.18 -22.72
N LYS B 639 -36.46 -52.87 -23.59
CA LYS B 639 -36.50 -53.35 -24.97
C LYS B 639 -35.12 -53.77 -25.43
N ASP B 640 -35.09 -54.67 -26.41
CA ASP B 640 -33.84 -55.14 -27.00
C ASP B 640 -33.03 -54.01 -27.63
N ASN B 641 -33.68 -52.90 -27.99
CA ASN B 641 -33.01 -51.72 -28.52
C ASN B 641 -32.29 -50.91 -27.45
N LYS B 642 -32.10 -51.46 -26.25
CA LYS B 642 -31.49 -50.71 -25.17
C LYS B 642 -29.98 -50.71 -25.30
N GLY B 643 -29.36 -49.57 -25.03
CA GLY B 643 -27.92 -49.46 -24.95
C GLY B 643 -27.19 -49.14 -26.23
N GLU B 644 -27.86 -49.01 -27.36
CA GLU B 644 -27.19 -48.59 -28.60
C GLU B 644 -27.88 -47.35 -29.17
N LEU B 645 -27.20 -46.74 -30.13
CA LEU B 645 -27.64 -45.48 -30.71
C LEU B 645 -29.02 -45.62 -31.35
N ARG B 646 -29.85 -44.60 -31.16
CA ARG B 646 -31.14 -44.56 -31.80
C ARG B 646 -31.05 -44.21 -33.26
N ILE B 647 -29.97 -43.56 -33.69
CA ILE B 647 -29.81 -43.25 -35.11
C ILE B 647 -29.35 -44.51 -35.83
N THR B 648 -29.94 -44.76 -36.99
CA THR B 648 -29.69 -45.97 -37.77
C THR B 648 -29.33 -45.65 -39.22
N LYS B 649 -29.27 -46.66 -40.07
CA LYS B 649 -28.94 -46.43 -41.48
C LYS B 649 -30.10 -45.90 -42.31
N GLU B 650 -31.35 -46.05 -41.85
CA GLU B 650 -32.43 -45.38 -42.56
C GLU B 650 -32.31 -43.87 -42.45
N HIS B 651 -31.89 -43.36 -41.28
CA HIS B 651 -31.73 -41.91 -41.12
C HIS B 651 -30.64 -41.36 -42.05
N ILE B 652 -29.51 -42.07 -42.18
CA ILE B 652 -28.47 -41.61 -43.09
C ILE B 652 -28.94 -41.70 -44.53
N ARG B 653 -29.68 -42.76 -44.87
CA ARG B 653 -30.26 -42.88 -46.20
C ARG B 653 -31.20 -41.72 -46.50
N LYS B 654 -32.00 -41.31 -45.50
CA LYS B 654 -32.89 -40.18 -45.70
C LYS B 654 -32.12 -38.89 -45.86
N ILE B 655 -31.02 -38.73 -45.11
CA ILE B 655 -30.24 -37.49 -45.21
C ILE B 655 -29.57 -37.39 -46.56
N GLN B 656 -29.06 -38.50 -47.09
CA GLN B 656 -28.47 -38.49 -48.42
C GLN B 656 -29.54 -38.30 -49.50
N GLN B 657 -30.69 -38.95 -49.34
CA GLN B 657 -31.80 -38.77 -50.26
C GLN B 657 -32.25 -37.31 -50.28
N GLY B 658 -32.45 -36.72 -49.10
CA GLY B 658 -33.01 -35.40 -49.00
C GLY B 658 -34.49 -35.36 -48.73
N TYR B 659 -35.10 -36.49 -48.39
CA TYR B 659 -36.52 -36.56 -48.08
C TYR B 659 -36.81 -37.87 -47.36
N ASP B 660 -37.90 -37.86 -46.61
CA ASP B 660 -38.38 -39.06 -45.93
C ASP B 660 -39.25 -39.86 -46.89
N ASP B 661 -39.30 -41.18 -46.67
CA ASP B 661 -40.15 -42.06 -47.47
C ASP B 661 -41.52 -42.14 -46.81
N ASP B 662 -42.32 -41.11 -47.05
CA ASP B 662 -43.66 -40.96 -46.48
C ASP B 662 -43.64 -41.09 -44.95
N VAL B 675 -38.46 -31.68 -47.26
CA VAL B 675 -37.02 -31.69 -47.05
C VAL B 675 -36.70 -32.31 -45.70
N TYR B 676 -35.88 -33.35 -45.72
CA TYR B 676 -35.43 -34.04 -44.51
C TYR B 676 -34.00 -33.62 -44.23
N GLY B 677 -33.81 -32.78 -43.22
CA GLY B 677 -32.51 -32.28 -42.85
C GLY B 677 -32.25 -32.49 -41.36
N TRP B 678 -31.43 -31.60 -40.81
CA TRP B 678 -31.02 -31.72 -39.41
C TRP B 678 -32.21 -31.60 -38.47
N SER B 679 -33.10 -30.65 -38.74
CA SER B 679 -34.22 -30.42 -37.84
C SER B 679 -35.14 -31.64 -37.75
N SER B 680 -35.23 -32.43 -38.83
CA SER B 680 -36.03 -33.65 -38.75
C SER B 680 -35.39 -34.68 -37.82
N LEU B 681 -34.06 -34.76 -37.79
CA LEU B 681 -33.40 -35.61 -36.81
C LEU B 681 -33.68 -35.11 -35.40
N VAL B 682 -33.57 -33.80 -35.19
CA VAL B 682 -33.79 -33.25 -33.86
C VAL B 682 -35.23 -33.53 -33.41
N THR B 683 -36.19 -33.40 -34.31
CA THR B 683 -37.59 -33.61 -33.94
C THR B 683 -38.00 -35.07 -33.90
N SER B 684 -37.23 -35.98 -34.48
CA SER B 684 -37.51 -37.40 -34.38
C SER B 684 -36.94 -38.05 -33.14
N GLY B 685 -36.27 -37.29 -32.28
CA GLY B 685 -35.77 -37.83 -31.04
C GLY B 685 -34.51 -38.66 -31.14
N VAL B 686 -33.66 -38.39 -32.13
CA VAL B 686 -32.38 -39.09 -32.25
C VAL B 686 -31.18 -38.19 -31.97
N ILE B 687 -31.36 -36.88 -31.95
CA ILE B 687 -30.34 -35.93 -31.49
C ILE B 687 -31.05 -34.90 -30.63
N GLU B 688 -30.41 -34.49 -29.54
CA GLU B 688 -30.94 -33.43 -28.71
C GLU B 688 -29.83 -32.48 -28.31
N TYR B 689 -30.22 -31.31 -27.81
CA TYR B 689 -29.30 -30.28 -27.40
C TYR B 689 -29.14 -30.33 -25.89
N VAL B 690 -27.92 -30.10 -25.41
CA VAL B 690 -27.63 -30.04 -23.97
C VAL B 690 -26.74 -28.85 -23.69
N ASP B 691 -27.09 -28.07 -22.67
CA ASP B 691 -26.23 -27.02 -22.17
C ASP B 691 -25.33 -27.55 -21.05
N GLY B 692 -24.50 -26.66 -20.50
CA GLY B 692 -23.53 -27.09 -19.50
C GLY B 692 -24.18 -27.66 -18.25
N GLU B 693 -25.29 -27.09 -17.82
CA GLU B 693 -25.95 -27.56 -16.61
C GLU B 693 -26.52 -28.95 -16.80
N GLU B 694 -27.24 -29.17 -17.90
CA GLU B 694 -27.79 -30.50 -18.17
C GLU B 694 -26.68 -31.51 -18.35
N GLU B 695 -25.51 -31.06 -18.81
CA GLU B 695 -24.37 -31.92 -19.03
C GLU B 695 -23.91 -32.57 -17.72
N GLU B 696 -24.21 -31.94 -16.58
CA GLU B 696 -23.85 -32.51 -15.28
C GLU B 696 -24.45 -33.89 -15.07
N THR B 697 -25.64 -34.14 -15.61
CA THR B 697 -26.41 -35.34 -15.27
C THR B 697 -26.28 -36.47 -16.27
N ILE B 698 -25.45 -36.34 -17.31
CA ILE B 698 -25.43 -37.31 -18.38
C ILE B 698 -24.09 -38.01 -18.44
N MET B 699 -24.07 -39.15 -19.13
CA MET B 699 -22.92 -40.03 -19.29
C MET B 699 -22.68 -40.17 -20.79
N ILE B 700 -21.66 -39.50 -21.31
CA ILE B 700 -21.49 -39.38 -22.74
C ILE B 700 -20.45 -40.40 -23.19
N ALA B 701 -20.82 -41.27 -24.12
CA ALA B 701 -19.86 -42.16 -24.75
C ALA B 701 -19.06 -41.38 -25.79
N MET B 702 -17.76 -41.65 -25.84
CA MET B 702 -16.89 -40.84 -26.68
C MET B 702 -17.06 -41.20 -28.16
N THR B 703 -17.15 -42.48 -28.47
CA THR B 703 -17.35 -42.96 -29.82
C THR B 703 -18.43 -44.03 -29.81
N PRO B 704 -19.07 -44.29 -30.95
CA PRO B 704 -20.09 -45.35 -31.01
C PRO B 704 -19.57 -46.72 -30.64
N GLU B 705 -18.26 -46.96 -30.73
CA GLU B 705 -17.72 -48.25 -30.32
C GLU B 705 -17.64 -48.38 -28.80
N ASP B 706 -17.47 -47.27 -28.09
CA ASP B 706 -17.40 -47.35 -26.63
C ASP B 706 -18.69 -47.85 -26.01
N LEU B 707 -19.80 -47.86 -26.76
CA LEU B 707 -21.06 -48.36 -26.22
C LEU B 707 -21.03 -49.85 -25.90
N GLN B 708 -20.09 -50.60 -26.48
CA GLN B 708 -19.94 -52.02 -26.19
C GLN B 708 -18.49 -52.34 -25.87
N THR B 709 -18.30 -53.14 -24.82
CA THR B 709 -16.96 -53.58 -24.44
C THR B 709 -16.45 -54.61 -25.43
N ARG B 710 -15.24 -54.37 -25.95
CA ARG B 710 -14.59 -55.31 -26.86
C ARG B 710 -13.95 -56.46 -26.10
N SER B 711 -13.66 -57.52 -26.84
CA SER B 711 -13.11 -58.75 -26.27
C SER B 711 -11.69 -58.54 -25.77
N LEU B 719 -7.16 -57.42 -30.43
CA LEU B 719 -6.63 -56.16 -29.92
C LEU B 719 -5.10 -56.13 -29.98
N ASN B 720 -4.48 -55.80 -28.85
CA ASN B 720 -3.04 -55.96 -28.64
C ASN B 720 -2.23 -55.26 -29.73
N ASP B 721 -2.76 -54.15 -30.24
CA ASP B 721 -2.14 -53.42 -31.34
C ASP B 721 -1.15 -52.41 -30.76
N THR B 722 0.15 -52.66 -30.98
CA THR B 722 1.20 -51.78 -30.48
C THR B 722 1.21 -50.42 -31.15
N ALA B 723 0.44 -50.23 -32.23
CA ALA B 723 0.42 -48.96 -32.95
C ALA B 723 -0.78 -48.09 -32.60
N LYS B 724 -1.99 -48.64 -32.67
CA LYS B 724 -3.18 -47.87 -32.32
C LYS B 724 -3.20 -47.57 -30.82
N ARG B 725 -3.65 -46.37 -30.47
CA ARG B 725 -3.62 -45.94 -29.08
C ARG B 725 -4.62 -46.72 -28.23
N ILE B 726 -4.20 -47.04 -27.01
CA ILE B 726 -5.01 -47.86 -26.10
C ILE B 726 -6.23 -47.06 -25.67
N LYS B 727 -7.40 -47.47 -26.13
CA LYS B 727 -8.63 -46.89 -25.61
C LYS B 727 -8.77 -47.26 -24.14
N PRO B 728 -9.12 -46.31 -23.28
CA PRO B 728 -8.89 -46.51 -21.84
C PRO B 728 -9.61 -47.74 -21.31
N GLU B 729 -9.01 -48.37 -20.30
CA GLU B 729 -9.50 -49.64 -19.79
C GLU B 729 -10.93 -49.51 -19.28
N MET B 730 -11.17 -48.55 -18.39
CA MET B 730 -12.48 -48.36 -17.77
C MET B 730 -12.98 -49.68 -17.17
N SER B 731 -12.31 -50.07 -16.08
CA SER B 731 -12.54 -51.34 -15.42
C SER B 731 -13.27 -51.21 -14.09
N THR B 732 -13.28 -50.02 -13.49
CA THR B 732 -13.83 -49.88 -12.16
C THR B 732 -15.34 -50.15 -12.16
N SER B 733 -16.01 -49.76 -13.24
CA SER B 733 -17.46 -49.77 -13.30
C SER B 733 -17.91 -51.06 -13.95
N SER B 734 -18.82 -51.77 -13.30
CA SER B 734 -19.23 -53.09 -13.77
C SER B 734 -20.02 -52.98 -15.06
N HIS B 735 -21.03 -52.11 -15.09
CA HIS B 735 -21.94 -52.01 -16.22
C HIS B 735 -22.21 -50.53 -16.50
N HIS B 736 -21.88 -50.08 -17.71
CA HIS B 736 -22.11 -48.69 -18.07
C HIS B 736 -23.52 -48.49 -18.62
N THR B 737 -24.16 -47.42 -18.17
CA THR B 737 -25.47 -46.98 -18.65
C THR B 737 -25.30 -45.62 -19.33
N PHE B 738 -24.97 -45.65 -20.61
CA PHE B 738 -24.76 -44.42 -21.37
C PHE B 738 -26.09 -43.78 -21.75
N THR B 739 -26.10 -42.45 -21.74
CA THR B 739 -27.26 -41.68 -22.16
C THR B 739 -27.02 -40.89 -23.43
N HIS B 740 -25.77 -40.66 -23.80
CA HIS B 740 -25.44 -39.84 -24.96
C HIS B 740 -24.12 -40.32 -25.54
N CYS B 741 -23.89 -39.94 -26.79
CA CYS B 741 -22.65 -40.22 -27.50
C CYS B 741 -22.22 -38.97 -28.23
N GLU B 742 -20.92 -38.72 -28.29
CA GLU B 742 -20.43 -37.64 -29.11
C GLU B 742 -20.70 -37.95 -30.58
N ILE B 743 -21.10 -36.94 -31.34
CA ILE B 743 -21.26 -37.11 -32.77
C ILE B 743 -19.90 -37.37 -33.41
N HIS B 744 -18.93 -36.53 -33.10
CA HIS B 744 -17.54 -36.80 -33.39
C HIS B 744 -16.70 -35.99 -32.42
N PRO B 745 -15.69 -36.62 -31.80
CA PRO B 745 -14.90 -35.90 -30.79
C PRO B 745 -14.12 -34.71 -31.31
N SER B 746 -13.81 -34.64 -32.60
CA SER B 746 -13.09 -33.49 -33.11
C SER B 746 -13.92 -32.20 -33.09
N MET B 747 -15.23 -32.29 -32.87
CA MET B 747 -16.11 -31.14 -32.82
C MET B 747 -15.93 -30.27 -31.58
N ILE B 748 -15.15 -30.72 -30.60
CA ILE B 748 -14.87 -29.89 -29.44
C ILE B 748 -14.02 -28.69 -29.82
N LEU B 749 -13.27 -28.77 -30.92
CA LEU B 749 -12.44 -27.68 -31.39
C LEU B 749 -13.30 -26.63 -32.09
N GLY B 750 -12.75 -25.43 -32.22
CA GLY B 750 -13.44 -24.33 -32.87
C GLY B 750 -13.02 -24.18 -34.32
N VAL B 751 -13.27 -23.00 -34.86
CA VAL B 751 -12.98 -22.76 -36.27
C VAL B 751 -11.47 -22.78 -36.54
N ALA B 752 -10.70 -22.08 -35.72
CA ALA B 752 -9.27 -21.96 -35.99
C ALA B 752 -8.51 -23.24 -35.65
N ALA B 753 -8.92 -23.92 -34.58
CA ALA B 753 -8.26 -25.17 -34.21
C ALA B 753 -8.60 -26.30 -35.16
N SER B 754 -9.65 -26.14 -35.98
CA SER B 754 -10.07 -27.21 -36.88
C SER B 754 -9.18 -27.33 -38.10
N ILE B 755 -8.34 -26.33 -38.37
CA ILE B 755 -7.42 -26.43 -39.49
C ILE B 755 -6.27 -27.35 -39.16
N ILE B 756 -5.94 -27.50 -37.89
CA ILE B 756 -4.74 -28.23 -37.48
C ILE B 756 -4.88 -29.70 -37.84
N PRO B 757 -3.90 -30.31 -38.52
CA PRO B 757 -3.93 -31.75 -38.77
C PRO B 757 -3.28 -32.53 -37.63
N PHE B 758 -3.96 -33.56 -37.14
CA PHE B 758 -3.52 -34.35 -36.00
C PHE B 758 -3.22 -33.48 -34.77
N PRO B 759 -4.18 -32.67 -34.31
CA PRO B 759 -3.91 -31.85 -33.13
C PRO B 759 -3.72 -32.65 -31.87
N ASP B 760 -4.09 -33.93 -31.86
CA ASP B 760 -3.88 -34.80 -30.71
C ASP B 760 -2.47 -35.35 -30.62
N HIS B 761 -1.58 -34.93 -31.52
CA HIS B 761 -0.18 -35.31 -31.45
C HIS B 761 0.71 -34.14 -31.07
N ASN B 762 0.13 -33.03 -30.61
CA ASN B 762 0.85 -31.82 -30.27
C ASN B 762 0.65 -31.52 -28.79
N GLN B 763 1.63 -30.88 -28.18
CA GLN B 763 1.42 -30.26 -26.89
C GLN B 763 0.55 -29.02 -27.04
N SER B 764 -0.37 -28.84 -26.08
CA SER B 764 -1.44 -27.86 -26.25
C SER B 764 -0.97 -26.42 -26.51
N PRO B 765 0.12 -25.91 -25.92
CA PRO B 765 0.54 -24.55 -26.27
C PRO B 765 0.79 -24.36 -27.76
N ARG B 766 1.27 -25.40 -28.46
CA ARG B 766 1.49 -25.25 -29.89
C ARG B 766 0.16 -25.18 -30.65
N ASN B 767 -0.84 -25.93 -30.21
CA ASN B 767 -2.16 -25.80 -30.79
C ASN B 767 -2.73 -24.40 -30.57
N THR B 768 -2.51 -23.84 -29.38
CA THR B 768 -2.94 -22.46 -29.12
C THR B 768 -2.22 -21.46 -30.02
N TYR B 769 -0.91 -21.62 -30.18
CA TYR B 769 -0.18 -20.70 -31.05
C TYR B 769 -0.67 -20.79 -32.48
N GLN B 770 -0.96 -21.99 -32.97
CA GLN B 770 -1.52 -22.11 -34.31
C GLN B 770 -2.91 -21.50 -34.39
N SER B 771 -3.74 -21.71 -33.38
CA SER B 771 -5.06 -21.07 -33.37
C SER B 771 -4.95 -19.55 -33.47
N ALA B 772 -3.92 -18.98 -32.86
CA ALA B 772 -3.71 -17.53 -32.98
C ALA B 772 -3.16 -17.16 -34.35
N MET B 773 -2.19 -17.90 -34.85
CA MET B 773 -1.41 -17.54 -36.02
C MET B 773 -2.14 -17.83 -37.33
N GLY B 774 -3.06 -18.79 -37.35
CA GLY B 774 -3.78 -19.12 -38.56
C GLY B 774 -4.71 -18.03 -39.04
N LYS B 775 -5.09 -17.14 -38.12
CA LYS B 775 -5.89 -15.96 -38.44
C LYS B 775 -5.07 -14.88 -39.14
N GLN B 776 -3.75 -14.98 -39.13
CA GLN B 776 -2.87 -14.03 -39.81
C GLN B 776 -2.32 -14.55 -41.12
N ALA B 777 -2.97 -15.55 -41.71
CA ALA B 777 -2.43 -16.25 -42.87
C ALA B 777 -3.07 -15.75 -44.15
N MET B 778 -2.22 -15.36 -45.11
CA MET B 778 -2.68 -14.83 -46.38
C MET B 778 -3.43 -15.88 -47.18
N GLY B 779 -4.62 -15.52 -47.66
CA GLY B 779 -5.40 -16.40 -48.49
C GLY B 779 -6.26 -15.62 -49.46
N VAL B 780 -7.52 -16.01 -49.58
CA VAL B 780 -8.51 -15.27 -50.37
C VAL B 780 -9.70 -15.08 -49.45
N PHE B 781 -9.81 -13.89 -48.85
CA PHE B 781 -10.87 -13.67 -47.88
C PHE B 781 -12.25 -13.72 -48.52
N LEU B 782 -12.39 -13.15 -49.73
CA LEU B 782 -13.65 -13.23 -50.45
C LEU B 782 -13.34 -13.29 -51.93
N THR B 783 -14.30 -13.79 -52.70
CA THR B 783 -14.15 -13.87 -54.15
C THR B 783 -14.48 -12.56 -54.86
N ASN B 784 -15.11 -11.62 -54.18
CA ASN B 784 -15.40 -10.31 -54.76
C ASN B 784 -14.45 -9.23 -54.27
N TYR B 785 -13.20 -9.61 -53.99
CA TYR B 785 -12.23 -8.66 -53.48
C TYR B 785 -11.91 -7.56 -54.48
N ASN B 786 -12.32 -7.73 -55.74
CA ASN B 786 -11.98 -6.78 -56.78
C ASN B 786 -13.03 -5.70 -56.94
N VAL B 787 -14.23 -5.88 -56.39
CA VAL B 787 -15.26 -4.86 -56.39
C VAL B 787 -15.46 -4.27 -54.99
N ARG B 788 -14.62 -4.63 -54.05
CA ARG B 788 -14.64 -4.08 -52.70
C ARG B 788 -13.50 -3.09 -52.54
N MET B 789 -13.68 -2.12 -51.64
CA MET B 789 -12.69 -1.08 -51.40
C MET B 789 -12.41 -1.02 -49.90
N ASP B 790 -11.37 -1.74 -49.46
CA ASP B 790 -10.98 -1.81 -48.07
C ASP B 790 -9.61 -1.18 -47.85
N THR B 791 -9.32 -0.84 -46.60
CA THR B 791 -8.07 -0.18 -46.27
C THR B 791 -6.87 -1.04 -46.66
N MET B 792 -6.98 -2.35 -46.44
CA MET B 792 -5.89 -3.28 -46.71
C MET B 792 -6.50 -4.62 -47.13
N ALA B 793 -5.85 -5.29 -48.06
CA ALA B 793 -6.27 -6.61 -48.49
C ALA B 793 -5.07 -7.37 -49.03
N ASN B 794 -4.99 -8.65 -48.70
CA ASN B 794 -3.92 -9.53 -49.17
C ASN B 794 -4.55 -10.76 -49.81
N ILE B 795 -4.09 -11.06 -51.02
CA ILE B 795 -4.56 -12.21 -51.77
C ILE B 795 -3.36 -13.02 -52.20
N LEU B 796 -3.35 -14.31 -51.87
CA LEU B 796 -2.30 -15.21 -52.32
C LEU B 796 -2.45 -15.42 -53.82
N TYR B 797 -1.31 -15.40 -54.53
CA TYR B 797 -1.35 -15.65 -55.97
C TYR B 797 -1.95 -17.00 -56.29
N TYR B 798 -1.41 -18.06 -55.69
CA TYR B 798 -1.70 -19.43 -56.10
C TYR B 798 -2.08 -20.24 -54.88
N PRO B 799 -3.26 -20.01 -54.31
CA PRO B 799 -3.67 -20.80 -53.16
C PRO B 799 -3.80 -22.27 -53.52
N GLN B 800 -3.42 -23.13 -52.59
CA GLN B 800 -3.49 -24.57 -52.76
C GLN B 800 -4.22 -25.18 -51.58
N LYS B 801 -5.08 -26.16 -51.86
CA LYS B 801 -5.67 -26.90 -50.76
C LYS B 801 -4.60 -27.81 -50.13
N PRO B 802 -4.73 -28.12 -48.85
CA PRO B 802 -3.71 -28.91 -48.17
C PRO B 802 -3.77 -30.38 -48.53
N LEU B 803 -2.58 -31.01 -48.55
CA LEU B 803 -2.51 -32.43 -48.83
C LEU B 803 -2.99 -33.26 -47.64
N ALA B 804 -2.82 -32.75 -46.43
CA ALA B 804 -3.36 -33.38 -45.23
C ALA B 804 -4.47 -32.49 -44.71
N LYS B 805 -5.69 -33.01 -44.66
CA LYS B 805 -6.87 -32.20 -44.46
C LYS B 805 -7.74 -32.82 -43.39
N THR B 806 -8.45 -31.98 -42.65
CA THR B 806 -9.42 -32.41 -41.67
C THR B 806 -10.81 -32.42 -42.26
N GLN B 807 -11.69 -33.24 -41.68
CA GLN B 807 -13.06 -33.31 -42.17
C GLN B 807 -13.78 -31.98 -42.00
N ALA B 808 -13.42 -31.20 -40.98
CA ALA B 808 -14.13 -29.96 -40.69
C ALA B 808 -13.91 -28.92 -41.79
N MET B 809 -12.79 -29.02 -42.49
CA MET B 809 -12.50 -27.99 -43.48
C MET B 809 -13.44 -28.07 -44.67
N GLU B 810 -14.16 -29.18 -44.83
CA GLU B 810 -15.20 -29.19 -45.84
C GLU B 810 -16.28 -28.17 -45.50
N TYR B 811 -16.51 -27.95 -44.20
CA TYR B 811 -17.48 -26.98 -43.74
C TYR B 811 -16.90 -25.60 -43.53
N LEU B 812 -15.57 -25.50 -43.44
CA LEU B 812 -14.96 -24.19 -43.26
C LEU B 812 -14.56 -23.55 -44.58
N LYS B 813 -14.75 -24.25 -45.70
CA LYS B 813 -14.39 -23.77 -47.04
C LYS B 813 -12.90 -23.54 -47.20
N PHE B 814 -12.07 -24.19 -46.38
CA PHE B 814 -10.64 -23.95 -46.50
C PHE B 814 -10.11 -24.53 -47.80
N ARG B 815 -10.78 -25.56 -48.34
CA ARG B 815 -10.38 -26.08 -49.64
C ARG B 815 -10.96 -25.28 -50.79
N GLU B 816 -11.97 -24.45 -50.54
CA GLU B 816 -12.49 -23.59 -51.60
C GLU B 816 -11.77 -22.26 -51.64
N LEU B 817 -11.33 -21.76 -50.48
CA LEU B 817 -10.59 -20.51 -50.38
C LEU B 817 -9.36 -20.72 -49.50
N PRO B 818 -8.37 -21.46 -49.99
CA PRO B 818 -7.22 -21.81 -49.14
C PRO B 818 -6.36 -20.59 -48.83
N ALA B 819 -5.56 -20.73 -47.79
CA ALA B 819 -4.70 -19.68 -47.27
C ALA B 819 -3.31 -20.20 -47.01
N GLY B 820 -2.75 -20.92 -47.97
CA GLY B 820 -1.42 -21.49 -47.81
C GLY B 820 -1.02 -22.22 -49.06
N GLN B 821 0.15 -22.83 -49.00
CA GLN B 821 0.69 -23.61 -50.11
C GLN B 821 1.43 -24.82 -49.58
N ASN B 822 1.31 -25.93 -50.27
CA ASN B 822 2.04 -27.15 -49.91
C ASN B 822 3.46 -27.04 -50.40
N ALA B 823 4.37 -26.63 -49.51
CA ALA B 823 5.78 -26.60 -49.84
C ALA B 823 6.41 -27.96 -49.56
N ILE B 824 7.51 -28.24 -50.25
CA ILE B 824 8.33 -29.40 -49.97
C ILE B 824 9.35 -29.02 -48.91
N VAL B 825 9.32 -29.70 -47.77
CA VAL B 825 10.09 -29.32 -46.59
C VAL B 825 11.06 -30.44 -46.24
N ALA B 826 12.34 -30.10 -46.11
CA ALA B 826 13.31 -30.99 -45.49
C ALA B 826 13.61 -30.51 -44.07
N ILE B 827 13.86 -31.48 -43.17
CA ILE B 827 14.25 -31.20 -41.81
C ILE B 827 15.72 -31.59 -41.70
N ALA B 828 16.60 -30.59 -41.69
CA ALA B 828 18.03 -30.86 -41.72
C ALA B 828 18.77 -29.67 -41.11
N CYS B 829 19.95 -29.95 -40.57
CA CYS B 829 20.90 -28.90 -40.21
C CYS B 829 21.78 -28.65 -41.42
N TYR B 830 21.21 -27.95 -42.41
CA TYR B 830 21.89 -27.90 -43.70
C TYR B 830 23.11 -26.98 -43.66
N SER B 831 22.91 -25.68 -43.47
CA SER B 831 24.03 -24.75 -43.47
C SER B 831 24.13 -23.91 -42.21
N GLY B 832 23.21 -24.06 -41.27
CA GLY B 832 23.23 -23.29 -40.05
C GLY B 832 22.42 -22.02 -40.09
N TYR B 833 21.75 -21.73 -41.20
CA TYR B 833 20.93 -20.55 -41.34
C TYR B 833 19.47 -20.79 -40.98
N ASN B 834 19.15 -21.97 -40.48
CA ASN B 834 17.79 -22.28 -40.07
C ASN B 834 17.68 -22.54 -38.58
N GLN B 835 18.64 -22.05 -37.79
CA GLN B 835 18.63 -22.32 -36.36
C GLN B 835 17.75 -21.33 -35.61
N GLU B 836 17.24 -21.77 -34.46
CA GLU B 836 16.42 -20.95 -33.58
C GLU B 836 15.21 -20.38 -34.31
N ASP B 837 14.46 -21.27 -34.96
CA ASP B 837 13.25 -20.95 -35.71
C ASP B 837 13.52 -20.06 -36.92
N SER B 838 14.72 -20.07 -37.45
CA SER B 838 14.92 -19.60 -38.81
C SER B 838 14.62 -20.74 -39.78
N MET B 839 14.66 -20.44 -41.07
CA MET B 839 14.21 -21.41 -42.07
C MET B 839 14.69 -20.98 -43.44
N ILE B 840 15.26 -21.92 -44.18
CA ILE B 840 15.81 -21.66 -45.50
C ILE B 840 14.73 -21.95 -46.53
N MET B 841 14.56 -21.05 -47.49
CA MET B 841 13.55 -21.21 -48.52
C MET B 841 14.24 -21.17 -49.88
N ASN B 842 13.67 -21.91 -50.83
CA ASN B 842 14.24 -22.00 -52.17
C ASN B 842 13.97 -20.70 -52.92
N GLN B 843 15.02 -20.07 -53.43
CA GLN B 843 14.86 -18.86 -54.21
C GLN B 843 14.19 -19.16 -55.53
N SER B 844 14.49 -20.31 -56.14
CA SER B 844 13.87 -20.66 -57.41
C SER B 844 12.37 -20.88 -57.23
N SER B 845 11.95 -21.53 -56.14
CA SER B 845 10.52 -21.69 -55.89
C SER B 845 9.84 -20.35 -55.68
N ILE B 846 10.51 -19.41 -55.02
CA ILE B 846 9.97 -18.05 -54.91
C ILE B 846 9.85 -17.42 -56.29
N ASP B 847 10.85 -17.65 -57.14
CA ASP B 847 10.84 -17.11 -58.48
C ASP B 847 9.71 -17.69 -59.33
N ARG B 848 9.27 -18.90 -59.02
CA ARG B 848 8.19 -19.52 -59.77
C ARG B 848 6.82 -19.24 -59.17
N GLY B 849 6.75 -18.48 -58.07
CA GLY B 849 5.48 -18.00 -57.56
C GLY B 849 5.05 -18.54 -56.22
N LEU B 850 5.93 -19.18 -55.47
CA LEU B 850 5.57 -19.75 -54.18
C LEU B 850 5.36 -18.65 -53.14
N PHE B 851 4.20 -18.66 -52.48
CA PHE B 851 3.87 -17.72 -51.41
C PHE B 851 3.93 -16.27 -51.87
N ARG B 852 3.51 -16.02 -53.11
CA ARG B 852 3.45 -14.69 -53.68
C ARG B 852 2.05 -14.13 -53.46
N SER B 853 1.95 -12.85 -53.09
CA SER B 853 0.66 -12.29 -52.76
C SER B 853 0.48 -10.87 -53.28
N LEU B 854 -0.77 -10.55 -53.61
CA LEU B 854 -1.20 -9.21 -53.98
C LEU B 854 -1.59 -8.42 -52.73
N PHE B 855 -1.37 -7.11 -52.79
CA PHE B 855 -1.74 -6.22 -51.69
C PHE B 855 -2.55 -5.05 -52.25
N PHE B 856 -3.66 -4.71 -51.59
CA PHE B 856 -4.51 -3.61 -52.00
C PHE B 856 -4.67 -2.64 -50.83
N ARG B 857 -4.32 -1.38 -51.05
CA ARG B 857 -4.55 -0.32 -50.07
C ARG B 857 -5.48 0.73 -50.67
N SER B 858 -6.50 1.13 -49.92
CA SER B 858 -7.47 2.12 -50.37
C SER B 858 -7.41 3.36 -49.49
N TYR B 859 -7.20 4.52 -50.12
CA TYR B 859 -7.26 5.80 -49.44
C TYR B 859 -8.59 6.47 -49.72
N MET B 860 -9.08 7.21 -48.73
CA MET B 860 -10.38 7.86 -48.82
C MET B 860 -10.20 9.34 -48.52
N ASP B 861 -11.09 10.16 -49.10
CA ASP B 861 -11.12 11.60 -48.88
C ASP B 861 -12.42 12.14 -49.46
N GLN B 862 -12.87 13.25 -48.90
CA GLN B 862 -14.11 13.88 -49.36
C GLN B 862 -14.01 15.38 -49.14
N GLU B 863 -15.05 16.09 -49.59
CA GLU B 863 -15.13 17.53 -49.45
C GLU B 863 -16.08 17.86 -48.29
N LYS B 864 -15.66 18.76 -47.43
CA LYS B 864 -16.48 19.19 -46.30
C LYS B 864 -17.11 20.54 -46.64
N ARG B 865 -18.14 20.90 -45.88
CA ARG B 865 -18.80 22.19 -46.04
C ARG B 865 -18.61 22.97 -44.75
N PHE B 866 -17.75 23.98 -44.78
CA PHE B 866 -17.45 24.82 -43.63
C PHE B 866 -18.40 26.01 -43.49
N GLY B 867 -19.41 26.13 -44.35
CA GLY B 867 -20.30 27.27 -44.28
C GLY B 867 -21.35 27.31 -45.36
N ILE B 868 -21.52 28.48 -46.00
CA ILE B 868 -22.50 28.65 -47.05
C ILE B 868 -21.86 28.34 -48.40
N SER B 869 -20.86 29.15 -48.78
CA SER B 869 -20.15 28.97 -50.02
C SER B 869 -18.69 28.60 -49.80
N ILE B 870 -18.33 28.20 -48.59
CA ILE B 870 -16.98 27.77 -48.26
C ILE B 870 -16.99 26.25 -48.20
N VAL B 871 -16.32 25.62 -49.15
CA VAL B 871 -16.21 24.16 -49.26
C VAL B 871 -14.83 23.84 -49.79
N GLU B 872 -14.46 22.57 -49.71
CA GLU B 872 -13.23 22.11 -50.31
C GLU B 872 -13.48 21.67 -51.75
N GLU B 873 -12.40 21.46 -52.49
CA GLU B 873 -12.50 21.10 -53.90
C GLU B 873 -11.39 20.12 -54.23
N PHE B 874 -11.74 19.11 -55.03
CA PHE B 874 -10.73 18.27 -55.64
C PHE B 874 -10.18 18.96 -56.88
N GLU B 875 -8.88 19.25 -56.87
CA GLU B 875 -8.25 20.02 -57.93
C GLU B 875 -6.76 19.96 -57.74
N LYS B 876 -6.03 19.97 -58.84
CA LYS B 876 -4.58 20.03 -58.75
C LYS B 876 -4.19 21.41 -58.26
N PRO B 877 -3.52 21.53 -57.12
CA PRO B 877 -3.25 22.86 -56.54
C PRO B 877 -2.04 23.48 -57.21
N THR B 878 -2.27 24.58 -57.92
CA THR B 878 -1.19 25.34 -58.50
C THR B 878 -0.43 26.10 -57.42
N ARG B 879 0.88 26.25 -57.64
CA ARG B 879 1.76 26.84 -56.63
C ARG B 879 1.40 28.29 -56.35
N ALA B 880 0.99 29.03 -57.38
CA ALA B 880 0.75 30.46 -57.21
C ALA B 880 -0.37 30.74 -56.21
N THR B 881 -1.54 30.10 -56.40
CA THR B 881 -2.70 30.38 -55.56
C THR B 881 -2.72 29.57 -54.27
N THR B 882 -1.81 28.63 -54.08
CA THR B 882 -1.82 27.75 -52.91
C THR B 882 -0.55 27.92 -52.10
N LEU B 883 -0.63 27.56 -50.83
CA LEU B 883 0.51 27.61 -49.93
C LEU B 883 0.59 26.32 -49.11
N ARG B 884 1.75 26.12 -48.47
CA ARG B 884 2.02 24.94 -47.64
C ARG B 884 1.89 23.62 -48.41
N LEU B 885 2.21 23.63 -49.70
CA LEU B 885 2.14 22.43 -50.51
C LEU B 885 3.09 21.35 -50.00
N LYS B 886 2.63 20.09 -50.07
CA LYS B 886 3.41 18.97 -49.61
C LYS B 886 4.71 18.85 -50.41
N HIS B 887 5.67 18.11 -49.85
CA HIS B 887 6.97 17.94 -50.48
C HIS B 887 6.98 16.87 -51.56
N GLY B 888 5.87 16.17 -51.77
CA GLY B 888 5.79 15.21 -52.84
C GLY B 888 5.55 15.89 -54.16
N THR B 889 5.49 15.08 -55.21
CA THR B 889 5.26 15.59 -56.55
C THR B 889 3.78 15.59 -56.86
N TYR B 890 3.34 16.64 -57.57
CA TYR B 890 1.95 16.79 -57.96
C TYR B 890 1.76 16.53 -59.44
N GLU B 891 2.81 16.13 -60.15
CA GLU B 891 2.79 16.04 -61.60
C GLU B 891 2.01 14.84 -62.10
N LYS B 892 1.40 14.07 -61.21
CA LYS B 892 0.66 12.88 -61.60
C LYS B 892 -0.85 13.08 -61.60
N LEU B 893 -1.33 14.17 -61.00
CA LEU B 893 -2.77 14.42 -60.96
C LEU B 893 -3.26 14.94 -62.31
N ASP B 894 -4.42 14.46 -62.73
CA ASP B 894 -5.12 15.03 -63.88
C ASP B 894 -5.70 16.38 -63.49
N GLU B 895 -6.41 17.00 -64.44
CA GLU B 895 -6.97 18.33 -64.19
C GLU B 895 -8.09 18.31 -63.15
N ASP B 896 -8.59 17.14 -62.76
CA ASP B 896 -9.66 17.05 -61.78
C ASP B 896 -9.14 16.79 -60.36
N GLY B 897 -7.83 16.86 -60.16
CA GLY B 897 -7.25 16.58 -58.87
C GLY B 897 -7.16 15.13 -58.50
N LEU B 898 -7.40 14.22 -59.45
CA LEU B 898 -7.36 12.79 -59.20
C LEU B 898 -6.35 12.13 -60.11
N ILE B 899 -5.61 11.17 -59.56
CA ILE B 899 -4.67 10.41 -60.37
C ILE B 899 -5.43 9.35 -61.16
N ALA B 900 -4.80 8.86 -62.24
CA ALA B 900 -5.63 7.90 -62.95
C ALA B 900 -5.17 6.47 -62.66
N PRO B 901 -6.08 5.50 -62.71
CA PRO B 901 -5.66 4.09 -62.55
C PRO B 901 -4.72 3.68 -63.68
N GLY B 902 -3.71 2.89 -63.33
CA GLY B 902 -2.73 2.46 -64.30
C GLY B 902 -1.41 3.21 -64.21
N VAL B 903 -1.27 4.12 -63.26
CA VAL B 903 -0.11 4.99 -63.13
C VAL B 903 0.76 4.47 -62.00
N ARG B 904 2.06 4.34 -62.26
CA ARG B 904 2.99 3.96 -61.21
C ARG B 904 3.12 5.09 -60.20
N VAL B 905 3.12 4.73 -58.92
CA VAL B 905 3.18 5.68 -57.81
C VAL B 905 4.26 5.23 -56.83
N SER B 906 5.06 6.16 -56.36
CA SER B 906 6.07 5.90 -55.35
C SER B 906 5.62 6.50 -54.02
N GLY B 907 6.46 6.34 -53.00
CA GLY B 907 6.16 6.92 -51.71
C GLY B 907 6.23 8.44 -51.75
N ASP B 908 5.41 9.08 -50.91
CA ASP B 908 5.28 10.52 -50.76
C ASP B 908 4.58 11.18 -51.94
N ASP B 909 4.12 10.42 -52.93
CA ASP B 909 3.42 11.00 -54.06
C ASP B 909 1.95 11.26 -53.73
N ILE B 910 1.44 12.36 -54.26
CA ILE B 910 0.05 12.77 -54.01
C ILE B 910 -0.87 11.99 -54.93
N ILE B 911 -1.94 11.42 -54.35
CA ILE B 911 -2.93 10.71 -55.15
C ILE B 911 -4.28 11.39 -55.16
N ILE B 912 -4.55 12.29 -54.21
CA ILE B 912 -5.80 13.06 -54.20
C ILE B 912 -5.44 14.49 -53.83
N GLY B 913 -5.55 15.40 -54.80
CA GLY B 913 -5.31 16.80 -54.56
C GLY B 913 -6.58 17.48 -54.06
N LYS B 914 -6.44 18.25 -52.98
CA LYS B 914 -7.58 18.93 -52.40
C LYS B 914 -7.10 20.24 -51.79
N THR B 915 -7.95 21.27 -51.91
CA THR B 915 -7.68 22.60 -51.39
C THR B 915 -8.78 23.03 -50.42
N THR B 916 -8.37 23.68 -49.34
CA THR B 916 -9.29 24.25 -48.37
C THR B 916 -9.19 25.78 -48.43
N PRO B 917 -10.28 26.50 -48.65
CA PRO B 917 -10.18 27.95 -48.83
C PRO B 917 -9.74 28.66 -47.57
N ILE B 918 -9.05 29.78 -47.77
CA ILE B 918 -8.60 30.64 -46.67
C ILE B 918 -9.74 31.59 -46.33
N PRO B 919 -10.21 31.62 -45.07
CA PRO B 919 -11.25 32.57 -44.69
C PRO B 919 -10.71 34.00 -44.76
N PRO B 920 -11.61 35.00 -44.82
CA PRO B 920 -11.19 36.40 -44.91
C PRO B 920 -10.60 36.94 -43.60
N TYR B 931 -4.09 38.15 -54.44
CA TYR B 931 -4.65 36.80 -54.52
C TYR B 931 -4.10 35.88 -53.44
N HIS B 932 -3.76 34.65 -53.84
CA HIS B 932 -3.00 33.71 -53.02
C HIS B 932 -3.75 33.39 -51.72
N THR B 933 -4.95 32.83 -51.90
CA THR B 933 -5.90 32.68 -50.81
C THR B 933 -6.31 31.22 -50.58
N LYS B 934 -5.44 30.25 -50.86
CA LYS B 934 -5.83 28.86 -50.65
C LYS B 934 -4.71 28.07 -49.99
N ARG B 935 -5.10 27.15 -49.10
CA ARG B 935 -4.21 26.14 -48.55
C ARG B 935 -4.62 24.76 -49.07
N ASP B 936 -3.66 23.83 -49.08
CA ASP B 936 -3.91 22.51 -49.62
C ASP B 936 -4.21 21.53 -48.51
N ALA B 937 -5.02 20.52 -48.83
CA ALA B 937 -5.36 19.43 -47.92
C ALA B 937 -5.26 18.10 -48.66
N SER B 938 -4.17 17.94 -49.40
CA SER B 938 -3.99 16.81 -50.29
C SER B 938 -3.56 15.57 -49.51
N THR B 939 -3.91 14.40 -50.04
CA THR B 939 -3.59 13.15 -49.37
C THR B 939 -2.41 12.52 -50.11
N PRO B 940 -1.23 12.47 -49.51
CA PRO B 940 -0.11 11.77 -50.15
C PRO B 940 -0.18 10.26 -49.93
N LEU B 941 0.64 9.55 -50.69
CA LEU B 941 0.89 8.15 -50.43
C LEU B 941 1.79 7.94 -49.21
N ARG B 942 1.63 6.78 -48.57
CA ARG B 942 2.46 6.43 -47.42
C ARG B 942 3.93 6.39 -47.80
N SER B 943 4.78 6.92 -46.92
CA SER B 943 6.20 7.08 -47.23
C SER B 943 6.92 5.77 -47.48
N THR B 944 6.34 4.63 -47.07
CA THR B 944 7.02 3.36 -47.21
C THR B 944 6.65 2.59 -48.49
N GLU B 945 5.45 2.77 -49.01
CA GLU B 945 4.89 1.85 -49.99
C GLU B 945 5.09 2.32 -51.43
N ASN B 946 5.39 1.37 -52.31
CA ASN B 946 5.35 1.55 -53.74
C ASN B 946 4.05 0.95 -54.26
N GLY B 947 3.87 0.92 -55.57
CA GLY B 947 2.75 0.19 -56.13
C GLY B 947 2.19 0.87 -57.36
N ILE B 948 1.01 0.40 -57.77
CA ILE B 948 0.33 0.86 -58.98
C ILE B 948 -1.13 1.14 -58.67
N VAL B 949 -1.62 2.29 -59.10
CA VAL B 949 -3.01 2.63 -58.85
C VAL B 949 -3.92 1.66 -59.60
N ASP B 950 -4.95 1.18 -58.90
CA ASP B 950 -5.83 0.14 -59.44
C ASP B 950 -7.20 0.65 -59.82
N GLN B 951 -7.87 1.37 -58.92
CA GLN B 951 -9.29 1.67 -59.09
C GLN B 951 -9.58 2.98 -58.37
N VAL B 952 -9.71 4.07 -59.13
CA VAL B 952 -10.06 5.37 -58.55
C VAL B 952 -11.57 5.56 -58.65
N LEU B 953 -12.26 5.45 -57.53
CA LEU B 953 -13.70 5.62 -57.47
C LEU B 953 -14.06 7.06 -57.15
N LEU B 954 -15.22 7.49 -57.67
CA LEU B 954 -15.69 8.85 -57.43
C LEU B 954 -17.22 8.82 -57.33
N THR B 955 -17.75 9.31 -56.21
CA THR B 955 -19.20 9.38 -55.96
C THR B 955 -19.47 10.57 -55.05
N THR B 956 -20.66 10.61 -54.46
CA THR B 956 -21.02 11.62 -53.48
C THR B 956 -21.45 10.98 -52.18
N ASN B 957 -21.22 11.70 -51.09
CA ASN B 957 -21.41 11.17 -49.75
C ASN B 957 -22.89 11.31 -49.35
N GLN B 958 -23.17 11.12 -48.07
CA GLN B 958 -24.54 11.25 -47.58
C GLN B 958 -25.12 12.63 -47.86
N GLU B 959 -24.30 13.68 -47.80
CA GLU B 959 -24.79 15.04 -47.93
C GLU B 959 -24.62 15.61 -49.34
N GLY B 960 -24.30 14.77 -50.32
CA GLY B 960 -24.21 15.21 -51.70
C GLY B 960 -22.92 15.89 -52.10
N LEU B 961 -21.92 15.90 -51.23
CA LEU B 961 -20.63 16.47 -51.60
C LEU B 961 -19.74 15.38 -52.20
N LYS B 962 -18.78 15.81 -53.01
CA LYS B 962 -18.02 14.85 -53.80
C LYS B 962 -17.20 13.94 -52.89
N PHE B 963 -17.09 12.68 -53.29
CA PHE B 963 -16.52 11.61 -52.48
C PHE B 963 -15.62 10.79 -53.38
N VAL B 964 -14.43 10.47 -52.89
CA VAL B 964 -13.45 9.75 -53.69
C VAL B 964 -12.82 8.62 -52.87
N LYS B 965 -12.69 7.46 -53.49
CA LYS B 965 -11.96 6.32 -52.95
C LYS B 965 -10.97 5.88 -54.02
N VAL B 966 -9.71 5.67 -53.60
CA VAL B 966 -8.65 5.28 -54.51
C VAL B 966 -8.02 4.00 -53.99
N ARG B 967 -8.13 2.91 -54.75
CA ARG B 967 -7.54 1.64 -54.36
C ARG B 967 -6.23 1.49 -55.12
N MET B 968 -5.15 1.32 -54.38
CA MET B 968 -3.85 1.01 -54.93
C MET B 968 -3.61 -0.50 -54.95
N ARG B 969 -2.67 -0.93 -55.79
CA ARG B 969 -2.29 -2.33 -55.87
C ARG B 969 -0.77 -2.48 -55.88
N THR B 970 -0.29 -3.60 -55.36
CA THR B 970 1.12 -3.95 -55.37
C THR B 970 1.24 -5.45 -55.16
N THR B 971 2.46 -5.96 -55.34
CA THR B 971 2.77 -7.37 -55.16
C THR B 971 3.89 -7.51 -54.15
N LYS B 972 3.72 -8.44 -53.20
CA LYS B 972 4.72 -8.68 -52.16
C LYS B 972 5.32 -10.07 -52.38
N VAL B 973 6.62 -10.12 -52.60
CA VAL B 973 7.36 -11.35 -52.86
C VAL B 973 8.13 -11.74 -51.61
N PRO B 974 8.08 -13.01 -51.18
CA PRO B 974 8.77 -13.40 -49.94
C PRO B 974 10.26 -13.12 -50.00
N GLN B 975 10.81 -12.68 -48.88
CA GLN B 975 12.24 -12.39 -48.80
C GLN B 975 12.73 -12.73 -47.39
N ILE B 976 14.01 -12.41 -47.13
CA ILE B 976 14.59 -12.66 -45.82
C ILE B 976 13.86 -11.83 -44.77
N GLY B 977 13.41 -12.50 -43.72
CA GLY B 977 12.76 -11.82 -42.63
C GLY B 977 11.25 -11.89 -42.63
N ASP B 978 10.64 -12.47 -43.65
CA ASP B 978 9.22 -12.69 -43.66
C ASP B 978 8.88 -13.90 -42.79
N LYS B 979 7.69 -13.87 -42.20
CA LYS B 979 7.33 -14.83 -41.17
C LYS B 979 6.41 -15.87 -41.78
N PHE B 980 6.73 -17.13 -41.54
CA PHE B 980 6.00 -18.27 -42.07
C PHE B 980 5.77 -19.25 -40.95
N ALA B 981 4.71 -20.03 -41.10
CA ALA B 981 4.41 -21.04 -40.10
C ALA B 981 3.74 -22.22 -40.74
N SER B 982 3.92 -23.38 -40.11
CA SER B 982 3.10 -24.53 -40.41
C SER B 982 1.94 -24.55 -39.42
N ARG B 983 1.04 -25.51 -39.58
CA ARG B 983 -0.17 -25.55 -38.79
C ARG B 983 0.02 -26.21 -37.45
N HIS B 984 1.25 -26.26 -36.93
CA HIS B 984 1.52 -26.92 -35.66
C HIS B 984 2.35 -26.02 -34.74
N GLY B 985 2.10 -24.72 -34.80
CA GLY B 985 2.82 -23.82 -33.91
C GLY B 985 4.26 -23.60 -34.25
N GLN B 986 4.71 -24.05 -35.42
CA GLN B 986 6.12 -23.99 -35.80
C GLN B 986 6.30 -22.72 -36.65
N LYS B 987 6.42 -21.60 -35.97
CA LYS B 987 6.63 -20.34 -36.68
C LYS B 987 8.11 -20.07 -36.85
N GLY B 988 8.42 -19.28 -37.87
CA GLY B 988 9.79 -18.91 -38.11
C GLY B 988 9.89 -17.95 -39.27
N THR B 989 11.04 -17.29 -39.35
CA THR B 989 11.33 -16.34 -40.41
C THR B 989 12.39 -16.90 -41.34
N ILE B 990 12.40 -16.38 -42.56
CA ILE B 990 13.40 -16.81 -43.53
C ILE B 990 14.75 -16.23 -43.14
N GLY B 991 15.75 -17.10 -43.01
CA GLY B 991 17.09 -16.66 -42.70
C GLY B 991 17.90 -16.39 -43.94
N VAL B 992 17.73 -17.24 -44.95
CA VAL B 992 18.48 -17.11 -46.19
C VAL B 992 17.67 -17.77 -47.28
N THR B 993 18.00 -17.51 -48.53
CA THR B 993 17.42 -18.21 -49.67
C THR B 993 18.52 -18.81 -50.52
N TYR B 994 18.29 -20.02 -51.00
CA TYR B 994 19.21 -20.69 -51.90
C TYR B 994 18.50 -20.99 -53.20
N ARG B 995 19.28 -21.02 -54.29
CA ARG B 995 18.75 -21.29 -55.61
C ARG B 995 18.55 -22.81 -55.78
N HIS B 996 18.07 -23.20 -56.97
CA HIS B 996 17.76 -24.60 -57.21
C HIS B 996 19.01 -25.47 -57.09
N GLU B 997 20.13 -25.03 -57.66
CA GLU B 997 21.30 -25.86 -57.69
C GLU B 997 22.02 -25.94 -56.35
N ASP B 998 21.78 -24.98 -55.46
CA ASP B 998 22.43 -24.98 -54.15
C ASP B 998 21.68 -25.81 -53.11
N MET B 999 20.53 -26.18 -53.38
CA MET B 999 19.80 -26.85 -52.32
C MET B 999 20.10 -28.35 -52.36
N PRO B 1000 19.99 -29.07 -51.25
CA PRO B 1000 20.20 -30.51 -51.28
C PRO B 1000 19.11 -31.18 -52.10
N PHE B 1001 19.48 -32.26 -52.78
CA PHE B 1001 18.54 -32.95 -53.65
C PHE B 1001 18.53 -34.43 -53.36
N SER B 1002 17.38 -35.06 -53.58
CA SER B 1002 17.28 -36.50 -53.55
C SER B 1002 17.70 -37.07 -54.90
N ALA B 1003 17.84 -38.41 -54.94
CA ALA B 1003 18.30 -39.06 -56.15
C ALA B 1003 17.35 -38.85 -57.33
N GLU B 1004 16.09 -38.54 -57.07
CA GLU B 1004 15.16 -38.23 -58.15
C GLU B 1004 15.24 -36.79 -58.60
N GLY B 1005 16.13 -36.00 -58.00
CA GLY B 1005 16.24 -34.59 -58.33
C GLY B 1005 15.26 -33.69 -57.62
N ILE B 1006 14.42 -34.22 -56.73
CA ILE B 1006 13.51 -33.37 -55.98
C ILE B 1006 14.30 -32.53 -54.99
N VAL B 1007 14.05 -31.23 -54.96
CA VAL B 1007 14.70 -30.36 -53.99
C VAL B 1007 13.63 -29.71 -53.12
N PRO B 1008 13.95 -29.34 -51.89
CA PRO B 1008 12.94 -28.76 -51.00
C PRO B 1008 12.71 -27.29 -51.30
N ASP B 1009 11.46 -26.87 -51.11
CA ASP B 1009 11.16 -25.44 -51.05
C ASP B 1009 11.68 -24.81 -49.77
N LEU B 1010 11.93 -25.61 -48.74
CA LEU B 1010 12.05 -25.12 -47.37
C LEU B 1010 12.85 -26.10 -46.54
N ILE B 1011 13.80 -25.59 -45.76
CA ILE B 1011 14.60 -26.41 -44.87
C ILE B 1011 14.48 -25.84 -43.47
N ILE B 1012 13.83 -26.57 -42.58
CA ILE B 1012 13.71 -26.22 -41.18
C ILE B 1012 14.71 -27.05 -40.37
N ASN B 1013 14.97 -26.60 -39.14
CA ASN B 1013 16.00 -27.16 -38.27
C ASN B 1013 15.41 -28.28 -37.41
N PRO B 1014 16.15 -29.38 -37.26
CA PRO B 1014 15.67 -30.49 -36.43
C PRO B 1014 15.45 -30.13 -34.96
N HIS B 1015 16.14 -29.13 -34.46
CA HIS B 1015 16.06 -28.78 -33.04
C HIS B 1015 14.79 -28.10 -32.66
N ALA B 1016 13.77 -28.07 -33.50
CA ALA B 1016 12.50 -27.49 -33.12
C ALA B 1016 11.48 -28.54 -32.76
N ILE B 1017 11.76 -29.80 -33.07
CA ILE B 1017 10.83 -30.90 -32.78
C ILE B 1017 10.96 -31.39 -31.35
N PRO B 1018 12.17 -31.69 -30.82
CA PRO B 1018 12.23 -32.47 -29.57
C PRO B 1018 11.67 -31.77 -28.34
N SER B 1019 12.11 -30.55 -28.06
CA SER B 1019 11.63 -29.87 -26.87
C SER B 1019 10.25 -29.26 -27.04
N ARG B 1020 9.80 -29.07 -28.28
CA ARG B 1020 8.45 -28.60 -28.54
C ARG B 1020 7.46 -29.73 -28.69
N MET B 1021 7.95 -30.94 -28.98
CA MET B 1021 7.13 -32.13 -29.11
C MET B 1021 5.97 -31.90 -30.07
N THR B 1022 6.31 -31.44 -31.27
CA THR B 1022 5.34 -31.32 -32.35
C THR B 1022 5.44 -32.55 -33.26
N VAL B 1023 4.94 -33.67 -32.73
CA VAL B 1023 4.99 -34.91 -33.47
C VAL B 1023 4.02 -34.86 -34.64
N ALA B 1024 2.92 -34.14 -34.47
CA ALA B 1024 1.96 -33.98 -35.56
C ALA B 1024 2.58 -33.36 -36.79
N HIS B 1025 3.61 -32.53 -36.61
CA HIS B 1025 4.30 -31.95 -37.76
C HIS B 1025 4.92 -33.04 -38.63
N LEU B 1026 5.65 -33.97 -37.99
CA LEU B 1026 6.28 -35.05 -38.71
C LEU B 1026 5.25 -36.02 -39.29
N ILE B 1027 4.23 -36.36 -38.51
CA ILE B 1027 3.18 -37.24 -39.00
C ILE B 1027 2.50 -36.64 -40.22
N GLU B 1028 2.26 -35.33 -40.20
CA GLU B 1028 1.57 -34.68 -41.30
C GLU B 1028 2.47 -34.60 -42.52
N CYS B 1029 3.77 -34.39 -42.34
CA CYS B 1029 4.68 -34.49 -43.47
C CYS B 1029 4.65 -35.87 -44.11
N LEU B 1030 4.63 -36.92 -43.29
CA LEU B 1030 4.60 -38.28 -43.83
C LEU B 1030 3.29 -38.55 -44.58
N LEU B 1031 2.17 -38.20 -43.96
CA LEU B 1031 0.87 -38.38 -44.60
C LEU B 1031 0.77 -37.60 -45.90
N SER B 1032 1.30 -36.37 -45.92
CA SER B 1032 1.24 -35.56 -47.13
C SER B 1032 2.09 -36.19 -48.23
N LYS B 1033 3.27 -36.71 -47.89
CA LYS B 1033 4.08 -37.42 -48.87
C LYS B 1033 3.32 -38.59 -49.48
N VAL B 1034 2.69 -39.40 -48.63
CA VAL B 1034 1.94 -40.55 -49.14
C VAL B 1034 0.78 -40.11 -50.02
N GLY B 1035 0.04 -39.09 -49.58
CA GLY B 1035 -1.08 -38.60 -50.36
C GLY B 1035 -0.68 -38.05 -51.72
N SER B 1036 0.45 -37.33 -51.77
CA SER B 1036 0.90 -36.80 -53.05
C SER B 1036 1.41 -37.91 -53.95
N ILE B 1037 2.00 -38.96 -53.39
CA ILE B 1037 2.46 -40.08 -54.21
C ILE B 1037 1.28 -40.85 -54.77
N ARG B 1038 0.25 -41.11 -53.95
CA ARG B 1038 -0.88 -41.90 -54.39
C ARG B 1038 -2.01 -41.06 -54.98
N GLY B 1039 -1.83 -39.75 -55.05
CA GLY B 1039 -2.81 -38.87 -55.68
C GLY B 1039 -4.15 -38.74 -54.99
N TYR B 1040 -4.16 -38.57 -53.68
CA TYR B 1040 -5.37 -38.19 -52.96
C TYR B 1040 -4.95 -37.31 -51.79
N GLU B 1041 -5.93 -36.92 -50.98
CA GLU B 1041 -5.69 -36.08 -49.82
C GLU B 1041 -5.72 -36.97 -48.58
N GLY B 1042 -4.70 -36.85 -47.75
CA GLY B 1042 -4.68 -37.62 -46.52
C GLY B 1042 -5.68 -37.06 -45.53
N ASP B 1043 -6.30 -37.95 -44.76
CA ASP B 1043 -7.25 -37.54 -43.75
C ASP B 1043 -6.51 -37.44 -42.43
N ALA B 1044 -6.45 -36.23 -41.88
CA ALA B 1044 -5.76 -35.96 -40.63
C ALA B 1044 -6.71 -35.47 -39.56
N THR B 1045 -7.97 -35.89 -39.64
CA THR B 1045 -8.92 -35.59 -38.60
C THR B 1045 -8.42 -36.17 -37.26
N PRO B 1046 -8.50 -35.41 -36.18
CA PRO B 1046 -8.07 -35.93 -34.89
C PRO B 1046 -9.00 -37.02 -34.38
N PHE B 1047 -8.44 -37.89 -33.53
CA PHE B 1047 -9.19 -38.90 -32.80
C PHE B 1047 -9.78 -39.93 -33.75
N THR B 1048 -9.02 -40.30 -34.77
CA THR B 1048 -9.36 -41.37 -35.69
C THR B 1048 -8.41 -42.54 -35.49
N ASP B 1049 -8.73 -43.66 -36.14
CA ASP B 1049 -8.01 -44.90 -35.98
C ASP B 1049 -6.79 -44.99 -36.92
N LEU B 1050 -6.29 -43.86 -37.41
CA LEU B 1050 -5.09 -43.88 -38.23
C LEU B 1050 -3.87 -43.92 -37.34
N THR B 1051 -2.82 -44.57 -37.83
CA THR B 1051 -1.58 -44.76 -37.09
C THR B 1051 -0.40 -44.45 -37.99
N VAL B 1052 0.74 -44.17 -37.36
CA VAL B 1052 1.95 -43.90 -38.14
C VAL B 1052 2.38 -45.15 -38.87
N ASP B 1053 2.15 -46.32 -38.27
CA ASP B 1053 2.57 -47.57 -38.89
C ASP B 1053 1.86 -47.82 -40.20
N ALA B 1054 0.55 -47.56 -40.26
CA ALA B 1054 -0.17 -47.75 -41.51
C ALA B 1054 0.33 -46.80 -42.59
N VAL B 1055 0.60 -45.55 -42.21
CA VAL B 1055 1.15 -44.59 -43.17
C VAL B 1055 2.50 -45.04 -43.67
N SER B 1056 3.35 -45.53 -42.77
CA SER B 1056 4.66 -46.03 -43.18
C SER B 1056 4.54 -47.26 -44.07
N ASN B 1057 3.55 -48.11 -43.82
CA ASN B 1057 3.32 -49.26 -44.71
C ASN B 1057 2.95 -48.80 -46.10
N LEU B 1058 2.04 -47.84 -46.20
CA LEU B 1058 1.70 -47.27 -47.51
C LEU B 1058 2.91 -46.68 -48.20
N LEU B 1059 3.70 -45.90 -47.46
CA LEU B 1059 4.85 -45.23 -48.06
C LEU B 1059 5.86 -46.26 -48.56
N ARG B 1060 6.11 -47.32 -47.79
CA ARG B 1060 7.01 -48.36 -48.23
C ARG B 1060 6.46 -49.14 -49.42
N ASP B 1061 5.15 -49.39 -49.43
CA ASP B 1061 4.53 -50.01 -50.59
C ASP B 1061 4.65 -49.15 -51.84
N ASN B 1062 4.82 -47.86 -51.68
CA ASN B 1062 5.05 -46.96 -52.80
C ASN B 1062 6.53 -46.85 -53.17
N GLY B 1063 7.40 -47.65 -52.56
CA GLY B 1063 8.80 -47.67 -52.94
C GLY B 1063 9.66 -46.64 -52.25
N TYR B 1064 9.24 -46.10 -51.12
CA TYR B 1064 9.99 -45.13 -50.36
C TYR B 1064 10.29 -45.68 -48.97
N GLN B 1065 11.40 -45.24 -48.39
CA GLN B 1065 11.71 -45.56 -47.00
C GLN B 1065 10.53 -45.23 -46.09
N SER B 1066 10.11 -46.21 -45.30
CA SER B 1066 8.82 -46.14 -44.61
C SER B 1066 8.74 -45.05 -43.56
N ARG B 1067 9.87 -44.51 -43.10
CA ARG B 1067 9.86 -43.48 -42.06
C ARG B 1067 10.06 -42.08 -42.62
N GLY B 1068 9.98 -41.91 -43.93
CA GLY B 1068 10.09 -40.60 -44.54
C GLY B 1068 11.50 -40.11 -44.72
N PHE B 1069 12.49 -40.93 -44.41
CA PHE B 1069 13.88 -40.59 -44.68
C PHE B 1069 14.21 -40.86 -46.14
N GLU B 1070 15.10 -40.05 -46.68
CA GLU B 1070 15.56 -40.25 -48.03
C GLU B 1070 17.06 -40.02 -48.08
N VAL B 1071 17.72 -40.68 -49.02
CA VAL B 1071 19.13 -40.42 -49.22
C VAL B 1071 19.22 -39.16 -50.07
N MET B 1072 19.77 -38.10 -49.50
CA MET B 1072 19.92 -36.86 -50.21
C MET B 1072 21.39 -36.52 -50.39
N TYR B 1073 21.66 -35.67 -51.36
CA TYR B 1073 23.01 -35.33 -51.72
C TYR B 1073 23.26 -33.87 -51.41
N ASN B 1074 24.52 -33.53 -51.16
CA ASN B 1074 24.87 -32.16 -50.89
C ASN B 1074 24.85 -31.37 -52.20
N GLY B 1075 24.13 -30.24 -52.19
CA GLY B 1075 24.04 -29.44 -53.40
C GLY B 1075 25.38 -28.88 -53.82
N HIS B 1076 26.24 -28.54 -52.84
CA HIS B 1076 27.53 -27.94 -53.16
C HIS B 1076 28.50 -28.94 -53.77
N THR B 1077 28.45 -30.21 -53.34
CA THR B 1077 29.48 -31.16 -53.74
C THR B 1077 28.94 -32.39 -54.44
N GLY B 1078 27.63 -32.64 -54.39
CA GLY B 1078 27.04 -33.85 -54.92
C GLY B 1078 27.34 -35.09 -54.13
N LYS B 1079 28.21 -35.01 -53.13
CA LYS B 1079 28.48 -36.16 -52.27
C LYS B 1079 27.24 -36.50 -51.45
N LYS B 1080 27.04 -37.79 -51.20
CA LYS B 1080 25.94 -38.20 -50.34
C LYS B 1080 26.13 -37.59 -48.96
N LEU B 1081 25.02 -37.30 -48.30
CA LEU B 1081 25.05 -36.94 -46.89
C LEU B 1081 25.13 -38.18 -46.03
N MET B 1082 25.96 -38.11 -44.99
CA MET B 1082 26.16 -39.26 -44.11
C MET B 1082 24.87 -39.61 -43.38
N ALA B 1083 24.03 -38.62 -43.09
CA ALA B 1083 22.74 -38.82 -42.48
C ALA B 1083 21.63 -38.69 -43.50
N GLN B 1084 20.52 -39.37 -43.25
CA GLN B 1084 19.36 -39.28 -44.13
C GLN B 1084 18.44 -38.19 -43.63
N VAL B 1085 17.65 -37.62 -44.54
CA VAL B 1085 16.94 -36.37 -44.29
C VAL B 1085 15.46 -36.66 -44.36
N PHE B 1086 14.72 -36.21 -43.34
CA PHE B 1086 13.26 -36.31 -43.33
C PHE B 1086 12.67 -35.35 -44.35
N PHE B 1087 11.96 -35.88 -45.34
CA PHE B 1087 11.69 -35.14 -46.56
C PHE B 1087 10.25 -35.38 -47.00
N GLY B 1088 9.57 -34.31 -47.41
CA GLY B 1088 8.21 -34.41 -47.88
C GLY B 1088 7.45 -33.10 -47.89
N PRO B 1089 6.22 -33.12 -48.39
CA PRO B 1089 5.42 -31.90 -48.44
C PRO B 1089 4.76 -31.56 -47.11
N THR B 1090 4.66 -30.27 -46.84
CA THR B 1090 3.99 -29.76 -45.66
C THR B 1090 3.29 -28.44 -46.00
N TYR B 1091 2.12 -28.23 -45.42
CA TYR B 1091 1.31 -27.04 -45.68
C TYR B 1091 1.82 -25.88 -44.83
N TYR B 1092 2.36 -24.86 -45.47
CA TYR B 1092 2.86 -23.69 -44.77
C TYR B 1092 1.99 -22.48 -45.03
N GLN B 1093 2.09 -21.48 -44.14
CA GLN B 1093 1.28 -20.28 -44.21
C GLN B 1093 2.15 -19.03 -44.27
N ARG B 1094 1.65 -18.04 -45.00
CA ARG B 1094 2.28 -16.73 -45.16
C ARG B 1094 1.64 -15.75 -44.19
N LEU B 1095 2.32 -15.45 -43.09
CA LEU B 1095 1.74 -14.60 -42.08
C LEU B 1095 1.89 -13.12 -42.45
N ARG B 1096 1.05 -12.29 -41.82
CA ARG B 1096 0.95 -10.88 -42.19
C ARG B 1096 2.16 -10.08 -41.75
N HIS B 1097 3.06 -10.65 -40.97
CA HIS B 1097 4.18 -9.91 -40.39
C HIS B 1097 5.32 -10.00 -41.39
N MET B 1098 5.53 -8.93 -42.13
CA MET B 1098 6.61 -8.79 -43.08
C MET B 1098 7.65 -7.81 -42.56
N VAL B 1099 8.92 -8.08 -42.87
CA VAL B 1099 9.99 -7.23 -42.35
C VAL B 1099 9.84 -5.82 -42.91
N ASP B 1100 9.41 -5.70 -44.16
CA ASP B 1100 9.29 -4.40 -44.79
C ASP B 1100 8.18 -3.55 -44.17
N ASP B 1101 7.27 -4.17 -43.40
CA ASP B 1101 6.30 -3.42 -42.63
C ASP B 1101 6.79 -3.08 -41.23
N LYS B 1102 8.03 -3.41 -40.90
CA LYS B 1102 8.51 -3.24 -39.53
C LYS B 1102 9.82 -2.47 -39.48
N ILE B 1103 10.63 -2.59 -40.53
CA ILE B 1103 11.92 -1.93 -40.55
C ILE B 1103 11.71 -0.42 -40.46
N HIS B 1104 12.32 0.19 -39.44
CA HIS B 1104 12.20 1.62 -39.24
C HIS B 1104 13.52 2.16 -38.71
N ALA B 1105 13.95 3.29 -39.23
CA ALA B 1105 15.10 4.00 -38.71
C ALA B 1105 14.74 5.48 -38.65
N ARG B 1106 15.39 6.21 -37.75
CA ARG B 1106 15.13 7.63 -37.61
C ARG B 1106 16.42 8.33 -37.22
N ALA B 1107 16.83 9.33 -38.01
CA ALA B 1107 17.96 10.17 -37.63
C ALA B 1107 17.47 11.42 -36.90
N ARG B 1108 16.69 12.25 -37.58
CA ARG B 1108 16.01 13.37 -36.97
C ARG B 1108 14.68 13.54 -37.67
N GLY B 1109 13.70 14.07 -36.97
CA GLY B 1109 12.37 14.16 -37.52
C GLY B 1109 11.44 15.02 -36.69
N PRO B 1110 10.15 14.85 -36.91
CA PRO B 1110 9.16 15.65 -36.18
C PRO B 1110 9.17 15.34 -34.69
N VAL B 1111 8.90 16.37 -33.89
CA VAL B 1111 8.84 16.24 -32.45
C VAL B 1111 7.42 16.59 -32.01
N GLN B 1112 7.11 16.25 -30.77
CA GLN B 1112 5.81 16.61 -30.23
C GLN B 1112 5.74 18.09 -29.90
N VAL B 1113 4.54 18.64 -29.99
CA VAL B 1113 4.36 20.06 -29.70
C VAL B 1113 4.63 20.33 -28.23
N LEU B 1114 4.04 19.51 -27.35
CA LEU B 1114 4.10 19.78 -25.92
C LEU B 1114 5.48 19.49 -25.35
N THR B 1115 5.98 18.28 -25.55
CA THR B 1115 7.23 17.87 -24.90
C THR B 1115 8.46 18.13 -25.75
N ARG B 1116 8.31 18.37 -27.05
CA ARG B 1116 9.43 18.57 -27.97
C ARG B 1116 10.33 17.36 -28.07
N GLN B 1117 9.81 16.18 -27.77
CA GLN B 1117 10.46 14.88 -27.87
C GLN B 1117 10.00 14.17 -29.14
N PRO B 1118 10.84 13.26 -29.65
CA PRO B 1118 10.47 12.53 -30.87
C PRO B 1118 9.05 11.98 -30.79
N VAL B 1119 8.34 12.06 -31.91
CA VAL B 1119 6.96 11.60 -31.97
C VAL B 1119 6.92 10.09 -31.85
N GLU B 1120 5.73 9.53 -31.67
CA GLU B 1120 5.55 8.09 -31.51
C GLU B 1120 4.95 7.51 -32.78
N GLY B 1121 5.60 6.49 -33.33
CA GLY B 1121 5.01 5.79 -34.46
C GLY B 1121 5.96 5.54 -35.61
N ARG B 1122 5.95 4.31 -36.13
CA ARG B 1122 6.68 4.03 -37.36
C ARG B 1122 6.11 4.82 -38.53
N SER B 1123 4.78 4.90 -38.61
CA SER B 1123 4.15 5.63 -39.71
C SER B 1123 4.40 7.12 -39.61
N ARG B 1124 4.62 7.63 -38.41
CA ARG B 1124 4.84 9.06 -38.19
C ARG B 1124 6.32 9.41 -38.17
N ASP B 1125 7.19 8.44 -38.45
CA ASP B 1125 8.65 8.62 -38.41
C ASP B 1125 9.11 8.95 -37.00
N GLY B 1126 8.59 8.20 -36.03
CA GLY B 1126 8.88 8.43 -34.63
C GLY B 1126 10.21 7.86 -34.20
N GLY B 1127 10.47 7.97 -32.90
CA GLY B 1127 11.64 7.41 -32.28
C GLY B 1127 11.30 6.29 -31.30
N LEU B 1128 12.34 5.58 -30.90
CA LEU B 1128 12.20 4.45 -30.00
C LEU B 1128 12.35 4.92 -28.56
N ARG B 1129 11.56 4.32 -27.68
CA ARG B 1129 11.57 4.68 -26.26
C ARG B 1129 12.78 4.07 -25.58
N PHE B 1130 13.57 4.93 -24.94
CA PHE B 1130 14.70 4.52 -24.11
C PHE B 1130 14.23 4.52 -22.66
N GLY B 1131 13.44 3.51 -22.31
CA GLY B 1131 12.72 3.47 -21.07
C GLY B 1131 13.61 3.33 -19.85
N GLU B 1132 12.96 2.98 -18.73
CA GLU B 1132 13.63 2.95 -17.44
C GLU B 1132 14.60 1.79 -17.33
N MET B 1133 14.23 0.63 -17.86
CA MET B 1133 15.09 -0.54 -17.76
C MET B 1133 16.34 -0.39 -18.63
N GLU B 1134 16.23 0.31 -19.76
CA GLU B 1134 17.42 0.64 -20.52
C GLU B 1134 18.34 1.53 -19.71
N ARG B 1135 17.78 2.46 -18.95
CA ARG B 1135 18.59 3.29 -18.07
C ARG B 1135 19.25 2.46 -16.98
N ASP B 1136 18.53 1.48 -16.43
CA ASP B 1136 19.13 0.58 -15.45
C ASP B 1136 20.31 -0.19 -16.03
N CYS B 1137 20.16 -0.68 -17.27
CA CYS B 1137 21.26 -1.42 -17.88
C CYS B 1137 22.46 -0.52 -18.14
N MET B 1138 22.24 0.70 -18.65
CA MET B 1138 23.34 1.66 -18.79
C MET B 1138 23.98 2.03 -17.45
N ILE B 1139 23.19 2.09 -16.39
CA ILE B 1139 23.78 2.37 -15.08
C ILE B 1139 24.64 1.19 -14.61
N ALA B 1140 24.14 -0.03 -14.80
CA ALA B 1140 24.93 -1.21 -14.48
C ALA B 1140 26.25 -1.22 -15.26
N HIS B 1141 26.21 -0.83 -16.53
CA HIS B 1141 27.43 -0.76 -17.32
C HIS B 1141 28.36 0.35 -16.90
N GLY B 1142 27.86 1.34 -16.14
CA GLY B 1142 28.68 2.46 -15.74
C GLY B 1142 28.92 3.48 -16.83
N ALA B 1143 28.13 3.45 -17.90
CA ALA B 1143 28.28 4.37 -19.02
C ALA B 1143 27.45 5.62 -18.73
N ALA B 1144 28.04 6.57 -18.01
CA ALA B 1144 27.31 7.79 -17.66
C ALA B 1144 27.19 8.72 -18.86
N GLY B 1145 28.26 8.87 -19.63
CA GLY B 1145 28.23 9.76 -20.77
C GLY B 1145 27.22 9.32 -21.82
N PHE B 1146 27.16 8.01 -22.09
CA PHE B 1146 26.18 7.51 -23.04
C PHE B 1146 24.75 7.77 -22.55
N LEU B 1147 24.50 7.61 -21.26
CA LEU B 1147 23.15 7.85 -20.74
C LEU B 1147 22.77 9.32 -20.88
N LYS B 1148 23.69 10.21 -20.52
CA LYS B 1148 23.44 11.63 -20.67
C LYS B 1148 23.22 11.98 -22.14
N GLU B 1149 23.93 11.30 -23.04
CA GLU B 1149 23.81 11.62 -24.46
C GLU B 1149 22.52 11.09 -25.06
N ARG B 1150 22.07 9.90 -24.62
CA ARG B 1150 20.75 9.44 -25.03
C ARG B 1150 19.66 10.40 -24.57
N LEU B 1151 19.71 10.81 -23.31
CA LEU B 1151 18.58 11.56 -22.77
C LEU B 1151 18.63 13.04 -23.09
N MET B 1152 19.75 13.58 -23.58
CA MET B 1152 19.85 15.00 -23.89
C MET B 1152 20.04 15.27 -25.38
N GLU B 1153 21.13 14.80 -25.97
CA GLU B 1153 21.43 15.17 -27.34
C GLU B 1153 20.68 14.32 -28.36
N ALA B 1154 20.15 13.17 -27.96
CA ALA B 1154 19.28 12.38 -28.80
C ALA B 1154 17.81 12.64 -28.51
N SER B 1155 17.49 13.64 -27.69
CA SER B 1155 16.11 13.90 -27.32
C SER B 1155 15.98 15.39 -27.00
N ASP B 1156 14.95 15.73 -26.23
CA ASP B 1156 14.55 17.12 -25.98
C ASP B 1156 15.53 17.89 -25.09
N ALA B 1157 16.72 18.19 -25.62
CA ALA B 1157 17.66 19.06 -24.93
C ALA B 1157 17.23 20.52 -25.11
N PHE B 1158 17.37 21.30 -24.06
CA PHE B 1158 16.95 22.69 -24.08
C PHE B 1158 17.92 23.54 -23.29
N ARG B 1159 17.81 24.86 -23.45
CA ARG B 1159 18.62 25.82 -22.72
C ARG B 1159 17.69 26.81 -22.03
N VAL B 1160 17.91 27.03 -20.74
CA VAL B 1160 17.13 27.99 -19.98
C VAL B 1160 18.08 28.85 -19.16
N HIS B 1161 17.60 30.03 -18.78
CA HIS B 1161 18.35 30.95 -17.94
C HIS B 1161 17.71 31.03 -16.57
N VAL B 1162 18.53 30.92 -15.53
CA VAL B 1162 18.08 31.02 -14.14
C VAL B 1162 18.65 32.26 -13.49
N CYS B 1163 17.94 32.74 -12.48
CA CYS B 1163 18.37 33.87 -11.66
C CYS B 1163 19.37 33.40 -10.61
N GLY B 1164 20.55 34.02 -10.59
CA GLY B 1164 21.55 33.65 -9.60
C GLY B 1164 21.17 33.95 -8.17
N ILE B 1165 20.09 34.71 -7.96
CA ILE B 1165 19.65 35.08 -6.62
C ILE B 1165 18.46 34.24 -6.18
N CYS B 1166 17.41 34.19 -7.01
CA CYS B 1166 16.19 33.49 -6.67
C CYS B 1166 16.13 32.07 -7.23
N GLY B 1167 17.00 31.73 -8.18
CA GLY B 1167 17.04 30.38 -8.72
C GLY B 1167 15.79 29.95 -9.44
N LEU B 1168 14.96 30.88 -9.88
CA LEU B 1168 13.80 30.57 -10.71
C LEU B 1168 14.07 30.87 -12.17
N MET B 1169 13.35 30.15 -13.04
CA MET B 1169 13.48 30.37 -14.47
C MET B 1169 12.57 31.52 -14.90
N SER B 1170 12.68 32.65 -14.20
CA SER B 1170 11.92 33.85 -14.46
C SER B 1170 12.79 34.92 -15.11
N VAL B 1171 13.86 34.51 -15.78
CA VAL B 1171 14.80 35.42 -16.41
C VAL B 1171 14.29 35.79 -17.79
N ILE B 1172 14.15 37.09 -18.04
CA ILE B 1172 13.75 37.56 -19.35
C ILE B 1172 15.03 37.78 -20.14
N ALA B 1173 15.19 37.03 -21.23
CA ALA B 1173 16.44 37.03 -21.98
C ALA B 1173 16.20 37.56 -23.38
N ASN B 1174 17.04 38.50 -23.81
CA ASN B 1174 17.03 39.02 -25.17
C ASN B 1174 18.43 38.78 -25.71
N LEU B 1175 18.61 37.66 -26.42
CA LEU B 1175 19.95 37.23 -26.82
C LEU B 1175 20.54 38.13 -27.90
N LYS B 1176 19.70 38.68 -28.78
CA LYS B 1176 20.23 39.55 -29.83
C LYS B 1176 20.63 40.92 -29.30
N LYS B 1177 20.03 41.38 -28.22
CA LYS B 1177 20.44 42.62 -27.57
C LYS B 1177 21.40 42.38 -26.41
N ASN B 1178 21.66 41.13 -26.05
CA ASN B 1178 22.61 40.76 -25.01
C ASN B 1178 22.22 41.48 -23.70
N GLN B 1179 21.02 41.17 -23.24
CA GLN B 1179 20.49 41.81 -22.03
C GLN B 1179 19.57 40.84 -21.30
N PHE B 1180 19.74 40.77 -19.99
CA PHE B 1180 19.06 39.81 -19.13
C PHE B 1180 18.51 40.55 -17.94
N GLU B 1181 17.42 40.03 -17.38
CA GLU B 1181 16.85 40.64 -16.19
C GLU B 1181 15.87 39.70 -15.51
N CYS B 1182 16.06 39.49 -14.21
CA CYS B 1182 15.03 38.94 -13.33
C CYS B 1182 14.37 40.13 -12.66
N ARG B 1183 13.14 40.44 -13.06
CA ARG B 1183 12.49 41.65 -12.58
C ARG B 1183 12.04 41.50 -11.13
N SER B 1184 11.76 40.28 -10.69
CA SER B 1184 11.42 40.06 -9.29
C SER B 1184 12.57 40.43 -8.38
N CYS B 1185 13.77 39.93 -8.69
CA CYS B 1185 14.95 40.22 -7.89
C CYS B 1185 15.60 41.53 -8.27
N LYS B 1186 15.11 42.19 -9.32
CA LYS B 1186 15.73 43.38 -9.90
C LYS B 1186 17.22 43.13 -10.15
N ASN B 1187 17.48 42.10 -10.95
CA ASN B 1187 18.83 41.59 -11.19
C ASN B 1187 19.11 41.62 -12.68
N LYS B 1188 20.35 42.01 -13.02
CA LYS B 1188 20.77 42.06 -14.42
C LYS B 1188 22.18 41.53 -14.63
N THR B 1189 22.83 41.02 -13.60
CA THR B 1189 24.24 40.63 -13.67
C THR B 1189 24.47 39.20 -13.22
N ASN B 1190 23.73 38.75 -12.21
CA ASN B 1190 23.83 37.39 -11.69
C ASN B 1190 22.73 36.56 -12.33
N ILE B 1191 22.99 36.08 -13.53
CA ILE B 1191 22.03 35.24 -14.25
C ILE B 1191 22.83 34.12 -14.89
N TYR B 1192 22.32 32.88 -14.80
CA TYR B 1192 23.08 31.77 -15.34
C TYR B 1192 22.20 31.01 -16.33
N GLN B 1193 22.83 30.37 -17.32
CA GLN B 1193 22.12 29.48 -18.23
C GLN B 1193 22.37 28.03 -17.87
N LEU B 1194 21.37 27.19 -18.12
CA LEU B 1194 21.46 25.76 -17.83
C LEU B 1194 20.94 24.97 -19.02
N HIS B 1195 21.63 23.90 -19.38
CA HIS B 1195 21.14 22.94 -20.35
C HIS B 1195 20.41 21.83 -19.60
N ILE B 1196 19.11 21.72 -19.80
CA ILE B 1196 18.30 20.73 -19.12
C ILE B 1196 17.31 20.15 -20.12
N PRO B 1197 16.79 18.96 -19.84
CA PRO B 1197 15.74 18.42 -20.72
C PRO B 1197 14.58 19.39 -20.80
N TYR B 1198 14.01 19.50 -22.00
CA TYR B 1198 12.82 20.32 -22.14
C TYR B 1198 11.67 19.80 -21.28
N ALA B 1199 11.60 18.48 -21.08
CA ALA B 1199 10.61 17.93 -20.18
C ALA B 1199 10.86 18.37 -18.75
N ALA B 1200 12.12 18.60 -18.38
CA ALA B 1200 12.42 19.08 -17.03
C ALA B 1200 12.00 20.54 -16.87
N LYS B 1201 12.25 21.36 -17.90
CA LYS B 1201 11.75 22.73 -17.88
C LYS B 1201 10.24 22.77 -17.78
N LEU B 1202 9.56 21.92 -18.54
CA LEU B 1202 8.11 21.88 -18.48
C LEU B 1202 7.63 21.42 -17.11
N LEU B 1203 8.34 20.47 -16.50
CA LEU B 1203 7.99 20.01 -15.16
C LEU B 1203 8.12 21.15 -14.15
N PHE B 1204 9.22 21.90 -14.23
CA PHE B 1204 9.40 23.02 -13.31
C PHE B 1204 8.34 24.08 -13.53
N GLN B 1205 7.93 24.30 -14.78
CA GLN B 1205 6.89 25.29 -15.03
C GLN B 1205 5.54 24.83 -14.51
N GLU B 1206 5.23 23.54 -14.61
CA GLU B 1206 3.99 23.05 -14.00
C GLU B 1206 4.03 23.14 -12.48
N LEU B 1207 5.19 22.84 -11.88
CA LEU B 1207 5.33 23.00 -10.45
C LEU B 1207 5.10 24.45 -10.03
N MET B 1208 5.70 25.39 -10.76
CA MET B 1208 5.43 26.80 -10.52
C MET B 1208 3.96 27.13 -10.70
N ALA B 1209 3.29 26.45 -11.64
CA ALA B 1209 1.86 26.66 -11.81
C ALA B 1209 1.06 26.17 -10.62
N MET B 1210 1.57 25.18 -9.89
CA MET B 1210 0.95 24.78 -8.63
C MET B 1210 1.60 25.41 -7.42
N ASN B 1211 2.14 26.63 -7.56
CA ASN B 1211 2.69 27.45 -6.49
C ASN B 1211 3.92 26.85 -5.83
N ILE B 1212 4.38 25.68 -6.26
CA ILE B 1212 5.61 25.12 -5.75
C ILE B 1212 6.77 25.79 -6.44
N ALA B 1213 7.75 26.26 -5.66
CA ALA B 1213 8.91 26.89 -6.25
C ALA B 1213 10.07 25.91 -6.25
N PRO B 1214 10.46 25.36 -7.40
CA PRO B 1214 11.73 24.65 -7.46
C PRO B 1214 12.84 25.62 -7.81
N ARG B 1215 13.86 25.68 -6.96
CA ARG B 1215 14.95 26.64 -7.12
C ARG B 1215 16.22 25.90 -7.48
N LEU B 1216 16.72 26.14 -8.68
CA LEU B 1216 17.89 25.45 -9.21
C LEU B 1216 19.11 26.28 -8.88
N TYR B 1217 19.97 25.77 -8.01
CA TYR B 1217 21.15 26.49 -7.57
C TYR B 1217 22.40 25.79 -8.08
N THR B 1218 23.34 26.57 -8.58
CA THR B 1218 24.54 26.06 -9.24
C THR B 1218 25.74 25.96 -8.31
N GLU B 1219 25.53 26.18 -7.02
CA GLU B 1219 26.62 26.09 -6.05
C GLU B 1219 26.06 25.68 -4.70
N ARG B 1220 26.83 24.87 -3.98
CA ARG B 1220 26.39 24.37 -2.68
C ARG B 1220 26.74 25.36 -1.58
N SER B 1221 25.85 25.47 -0.60
CA SER B 1221 26.08 26.27 0.60
C SER B 1221 26.23 25.43 1.85
N GLY B 1222 25.26 24.56 2.13
CA GLY B 1222 25.29 23.73 3.32
C GLY B 1222 24.00 22.98 3.55
N GLU C 4 39.34 -40.87 -71.30
CA GLU C 4 39.07 -41.68 -70.13
C GLU C 4 37.61 -41.54 -69.66
N PRO C 5 37.07 -40.31 -69.60
CA PRO C 5 35.64 -40.17 -69.35
C PRO C 5 34.81 -40.92 -70.38
N LYS C 6 33.68 -41.46 -69.94
CA LYS C 6 32.82 -42.26 -70.81
C LYS C 6 31.37 -41.92 -70.54
N VAL C 7 30.56 -42.01 -71.59
CA VAL C 7 29.12 -41.78 -71.52
C VAL C 7 28.40 -43.01 -72.06
N ASN C 8 27.34 -43.41 -71.37
CA ASN C 8 26.49 -44.53 -71.80
C ASN C 8 25.05 -44.07 -71.66
N ILE C 9 24.45 -43.67 -72.79
CA ILE C 9 23.06 -43.23 -72.80
C ILE C 9 22.15 -44.44 -72.61
N ILE C 10 21.19 -44.33 -71.70
CA ILE C 10 20.26 -45.40 -71.42
C ILE C 10 18.89 -45.14 -72.03
N ASN C 11 18.45 -43.89 -72.04
CA ASN C 11 17.20 -43.49 -72.67
C ASN C 11 17.40 -42.11 -73.25
N ALA C 12 16.85 -41.87 -74.43
CA ALA C 12 17.10 -40.61 -75.12
C ALA C 12 15.88 -40.23 -75.95
N GLN C 13 15.09 -39.29 -75.46
CA GLN C 13 14.07 -38.65 -76.27
C GLN C 13 14.30 -37.13 -76.23
N ASP C 14 13.39 -36.40 -76.88
CA ASP C 14 13.61 -34.98 -77.08
C ASP C 14 13.62 -34.23 -75.75
N ASP C 15 12.69 -34.55 -74.85
CA ASP C 15 12.58 -33.78 -73.62
C ASP C 15 13.56 -34.25 -72.55
N GLU C 16 13.78 -35.56 -72.43
CA GLU C 16 14.67 -36.08 -71.40
C GLU C 16 15.70 -37.02 -72.00
N VAL C 17 16.87 -37.06 -71.38
CA VAL C 17 17.90 -38.04 -71.66
C VAL C 17 18.36 -38.65 -70.36
N GLU C 18 18.41 -39.98 -70.30
CA GLU C 18 18.89 -40.70 -69.13
C GLU C 18 20.21 -41.36 -69.53
N LEU C 19 21.28 -41.03 -68.80
CA LEU C 19 22.62 -41.44 -69.19
C LEU C 19 23.42 -41.81 -67.96
N MET C 20 24.35 -42.74 -68.13
CA MET C 20 25.32 -43.08 -67.10
C MET C 20 26.67 -42.45 -67.44
N LEU C 21 27.23 -41.74 -66.47
CA LEU C 21 28.51 -41.06 -66.64
C LEU C 21 29.53 -41.84 -65.82
N SER C 22 30.72 -42.05 -66.38
CA SER C 22 31.70 -42.91 -65.73
C SER C 22 33.11 -42.39 -65.95
N ASP C 23 34.02 -42.85 -65.10
CA ASP C 23 35.43 -42.45 -65.13
C ASP C 23 35.62 -40.94 -65.05
N VAL C 24 34.75 -40.27 -64.30
CA VAL C 24 34.90 -38.86 -64.01
C VAL C 24 34.80 -38.65 -62.50
N ASN C 25 35.40 -37.58 -62.02
CA ASN C 25 35.31 -37.24 -60.61
C ASN C 25 33.90 -36.80 -60.27
N LEU C 26 33.53 -36.98 -59.01
CA LEU C 26 32.20 -36.55 -58.57
C LEU C 26 32.03 -35.04 -58.69
N SER C 27 33.10 -34.27 -58.48
CA SER C 27 33.01 -32.82 -58.65
C SER C 27 32.64 -32.46 -60.08
N LEU C 28 33.20 -33.16 -61.06
CA LEU C 28 32.84 -32.90 -62.45
C LEU C 28 31.36 -33.17 -62.71
N ALA C 29 30.86 -34.32 -62.25
CA ALA C 29 29.46 -34.65 -62.49
C ALA C 29 28.53 -33.66 -61.80
N ASN C 30 28.87 -33.26 -60.58
CA ASN C 30 28.03 -32.32 -59.86
C ASN C 30 28.11 -30.91 -60.47
N SER C 31 29.28 -30.53 -60.96
CA SER C 31 29.41 -29.25 -61.66
C SER C 31 28.58 -29.26 -62.93
N LEU C 32 28.53 -30.38 -63.63
CA LEU C 32 27.68 -30.48 -64.82
C LEU C 32 26.20 -30.36 -64.45
N ARG C 33 25.78 -31.07 -63.40
CA ARG C 33 24.40 -30.94 -62.93
C ARG C 33 24.05 -29.50 -62.58
N ARG C 34 24.93 -28.83 -61.84
CA ARG C 34 24.67 -27.46 -61.43
C ARG C 34 24.64 -26.52 -62.63
N THR C 35 25.55 -26.72 -63.58
CA THR C 35 25.59 -25.85 -64.75
C THR C 35 24.32 -26.00 -65.57
N MET C 36 23.88 -27.23 -65.82
CA MET C 36 22.64 -27.42 -66.55
C MET C 36 21.44 -26.85 -65.81
N LEU C 37 21.47 -26.88 -64.48
CA LEU C 37 20.34 -26.29 -63.75
C LEU C 37 20.34 -24.76 -63.76
N ALA C 38 21.51 -24.13 -63.78
CA ALA C 38 21.55 -22.72 -63.39
C ALA C 38 22.15 -21.77 -64.42
N GLU C 39 23.05 -22.24 -65.28
CA GLU C 39 23.87 -21.33 -66.07
C GLU C 39 23.77 -21.54 -67.58
N VAL C 40 22.81 -22.31 -68.07
CA VAL C 40 22.60 -22.50 -69.50
C VAL C 40 21.62 -21.44 -69.99
N PRO C 41 22.03 -20.55 -70.88
CA PRO C 41 21.14 -19.46 -71.30
C PRO C 41 19.93 -19.97 -72.08
N THR C 42 18.81 -19.29 -71.88
CA THR C 42 17.59 -19.53 -72.64
C THR C 42 16.99 -18.18 -73.00
N LEU C 43 15.76 -18.21 -73.53
CA LEU C 43 15.00 -17.01 -73.84
C LEU C 43 13.70 -17.04 -73.07
N ALA C 44 13.37 -15.92 -72.42
CA ALA C 44 12.12 -15.79 -71.70
C ALA C 44 11.70 -14.32 -71.71
N ILE C 45 10.38 -14.11 -71.62
CA ILE C 45 9.83 -12.76 -71.64
C ILE C 45 10.29 -12.01 -70.39
N ASP C 46 11.01 -10.92 -70.59
CA ASP C 46 11.56 -10.14 -69.50
C ASP C 46 10.96 -8.75 -69.40
N LEU C 47 10.07 -8.38 -70.31
CA LEU C 47 9.43 -7.06 -70.27
C LEU C 47 8.05 -7.15 -70.89
N VAL C 48 7.04 -6.72 -70.15
CA VAL C 48 5.65 -6.81 -70.59
C VAL C 48 5.07 -5.41 -70.69
N GLU C 49 4.29 -5.15 -71.74
CA GLU C 49 3.65 -3.86 -71.95
C GLU C 49 2.15 -4.06 -72.11
N ILE C 50 1.38 -3.55 -71.15
CA ILE C 50 -0.07 -3.69 -71.13
C ILE C 50 -0.71 -2.52 -71.85
N LYS C 51 -1.54 -2.81 -72.85
CA LYS C 51 -2.31 -1.76 -73.52
C LYS C 51 -3.71 -1.66 -72.94
N MET C 52 -4.46 -2.75 -72.96
CA MET C 52 -5.77 -2.81 -72.34
C MET C 52 -5.92 -4.18 -71.69
N ASN C 53 -6.06 -4.21 -70.37
CA ASN C 53 -6.27 -5.45 -69.62
C ASN C 53 -7.48 -5.23 -68.73
N THR C 54 -8.64 -5.69 -69.20
CA THR C 54 -9.87 -5.62 -68.43
C THR C 54 -10.30 -6.98 -67.92
N SER C 55 -9.38 -7.94 -67.89
CA SER C 55 -9.67 -9.25 -67.31
C SER C 55 -9.66 -9.17 -65.79
N VAL C 56 -10.21 -10.21 -65.16
CA VAL C 56 -10.22 -10.28 -63.71
C VAL C 56 -8.83 -10.41 -63.10
N LEU C 57 -7.87 -10.96 -63.84
CA LEU C 57 -6.53 -11.13 -63.30
C LEU C 57 -5.78 -9.81 -63.29
N ALA C 58 -4.85 -9.68 -62.35
CA ALA C 58 -4.08 -8.45 -62.22
C ALA C 58 -2.94 -8.40 -63.22
N ASP C 59 -2.41 -7.19 -63.40
CA ASP C 59 -1.39 -6.95 -64.41
C ASP C 59 -0.09 -7.68 -64.11
N GLU C 60 0.36 -7.65 -62.85
CA GLU C 60 1.62 -8.32 -62.53
C GLU C 60 1.45 -9.82 -62.40
N PHE C 61 0.25 -10.29 -62.08
CA PHE C 61 -0.06 -11.70 -62.18
C PHE C 61 0.15 -12.22 -63.59
N ILE C 62 -0.46 -11.53 -64.57
CA ILE C 62 -0.31 -11.92 -65.97
C ILE C 62 1.14 -11.76 -66.42
N SER C 63 1.82 -10.73 -65.93
CA SER C 63 3.21 -10.54 -66.33
C SER C 63 4.10 -11.68 -65.83
N HIS C 64 3.90 -12.10 -64.58
CA HIS C 64 4.62 -13.24 -64.04
C HIS C 64 4.36 -14.50 -64.86
N ARG C 65 3.09 -14.75 -65.18
CA ARG C 65 2.77 -15.94 -65.97
C ARG C 65 3.41 -15.89 -67.35
N LEU C 66 3.37 -14.73 -68.02
CA LEU C 66 3.98 -14.62 -69.33
C LEU C 66 5.49 -14.81 -69.26
N GLY C 67 6.13 -14.26 -68.23
CA GLY C 67 7.54 -14.49 -68.06
C GLY C 67 7.89 -15.95 -67.83
N LEU C 68 6.97 -16.72 -67.27
CA LEU C 68 7.21 -18.13 -67.02
C LEU C 68 6.90 -19.04 -68.20
N ILE C 69 6.68 -18.50 -69.40
CA ILE C 69 6.32 -19.30 -70.56
C ILE C 69 7.59 -19.73 -71.28
N PRO C 70 7.81 -21.03 -71.49
CA PRO C 70 8.97 -21.49 -72.25
C PRO C 70 8.88 -21.09 -73.72
N LEU C 71 9.99 -20.63 -74.28
CA LEU C 71 10.09 -20.23 -75.67
C LEU C 71 11.21 -21.02 -76.33
N VAL C 72 11.07 -21.25 -77.64
CA VAL C 72 12.11 -21.96 -78.38
C VAL C 72 13.41 -21.17 -78.33
N SER C 73 14.47 -21.82 -77.89
CA SER C 73 15.74 -21.14 -77.66
C SER C 73 16.90 -21.83 -78.36
N GLU C 74 16.63 -22.55 -79.45
CA GLU C 74 17.68 -23.31 -80.13
C GLU C 74 18.84 -22.41 -80.55
N ASP C 75 18.53 -21.24 -81.10
CA ASP C 75 19.55 -20.35 -81.66
C ASP C 75 19.95 -19.24 -80.71
N VAL C 76 19.51 -19.31 -79.45
CA VAL C 76 19.76 -18.23 -78.48
C VAL C 76 21.25 -17.98 -78.26
N GLU C 77 22.11 -18.95 -78.58
CA GLU C 77 23.54 -18.75 -78.34
C GLU C 77 24.19 -17.81 -79.36
N GLU C 78 23.61 -17.65 -80.55
CA GLU C 78 24.08 -16.66 -81.50
C GLU C 78 23.54 -15.27 -81.22
N MET C 79 22.97 -15.04 -80.04
CA MET C 79 22.31 -13.78 -79.71
C MET C 79 23.11 -13.09 -78.62
N LYS C 80 22.84 -11.80 -78.44
CA LYS C 80 23.59 -10.98 -77.48
C LYS C 80 22.73 -10.57 -76.29
N TYR C 81 23.39 -10.48 -75.14
CA TYR C 81 22.75 -9.98 -73.94
C TYR C 81 22.42 -8.50 -74.08
N SER C 82 21.21 -8.14 -73.66
CA SER C 82 20.69 -6.79 -73.83
C SER C 82 21.47 -5.74 -73.05
N ARG C 83 22.42 -6.14 -72.21
CA ARG C 83 23.30 -5.21 -71.52
C ARG C 83 24.62 -4.97 -72.23
N ASP C 84 24.87 -5.64 -73.35
CA ASP C 84 26.11 -5.45 -74.09
C ASP C 84 25.86 -4.89 -75.49
N CYS C 85 24.64 -4.45 -75.78
CA CYS C 85 24.30 -3.87 -77.07
C CYS C 85 24.27 -2.34 -76.96
N THR C 86 24.80 -1.69 -77.99
CA THR C 86 24.85 -0.23 -78.04
C THR C 86 23.46 0.37 -78.11
N CYS C 87 22.45 -0.41 -78.50
CA CYS C 87 21.13 0.11 -78.79
C CYS C 87 20.44 0.64 -77.56
N GLU C 88 19.57 1.62 -77.78
CA GLU C 88 18.58 2.08 -76.81
C GLU C 88 17.40 1.12 -76.79
N ASP C 89 16.24 1.57 -76.30
CA ASP C 89 15.03 0.76 -76.18
C ASP C 89 14.90 -0.26 -77.31
N TYR C 90 14.55 -1.50 -76.93
CA TYR C 90 15.00 -2.72 -77.60
C TYR C 90 15.12 -2.60 -79.11
N CYS C 91 16.21 -3.12 -79.65
CA CYS C 91 16.42 -3.21 -81.09
C CYS C 91 15.98 -4.59 -81.56
N ASP C 92 16.36 -4.97 -82.78
CA ASP C 92 15.97 -6.24 -83.36
C ASP C 92 16.94 -7.38 -83.09
N GLU C 93 18.16 -7.09 -82.62
CA GLU C 93 19.18 -8.13 -82.54
C GLU C 93 19.42 -8.66 -81.14
N CYS C 94 19.01 -7.95 -80.09
CA CYS C 94 19.19 -8.42 -78.73
C CYS C 94 17.86 -8.62 -78.01
N SER C 95 16.76 -8.75 -78.74
CA SER C 95 15.46 -8.94 -78.12
C SER C 95 14.49 -9.52 -79.14
N VAL C 96 13.46 -10.17 -78.63
CA VAL C 96 12.37 -10.70 -79.43
C VAL C 96 11.06 -10.12 -78.92
N VAL C 97 10.29 -9.53 -79.82
CA VAL C 97 9.06 -8.83 -79.48
C VAL C 97 7.88 -9.73 -79.81
N LEU C 98 7.01 -9.95 -78.82
CA LEU C 98 5.81 -10.74 -79.05
C LEU C 98 4.57 -9.88 -78.83
N GLU C 99 3.49 -10.29 -79.50
CA GLU C 99 2.19 -9.65 -79.36
C GLU C 99 1.17 -10.68 -78.91
N LEU C 100 0.26 -10.28 -78.03
CA LEU C 100 -0.90 -11.09 -77.68
C LEU C 100 -2.13 -10.21 -77.75
N SER C 101 -3.11 -10.62 -78.57
CA SER C 101 -4.39 -9.93 -78.64
C SER C 101 -5.48 -10.97 -78.44
N ALA C 102 -6.35 -10.75 -77.46
CA ALA C 102 -7.44 -11.65 -77.15
C ALA C 102 -8.66 -10.84 -76.74
N ARG C 103 -9.83 -11.41 -76.99
CA ARG C 103 -11.09 -10.69 -76.82
C ARG C 103 -12.23 -11.69 -76.86
N HIS C 104 -13.19 -11.52 -75.96
CA HIS C 104 -14.38 -12.36 -75.90
C HIS C 104 -15.57 -11.54 -76.37
N GLU C 105 -16.23 -12.01 -77.42
CA GLU C 105 -17.44 -11.39 -77.92
C GLU C 105 -18.62 -12.34 -77.72
N GLY C 106 -19.74 -11.79 -77.29
CA GLY C 106 -20.88 -12.59 -76.86
C GLY C 106 -21.11 -12.47 -75.37
N GLU C 107 -22.25 -13.00 -74.94
CA GLU C 107 -22.65 -12.89 -73.53
C GLU C 107 -22.80 -14.24 -72.86
N GLU C 108 -22.28 -15.31 -73.47
CA GLU C 108 -22.20 -16.61 -72.83
C GLU C 108 -20.86 -17.23 -73.16
N GLY C 109 -20.43 -18.14 -72.31
CA GLY C 109 -19.17 -18.84 -72.50
C GLY C 109 -17.98 -18.03 -72.03
N THR C 110 -16.86 -18.73 -71.90
CA THR C 110 -15.59 -18.14 -71.48
C THR C 110 -14.54 -18.41 -72.55
N THR C 111 -13.78 -17.39 -72.92
CA THR C 111 -12.71 -17.54 -73.91
C THR C 111 -11.40 -17.68 -73.16
N ASP C 112 -10.71 -18.80 -73.40
CA ASP C 112 -9.43 -19.06 -72.76
C ASP C 112 -8.32 -18.48 -73.62
N VAL C 113 -7.37 -17.82 -72.97
CA VAL C 113 -6.21 -17.23 -73.63
C VAL C 113 -5.01 -18.14 -73.36
N TYR C 114 -4.48 -18.72 -74.42
CA TYR C 114 -3.41 -19.70 -74.32
C TYR C 114 -2.10 -19.13 -74.83
N SER C 115 -1.01 -19.80 -74.47
CA SER C 115 0.31 -19.35 -74.88
C SER C 115 0.52 -19.48 -76.37
N SER C 116 -0.23 -20.36 -77.04
CA SER C 116 -0.14 -20.47 -78.48
C SER C 116 -0.63 -19.20 -79.17
N SER C 117 -1.41 -18.38 -78.48
CA SER C 117 -1.90 -17.13 -79.04
C SER C 117 -0.82 -16.05 -79.11
N LEU C 118 0.31 -16.27 -78.46
CA LEU C 118 1.43 -15.34 -78.59
C LEU C 118 1.97 -15.39 -80.02
N ILE C 119 2.25 -14.23 -80.58
CA ILE C 119 2.65 -14.11 -81.98
C ILE C 119 3.99 -13.40 -82.03
N LYS C 120 4.97 -14.03 -82.68
CA LYS C 120 6.28 -13.42 -82.86
C LYS C 120 6.20 -12.39 -83.99
N VAL C 121 6.58 -11.15 -83.68
CA VAL C 121 6.53 -10.06 -84.64
C VAL C 121 7.91 -9.71 -85.18
N SER C 122 8.87 -9.46 -84.29
CA SER C 122 10.23 -9.17 -84.69
C SER C 122 11.20 -10.08 -83.94
N GLY C 123 12.48 -9.95 -84.26
CA GLY C 123 13.49 -10.84 -83.75
C GLY C 123 14.61 -11.03 -84.75
N PRO C 124 15.79 -11.37 -84.26
CA PRO C 124 16.97 -11.40 -85.14
C PRO C 124 16.93 -12.55 -86.14
N GLY C 125 16.11 -12.40 -87.18
CA GLY C 125 16.03 -13.43 -88.19
C GLY C 125 17.34 -13.63 -88.92
N ASN C 126 17.52 -14.83 -89.47
CA ASN C 126 16.50 -15.86 -89.48
C ASN C 126 16.69 -16.86 -88.35
N LEU C 127 17.16 -16.38 -87.20
CA LEU C 127 17.39 -17.25 -86.06
C LEU C 127 16.09 -17.87 -85.58
N ASN C 128 16.15 -19.15 -85.22
CA ASN C 128 14.97 -19.91 -84.83
C ASN C 128 14.74 -19.80 -83.32
N VAL C 129 14.52 -18.56 -82.88
CA VAL C 129 14.26 -18.27 -81.48
C VAL C 129 12.90 -17.61 -81.37
N GLY C 130 12.38 -17.57 -80.14
CA GLY C 130 11.26 -16.70 -79.86
C GLY C 130 9.92 -17.36 -79.71
N GLU C 131 9.61 -18.33 -80.58
CA GLU C 131 8.29 -18.94 -80.56
C GLU C 131 8.05 -19.64 -79.23
N PRO C 132 6.86 -19.50 -78.64
CA PRO C 132 6.52 -20.33 -77.49
C PRO C 132 6.48 -21.80 -77.88
N VAL C 133 6.95 -22.65 -76.99
CA VAL C 133 7.12 -24.06 -77.28
C VAL C 133 5.77 -24.77 -77.27
N ARG C 134 5.49 -25.51 -78.33
CA ARG C 134 4.32 -26.37 -78.41
C ARG C 134 4.78 -27.82 -78.35
N ARG C 135 4.06 -28.65 -77.59
CA ARG C 135 4.38 -30.06 -77.52
C ARG C 135 4.15 -30.78 -78.85
N ASP C 136 3.05 -30.47 -79.54
CA ASP C 136 2.70 -31.20 -80.77
C ASP C 136 2.26 -30.19 -81.82
N ASP C 137 1.73 -30.69 -82.93
CA ASP C 137 1.07 -29.81 -83.88
C ASP C 137 -0.28 -29.34 -83.39
N TYR C 138 -0.95 -30.14 -82.55
CA TYR C 138 -2.29 -29.84 -82.07
C TYR C 138 -2.31 -29.30 -80.64
N ASP C 139 -1.14 -28.97 -80.10
CA ASP C 139 -1.04 -28.47 -78.74
C ASP C 139 -1.73 -27.13 -78.63
N GLN C 140 -2.41 -26.90 -77.49
CA GLN C 140 -2.99 -25.60 -77.22
C GLN C 140 -2.10 -24.71 -76.36
N GLY C 141 -1.00 -25.24 -75.83
CA GLY C 141 -0.07 -24.44 -75.05
C GLY C 141 -0.49 -24.26 -73.61
N ILE C 142 0.02 -23.19 -73.00
CA ILE C 142 -0.17 -22.90 -71.59
C ILE C 142 -1.39 -22.01 -71.41
N LEU C 143 -2.14 -22.23 -70.35
CA LEU C 143 -3.24 -21.34 -69.99
C LEU C 143 -2.70 -20.04 -69.43
N LEU C 144 -3.16 -18.92 -69.98
CA LEU C 144 -2.68 -17.60 -69.59
C LEU C 144 -3.74 -16.79 -68.85
N CYS C 145 -4.96 -16.73 -69.38
CA CYS C 145 -6.04 -16.01 -68.74
C CYS C 145 -7.36 -16.56 -69.24
N LYS C 146 -8.45 -16.02 -68.72
CA LYS C 146 -9.79 -16.35 -69.19
C LYS C 146 -10.55 -15.04 -69.34
N LEU C 147 -11.44 -15.00 -70.32
CA LEU C 147 -12.12 -13.76 -70.68
C LEU C 147 -13.62 -13.96 -70.77
N ARG C 148 -14.38 -12.99 -70.27
CA ARG C 148 -15.81 -12.96 -70.44
C ARG C 148 -16.20 -11.82 -71.38
N ASN C 149 -17.50 -11.57 -71.49
CA ASN C 149 -18.07 -10.52 -72.35
C ASN C 149 -17.31 -9.22 -72.27
N HIS C 150 -16.89 -8.72 -73.43
CA HIS C 150 -16.25 -7.42 -73.61
C HIS C 150 -14.91 -7.25 -72.88
N GLN C 151 -14.43 -8.29 -72.22
CA GLN C 151 -13.13 -8.21 -71.58
C GLN C 151 -12.04 -8.45 -72.61
N GLU C 152 -10.95 -7.68 -72.51
CA GLU C 152 -9.94 -7.67 -73.56
C GLU C 152 -8.56 -7.68 -72.92
N LEU C 153 -7.61 -8.21 -73.67
CA LEU C 153 -6.21 -8.28 -73.25
C LEU C 153 -5.35 -7.91 -74.45
N ASN C 154 -4.51 -6.90 -74.29
CA ASN C 154 -3.66 -6.38 -75.36
C ASN C 154 -2.28 -6.14 -74.77
N ILE C 155 -1.32 -6.99 -75.15
CA ILE C 155 -0.03 -7.07 -74.47
C ILE C 155 1.09 -7.11 -75.51
N ARG C 156 2.18 -6.39 -75.25
CA ARG C 156 3.38 -6.44 -76.08
C ARG C 156 4.53 -6.92 -75.20
N CYS C 157 4.93 -8.18 -75.40
CA CYS C 157 5.98 -8.77 -74.58
C CYS C 157 7.32 -8.66 -75.30
N ILE C 158 8.37 -8.47 -74.52
CA ILE C 158 9.74 -8.51 -75.01
C ILE C 158 10.41 -9.73 -74.42
N ALA C 159 11.14 -10.47 -75.23
CA ALA C 159 11.87 -11.65 -74.76
C ALA C 159 13.36 -11.38 -74.86
N LYS C 160 14.11 -11.82 -73.85
CA LYS C 160 15.54 -11.56 -73.79
C LYS C 160 16.27 -12.80 -73.32
N LYS C 161 17.59 -12.76 -73.46
CA LYS C 161 18.47 -13.86 -73.12
C LYS C 161 18.94 -13.73 -71.67
N GLY C 162 18.83 -14.81 -70.91
CA GLY C 162 19.25 -14.80 -69.52
C GLY C 162 19.49 -16.21 -69.03
N ILE C 163 19.99 -16.29 -67.80
CA ILE C 163 20.31 -17.58 -67.18
C ILE C 163 19.50 -17.73 -65.90
N ALA C 164 19.49 -18.94 -65.37
CA ALA C 164 18.65 -19.26 -64.22
C ALA C 164 19.16 -18.69 -62.91
N LYS C 165 20.41 -18.23 -62.85
CA LYS C 165 20.87 -17.54 -61.65
C LYS C 165 20.05 -16.29 -61.38
N GLU C 166 19.82 -15.48 -62.40
CA GLU C 166 19.03 -14.26 -62.21
C GLU C 166 17.57 -14.56 -61.88
N HIS C 167 16.97 -15.54 -62.54
CA HIS C 167 15.56 -15.86 -62.28
C HIS C 167 15.23 -17.20 -62.88
N ALA C 168 14.38 -17.96 -62.16
CA ALA C 168 14.05 -19.33 -62.52
C ALA C 168 13.41 -19.46 -63.89
N LYS C 169 12.81 -18.39 -64.43
CA LYS C 169 12.15 -18.50 -65.71
C LYS C 169 13.11 -18.76 -66.85
N TRP C 170 14.41 -18.60 -66.64
CA TRP C 170 15.42 -18.88 -67.64
C TRP C 170 16.03 -20.26 -67.49
N SER C 171 15.47 -21.11 -66.62
CA SER C 171 16.03 -22.44 -66.43
C SER C 171 15.58 -23.37 -67.54
N PRO C 172 16.51 -23.98 -68.29
CA PRO C 172 16.10 -24.96 -69.32
C PRO C 172 15.68 -26.30 -68.76
N CYS C 173 15.93 -26.57 -67.48
CA CYS C 173 15.73 -27.89 -66.90
C CYS C 173 14.69 -27.84 -65.78
N SER C 174 13.97 -28.94 -65.61
CA SER C 174 13.07 -29.09 -64.48
C SER C 174 13.76 -29.81 -63.33
N ALA C 175 14.12 -31.07 -63.52
CA ALA C 175 14.71 -31.85 -62.45
C ALA C 175 15.83 -32.71 -63.03
N ILE C 176 17.01 -32.59 -62.46
CA ILE C 176 18.15 -33.41 -62.88
C ILE C 176 18.33 -34.47 -61.80
N ALA C 177 17.72 -35.62 -62.02
CA ALA C 177 17.98 -36.77 -61.17
C ALA C 177 19.45 -37.15 -61.24
N PHE C 178 20.00 -37.56 -60.11
CA PHE C 178 21.45 -37.73 -59.98
C PHE C 178 21.72 -38.64 -58.80
N GLU C 179 22.49 -39.70 -59.04
CA GLU C 179 22.87 -40.61 -57.97
C GLU C 179 24.09 -41.39 -58.41
N TYR C 180 24.72 -42.06 -57.45
CA TYR C 180 25.87 -42.91 -57.71
C TYR C 180 25.98 -43.93 -56.59
N ASP C 181 26.71 -45.01 -56.87
CA ASP C 181 27.00 -46.05 -55.90
C ASP C 181 25.72 -46.59 -55.29
N PRO C 182 24.89 -47.29 -56.06
CA PRO C 182 23.60 -47.75 -55.51
C PRO C 182 23.72 -48.69 -54.33
N HIS C 183 24.83 -49.42 -54.21
CA HIS C 183 24.98 -50.42 -53.15
C HIS C 183 25.77 -49.93 -51.94
N ASN C 184 26.14 -48.66 -51.89
CA ASN C 184 26.83 -48.08 -50.73
C ASN C 184 28.13 -48.84 -50.44
N LYS C 185 28.84 -49.23 -51.50
CA LYS C 185 30.13 -49.88 -51.33
C LYS C 185 31.16 -48.94 -50.71
N LEU C 186 31.10 -47.67 -51.06
CA LEU C 186 32.01 -46.66 -50.53
C LEU C 186 31.68 -46.24 -49.11
N LYS C 187 30.52 -46.63 -48.59
CA LYS C 187 30.09 -46.27 -47.24
C LYS C 187 30.01 -44.76 -47.06
N HIS C 188 29.58 -44.07 -48.12
CA HIS C 188 29.39 -42.62 -48.05
C HIS C 188 28.15 -42.22 -47.29
N THR C 189 27.19 -43.12 -47.15
CA THR C 189 26.04 -42.92 -46.30
C THR C 189 26.07 -43.96 -45.18
N ASP C 190 25.23 -43.75 -44.17
CA ASP C 190 25.23 -44.58 -42.97
C ASP C 190 23.75 -44.74 -42.59
N PHE C 191 23.18 -45.89 -42.91
CA PHE C 191 21.73 -46.02 -43.00
C PHE C 191 21.10 -46.04 -41.62
N TRP C 192 20.15 -45.15 -41.40
CA TRP C 192 19.27 -45.25 -40.25
C TRP C 192 18.42 -46.51 -40.37
N PHE C 193 18.21 -47.19 -39.25
CA PHE C 193 17.41 -48.40 -39.25
C PHE C 193 16.82 -48.64 -37.89
N GLU C 194 15.84 -49.54 -37.85
CA GLU C 194 15.24 -50.00 -36.60
C GLU C 194 15.70 -51.41 -36.24
N VAL C 195 15.70 -52.32 -37.21
CA VAL C 195 16.11 -53.70 -36.98
C VAL C 195 17.28 -54.09 -37.90
N ASP C 196 17.13 -53.85 -39.20
CA ASP C 196 18.17 -54.18 -40.17
C ASP C 196 18.11 -53.19 -41.31
N ALA C 197 19.26 -52.63 -41.65
CA ALA C 197 19.33 -51.56 -42.65
C ALA C 197 19.17 -52.08 -44.07
N LYS C 198 19.33 -53.39 -44.29
CA LYS C 198 19.19 -53.94 -45.63
C LYS C 198 17.73 -54.17 -45.99
N LYS C 199 16.91 -54.58 -45.02
CA LYS C 199 15.50 -54.83 -45.31
C LYS C 199 14.71 -53.54 -45.43
N GLU C 200 15.05 -52.53 -44.63
CA GLU C 200 14.22 -51.35 -44.48
C GLU C 200 14.45 -50.28 -45.55
N TRP C 201 15.43 -50.45 -46.44
CA TRP C 201 15.72 -49.41 -47.40
C TRP C 201 15.48 -49.90 -48.81
N PRO C 202 14.70 -49.19 -49.61
CA PRO C 202 14.42 -49.62 -50.98
C PRO C 202 15.68 -49.59 -51.84
N ASP C 203 15.70 -50.46 -52.83
CA ASP C 203 16.84 -50.49 -53.75
C ASP C 203 16.78 -49.31 -54.70
N SER C 204 17.96 -48.84 -55.09
CA SER C 204 18.07 -47.83 -56.13
C SER C 204 17.61 -48.41 -57.47
N LYS C 205 17.13 -47.53 -58.35
CA LYS C 205 16.67 -48.00 -59.65
C LYS C 205 17.83 -48.44 -60.54
N TYR C 206 19.07 -48.19 -60.13
CA TYR C 206 20.25 -48.70 -60.81
C TYR C 206 20.98 -49.72 -59.95
N ALA C 207 20.26 -50.38 -59.05
CA ALA C 207 20.88 -51.42 -58.23
C ALA C 207 21.34 -52.59 -59.08
N THR C 208 20.52 -53.00 -60.05
CA THR C 208 20.86 -54.10 -60.93
C THR C 208 21.95 -53.76 -61.93
N TRP C 209 22.42 -52.52 -61.96
CA TRP C 209 23.54 -52.12 -62.80
C TRP C 209 24.90 -52.34 -62.16
N GLU C 210 24.95 -52.78 -60.91
CA GLU C 210 26.21 -52.99 -60.22
C GLU C 210 26.11 -54.21 -59.33
N GLU C 211 27.24 -54.89 -59.15
CA GLU C 211 27.24 -56.13 -58.38
C GLU C 211 27.11 -55.82 -56.89
N PRO C 212 26.18 -56.47 -56.18
CA PRO C 212 26.09 -56.24 -54.75
C PRO C 212 27.32 -56.78 -54.05
N PRO C 213 27.68 -56.20 -52.90
CA PRO C 213 28.89 -56.67 -52.19
C PRO C 213 28.71 -58.09 -51.68
N LYS C 214 29.78 -58.87 -51.78
CA LYS C 214 29.73 -60.24 -51.28
C LYS C 214 29.83 -60.24 -49.76
N PRO C 215 29.19 -61.22 -49.10
CA PRO C 215 29.30 -61.29 -47.64
C PRO C 215 30.72 -61.46 -47.14
N GLY C 216 31.56 -62.18 -47.87
CA GLY C 216 32.95 -62.34 -47.45
C GLY C 216 33.81 -61.12 -47.67
N GLU C 217 33.32 -60.15 -48.45
CA GLU C 217 34.10 -59.00 -48.83
C GLU C 217 34.45 -58.15 -47.62
N VAL C 218 35.62 -57.51 -47.66
CA VAL C 218 36.02 -56.55 -46.66
C VAL C 218 35.92 -55.17 -47.27
N PHE C 219 35.93 -54.14 -46.41
CA PHE C 219 35.80 -52.77 -46.89
C PHE C 219 37.03 -52.35 -47.67
N ASP C 220 36.80 -51.62 -48.75
CA ASP C 220 37.86 -51.11 -49.60
C ASP C 220 38.04 -49.63 -49.35
N TYR C 221 39.28 -49.23 -49.05
CA TYR C 221 39.59 -47.83 -48.76
C TYR C 221 40.31 -47.16 -49.93
N LYS C 222 40.39 -47.84 -51.07
CA LYS C 222 40.93 -47.25 -52.28
C LYS C 222 39.85 -46.82 -53.27
N ALA C 223 38.64 -47.34 -53.15
CA ALA C 223 37.60 -47.10 -54.13
C ALA C 223 37.04 -45.69 -53.96
N LYS C 224 36.98 -44.95 -55.05
CA LYS C 224 36.29 -43.68 -55.15
C LYS C 224 35.03 -43.85 -55.98
N PRO C 225 34.11 -42.89 -55.94
CA PRO C 225 32.95 -42.95 -56.84
C PRO C 225 33.40 -42.83 -58.30
N ASN C 226 32.85 -43.69 -59.13
CA ASN C 226 33.28 -43.74 -60.52
C ASN C 226 32.17 -43.83 -61.55
N ARG C 227 30.93 -44.15 -61.17
CA ARG C 227 29.84 -44.25 -62.12
C ARG C 227 28.67 -43.45 -61.59
N PHE C 228 28.09 -42.60 -62.45
CA PHE C 228 27.08 -41.64 -62.05
C PHE C 228 25.90 -41.76 -62.97
N TYR C 229 24.71 -41.98 -62.41
CA TYR C 229 23.49 -42.19 -63.17
C TYR C 229 22.63 -40.93 -63.01
N MET C 230 22.41 -40.21 -64.11
CA MET C 230 21.67 -38.95 -64.05
C MET C 230 20.68 -38.87 -65.20
N THR C 231 19.53 -38.26 -64.93
CA THR C 231 18.41 -38.15 -65.87
C THR C 231 18.04 -36.69 -66.03
N VAL C 232 18.46 -36.07 -67.12
CA VAL C 232 18.14 -34.67 -67.41
C VAL C 232 16.76 -34.59 -68.04
N GLU C 233 15.93 -33.67 -67.54
CA GLU C 233 14.66 -33.34 -68.16
C GLU C 233 14.63 -31.87 -68.52
N THR C 234 13.91 -31.54 -69.59
CA THR C 234 13.83 -30.19 -70.11
C THR C 234 12.37 -29.71 -70.11
N THR C 235 12.19 -28.42 -70.38
CA THR C 235 10.87 -27.83 -70.50
C THR C 235 10.46 -27.58 -71.94
N GLY C 236 11.20 -28.12 -72.90
CA GLY C 236 10.91 -27.92 -74.30
C GLY C 236 11.59 -26.72 -74.91
N SER C 237 12.07 -25.79 -74.09
CA SER C 237 12.80 -24.64 -74.61
C SER C 237 14.08 -25.08 -75.32
N LEU C 238 14.79 -26.05 -74.74
CA LEU C 238 15.94 -26.68 -75.36
C LEU C 238 15.71 -28.19 -75.36
N LYS C 239 16.38 -28.88 -76.27
CA LYS C 239 16.33 -30.33 -76.28
C LYS C 239 17.37 -30.90 -75.32
N ALA C 240 17.16 -32.15 -74.91
CA ALA C 240 17.98 -32.75 -73.87
C ALA C 240 19.44 -32.81 -74.28
N ASN C 241 19.72 -33.25 -75.50
CA ASN C 241 21.10 -33.25 -75.98
C ASN C 241 21.66 -31.84 -76.07
N GLN C 242 20.80 -30.89 -76.45
CA GLN C 242 21.24 -29.50 -76.48
C GLN C 242 21.52 -28.97 -75.09
N VAL C 243 20.69 -29.31 -74.11
CA VAL C 243 20.95 -28.87 -72.74
C VAL C 243 22.27 -29.44 -72.24
N PHE C 244 22.48 -30.74 -72.47
CA PHE C 244 23.71 -31.38 -72.00
C PHE C 244 24.94 -30.76 -72.67
N SER C 245 24.89 -30.63 -74.00
CA SER C 245 26.06 -30.13 -74.72
C SER C 245 26.34 -28.67 -74.38
N ARG C 246 25.30 -27.85 -74.23
CA ARG C 246 25.54 -26.46 -73.89
C ARG C 246 25.92 -26.28 -72.43
N GLY C 247 25.48 -27.16 -71.53
CA GLY C 247 26.01 -27.14 -70.18
C GLY C 247 27.50 -27.44 -70.16
N ILE C 248 27.91 -28.45 -70.93
CA ILE C 248 29.33 -28.75 -71.04
C ILE C 248 30.08 -27.55 -71.61
N LYS C 249 29.55 -26.95 -72.67
CA LYS C 249 30.22 -25.82 -73.30
C LYS C 249 30.28 -24.61 -72.38
N THR C 250 29.23 -24.35 -71.61
CA THR C 250 29.23 -23.24 -70.68
C THR C 250 30.29 -23.45 -69.60
N LEU C 251 30.40 -24.68 -69.10
CA LEU C 251 31.45 -24.99 -68.15
C LEU C 251 32.83 -24.80 -68.77
N GLN C 252 32.99 -25.25 -70.02
CA GLN C 252 34.27 -25.08 -70.72
C GLN C 252 34.63 -23.61 -70.83
N GLU C 253 33.65 -22.76 -71.14
CA GLU C 253 33.94 -21.35 -71.33
C GLU C 253 34.17 -20.64 -70.01
N LYS C 254 33.53 -21.11 -68.94
CA LYS C 254 33.85 -20.59 -67.60
C LYS C 254 35.30 -20.91 -67.22
N LEU C 255 35.74 -22.14 -67.47
CA LEU C 255 37.13 -22.49 -67.20
C LEU C 255 38.09 -21.72 -68.11
N ALA C 256 37.71 -21.53 -69.37
CA ALA C 256 38.54 -20.73 -70.27
C ALA C 256 38.63 -19.29 -69.83
N ASN C 257 37.55 -18.74 -69.27
CA ASN C 257 37.60 -17.39 -68.73
C ASN C 257 38.58 -17.31 -67.57
N VAL C 258 38.53 -18.30 -66.66
CA VAL C 258 39.49 -18.32 -65.56
C VAL C 258 40.92 -18.39 -66.09
N LEU C 259 41.16 -19.27 -67.06
CA LEU C 259 42.49 -19.41 -67.63
C LEU C 259 42.95 -18.11 -68.29
N PHE C 260 42.04 -17.44 -68.97
CA PHE C 260 42.34 -16.18 -69.63
C PHE C 260 42.75 -15.12 -68.62
N GLU C 261 41.97 -14.99 -67.54
CA GLU C 261 42.32 -14.01 -66.51
C GLU C 261 43.66 -14.34 -65.88
N LEU C 262 43.92 -15.62 -65.63
CA LEU C 262 45.21 -15.99 -65.03
C LEU C 262 46.37 -15.64 -65.95
N GLU C 263 46.30 -16.05 -67.22
CA GLU C 263 47.39 -15.79 -68.15
C GLU C 263 47.59 -14.29 -68.38
N ASN C 264 46.50 -13.55 -68.54
CA ASN C 264 46.56 -12.11 -68.81
C ASN C 264 46.63 -11.29 -67.54
N SER C 265 46.85 -11.92 -66.39
CA SER C 265 47.23 -11.22 -65.17
C SER C 265 48.74 -11.15 -64.97
N ARG C 266 49.54 -11.77 -65.84
CA ARG C 266 50.98 -11.76 -65.66
C ARG C 266 51.55 -10.40 -66.02
N VAL D 3 30.39 36.25 -15.15
CA VAL D 3 31.75 36.46 -15.63
C VAL D 3 32.63 36.88 -14.46
N SER D 4 32.77 38.20 -14.27
CA SER D 4 33.57 38.74 -13.18
C SER D 4 32.87 38.51 -11.85
N THR D 5 33.41 37.58 -11.05
CA THR D 5 32.89 37.25 -9.75
C THR D 5 34.02 37.30 -8.73
N SER D 6 33.69 37.03 -7.47
CA SER D 6 34.63 37.18 -6.37
C SER D 6 34.18 36.28 -5.23
N THR D 7 34.74 36.50 -4.04
CA THR D 7 34.37 35.68 -2.89
C THR D 7 32.90 35.85 -2.51
N VAL D 8 32.30 36.97 -2.91
CA VAL D 8 30.87 37.20 -2.64
C VAL D 8 30.07 36.19 -3.46
N GLY D 9 29.39 35.28 -2.80
CA GLY D 9 28.78 34.16 -3.51
C GLY D 9 27.27 34.19 -3.58
N ALA D 10 26.61 33.41 -2.72
CA ALA D 10 25.17 33.18 -2.86
C ALA D 10 24.39 34.48 -2.72
N ARG D 11 24.45 35.09 -1.53
CA ARG D 11 23.59 36.21 -1.17
C ARG D 11 22.13 35.87 -1.43
N ARG D 12 21.74 34.66 -1.03
CA ARG D 12 20.44 34.10 -1.38
C ARG D 12 19.30 34.95 -0.81
N ARG D 13 18.09 34.67 -1.29
CA ARG D 13 16.95 35.55 -1.09
C ARG D 13 16.25 35.14 0.20
N ARG D 14 16.43 35.94 1.25
CA ARG D 14 15.55 35.89 2.40
C ARG D 14 14.22 36.58 2.09
N ALA D 15 13.19 36.20 2.85
CA ALA D 15 11.85 36.74 2.61
C ALA D 15 11.83 38.26 2.72
N LYS D 16 12.57 38.80 3.67
CA LYS D 16 12.58 40.24 3.92
C LYS D 16 13.62 40.93 3.05
N GLN D 17 13.39 42.20 2.79
CA GLN D 17 14.34 43.03 2.07
C GLN D 17 15.07 43.90 3.09
N GLN D 18 15.89 44.84 2.61
CA GLN D 18 16.59 45.75 3.48
C GLN D 18 16.67 47.12 2.82
N VAL D 19 16.16 48.14 3.52
CA VAL D 19 16.33 49.51 3.06
C VAL D 19 17.80 49.89 3.12
N ASP D 20 18.53 49.37 4.11
CA ASP D 20 19.95 49.69 4.24
C ASP D 20 20.76 48.97 3.18
N ASP D 21 20.54 49.34 1.92
CA ASP D 21 21.31 48.83 0.78
C ASP D 21 21.79 49.92 -0.15
N GLU D 22 21.19 51.10 -0.12
CA GLU D 22 21.68 52.22 -0.91
C GLU D 22 23.00 52.72 -0.33
N GLU D 23 23.81 53.33 -1.19
CA GLU D 23 25.09 53.85 -0.77
C GLU D 23 24.96 55.27 -0.23
N ASN D 24 25.72 55.55 0.83
CA ASN D 24 25.92 56.93 1.30
C ASN D 24 27.30 56.98 1.97
N ALA D 25 28.31 57.40 1.21
CA ALA D 25 29.68 57.33 1.72
C ALA D 25 29.90 58.21 2.93
N THR D 26 29.02 59.20 3.16
CA THR D 26 29.04 59.96 4.40
C THR D 26 28.67 59.12 5.61
N LEU D 27 27.89 58.05 5.43
CA LEU D 27 27.31 57.32 6.54
C LEU D 27 27.78 55.87 6.61
N LEU D 28 28.99 55.59 6.10
CA LEU D 28 29.62 54.28 6.25
C LEU D 28 28.77 53.15 5.65
N ARG D 29 28.04 53.45 4.59
CA ARG D 29 27.29 52.45 3.83
C ARG D 29 27.92 52.32 2.45
N LEU D 30 28.56 51.19 2.19
CA LEU D 30 29.35 51.01 0.98
C LEU D 30 28.82 49.94 0.04
N GLY D 31 28.06 48.96 0.52
CA GLY D 31 27.61 47.88 -0.33
C GLY D 31 28.05 46.52 0.15
N PRO D 32 27.32 45.45 -0.27
CA PRO D 32 27.64 44.08 0.16
C PRO D 32 28.78 43.46 -0.64
N GLU D 33 29.85 44.23 -0.84
CA GLU D 33 31.07 43.74 -1.45
C GLU D 33 32.30 44.08 -0.62
N PHE D 34 32.16 44.89 0.43
CA PHE D 34 33.25 45.40 1.24
C PHE D 34 32.96 45.13 2.71
N ALA D 35 32.60 43.89 3.02
CA ALA D 35 32.20 43.51 4.37
C ALA D 35 33.29 43.87 5.39
N LEU D 36 32.85 44.20 6.61
CA LEU D 36 33.78 44.63 7.65
C LEU D 36 34.86 43.61 7.93
N LYS D 37 34.60 42.32 7.67
CA LYS D 37 35.63 41.30 7.73
C LYS D 37 35.65 40.60 6.37
N GLN D 38 36.66 40.90 5.58
CA GLN D 38 36.84 40.29 4.27
C GLN D 38 37.29 38.84 4.41
N TYR D 39 37.46 38.17 3.27
CA TYR D 39 38.15 36.90 3.18
C TYR D 39 39.18 36.97 2.07
N ASP D 40 40.06 35.96 2.04
CA ASP D 40 41.10 35.83 1.02
C ASP D 40 40.75 34.72 0.03
N HIS D 41 41.69 34.45 -0.90
CA HIS D 41 41.46 33.42 -1.91
C HIS D 41 41.57 32.01 -1.34
N ASP D 42 41.89 31.86 -0.05
CA ASP D 42 41.80 30.59 0.64
C ASP D 42 40.62 30.55 1.62
N GLY D 43 39.69 31.50 1.49
CA GLY D 43 38.53 31.55 2.35
C GLY D 43 38.80 31.98 3.77
N ASN D 44 40.05 32.05 4.19
CA ASN D 44 40.40 32.47 5.54
C ASN D 44 39.98 33.92 5.78
N GLU D 45 39.59 34.21 7.02
CA GLU D 45 39.18 35.55 7.40
C GLU D 45 40.35 36.52 7.31
N HIS D 46 40.03 37.78 7.00
CA HIS D 46 41.04 38.81 6.78
C HIS D 46 40.37 40.18 6.89
N ASP D 47 41.07 41.12 7.53
CA ASP D 47 40.55 42.46 7.72
C ASP D 47 40.30 43.17 6.39
N LEU D 48 39.24 43.98 6.37
CA LEU D 48 38.93 44.82 5.21
C LEU D 48 40.15 45.66 4.82
N ILE D 49 40.24 45.98 3.54
CA ILE D 49 41.32 46.81 3.02
C ILE D 49 40.72 48.07 2.41
N ALA D 50 41.20 49.23 2.87
CA ALA D 50 40.81 50.54 2.34
C ALA D 50 42.11 51.30 2.12
N LEU D 51 42.55 51.34 0.86
CA LEU D 51 43.89 51.79 0.50
C LEU D 51 43.92 53.31 0.31
N SER D 52 44.87 53.97 0.95
CA SER D 52 45.14 55.35 0.63
C SER D 52 45.82 55.45 -0.73
N LEU D 53 46.03 56.68 -1.19
CA LEU D 53 46.63 56.89 -2.50
C LEU D 53 48.09 56.45 -2.55
N SER D 54 48.77 56.44 -1.41
CA SER D 54 50.20 56.13 -1.38
C SER D 54 50.49 54.64 -1.53
N GLU D 55 49.91 53.82 -0.65
CA GLU D 55 50.04 52.37 -0.79
C GLU D 55 49.64 51.90 -2.18
N SER D 56 48.53 52.42 -2.71
CA SER D 56 48.09 51.99 -4.03
C SER D 56 49.08 52.40 -5.11
N ARG D 57 49.58 53.62 -5.05
CA ARG D 57 50.55 54.06 -6.05
C ARG D 57 51.80 53.20 -6.02
N LEU D 58 52.31 52.92 -4.81
CA LEU D 58 53.49 52.08 -4.67
C LEU D 58 53.22 50.68 -5.22
N LEU D 59 52.05 50.11 -4.88
CA LEU D 59 51.72 48.77 -5.34
C LEU D 59 51.64 48.72 -6.87
N ILE D 60 51.03 49.73 -7.49
CA ILE D 60 50.87 49.69 -8.93
C ILE D 60 52.23 49.86 -9.62
N ARG D 61 53.04 50.80 -9.15
CA ARG D 61 54.39 50.96 -9.68
C ARG D 61 55.18 49.65 -9.55
N GLU D 62 55.10 49.02 -8.37
CA GLU D 62 55.81 47.78 -8.12
C GLU D 62 55.36 46.69 -9.08
N ALA D 63 54.05 46.53 -9.24
CA ALA D 63 53.52 45.49 -10.11
C ALA D 63 53.95 45.71 -11.55
N LEU D 64 53.87 46.97 -12.01
CA LEU D 64 54.25 47.26 -13.39
C LEU D 64 55.72 47.00 -13.64
N LYS D 65 56.60 47.45 -12.73
CA LYS D 65 58.02 47.21 -12.97
C LYS D 65 58.38 45.73 -12.82
N ALA D 66 57.67 45.01 -11.94
CA ALA D 66 57.90 43.56 -11.81
C ALA D 66 57.49 42.84 -13.10
N ARG D 67 56.36 43.21 -13.66
CA ARG D 67 55.93 42.55 -14.89
C ARG D 67 56.80 42.96 -16.07
N SER D 68 57.34 44.18 -16.07
CA SER D 68 58.30 44.56 -17.11
C SER D 68 59.59 43.77 -17.00
N ARG D 69 60.15 43.64 -15.79
CA ARG D 69 61.34 42.80 -15.63
C ARG D 69 61.06 41.35 -15.99
N ALA D 70 59.84 40.87 -15.75
CA ALA D 70 59.48 39.52 -16.16
C ALA D 70 59.43 39.39 -17.68
N ARG D 71 58.87 40.41 -18.36
CA ARG D 71 58.83 40.36 -19.82
C ARG D 71 60.22 40.45 -20.42
N ASN D 72 61.12 41.21 -19.78
CA ASN D 72 62.45 41.45 -20.32
C ASN D 72 63.41 40.30 -20.04
N GLY D 73 63.00 39.29 -19.28
CA GLY D 73 63.90 38.22 -18.91
C GLY D 73 64.68 38.45 -17.63
N GLY D 74 64.54 39.62 -17.00
CA GLY D 74 65.30 39.95 -15.82
C GLY D 74 66.18 41.15 -16.03
N VAL D 75 65.85 41.96 -17.03
CA VAL D 75 66.65 43.12 -17.40
C VAL D 75 65.82 44.39 -17.31
N ILE D 84 60.44 54.17 -15.46
CA ILE D 84 60.94 55.24 -14.60
C ILE D 84 59.88 56.33 -14.50
N ASP D 85 58.97 56.37 -15.47
CA ASP D 85 57.95 57.40 -15.57
C ASP D 85 56.59 56.76 -15.81
N ASP D 86 55.57 57.31 -15.15
CA ASP D 86 54.23 56.72 -15.25
C ASP D 86 53.73 56.74 -16.69
N ASP D 87 54.00 57.84 -17.43
CA ASP D 87 53.61 57.90 -18.83
C ASP D 87 54.26 56.80 -19.66
N GLU D 88 55.37 56.23 -19.18
CA GLU D 88 55.94 55.03 -19.77
C GLU D 88 55.58 53.77 -18.99
N LEU D 89 55.43 53.87 -17.66
CA LEU D 89 55.27 52.68 -16.84
C LEU D 89 53.89 52.08 -17.04
N ALA D 90 52.92 52.90 -17.44
CA ALA D 90 51.58 52.39 -17.71
C ALA D 90 51.52 51.56 -18.99
N LYS D 91 52.58 51.58 -19.80
CA LYS D 91 52.55 50.91 -21.10
C LYS D 91 52.52 49.39 -20.97
N VAL D 92 52.82 48.85 -19.79
CA VAL D 92 53.02 47.41 -19.64
C VAL D 92 51.74 46.65 -19.92
N THR D 93 50.59 47.32 -19.83
CA THR D 93 49.30 46.70 -20.08
C THR D 93 49.16 46.33 -21.55
N SER D 94 48.04 45.68 -21.88
CA SER D 94 47.73 45.28 -23.25
C SER D 94 46.45 45.96 -23.69
N GLY D 95 46.52 46.71 -24.77
CA GLY D 95 45.36 47.40 -25.33
C GLY D 95 45.47 48.90 -25.19
N ALA D 96 44.95 49.61 -26.18
CA ALA D 96 45.00 51.07 -26.17
C ALA D 96 44.16 51.64 -25.04
N VAL D 97 42.95 51.09 -24.84
CA VAL D 97 42.12 51.52 -23.72
C VAL D 97 42.82 51.24 -22.40
N ALA D 98 43.52 50.12 -22.31
CA ALA D 98 44.27 49.79 -21.10
C ALA D 98 45.34 50.83 -20.84
N ASN D 99 46.13 51.15 -21.86
CA ASN D 99 47.19 52.14 -21.70
C ASN D 99 46.59 53.48 -21.30
N GLY D 100 45.48 53.88 -21.92
CA GLY D 100 44.87 55.16 -21.58
C GLY D 100 44.38 55.21 -20.14
N VAL D 101 43.68 54.16 -19.69
CA VAL D 101 43.15 54.19 -18.34
C VAL D 101 44.28 54.17 -17.32
N VAL D 102 45.29 53.33 -17.53
CA VAL D 102 46.40 53.30 -16.57
C VAL D 102 47.23 54.59 -16.61
N LYS D 103 47.39 55.21 -17.77
CA LYS D 103 48.10 56.48 -17.83
C LYS D 103 47.35 57.58 -17.07
N LYS D 104 46.04 57.67 -17.28
CA LYS D 104 45.26 58.65 -16.53
C LYS D 104 45.31 58.39 -15.03
N THR D 105 45.20 57.12 -14.63
CA THR D 105 45.24 56.80 -13.21
C THR D 105 46.60 57.15 -12.60
N LEU D 106 47.68 56.81 -13.29
CA LEU D 106 49.02 57.08 -12.78
C LEU D 106 49.31 58.58 -12.72
N ASP D 107 48.89 59.34 -13.73
CA ASP D 107 49.10 60.78 -13.68
C ASP D 107 48.27 61.42 -12.58
N TYR D 108 47.06 60.88 -12.35
CA TYR D 108 46.26 61.34 -11.21
C TYR D 108 46.96 61.05 -9.90
N LEU D 109 47.61 59.89 -9.82
CA LEU D 109 48.33 59.54 -8.60
C LEU D 109 49.50 60.50 -8.38
N ASN D 110 50.24 60.83 -9.43
CA ASN D 110 51.40 61.70 -9.30
C ASN D 110 51.05 63.18 -9.23
N THR D 111 49.79 63.56 -9.48
CA THR D 111 49.36 64.94 -9.27
C THR D 111 48.79 65.21 -7.88
N PHE D 112 48.59 64.17 -7.06
CA PHE D 112 48.03 64.37 -5.73
C PHE D 112 48.70 63.51 -4.66
N ALA D 113 49.90 62.99 -4.94
CA ALA D 113 50.61 62.11 -4.02
C ALA D 113 51.48 62.93 -3.07
N ARG D 114 50.90 63.25 -1.90
CA ARG D 114 51.67 63.97 -0.89
C ARG D 114 52.83 63.13 -0.36
N PHE D 115 52.62 61.82 -0.20
CA PHE D 115 53.68 60.89 0.18
C PHE D 115 54.29 60.24 -1.06
N LYS D 116 55.47 60.75 -1.47
CA LYS D 116 56.12 60.28 -2.69
C LYS D 116 57.24 59.27 -2.41
N ASP D 117 57.09 58.44 -1.37
CA ASP D 117 58.11 57.44 -1.08
C ASP D 117 57.51 56.32 -0.25
N GLU D 118 58.23 55.20 -0.20
CA GLU D 118 57.85 54.09 0.67
C GLU D 118 58.17 54.37 2.13
N GLU D 119 59.16 55.22 2.42
CA GLU D 119 59.54 55.47 3.80
C GLU D 119 58.41 56.14 4.57
N THR D 120 57.87 57.22 4.02
CA THR D 120 56.79 57.93 4.70
C THR D 120 55.49 57.12 4.67
N CYS D 121 55.29 56.32 3.63
CA CYS D 121 54.14 55.41 3.63
C CYS D 121 54.22 54.41 4.76
N THR D 122 55.41 53.83 4.99
CA THR D 122 55.61 52.95 6.13
C THR D 122 55.41 53.69 7.45
N ALA D 123 55.89 54.92 7.53
CA ALA D 123 55.73 55.70 8.76
C ALA D 123 54.25 55.95 9.07
N VAL D 124 53.47 56.34 8.06
CA VAL D 124 52.04 56.56 8.28
C VAL D 124 51.31 55.26 8.56
N ASP D 125 51.74 54.15 7.95
CA ASP D 125 51.15 52.85 8.26
C ASP D 125 51.37 52.50 9.73
N GLN D 126 52.59 52.66 10.22
CA GLN D 126 52.87 52.41 11.63
C GLN D 126 52.06 53.35 12.53
N LEU D 127 52.05 54.65 12.20
CA LEU D 127 51.39 55.62 13.05
C LEU D 127 49.89 55.38 13.15
N LEU D 128 49.26 54.99 12.03
CA LEU D 128 47.80 54.84 12.00
C LEU D 128 47.33 53.54 12.66
N HIS D 129 48.13 52.47 12.58
CA HIS D 129 47.67 51.17 13.04
C HIS D 129 48.21 50.82 14.42
N LEU D 137 39.61 52.22 14.98
CA LEU D 137 39.78 53.07 13.80
C LEU D 137 39.42 52.33 12.52
N HIS D 138 38.64 53.01 11.67
CA HIS D 138 38.00 52.43 10.49
C HIS D 138 38.87 52.68 9.27
N PRO D 139 39.21 51.65 8.49
CA PRO D 139 40.16 51.85 7.38
C PRO D 139 39.71 52.86 6.34
N PHE D 140 38.41 53.09 6.20
CA PHE D 140 37.90 54.11 5.28
C PHE D 140 38.50 55.47 5.63
N GLU D 141 38.19 55.96 6.82
CA GLU D 141 38.73 57.24 7.28
C GLU D 141 40.24 57.19 7.44
N ILE D 142 40.78 56.01 7.78
CA ILE D 142 42.23 55.85 7.90
C ILE D 142 42.90 56.25 6.59
N ALA D 143 42.39 55.72 5.47
CA ALA D 143 42.98 56.05 4.17
C ALA D 143 42.62 57.47 3.75
N GLN D 144 41.40 57.92 4.07
CA GLN D 144 41.01 59.27 3.65
C GLN D 144 41.82 60.35 4.35
N LEU D 145 42.33 60.08 5.56
CA LEU D 145 43.24 61.04 6.19
C LEU D 145 44.56 61.13 5.44
N SER D 146 45.08 59.98 4.99
CA SER D 146 46.27 59.97 4.13
C SER D 146 45.99 60.50 2.74
N SER D 147 44.72 60.68 2.38
CA SER D 147 44.34 61.17 1.05
C SER D 147 43.85 62.60 1.05
N LEU D 148 43.29 63.09 2.16
CA LEU D 148 42.66 64.41 2.22
C LEU D 148 43.44 65.24 3.23
N GLY D 149 44.24 66.19 2.73
CA GLY D 149 44.90 67.14 3.60
C GLY D 149 43.96 68.04 4.35
N CYS D 150 44.13 68.16 5.66
CA CYS D 150 43.24 68.95 6.49
C CYS D 150 44.04 69.74 7.52
N GLU D 151 43.73 71.02 7.65
CA GLU D 151 44.51 71.90 8.52
C GLU D 151 44.24 71.56 9.98
N ASP D 152 42.99 71.67 10.41
CA ASP D 152 42.61 71.43 11.80
C ASP D 152 41.48 70.41 11.91
N VAL D 153 40.91 70.29 13.11
CA VAL D 153 39.85 69.33 13.39
C VAL D 153 38.61 69.58 12.53
N ASP D 154 38.37 70.85 12.16
CA ASP D 154 37.11 71.22 11.52
C ASP D 154 36.91 70.50 10.18
N GLU D 155 37.91 70.56 9.30
CA GLU D 155 37.77 69.92 7.99
C GLU D 155 37.48 68.43 8.12
N ALA D 156 38.19 67.75 9.02
CA ALA D 156 37.98 66.32 9.18
C ALA D 156 36.58 66.04 9.72
N ILE D 157 36.19 66.70 10.80
CA ILE D 157 34.91 66.37 11.43
C ILE D 157 33.71 66.86 10.64
N THR D 158 33.89 67.75 9.67
CA THR D 158 32.78 68.17 8.82
C THR D 158 32.74 67.48 7.47
N LEU D 159 33.90 67.27 6.83
CA LEU D 159 33.94 66.51 5.59
C LEU D 159 33.76 65.01 5.85
N ILE D 160 34.21 64.54 7.01
CA ILE D 160 34.00 63.16 7.44
C ILE D 160 33.17 63.18 8.71
N PRO D 161 31.84 63.10 8.61
CA PRO D 161 30.98 63.35 9.78
C PRO D 161 30.94 62.23 10.81
N SER D 162 31.68 61.15 10.61
CA SER D 162 31.60 59.99 11.48
C SER D 162 32.61 60.02 12.63
N LEU D 163 33.58 60.94 12.60
CA LEU D 163 34.56 61.06 13.68
C LEU D 163 33.94 61.57 14.98
N ALA D 164 32.73 62.13 14.93
CA ALA D 164 32.08 62.64 16.13
C ALA D 164 31.78 61.51 17.12
N ALA D 165 31.00 60.52 16.69
CA ALA D 165 30.50 59.48 17.58
C ALA D 165 31.43 58.27 17.66
N LYS D 166 32.71 58.52 17.95
CA LYS D 166 33.65 57.46 18.27
C LYS D 166 34.50 57.73 19.51
N LYS D 167 34.61 59.00 19.94
CA LYS D 167 35.34 59.39 21.14
C LYS D 167 36.79 58.91 21.16
N GLU D 168 37.40 58.79 19.98
CA GLU D 168 38.85 58.63 19.84
C GLU D 168 39.26 59.41 18.58
N VAL D 169 39.61 60.68 18.76
CA VAL D 169 39.79 61.54 17.60
C VAL D 169 41.26 61.62 17.23
N ASN D 170 42.07 62.24 18.08
CA ASN D 170 43.51 62.39 17.88
C ASN D 170 43.86 63.05 16.54
N LEU D 171 42.88 63.66 15.87
CA LEU D 171 43.12 64.25 14.55
C LEU D 171 44.16 65.37 14.59
N GLN D 172 44.13 66.19 15.64
CA GLN D 172 45.05 67.33 15.75
C GLN D 172 46.50 66.92 15.48
N ARG D 173 47.05 66.06 16.34
CA ARG D 173 48.48 65.74 16.26
C ARG D 173 48.78 64.83 15.08
N ILE D 174 47.88 63.91 14.75
CA ILE D 174 48.09 63.03 13.60
C ILE D 174 48.18 63.84 12.32
N LEU D 175 47.23 64.77 12.12
CA LEU D 175 47.27 65.63 10.95
C LEU D 175 48.49 66.54 10.98
N ASP D 176 48.88 67.04 12.16
CA ASP D 176 50.07 67.87 12.25
C ASP D 176 51.29 67.10 11.73
N GLU D 177 51.51 65.89 12.26
CA GLU D 177 52.65 65.10 11.82
C GLU D 177 52.53 64.70 10.35
N LEU D 178 51.31 64.47 9.87
CA LEU D 178 51.10 64.16 8.45
C LEU D 178 51.58 65.30 7.57
N ASN D 179 50.97 66.49 7.73
CA ASN D 179 51.39 67.63 6.92
C ASN D 179 52.84 68.00 7.14
N ARG D 180 53.41 67.66 8.31
CA ARG D 180 54.84 67.81 8.50
C ARG D 180 55.61 66.86 7.58
N LEU D 181 55.21 65.60 7.54
CA LEU D 181 55.85 64.62 6.67
C LEU D 181 55.52 64.84 5.19
N GLU D 182 54.54 65.69 4.88
CA GLU D 182 54.18 65.97 3.50
C GLU D 182 55.33 66.66 2.77
N ASP D 183 55.79 66.05 1.68
CA ASP D 183 56.92 66.59 0.93
C ASP D 183 56.49 67.83 0.14
N PRO D 184 57.45 68.70 -0.20
CA PRO D 184 57.10 69.92 -0.95
C PRO D 184 56.62 69.60 -2.35
N TYR D 185 56.15 70.65 -3.03
CA TYR D 185 55.69 70.53 -4.41
C TYR D 185 55.63 71.90 -5.08
N GLU E 2 7.81 -30.26 42.39
CA GLU E 2 6.84 -29.86 41.38
C GLU E 2 7.22 -28.54 40.68
N ASP E 3 6.23 -27.70 40.37
CA ASP E 3 6.46 -26.46 39.63
C ASP E 3 7.47 -25.53 40.31
N ASN E 4 7.63 -25.65 41.63
CA ASN E 4 8.64 -24.87 42.34
C ASN E 4 10.07 -25.16 41.87
N ASN E 5 10.42 -26.43 41.64
CA ASN E 5 11.77 -26.70 41.13
C ASN E 5 12.00 -26.01 39.79
N ARG E 6 10.99 -26.02 38.91
CA ARG E 6 11.13 -25.38 37.61
C ARG E 6 11.28 -23.87 37.76
N ILE E 7 10.50 -23.26 38.65
CA ILE E 7 10.63 -21.82 38.89
C ILE E 7 12.02 -21.49 39.39
N ILE E 8 12.51 -22.27 40.35
CA ILE E 8 13.83 -22.02 40.92
C ILE E 8 14.91 -22.17 39.85
N SER E 9 14.78 -23.20 39.01
CA SER E 9 15.76 -23.40 37.96
C SER E 9 15.78 -22.24 36.98
N ARG E 10 14.60 -21.77 36.57
CA ARG E 10 14.54 -20.63 35.66
C ARG E 10 15.14 -19.38 36.30
N LEU E 11 14.85 -19.15 37.58
CA LEU E 11 15.41 -18.00 38.28
C LEU E 11 16.92 -18.09 38.36
N TRP E 12 17.45 -19.30 38.61
CA TRP E 12 18.90 -19.49 38.67
C TRP E 12 19.54 -19.24 37.31
N ARG E 13 18.90 -19.71 36.23
CA ARG E 13 19.41 -19.43 34.90
C ARG E 13 19.44 -17.93 34.63
N SER E 14 18.39 -17.22 35.05
CA SER E 14 18.36 -15.78 34.87
C SER E 14 19.47 -15.10 35.67
N PHE E 15 19.72 -15.59 36.89
CA PHE E 15 20.80 -15.04 37.70
C PHE E 15 22.16 -15.25 37.05
N ARG E 16 22.37 -16.45 36.48
CA ARG E 16 23.62 -16.71 35.78
C ARG E 16 23.77 -15.81 34.57
N THR E 17 22.67 -15.58 33.85
CA THR E 17 22.72 -14.65 32.72
C THR E 17 23.07 -13.25 33.18
N VAL E 18 22.51 -12.81 34.31
CA VAL E 18 22.81 -11.48 34.82
C VAL E 18 24.29 -11.37 35.17
N LYS E 19 24.84 -12.41 35.80
CA LYS E 19 26.26 -12.40 36.15
C LYS E 19 27.13 -12.42 34.91
N GLU E 20 26.72 -13.16 33.87
CA GLU E 20 27.45 -13.15 32.62
C GLU E 20 27.40 -11.77 31.97
N MET E 21 26.25 -11.10 32.09
CA MET E 21 26.15 -9.73 31.62
C MET E 21 27.16 -8.85 32.32
N ALA E 22 27.21 -8.94 33.65
CA ALA E 22 28.12 -8.08 34.41
C ALA E 22 29.58 -8.35 34.03
N ALA E 23 29.96 -9.62 33.92
CA ALA E 23 31.35 -9.91 33.56
C ALA E 23 31.66 -9.47 32.14
N ASP E 24 30.72 -9.66 31.21
CA ASP E 24 30.93 -9.22 29.83
C ASP E 24 31.05 -7.71 29.74
N ARG E 25 30.25 -6.99 30.53
CA ARG E 25 30.28 -5.54 30.51
C ARG E 25 31.53 -4.95 31.15
N GLY E 26 32.33 -5.75 31.84
CA GLY E 26 33.62 -5.30 32.35
C GLY E 26 33.75 -5.36 33.85
N TYR E 27 32.69 -5.67 34.58
CA TYR E 27 32.69 -5.72 36.03
C TYR E 27 33.35 -7.00 36.56
N PHE E 28 34.00 -6.88 37.71
CA PHE E 28 34.62 -8.03 38.35
C PHE E 28 33.58 -8.87 39.07
N ILE E 29 33.56 -10.17 38.76
CA ILE E 29 32.72 -11.13 39.46
C ILE E 29 33.60 -12.25 40.00
N SER E 30 33.40 -12.61 41.27
CA SER E 30 34.16 -13.68 41.88
C SER E 30 33.92 -14.98 41.11
N GLN E 31 35.00 -15.74 40.87
CA GLN E 31 34.87 -16.95 40.08
C GLN E 31 33.95 -17.98 40.72
N GLU E 32 33.82 -17.95 42.05
CA GLU E 32 32.95 -18.93 42.70
C GLU E 32 31.47 -18.58 42.50
N GLU E 33 31.12 -17.30 42.55
CA GLU E 33 29.74 -16.92 42.29
C GLU E 33 29.38 -17.04 40.82
N MET E 34 30.37 -17.08 39.93
CA MET E 34 30.09 -17.39 38.54
C MET E 34 29.56 -18.81 38.38
N ASP E 35 30.28 -19.77 38.94
CA ASP E 35 29.95 -21.19 38.80
C ASP E 35 28.85 -21.64 39.76
N GLN E 36 28.06 -20.70 40.28
CA GLN E 36 26.94 -21.00 41.14
C GLN E 36 26.06 -22.10 40.55
N SER E 37 25.90 -23.19 41.30
CA SER E 37 25.17 -24.34 40.81
C SER E 37 23.74 -24.30 41.32
N LEU E 38 22.87 -25.06 40.66
CA LEU E 38 21.45 -25.01 40.97
C LEU E 38 21.16 -25.42 42.41
N GLU E 39 21.77 -26.50 42.89
CA GLU E 39 21.49 -26.95 44.25
C GLU E 39 22.07 -26.02 45.31
N GLU E 40 23.28 -25.52 45.10
CA GLU E 40 23.84 -24.60 46.09
C GLU E 40 23.10 -23.27 46.09
N PHE E 41 22.68 -22.79 44.91
CA PHE E 41 21.81 -21.63 44.82
C PHE E 41 20.51 -21.87 45.58
N ARG E 42 19.91 -23.05 45.41
CA ARG E 42 18.68 -23.37 46.12
C ARG E 42 18.92 -23.39 47.63
N SER E 43 20.10 -23.86 48.05
CA SER E 43 20.45 -23.85 49.47
C SER E 43 20.55 -22.43 50.01
N LYS E 44 21.24 -21.54 49.29
CA LYS E 44 21.47 -20.20 49.82
C LYS E 44 20.31 -19.23 49.63
N ILE E 45 19.31 -19.57 48.81
CA ILE E 45 18.25 -18.61 48.46
C ILE E 45 16.89 -19.07 48.96
N CYS E 46 16.57 -20.34 48.78
CA CYS E 46 15.21 -20.78 49.05
C CYS E 46 14.94 -20.81 50.56
N ASP E 47 13.70 -21.11 50.91
CA ASP E 47 13.22 -21.11 52.28
C ASP E 47 12.99 -22.55 52.75
N SER E 48 12.46 -22.67 53.98
CA SER E 48 11.91 -23.95 54.41
C SER E 48 10.74 -24.38 53.53
N MET E 49 9.86 -23.44 53.19
CA MET E 49 8.79 -23.73 52.24
C MET E 49 9.28 -23.87 50.81
N GLY E 50 10.54 -23.50 50.56
CA GLY E 50 11.16 -23.65 49.26
C GLY E 50 11.07 -22.44 48.36
N ASN E 51 10.16 -21.52 48.64
CA ASN E 51 10.06 -20.32 47.82
C ASN E 51 11.28 -19.43 48.08
N PRO E 52 11.79 -18.74 47.06
CA PRO E 52 13.07 -18.04 47.20
C PRO E 52 12.93 -16.59 47.63
N GLN E 53 13.85 -16.15 48.49
CA GLN E 53 13.95 -14.74 48.82
C GLN E 53 14.82 -14.05 47.77
N ARG E 54 14.19 -13.28 46.90
CA ARG E 54 14.92 -12.56 45.86
C ARG E 54 15.64 -11.31 46.36
N LYS E 55 15.52 -10.95 47.64
CA LYS E 55 16.21 -9.79 48.15
C LYS E 55 17.63 -10.08 48.57
N LEU E 56 18.03 -11.35 48.59
CA LEU E 56 19.39 -11.74 48.89
C LEU E 56 20.22 -11.88 47.63
N MET E 57 19.56 -12.11 46.49
CA MET E 57 20.25 -12.19 45.21
C MET E 57 20.84 -10.86 44.79
N SER E 58 20.21 -9.76 45.19
CA SER E 58 20.66 -8.41 44.88
C SER E 58 22.09 -8.21 45.33
N PHE E 59 23.02 -8.01 44.40
CA PHE E 59 24.43 -7.93 44.75
C PHE E 59 25.00 -6.59 44.29
N LEU E 60 26.31 -6.44 44.48
CA LEU E 60 27.03 -5.22 44.15
C LEU E 60 28.28 -5.64 43.40
N ALA E 61 28.50 -5.03 42.25
CA ALA E 61 29.60 -5.39 41.36
C ALA E 61 30.51 -4.20 41.17
N ASN E 62 31.81 -4.45 41.19
CA ASN E 62 32.75 -3.38 41.00
C ASN E 62 33.53 -3.57 39.70
N PRO E 63 33.95 -2.48 39.07
CA PRO E 63 34.63 -2.60 37.78
C PRO E 63 36.00 -3.26 37.91
N THR E 64 36.24 -4.22 37.03
CA THR E 64 37.58 -4.78 36.88
C THR E 64 38.53 -3.66 36.45
N PRO E 65 39.79 -3.67 36.91
CA PRO E 65 40.71 -2.57 36.57
C PRO E 65 40.93 -2.38 35.07
N GLU E 66 40.88 -3.46 34.29
CA GLU E 66 41.00 -3.34 32.84
C GLU E 66 39.83 -2.56 32.25
N ALA E 67 38.62 -2.80 32.71
CA ALA E 67 37.51 -2.04 32.17
C ALA E 67 37.49 -0.60 32.68
N LEU E 68 38.36 -0.23 33.62
CA LEU E 68 38.55 1.17 34.00
C LEU E 68 39.64 1.83 33.18
N GLU E 69 40.76 1.13 32.96
CA GLU E 69 41.77 1.69 32.08
C GLU E 69 41.22 1.85 30.67
N LYS E 70 40.28 1.00 30.26
CA LYS E 70 39.72 1.07 28.93
C LYS E 70 38.49 2.00 28.89
N TYR E 71 37.47 1.69 29.68
CA TYR E 71 36.25 2.50 29.74
C TYR E 71 36.34 3.39 30.98
N SER E 72 36.96 4.56 30.83
CA SER E 72 37.13 5.44 31.99
C SER E 72 35.81 5.91 32.58
N ASP E 73 34.71 5.84 31.83
CA ASP E 73 33.41 6.28 32.31
C ASP E 73 32.60 5.15 32.94
N LEU E 74 33.25 4.10 33.41
CA LEU E 74 32.58 2.91 33.93
C LEU E 74 32.56 2.98 35.46
N GLY E 75 31.38 3.19 36.03
CA GLY E 75 31.28 3.32 37.47
C GLY E 75 30.97 2.04 38.23
N THR E 76 30.07 2.12 39.20
CA THR E 76 29.70 0.99 40.06
C THR E 76 28.26 0.54 39.83
N LEU E 77 28.06 -0.77 39.82
CA LEU E 77 26.80 -1.38 39.42
C LEU E 77 25.98 -1.84 40.62
N TRP E 78 24.68 -1.62 40.56
CA TRP E 78 23.74 -2.22 41.50
C TRP E 78 22.71 -3.02 40.71
N VAL E 79 22.43 -4.23 41.19
CA VAL E 79 21.53 -5.16 40.53
C VAL E 79 20.51 -5.62 41.57
N GLU E 80 19.23 -5.41 41.29
CA GLU E 80 18.17 -5.74 42.23
C GLU E 80 17.15 -6.62 41.52
N PHE E 81 16.86 -7.77 42.12
CA PHE E 81 15.73 -8.59 41.74
C PHE E 81 14.55 -8.21 42.62
N CYS E 82 13.52 -7.61 42.03
CA CYS E 82 12.42 -7.14 42.85
C CYS E 82 11.44 -8.29 43.14
N ASP E 83 10.67 -8.11 44.20
CA ASP E 83 9.72 -9.14 44.63
C ASP E 83 8.30 -8.87 44.18
N GLU E 84 7.97 -7.62 43.90
CA GLU E 84 6.63 -7.27 43.43
C GLU E 84 6.53 -7.54 41.94
N PRO E 85 5.60 -8.39 41.49
CA PRO E 85 5.53 -8.72 40.06
C PRO E 85 5.30 -7.49 39.19
N SER E 86 4.22 -6.77 39.46
CA SER E 86 4.06 -5.44 38.90
C SER E 86 4.83 -4.43 39.73
N VAL E 87 5.46 -3.47 39.05
CA VAL E 87 6.26 -2.44 39.70
C VAL E 87 5.66 -1.08 39.34
N GLY E 88 5.40 -0.27 40.36
CA GLY E 88 4.80 1.03 40.18
C GLY E 88 5.74 2.16 40.55
N ILE E 89 5.17 3.37 40.57
CA ILE E 89 5.99 4.56 40.82
C ILE E 89 6.54 4.56 42.24
N LYS E 90 5.85 3.91 43.18
CA LYS E 90 6.38 3.77 44.54
C LYS E 90 7.72 3.06 44.54
N THR E 91 7.76 1.85 43.97
CA THR E 91 8.98 1.04 44.00
C THR E 91 10.10 1.69 43.21
N MET E 92 9.77 2.30 42.07
CA MET E 92 10.78 3.02 41.29
C MET E 92 11.33 4.21 42.07
N ARG E 93 10.46 4.88 42.84
CA ARG E 93 10.89 5.98 43.68
C ARG E 93 11.88 5.49 44.73
N ASN E 94 11.58 4.37 45.38
CA ASN E 94 12.50 3.83 46.37
C ASN E 94 13.83 3.46 45.72
N PHE E 95 13.78 2.82 44.55
CA PHE E 95 15.01 2.40 43.88
C PHE E 95 15.88 3.60 43.53
N CYS E 96 15.29 4.65 42.97
CA CYS E 96 16.07 5.84 42.61
C CYS E 96 16.63 6.51 43.85
N LEU E 97 15.85 6.57 44.93
CA LEU E 97 16.35 7.16 46.17
C LEU E 97 17.55 6.38 46.68
N ARG E 98 17.50 5.05 46.62
CA ARG E 98 18.61 4.25 47.11
C ARG E 98 19.83 4.36 46.19
N ILE E 99 19.61 4.46 44.89
CA ILE E 99 20.73 4.58 43.94
C ILE E 99 21.44 5.91 44.12
N GLN E 100 20.69 7.01 44.17
CA GLN E 100 21.33 8.30 44.42
C GLN E 100 21.90 8.36 45.84
N GLU E 101 21.35 7.56 46.75
CA GLU E 101 21.77 7.63 48.15
C GLU E 101 23.19 7.11 48.33
N LYS E 102 23.58 6.12 47.53
CA LYS E 102 24.93 5.53 47.60
C LYS E 102 25.70 5.69 46.29
N ASN E 103 25.48 6.80 45.59
CA ASN E 103 26.13 7.22 44.34
C ASN E 103 26.49 6.04 43.42
N PHE E 104 25.55 5.14 43.20
CA PHE E 104 25.75 4.07 42.24
C PHE E 104 25.60 4.62 40.83
N SER E 105 26.57 4.32 39.97
CA SER E 105 26.54 4.87 38.61
C SER E 105 25.43 4.24 37.78
N THR E 106 25.33 2.91 37.80
CA THR E 106 24.37 2.19 36.97
C THR E 106 23.54 1.29 37.86
N GLY E 107 22.22 1.34 37.70
CA GLY E 107 21.37 0.44 38.45
C GLY E 107 20.49 -0.43 37.59
N ILE E 108 20.75 -1.73 37.60
CA ILE E 108 19.96 -2.69 36.84
C ILE E 108 18.84 -3.19 37.73
N PHE E 109 17.61 -3.05 37.26
CA PHE E 109 16.41 -3.37 38.03
C PHE E 109 15.66 -4.51 37.34
N ILE E 110 15.88 -5.74 37.80
CA ILE E 110 15.27 -6.91 37.21
C ILE E 110 13.90 -7.10 37.85
N TYR E 111 12.87 -7.11 37.02
CA TYR E 111 11.48 -7.21 37.43
C TYR E 111 10.87 -8.48 36.85
N GLN E 112 9.65 -8.79 37.29
CA GLN E 112 9.01 -10.05 36.93
C GLN E 112 7.97 -9.91 35.82
N ASN E 113 6.95 -9.07 36.02
CA ASN E 113 5.79 -9.07 35.14
C ASN E 113 5.74 -7.90 34.16
N ASN E 114 5.70 -6.68 34.68
CA ASN E 114 5.67 -5.50 33.82
C ASN E 114 6.12 -4.28 34.60
N ILE E 115 6.56 -3.27 33.87
CA ILE E 115 6.89 -1.95 34.42
C ILE E 115 5.97 -0.92 33.77
N THR E 116 5.13 -0.29 34.60
CA THR E 116 4.06 0.57 34.10
C THR E 116 4.67 1.86 33.52
N PRO E 117 4.05 2.43 32.48
CA PRO E 117 4.64 3.64 31.86
C PRO E 117 4.80 4.81 32.83
N SER E 118 3.85 4.99 33.76
CA SER E 118 4.01 6.05 34.75
C SER E 118 5.27 5.85 35.58
N ALA E 119 5.54 4.62 36.03
CA ALA E 119 6.83 4.33 36.65
C ALA E 119 7.96 4.44 35.63
N ASN E 120 7.73 3.99 34.40
CA ASN E 120 8.78 3.98 33.39
C ASN E 120 9.32 5.38 33.09
N LYS E 121 8.49 6.41 33.28
CA LYS E 121 8.94 7.78 32.98
C LYS E 121 9.99 8.29 33.95
N MET E 122 10.08 7.71 35.15
CA MET E 122 11.07 8.14 36.12
C MET E 122 12.46 7.59 35.80
N ILE E 123 12.53 6.57 34.94
CA ILE E 123 13.82 5.96 34.59
C ILE E 123 14.82 6.97 34.02
N PRO E 124 14.47 7.82 33.05
CA PRO E 124 15.47 8.70 32.45
C PRO E 124 15.71 10.01 33.21
N THR E 125 14.85 10.36 34.14
CA THR E 125 14.91 11.63 34.86
C THR E 125 15.69 11.55 36.17
N VAL E 126 16.59 10.58 36.29
CA VAL E 126 17.29 10.30 37.55
C VAL E 126 18.78 10.49 37.35
N SER E 127 19.14 11.44 36.48
CA SER E 127 20.53 11.76 36.23
C SER E 127 21.21 12.19 37.53
N PRO E 128 22.54 12.02 37.64
CA PRO E 128 23.44 11.45 36.63
C PRO E 128 23.54 9.93 36.66
N ALA E 129 22.83 9.29 37.57
CA ALA E 129 22.79 7.83 37.58
C ALA E 129 22.00 7.33 36.37
N ILE E 130 22.18 6.04 36.07
CA ILE E 130 21.50 5.38 34.96
C ILE E 130 20.74 4.20 35.51
N ILE E 131 19.48 4.07 35.13
CA ILE E 131 18.64 2.95 35.53
C ILE E 131 18.20 2.21 34.28
N GLU E 132 18.50 0.92 34.22
CA GLU E 132 18.00 0.03 33.17
C GLU E 132 17.16 -1.05 33.83
N THR E 133 16.17 -1.55 33.09
CA THR E 133 15.32 -2.61 33.60
C THR E 133 15.28 -3.76 32.60
N PHE E 134 15.25 -4.98 33.12
CA PHE E 134 15.03 -6.17 32.33
C PHE E 134 13.98 -7.05 32.99
N GLN E 135 13.27 -7.82 32.18
CA GLN E 135 12.30 -8.78 32.70
C GLN E 135 12.98 -10.13 32.83
N GLU E 136 12.63 -10.87 33.89
CA GLU E 136 13.31 -12.14 34.16
C GLU E 136 13.10 -13.14 33.04
N SER E 137 11.90 -13.20 32.47
CA SER E 137 11.64 -14.11 31.36
C SER E 137 12.58 -13.87 30.19
N ASP E 138 12.96 -12.61 29.95
CA ASP E 138 13.84 -12.32 28.82
C ASP E 138 15.26 -12.81 29.09
N LEU E 139 15.67 -12.89 30.35
CA LEU E 139 17.05 -13.19 30.74
C LEU E 139 17.31 -14.67 30.88
N VAL E 140 16.32 -15.52 30.65
CA VAL E 140 16.51 -16.95 30.88
C VAL E 140 17.60 -17.48 29.95
N VAL E 141 17.56 -17.09 28.69
CA VAL E 141 18.59 -17.45 27.73
C VAL E 141 19.50 -16.24 27.52
N ASN E 142 20.81 -16.47 27.55
CA ASN E 142 21.78 -15.45 27.18
C ASN E 142 21.91 -15.46 25.67
N ILE E 143 21.46 -14.39 25.02
CA ILE E 143 21.40 -14.41 23.57
C ILE E 143 22.75 -14.20 22.89
N THR E 144 23.74 -13.65 23.59
CA THR E 144 25.06 -13.54 22.98
C THR E 144 25.77 -14.88 22.81
N HIS E 145 25.22 -15.95 23.40
CA HIS E 145 25.77 -17.29 23.20
C HIS E 145 25.17 -17.96 21.97
N HIS E 146 24.07 -17.43 21.46
CA HIS E 146 23.46 -17.94 20.23
C HIS E 146 24.45 -17.91 19.07
N GLU E 147 24.33 -18.91 18.20
CA GLU E 147 25.26 -19.02 17.08
C GLU E 147 25.06 -17.90 16.07
N LEU E 148 23.84 -17.42 15.93
CA LEU E 148 23.56 -16.34 14.98
C LEU E 148 23.94 -14.98 15.52
N VAL E 149 24.22 -14.87 16.82
CA VAL E 149 24.59 -13.61 17.44
C VAL E 149 26.11 -13.54 17.57
N PRO E 150 26.78 -12.78 16.71
CA PRO E 150 28.23 -12.62 16.85
C PRO E 150 28.58 -11.76 18.05
N LYS E 151 29.87 -11.75 18.40
CA LYS E 151 30.31 -11.11 19.62
C LYS E 151 30.36 -9.60 19.44
N HIS E 152 29.62 -8.88 20.29
CA HIS E 152 29.60 -7.42 20.28
C HIS E 152 30.56 -6.89 21.34
N ILE E 153 31.36 -5.90 20.96
CA ILE E 153 32.31 -5.28 21.88
C ILE E 153 32.18 -3.78 21.74
N ARG E 154 31.68 -3.12 22.79
CA ARG E 154 31.57 -1.66 22.76
C ARG E 154 32.94 -1.01 22.65
N LEU E 155 33.06 -0.05 21.74
CA LEU E 155 34.30 0.70 21.61
C LEU E 155 34.40 1.76 22.69
N SER E 156 35.63 2.18 22.96
CA SER E 156 35.89 3.33 23.82
C SER E 156 35.89 4.62 22.99
N ASP E 157 35.88 5.75 23.68
CA ASP E 157 35.78 7.04 23.01
C ASP E 157 36.93 7.26 22.04
N GLY E 158 38.16 6.95 22.48
CA GLY E 158 39.31 7.12 21.62
C GLY E 158 39.24 6.21 20.41
N GLU E 159 38.80 4.98 20.61
CA GLU E 159 38.68 4.06 19.48
C GLU E 159 37.53 4.46 18.56
N LYS E 160 36.46 5.01 19.09
CA LYS E 160 35.40 5.53 18.22
C LYS E 160 35.90 6.69 17.36
N SER E 161 36.68 7.59 17.97
CA SER E 161 37.27 8.68 17.18
C SER E 161 38.19 8.13 16.11
N GLN E 162 38.99 7.12 16.45
CA GLN E 162 39.87 6.49 15.46
C GLN E 162 39.07 5.86 14.33
N LEU E 163 37.95 5.20 14.67
CA LEU E 163 37.10 4.60 13.65
C LEU E 163 36.52 5.65 12.72
N LEU E 164 36.06 6.77 13.28
CA LEU E 164 35.46 7.81 12.45
C LEU E 164 36.51 8.46 11.56
N GLN E 165 37.73 8.64 12.06
CA GLN E 165 38.76 9.28 11.25
C GLN E 165 39.31 8.35 10.18
N ARG E 166 39.43 7.06 10.48
CA ARG E 166 39.93 6.10 9.50
C ARG E 166 39.07 6.05 8.25
N TYR E 167 37.75 6.17 8.42
CA TYR E 167 36.83 6.11 7.30
C TYR E 167 36.40 7.50 6.82
N LYS E 168 36.94 8.57 7.40
CA LYS E 168 36.57 9.93 7.05
C LYS E 168 35.05 10.11 7.11
N LEU E 169 34.49 9.72 8.26
CA LEU E 169 33.07 9.50 8.44
C LEU E 169 32.48 10.51 9.42
N LYS E 170 31.19 10.74 9.28
CA LYS E 170 30.40 11.37 10.33
C LYS E 170 29.59 10.31 11.06
N GLU E 171 29.14 10.66 12.27
CA GLU E 171 28.43 9.69 13.09
C GLU E 171 27.17 9.19 12.41
N SER E 172 26.48 10.07 11.66
CA SER E 172 25.23 9.70 11.04
C SER E 172 25.40 8.81 9.81
N GLN E 173 26.63 8.61 9.33
CA GLN E 173 26.88 7.82 8.14
C GLN E 173 27.32 6.40 8.45
N LEU E 174 27.08 5.94 9.63
CA LEU E 174 27.38 4.59 10.05
C LEU E 174 26.11 3.74 10.07
N PRO E 175 26.22 2.42 9.90
CA PRO E 175 25.08 1.57 10.21
C PRO E 175 24.73 1.75 11.68
N ARG E 176 23.48 1.47 12.02
CA ARG E 176 22.99 1.91 13.31
C ARG E 176 22.41 0.74 14.09
N ILE E 177 22.34 0.93 15.40
CA ILE E 177 21.71 -0.03 16.30
C ILE E 177 20.84 0.73 17.29
N GLN E 178 19.64 0.23 17.51
CA GLN E 178 18.72 0.84 18.45
C GLN E 178 19.18 0.64 19.89
N ARG E 179 18.94 1.65 20.75
CA ARG E 179 19.23 1.43 22.17
C ARG E 179 18.38 0.29 22.73
N GLU E 180 17.22 0.03 22.13
CA GLU E 180 16.36 -1.06 22.57
C GLU E 180 16.69 -2.38 21.90
N ASP E 181 17.76 -2.44 21.12
CA ASP E 181 18.18 -3.70 20.54
C ASP E 181 18.54 -4.67 21.67
N PRO E 182 18.12 -5.93 21.59
CA PRO E 182 18.41 -6.87 22.67
C PRO E 182 19.87 -6.98 23.03
N VAL E 183 20.78 -6.87 22.07
CA VAL E 183 22.21 -6.93 22.38
C VAL E 183 22.75 -5.57 22.82
N ALA E 184 22.17 -4.47 22.36
CA ALA E 184 22.51 -3.17 22.94
C ALA E 184 21.94 -3.04 24.35
N ARG E 185 20.73 -3.55 24.56
CA ARG E 185 20.15 -3.57 25.90
C ARG E 185 20.97 -4.46 26.83
N TYR E 186 21.44 -5.60 26.33
CA TYR E 186 22.25 -6.51 27.11
C TYR E 186 23.60 -5.90 27.44
N LEU E 187 24.10 -4.99 26.60
CA LEU E 187 25.43 -4.44 26.78
C LEU E 187 25.42 -3.08 27.47
N GLY E 188 24.25 -2.54 27.78
CA GLY E 188 24.16 -1.22 28.37
C GLY E 188 24.73 -0.13 27.49
N LEU E 189 24.37 -0.13 26.21
CA LEU E 189 24.83 0.91 25.29
C LEU E 189 24.05 2.20 25.47
N LYS E 190 24.78 3.30 25.59
CA LYS E 190 24.24 4.64 25.59
C LYS E 190 24.40 5.26 24.20
N ARG E 191 23.66 6.34 23.96
CA ARG E 191 23.67 6.96 22.64
C ARG E 191 25.07 7.42 22.26
N GLY E 192 25.45 7.16 21.01
CA GLY E 192 26.74 7.56 20.50
C GLY E 192 27.83 6.52 20.62
N GLN E 193 27.65 5.50 21.44
CA GLN E 193 28.67 4.47 21.57
C GLN E 193 28.57 3.45 20.44
N VAL E 194 29.73 2.99 19.98
CA VAL E 194 29.87 2.16 18.80
C VAL E 194 30.33 0.77 19.24
N VAL E 195 29.58 -0.25 18.86
CA VAL E 195 30.05 -1.62 19.06
C VAL E 195 30.81 -2.09 17.84
N LYS E 196 31.68 -3.07 18.05
CA LYS E 196 32.42 -3.72 16.98
C LYS E 196 31.99 -5.19 16.97
N ILE E 197 31.58 -5.66 15.80
CA ILE E 197 30.94 -6.97 15.63
C ILE E 197 31.77 -7.79 14.65
N ILE E 198 32.52 -8.76 15.17
CA ILE E 198 33.29 -9.67 14.33
C ILE E 198 32.43 -10.89 14.05
N ARG E 199 32.40 -11.32 12.80
CA ARG E 199 31.43 -12.34 12.40
C ARG E 199 32.00 -13.20 11.28
N ARG E 200 31.36 -14.34 11.08
CA ARG E 200 31.76 -15.28 10.05
C ARG E 200 31.52 -14.72 8.66
N SER E 201 32.46 -14.98 7.75
CA SER E 201 32.36 -14.50 6.38
C SER E 201 32.73 -15.64 5.46
N GLU E 202 31.80 -16.08 4.62
CA GLU E 202 32.08 -17.21 3.74
C GLU E 202 32.92 -16.84 2.53
N THR E 203 33.07 -15.55 2.23
CA THR E 203 33.92 -15.12 1.14
C THR E 203 35.31 -14.71 1.58
N SER E 204 35.46 -14.24 2.82
CA SER E 204 36.74 -13.76 3.31
C SER E 204 37.21 -14.41 4.60
N GLY E 205 36.40 -15.25 5.25
CA GLY E 205 36.81 -15.82 6.51
C GLY E 205 36.36 -15.04 7.72
N ARG E 206 36.75 -13.77 7.79
CA ARG E 206 36.52 -12.93 8.95
C ARG E 206 36.14 -11.54 8.50
N TYR E 207 35.18 -10.93 9.18
CA TYR E 207 34.70 -9.61 8.78
C TYR E 207 34.32 -8.86 10.04
N ALA E 208 34.81 -7.63 10.17
CA ALA E 208 34.53 -6.79 11.33
C ALA E 208 33.49 -5.75 10.94
N SER E 209 32.40 -5.71 11.68
CA SER E 209 31.33 -4.74 11.48
C SER E 209 31.27 -3.77 12.65
N TYR E 210 30.79 -2.57 12.37
CA TYR E 210 30.64 -1.54 13.39
C TYR E 210 29.24 -0.95 13.27
N ARG E 211 28.55 -0.81 14.40
CA ARG E 211 27.26 -0.14 14.42
C ARG E 211 27.28 0.91 15.51
N ILE E 212 26.61 2.03 15.25
CA ILE E 212 26.49 3.12 16.19
C ILE E 212 25.10 3.11 16.81
N CYS E 213 25.03 3.52 18.08
CA CYS E 213 23.81 3.44 18.86
C CYS E 213 22.95 4.67 18.64
N LEU E 214 21.66 4.45 18.42
CA LEU E 214 20.72 5.56 18.26
C LEU E 214 20.46 6.24 19.59
N GLU F 71 43.25 22.33 0.59
CA GLU F 71 42.15 22.29 1.54
C GLU F 71 41.45 20.94 1.49
N LEU F 72 41.08 20.52 0.28
CA LEU F 72 40.50 19.21 0.05
C LEU F 72 41.42 18.27 -0.72
N ALA F 73 42.49 18.80 -1.31
CA ALA F 73 43.48 17.98 -2.00
C ALA F 73 44.27 17.15 -1.01
N ILE F 74 44.72 15.98 -1.46
CA ILE F 74 45.49 15.06 -0.63
C ILE F 74 46.92 15.03 -1.15
N LEU F 75 47.87 15.10 -0.22
CA LEU F 75 49.28 15.04 -0.55
C LEU F 75 49.67 13.69 -1.15
N LYS F 76 50.63 13.73 -2.08
CA LYS F 76 51.02 12.56 -2.86
C LYS F 76 51.58 11.40 -2.04
N GLU F 77 51.80 11.58 -0.73
CA GLU F 77 52.34 10.49 0.09
C GLU F 77 51.23 9.66 0.72
N GLU F 78 50.17 10.29 1.20
CA GLU F 78 49.08 9.59 1.88
C GLU F 78 47.95 9.23 0.92
N ARG F 79 48.27 8.98 -0.35
CA ARG F 79 47.27 8.58 -1.32
C ARG F 79 47.00 7.10 -1.14
N THR F 80 45.78 6.76 -0.71
CA THR F 80 45.45 5.41 -0.29
C THR F 80 44.49 4.73 -1.25
N THR F 81 44.34 5.24 -2.46
CA THR F 81 43.55 4.56 -3.47
C THR F 81 44.40 3.56 -4.24
N THR F 82 43.74 2.81 -5.10
CA THR F 82 44.42 1.76 -5.87
C THR F 82 45.43 2.39 -6.83
N PRO F 83 46.61 1.80 -6.98
CA PRO F 83 47.57 2.31 -7.98
C PRO F 83 47.25 1.90 -9.41
N TYR F 84 46.13 1.25 -9.64
CA TYR F 84 45.76 0.69 -10.93
C TYR F 84 44.63 1.48 -11.57
N LEU F 85 44.75 1.76 -12.87
CA LEU F 85 43.68 2.41 -13.61
C LEU F 85 42.46 1.50 -13.67
N THR F 86 41.31 2.00 -13.24
CA THR F 86 40.10 1.19 -13.28
C THR F 86 39.49 1.19 -14.67
N LYS F 87 38.49 0.33 -14.88
CA LYS F 87 37.87 0.21 -16.19
C LYS F 87 37.14 1.50 -16.58
N TYR F 88 36.47 2.14 -15.62
CA TYR F 88 35.73 3.37 -15.91
C TYR F 88 36.68 4.53 -16.19
N GLU F 89 37.75 4.64 -15.40
CA GLU F 89 38.74 5.66 -15.66
C GLU F 89 39.37 5.48 -17.02
N ARG F 90 39.71 4.24 -17.37
CA ARG F 90 40.31 3.97 -18.67
C ARG F 90 39.36 4.31 -19.80
N ALA F 91 38.10 3.90 -19.69
CA ALA F 91 37.12 4.18 -20.73
C ALA F 91 36.93 5.67 -20.93
N ARG F 92 36.74 6.42 -19.85
CA ARG F 92 36.52 7.85 -19.99
C ARG F 92 37.76 8.57 -20.46
N ILE F 93 38.93 8.14 -20.00
CA ILE F 93 40.18 8.76 -20.44
C ILE F 93 40.37 8.56 -21.93
N LEU F 94 40.09 7.34 -22.41
CA LEU F 94 40.22 7.07 -23.85
C LEU F 94 39.22 7.88 -24.65
N GLY F 95 37.97 7.97 -24.18
CA GLY F 95 36.99 8.79 -24.88
C GLY F 95 37.40 10.23 -24.97
N THR F 96 37.86 10.79 -23.85
CA THR F 96 38.26 12.19 -23.82
C THR F 96 39.47 12.46 -24.71
N ARG F 97 40.46 11.56 -24.68
CA ARG F 97 41.63 11.71 -25.54
C ARG F 97 41.25 11.58 -27.00
N ALA F 98 40.34 10.67 -27.32
CA ALA F 98 39.89 10.52 -28.69
C ALA F 98 39.20 11.79 -29.17
N LEU F 99 38.34 12.36 -28.33
CA LEU F 99 37.70 13.62 -28.68
C LEU F 99 38.72 14.72 -28.87
N GLN F 100 39.73 14.76 -28.00
CA GLN F 100 40.77 15.78 -28.11
C GLN F 100 41.51 15.68 -29.42
N ILE F 101 41.95 14.46 -29.78
CA ILE F 101 42.72 14.30 -31.00
C ILE F 101 41.84 14.57 -32.21
N SER F 102 40.57 14.15 -32.15
CA SER F 102 39.62 14.46 -33.20
C SER F 102 39.31 15.95 -33.31
N MET F 103 39.69 16.75 -32.30
CA MET F 103 39.58 18.20 -32.37
C MET F 103 40.89 18.86 -32.73
N ASN F 104 41.72 18.17 -33.52
CA ASN F 104 43.00 18.68 -34.00
C ASN F 104 43.91 19.09 -32.84
N ALA F 105 43.97 18.24 -31.83
CA ALA F 105 44.97 18.41 -30.79
C ALA F 105 46.29 17.82 -31.24
N PRO F 106 47.41 18.29 -30.68
CA PRO F 106 48.69 17.68 -31.01
C PRO F 106 48.76 16.25 -30.48
N VAL F 107 49.52 15.41 -31.18
CA VAL F 107 49.62 14.00 -30.84
C VAL F 107 51.05 13.74 -30.38
N LEU F 108 51.16 13.11 -29.21
CA LEU F 108 52.47 12.91 -28.58
C LEU F 108 53.21 11.69 -29.12
N VAL F 109 52.48 10.65 -29.50
CA VAL F 109 53.09 9.42 -30.02
C VAL F 109 53.47 9.68 -31.48
N ASP F 110 54.27 8.78 -32.05
CA ASP F 110 54.56 8.80 -33.48
C ASP F 110 53.45 8.09 -34.25
N ILE F 111 52.73 8.86 -35.08
CA ILE F 111 51.63 8.32 -35.87
C ILE F 111 52.18 7.62 -37.09
N GLU F 112 52.05 6.28 -37.13
CA GLU F 112 52.59 5.51 -38.24
C GLU F 112 51.56 5.20 -39.31
N GLY F 113 50.54 4.42 -38.95
CA GLY F 113 49.52 3.92 -39.85
C GLY F 113 48.09 4.33 -39.63
N GLU F 114 47.69 4.48 -38.37
CA GLU F 114 46.28 4.56 -37.99
C GLU F 114 45.73 5.98 -38.06
N THR F 115 44.47 6.08 -38.46
CA THR F 115 43.81 7.37 -38.60
C THR F 115 42.63 7.52 -37.66
N ASP F 116 42.17 6.45 -37.03
CA ASP F 116 41.05 6.57 -36.11
C ASP F 116 41.55 7.23 -34.83
N PRO F 117 40.91 8.32 -34.38
CA PRO F 117 41.40 8.98 -33.15
C PRO F 117 41.39 8.09 -31.91
N LEU F 118 40.42 7.17 -31.80
CA LEU F 118 40.38 6.27 -30.65
C LEU F 118 41.59 5.33 -30.62
N GLN F 119 42.00 4.80 -31.77
CA GLN F 119 43.15 3.89 -31.79
C GLN F 119 44.43 4.66 -31.49
N ILE F 120 44.52 5.90 -31.96
CA ILE F 120 45.65 6.74 -31.60
C ILE F 120 45.68 6.97 -30.11
N ALA F 121 44.50 7.20 -29.52
CA ALA F 121 44.41 7.38 -28.08
C ALA F 121 44.84 6.12 -27.33
N MET F 122 44.47 4.95 -27.84
CA MET F 122 44.93 3.71 -27.22
C MET F 122 46.46 3.57 -27.28
N LYS F 123 47.06 3.88 -28.43
CA LYS F 123 48.52 3.84 -28.53
C LYS F 123 49.16 4.82 -27.53
N GLU F 124 48.62 6.03 -27.41
CA GLU F 124 49.16 6.97 -26.44
C GLU F 124 49.00 6.47 -25.01
N LEU F 125 47.84 5.88 -24.69
CA LEU F 125 47.62 5.35 -23.35
C LEU F 125 48.60 4.24 -23.01
N SER F 126 48.88 3.36 -23.97
CA SER F 126 49.79 2.26 -23.70
C SER F 126 51.20 2.76 -23.46
N GLN F 127 51.60 3.80 -24.18
CA GLN F 127 52.95 4.36 -24.06
C GLN F 127 53.04 5.39 -22.94
N ARG F 128 52.00 5.49 -22.11
CA ARG F 128 51.96 6.41 -20.98
C ARG F 128 52.22 7.84 -21.41
N LYS F 129 51.63 8.24 -22.55
CA LYS F 129 51.86 9.56 -23.10
C LYS F 129 50.57 10.34 -23.27
N ILE F 130 49.54 9.98 -22.51
CA ILE F 130 48.28 10.72 -22.49
C ILE F 130 48.34 11.74 -21.36
N PRO F 131 48.22 13.04 -21.65
CA PRO F 131 48.38 14.10 -20.63
C PRO F 131 47.10 14.47 -19.89
N LEU F 132 46.59 13.55 -19.07
CA LEU F 132 45.37 13.79 -18.33
C LEU F 132 45.58 13.42 -16.88
N VAL F 133 44.62 13.81 -16.05
CA VAL F 133 44.67 13.60 -14.61
C VAL F 133 43.30 13.12 -14.15
N ILE F 134 43.25 12.05 -13.37
CA ILE F 134 42.02 11.59 -12.74
C ILE F 134 41.97 12.13 -11.33
N ARG F 135 40.87 12.80 -11.00
CA ARG F 135 40.64 13.33 -9.66
C ARG F 135 39.57 12.46 -9.00
N ARG F 136 40.01 11.62 -8.06
CA ARG F 136 39.16 10.60 -7.46
C ARG F 136 38.53 11.16 -6.19
N TYR F 137 37.23 11.44 -6.26
CA TYR F 137 36.48 12.02 -5.16
C TYR F 137 36.16 10.94 -4.13
N LEU F 138 36.41 11.26 -2.86
CA LEU F 138 36.03 10.40 -1.75
C LEU F 138 34.60 10.71 -1.33
N PRO F 139 33.95 9.82 -0.58
CA PRO F 139 32.56 10.08 -0.17
C PRO F 139 32.38 11.29 0.72
N ASP F 140 33.43 11.80 1.34
CA ASP F 140 33.31 12.96 2.20
C ASP F 140 33.60 14.27 1.47
N GLY F 141 33.80 14.23 0.17
CA GLY F 141 34.05 15.41 -0.62
C GLY F 141 35.52 15.65 -0.94
N SER F 142 36.42 15.07 -0.15
CA SER F 142 37.84 15.23 -0.45
C SER F 142 38.20 14.41 -1.68
N TYR F 143 39.42 14.62 -2.18
CA TYR F 143 39.82 13.95 -3.41
C TYR F 143 41.31 13.68 -3.42
N GLU F 144 41.69 12.75 -4.29
CA GLU F 144 43.08 12.44 -4.59
C GLU F 144 43.33 12.67 -6.07
N ASP F 145 44.52 13.17 -6.40
CA ASP F 145 44.88 13.41 -7.79
C ASP F 145 45.93 12.41 -8.24
N TRP F 146 45.68 11.80 -9.40
CA TRP F 146 46.61 10.84 -10.00
C TRP F 146 46.76 11.17 -11.46
N GLY F 147 47.99 11.42 -11.91
CA GLY F 147 48.21 11.52 -13.33
C GLY F 147 48.04 10.16 -13.96
N CYS F 148 47.58 10.14 -15.21
CA CYS F 148 47.34 8.86 -15.86
C CYS F 148 48.64 8.08 -16.03
N ASP F 149 49.76 8.77 -16.18
CA ASP F 149 51.04 8.13 -16.44
C ASP F 149 51.63 7.43 -15.22
N GLU F 150 51.09 7.69 -14.03
CA GLU F 150 51.61 7.04 -12.84
C GLU F 150 50.70 5.94 -12.31
N LEU F 151 49.45 5.91 -12.74
CA LEU F 151 48.61 4.73 -12.54
C LEU F 151 49.04 3.62 -13.50
N ILE F 152 48.93 2.38 -13.04
CA ILE F 152 49.42 1.24 -13.81
C ILE F 152 48.28 0.69 -14.65
N VAL F 153 48.53 0.50 -15.94
CA VAL F 153 47.53 0.02 -16.89
C VAL F 153 47.82 -1.44 -17.21
N ASP F 154 46.80 -2.27 -17.15
CA ASP F 154 46.95 -3.70 -17.41
C ASP F 154 46.96 -3.98 -18.92
N MET G 1 36.64 55.25 -6.14
CA MET G 1 37.85 55.04 -5.38
C MET G 1 38.37 53.63 -5.68
N PHE G 2 39.70 53.48 -5.64
CA PHE G 2 40.35 52.21 -5.93
C PHE G 2 40.35 51.23 -4.76
N PHE G 3 39.90 50.00 -5.03
CA PHE G 3 39.89 48.90 -4.08
C PHE G 3 40.69 47.72 -4.59
N LEU G 4 41.46 47.08 -3.71
CA LEU G 4 42.12 45.83 -4.06
C LEU G 4 41.09 44.70 -3.98
N LYS G 5 40.89 44.01 -5.09
CA LYS G 5 39.78 43.06 -5.24
C LYS G 5 40.34 41.71 -5.64
N ASP G 6 40.00 40.68 -4.86
CA ASP G 6 40.19 39.30 -5.30
C ASP G 6 39.05 38.92 -6.24
N LEU G 7 39.40 38.49 -7.45
CA LEU G 7 38.43 38.13 -8.46
C LEU G 7 38.96 36.99 -9.32
N SER G 8 38.04 36.34 -10.03
CA SER G 8 38.35 35.17 -10.85
C SER G 8 37.80 35.37 -12.27
N LEU G 9 38.21 34.46 -13.15
CA LEU G 9 37.73 34.48 -14.53
C LEU G 9 37.83 33.07 -15.10
N ILE G 10 36.69 32.43 -15.30
CA ILE G 10 36.63 31.11 -15.91
C ILE G 10 36.86 31.25 -17.41
N LEU G 11 37.63 30.31 -17.97
CA LEU G 11 38.07 30.39 -19.36
C LEU G 11 37.93 29.04 -20.04
N THR G 12 37.97 29.08 -21.37
CA THR G 12 37.81 27.90 -22.20
C THR G 12 38.98 27.85 -23.18
N LEU G 13 39.60 26.68 -23.30
CA LEU G 13 40.79 26.49 -24.12
C LEU G 13 40.60 25.34 -25.09
N HIS G 14 40.94 25.56 -26.36
CA HIS G 14 40.76 24.53 -27.36
C HIS G 14 41.86 23.47 -27.22
N PRO G 15 41.58 22.22 -27.59
CA PRO G 15 42.64 21.19 -27.55
C PRO G 15 43.80 21.47 -28.48
N SER G 16 43.59 22.22 -29.56
CA SER G 16 44.65 22.54 -30.51
C SER G 16 45.78 23.33 -29.86
N TYR G 17 45.50 24.05 -28.79
CA TYR G 17 46.48 24.90 -28.11
C TYR G 17 47.27 24.16 -27.04
N PHE G 18 47.06 22.86 -26.89
CA PHE G 18 47.62 22.04 -25.82
C PHE G 18 49.11 21.77 -26.05
N GLY G 19 49.93 22.78 -25.79
CA GLY G 19 51.36 22.66 -26.07
C GLY G 19 52.20 22.72 -24.82
N PRO G 20 53.52 22.99 -24.94
CA PRO G 20 54.38 22.96 -23.74
C PRO G 20 54.44 24.29 -22.99
N GLN G 21 54.06 25.39 -23.62
CA GLN G 21 54.08 26.69 -22.96
C GLN G 21 52.65 27.23 -22.86
N MET G 22 51.75 26.34 -22.45
CA MET G 22 50.31 26.63 -22.45
C MET G 22 50.01 27.68 -21.37
N ASN G 23 50.48 27.42 -20.15
CA ASN G 23 50.08 28.25 -19.01
C ASN G 23 50.44 29.71 -19.26
N GLN G 24 51.58 29.96 -19.90
CA GLN G 24 51.96 31.34 -20.21
C GLN G 24 51.04 31.92 -21.28
N TYR G 25 50.60 31.09 -22.23
CA TYR G 25 49.62 31.54 -23.21
C TYR G 25 48.32 31.96 -22.54
N LEU G 26 47.87 31.18 -21.55
CA LEU G 26 46.67 31.58 -20.81
C LEU G 26 46.91 32.83 -19.99
N ARG G 27 48.12 33.01 -19.45
CA ARG G 27 48.42 34.23 -18.72
C ARG G 27 48.32 35.44 -19.64
N GLU G 28 48.86 35.33 -20.85
CA GLU G 28 48.76 36.41 -21.83
C GLU G 28 47.31 36.64 -22.22
N LYS G 29 46.53 35.56 -22.37
CA LYS G 29 45.11 35.69 -22.70
C LYS G 29 44.38 36.43 -21.58
N LEU G 30 44.68 36.11 -20.33
CA LEU G 30 44.06 36.82 -19.21
C LEU G 30 44.44 38.29 -19.23
N LEU G 31 45.72 38.59 -19.44
CA LEU G 31 46.17 39.97 -19.43
C LEU G 31 45.51 40.78 -20.54
N THR G 32 45.42 40.22 -21.74
CA THR G 32 44.70 40.92 -22.81
C THR G 32 43.22 41.06 -22.49
N ASP G 33 42.60 40.01 -21.93
CA ASP G 33 41.15 39.98 -21.76
C ASP G 33 40.69 40.95 -20.69
N VAL G 34 41.41 41.06 -19.58
CA VAL G 34 40.86 41.73 -18.40
C VAL G 34 41.37 43.16 -18.23
N GLU G 35 42.51 43.51 -18.83
CA GLU G 35 43.14 44.80 -18.60
C GLU G 35 42.38 45.87 -19.38
N GLY G 36 41.33 46.41 -18.77
CA GLY G 36 40.58 47.51 -19.36
C GLY G 36 39.07 47.41 -19.22
N THR G 37 38.58 46.25 -18.82
CA THR G 37 37.14 45.98 -18.83
C THR G 37 36.44 46.65 -17.65
N CYS G 38 35.16 46.95 -17.84
CA CYS G 38 34.30 47.46 -16.79
C CYS G 38 33.31 46.39 -16.36
N THR G 39 33.00 46.35 -15.06
CA THR G 39 31.92 45.53 -14.54
C THR G 39 31.14 46.34 -13.53
N GLY G 40 29.80 46.27 -13.64
CA GLY G 40 28.91 47.02 -12.76
C GLY G 40 29.04 46.66 -11.30
N GLN G 41 29.54 45.47 -10.98
CA GLN G 41 29.68 45.03 -9.60
C GLN G 41 31.03 45.35 -8.98
N PHE G 42 31.98 45.81 -9.76
CA PHE G 42 33.30 46.04 -9.16
C PHE G 42 33.85 47.43 -9.42
N GLY G 43 33.64 47.98 -10.61
CA GLY G 43 34.26 49.25 -10.93
C GLY G 43 35.08 49.13 -12.20
N TYR G 44 36.32 49.61 -12.16
CA TYR G 44 37.19 49.57 -13.33
C TYR G 44 38.49 48.88 -12.94
N ILE G 45 38.89 47.90 -13.76
CA ILE G 45 40.08 47.09 -13.52
C ILE G 45 41.21 47.78 -14.30
N VAL G 46 42.00 48.57 -13.57
CA VAL G 46 43.11 49.30 -14.18
C VAL G 46 44.31 48.39 -14.42
N THR G 47 44.86 47.79 -13.36
CA THR G 47 46.01 46.89 -13.49
C THR G 47 45.74 45.62 -12.69
N VAL G 48 46.73 44.74 -12.68
CA VAL G 48 46.71 43.52 -11.88
C VAL G 48 48.05 43.39 -11.18
N LEU G 49 48.02 43.34 -9.84
CA LEU G 49 49.23 43.12 -9.07
C LEU G 49 49.88 41.80 -9.45
N ASP G 50 51.18 41.82 -9.71
CA ASP G 50 51.95 40.62 -10.03
C ASP G 50 51.30 39.84 -11.18
N GLY G 51 51.24 40.48 -12.34
CA GLY G 51 50.52 39.90 -13.46
C GLY G 51 51.12 38.58 -13.95
N MET G 52 52.44 38.54 -14.09
CA MET G 52 53.06 37.33 -14.64
C MET G 52 53.05 36.16 -13.66
N ASN G 53 52.78 36.40 -12.37
CA ASN G 53 52.82 35.35 -11.36
C ASN G 53 51.42 34.91 -10.90
N ILE G 54 50.43 34.93 -11.79
CA ILE G 54 49.12 34.36 -11.46
C ILE G 54 49.17 32.84 -11.62
N ASP G 55 48.51 32.13 -10.71
CA ASP G 55 48.46 30.68 -10.72
C ASP G 55 47.17 30.23 -11.41
N VAL G 56 47.31 29.50 -12.52
CA VAL G 56 46.16 28.96 -13.22
C VAL G 56 45.69 27.62 -12.67
N GLY G 57 46.48 26.99 -11.80
CA GLY G 57 46.09 25.73 -11.20
C GLY G 57 45.99 24.64 -12.26
N LYS G 58 45.09 23.68 -12.04
CA LYS G 58 44.85 22.61 -13.00
C LYS G 58 43.46 22.74 -13.59
N GLY G 59 43.38 22.79 -14.91
CA GLY G 59 42.09 22.93 -15.58
C GLY G 59 41.39 21.59 -15.71
N ARG G 60 40.06 21.66 -15.78
CA ARG G 60 39.22 20.48 -15.90
C ARG G 60 38.62 20.40 -17.30
N ILE G 61 38.71 19.22 -17.91
CA ILE G 61 38.11 18.99 -19.22
C ILE G 61 36.61 18.84 -19.06
N ILE G 62 35.85 19.66 -19.81
CA ILE G 62 34.40 19.56 -19.81
C ILE G 62 33.96 18.33 -20.58
N PRO G 63 33.17 17.44 -19.98
CA PRO G 63 32.70 16.25 -20.70
C PRO G 63 31.75 16.62 -21.83
N GLY G 64 32.07 16.17 -23.03
CA GLY G 64 31.27 16.39 -24.21
C GLY G 64 31.82 17.42 -25.17
N SER G 65 32.67 18.33 -24.70
CA SER G 65 33.23 19.35 -25.58
C SER G 65 34.74 19.24 -25.72
N GLY G 66 35.46 18.86 -24.68
CA GLY G 66 36.90 18.71 -24.74
C GLY G 66 37.67 19.98 -24.50
N SER G 67 37.01 21.05 -24.06
CA SER G 67 37.67 22.30 -23.75
C SER G 67 37.89 22.45 -22.25
N ALA G 68 39.01 23.07 -21.91
CA ALA G 68 39.44 23.18 -20.52
C ALA G 68 38.92 24.43 -19.83
N GLU G 69 38.53 24.27 -18.57
CA GLU G 69 38.06 25.35 -17.71
C GLU G 69 39.11 25.62 -16.65
N PHE G 70 39.41 26.90 -16.42
CA PHE G 70 40.40 27.30 -15.41
C PHE G 70 39.77 28.32 -14.48
N GLU G 71 39.95 28.11 -13.19
CA GLU G 71 39.57 29.08 -12.16
C GLU G 71 40.82 29.82 -11.72
N VAL G 72 41.20 30.81 -12.53
CA VAL G 72 42.43 31.58 -12.33
C VAL G 72 42.16 32.65 -11.27
N LYS G 73 42.45 32.33 -10.02
CA LYS G 73 42.19 33.26 -8.94
C LYS G 73 43.39 34.20 -8.78
N TYR G 74 43.10 35.48 -8.56
CA TYR G 74 44.17 36.47 -8.39
C TYR G 74 43.60 37.70 -7.70
N ARG G 75 44.51 38.51 -7.18
CA ARG G 75 44.15 39.74 -6.47
C ARG G 75 44.54 40.92 -7.34
N ALA G 76 43.58 41.79 -7.65
CA ALA G 76 43.88 42.90 -8.54
C ALA G 76 43.44 44.21 -7.89
N VAL G 77 43.50 45.31 -8.64
CA VAL G 77 43.09 46.62 -8.16
C VAL G 77 41.98 47.12 -9.06
N VAL G 78 40.90 47.61 -8.46
CA VAL G 78 39.74 48.08 -9.19
C VAL G 78 39.37 49.45 -8.65
N TRP G 79 38.78 50.29 -9.50
CA TRP G 79 38.45 51.66 -9.14
C TRP G 79 36.97 51.91 -9.38
N LYS G 80 36.23 52.22 -8.31
CA LYS G 80 34.79 52.37 -8.35
C LYS G 80 34.44 53.68 -7.64
N PRO G 81 33.58 54.51 -8.23
CA PRO G 81 33.07 55.69 -7.52
C PRO G 81 31.84 55.36 -6.69
N PHE G 82 31.59 56.20 -5.69
CA PHE G 82 30.38 56.09 -4.90
C PHE G 82 29.78 57.48 -4.69
N LYS G 83 28.45 57.55 -4.80
CA LYS G 83 27.73 58.79 -4.55
C LYS G 83 27.97 59.32 -3.14
N GLY G 84 28.30 60.61 -3.05
CA GLY G 84 28.64 61.24 -1.79
C GLY G 84 30.08 61.11 -1.36
N GLU G 85 30.95 60.58 -2.21
CA GLU G 85 32.38 60.54 -1.96
C GLU G 85 33.08 61.64 -2.75
N VAL G 86 34.07 62.28 -2.13
CA VAL G 86 34.79 63.38 -2.74
C VAL G 86 35.96 62.80 -3.53
N VAL G 87 36.04 63.17 -4.81
CA VAL G 87 37.10 62.71 -5.71
C VAL G 87 37.66 63.90 -6.47
N ASP G 88 38.99 64.01 -6.48
CA ASP G 88 39.66 65.05 -7.24
C ASP G 88 39.69 64.69 -8.72
N ALA G 89 39.98 65.68 -9.55
CA ALA G 89 39.98 65.49 -11.01
C ALA G 89 40.68 66.67 -11.67
N ILE G 90 40.73 66.62 -13.00
CA ILE G 90 41.17 67.74 -13.81
C ILE G 90 40.19 67.90 -14.97
N VAL G 91 39.79 69.14 -15.26
CA VAL G 91 38.78 69.40 -16.28
C VAL G 91 39.32 69.00 -17.64
N SER G 92 38.47 68.38 -18.46
CA SER G 92 38.83 68.03 -19.83
C SER G 92 38.15 68.92 -20.85
N ASN G 93 36.83 69.02 -20.81
CA ASN G 93 36.07 69.84 -21.74
C ASN G 93 35.48 71.05 -21.04
N VAL G 94 34.99 72.00 -21.84
CA VAL G 94 34.27 73.17 -21.36
C VAL G 94 33.09 73.43 -22.31
N SER G 95 32.00 73.94 -21.76
CA SER G 95 30.79 74.19 -22.53
C SER G 95 29.89 75.11 -21.72
N PRO G 96 29.00 75.87 -22.39
CA PRO G 96 28.06 76.72 -21.65
C PRO G 96 27.14 75.95 -20.69
N ILE G 97 26.85 74.68 -20.96
CA ILE G 97 25.95 73.91 -20.12
C ILE G 97 26.70 73.07 -19.08
N GLY G 98 27.98 73.38 -18.85
CA GLY G 98 28.79 72.70 -17.87
C GLY G 98 30.10 72.27 -18.47
N PHE G 99 30.88 71.53 -17.69
CA PHE G 99 32.20 71.12 -18.11
C PHE G 99 32.41 69.66 -17.73
N PHE G 100 33.41 69.05 -18.35
CA PHE G 100 33.75 67.66 -18.12
C PHE G 100 35.06 67.60 -17.34
N ALA G 101 35.12 66.67 -16.37
CA ALA G 101 36.33 66.44 -15.61
C ALA G 101 36.63 64.96 -15.57
N ASP G 102 37.87 64.60 -15.88
CA ASP G 102 38.29 63.21 -15.95
C ASP G 102 38.57 62.69 -14.55
N VAL G 103 37.83 61.67 -14.12
CA VAL G 103 37.98 61.09 -12.79
C VAL G 103 38.38 59.63 -12.97
N GLY G 104 39.57 59.29 -12.49
CA GLY G 104 40.09 57.95 -12.62
C GLY G 104 40.23 57.58 -14.09
N PRO G 105 39.56 56.49 -14.50
CA PRO G 105 39.48 56.18 -15.94
C PRO G 105 38.38 56.95 -16.66
N LEU G 106 37.48 57.59 -15.94
CA LEU G 106 36.23 58.08 -16.50
C LEU G 106 36.30 59.60 -16.71
N ASN G 107 35.16 60.18 -17.10
CA ASN G 107 35.04 61.62 -17.28
C ASN G 107 33.71 62.07 -16.71
N VAL G 108 33.75 63.01 -15.77
CA VAL G 108 32.55 63.46 -15.04
C VAL G 108 32.16 64.84 -15.55
N PHE G 109 30.87 65.03 -15.81
CA PHE G 109 30.33 66.28 -16.31
C PHE G 109 29.36 66.82 -15.27
N VAL G 110 29.49 68.11 -14.96
CA VAL G 110 28.64 68.79 -13.98
C VAL G 110 27.76 69.80 -14.71
N SER G 111 26.49 69.81 -14.34
CA SER G 111 25.47 70.62 -14.99
C SER G 111 25.45 72.04 -14.43
N THR G 112 24.80 72.94 -15.18
CA THR G 112 24.80 74.36 -14.84
C THR G 112 24.11 74.65 -13.52
N ARG G 113 23.04 73.91 -13.20
CA ARG G 113 22.29 74.25 -12.00
C ARG G 113 23.02 73.87 -10.71
N LEU G 114 24.12 73.14 -10.81
CA LEU G 114 24.80 72.58 -9.64
C LEU G 114 26.19 73.18 -9.50
N ILE G 115 26.26 74.51 -9.67
CA ILE G 115 27.51 75.26 -9.75
C ILE G 115 27.29 76.56 -8.97
N PRO G 116 28.25 77.00 -8.16
CA PRO G 116 28.07 78.27 -7.44
C PRO G 116 27.78 79.41 -8.41
N ASP G 117 26.78 80.22 -8.04
CA ASP G 117 26.24 81.21 -8.98
C ASP G 117 27.17 82.39 -9.20
N ASN G 118 28.22 82.53 -8.40
CA ASN G 118 29.25 83.53 -8.69
C ASN G 118 30.09 83.16 -9.92
N LEU G 119 30.02 81.91 -10.38
CA LEU G 119 30.75 81.51 -11.56
C LEU G 119 29.99 81.92 -12.82
N VAL G 120 30.69 82.59 -13.73
CA VAL G 120 30.08 83.12 -14.96
C VAL G 120 30.87 82.55 -16.13
N TYR G 121 30.13 82.06 -17.14
CA TYR G 121 30.74 81.52 -18.33
C TYR G 121 31.09 82.62 -19.32
N ASN G 122 32.04 82.33 -20.21
CA ASN G 122 32.50 83.30 -21.19
C ASN G 122 32.85 82.59 -22.49
N PRO G 123 32.08 82.84 -23.56
CA PRO G 123 32.45 82.29 -24.88
C PRO G 123 33.47 83.13 -25.63
N SER G 124 33.89 84.27 -25.10
CA SER G 124 34.71 85.20 -25.86
C SER G 124 36.10 85.40 -25.28
N ASN G 125 36.38 84.89 -24.09
CA ASN G 125 37.68 85.06 -23.48
C ASN G 125 38.73 84.26 -24.24
N SER G 126 39.97 84.74 -24.21
CA SER G 126 41.11 83.95 -24.65
C SER G 126 42.01 83.66 -23.45
N PRO G 127 42.01 82.43 -22.92
CA PRO G 127 41.19 81.29 -23.36
C PRO G 127 39.75 81.27 -22.84
N PRO G 128 38.85 80.66 -23.60
CA PRO G 128 37.45 80.55 -23.17
C PRO G 128 37.34 79.68 -21.92
N ALA G 129 36.59 80.16 -20.93
CA ALA G 129 36.50 79.48 -19.65
C ALA G 129 35.45 80.17 -18.77
N TYR G 130 35.05 79.47 -17.72
CA TYR G 130 34.29 80.09 -16.64
C TYR G 130 35.19 81.06 -15.89
N MET G 131 34.61 82.16 -15.41
CA MET G 131 35.33 83.10 -14.55
C MET G 131 34.50 83.49 -13.34
N SER G 132 35.10 84.36 -12.53
CA SER G 132 34.49 85.03 -11.39
C SER G 132 35.46 86.12 -10.94
N ASN G 133 35.06 86.89 -9.94
CA ASN G 133 36.00 87.60 -9.08
C ASN G 133 36.42 86.68 -7.95
N ASP G 134 37.68 86.27 -7.95
CA ASP G 134 38.33 85.36 -6.98
C ASP G 134 38.02 83.88 -7.23
N GLU G 135 37.45 83.52 -8.37
CA GLU G 135 37.31 82.13 -8.75
C GLU G 135 37.63 81.96 -10.23
N LEU G 136 38.31 80.85 -10.56
CA LEU G 136 38.75 80.58 -11.92
C LEU G 136 38.58 79.10 -12.21
N ILE G 137 38.07 78.80 -13.40
CA ILE G 137 38.00 77.43 -13.93
C ILE G 137 38.44 77.43 -15.38
N THR G 138 39.72 77.11 -15.62
CA THR G 138 40.25 77.01 -16.97
C THR G 138 40.77 75.60 -17.21
N LYS G 139 41.10 75.32 -18.47
CA LYS G 139 41.57 73.99 -18.85
C LYS G 139 42.90 73.69 -18.18
N GLY G 140 42.98 72.52 -17.55
CA GLY G 140 44.12 72.13 -16.74
C GLY G 140 43.95 72.35 -15.26
N SER G 141 42.82 72.93 -14.84
CA SER G 141 42.58 73.21 -13.43
C SER G 141 42.30 71.93 -12.66
N LYS G 142 42.47 72.01 -11.35
CA LYS G 142 42.05 70.94 -10.45
C LYS G 142 40.69 71.26 -9.86
N VAL G 143 39.89 70.21 -9.64
CA VAL G 143 38.52 70.35 -9.15
C VAL G 143 38.27 69.25 -8.12
N ARG G 144 38.13 69.65 -6.85
CA ARG G 144 37.71 68.73 -5.80
C ARG G 144 36.19 68.69 -5.85
N LEU G 145 35.65 67.67 -6.51
CA LEU G 145 34.23 67.59 -6.82
C LEU G 145 33.61 66.34 -6.22
N LYS G 146 32.40 66.47 -5.71
CA LYS G 146 31.64 65.37 -5.16
C LYS G 146 30.82 64.68 -6.23
N VAL G 147 30.69 63.36 -6.10
CA VAL G 147 29.83 62.56 -6.96
C VAL G 147 28.45 62.48 -6.33
N VAL G 148 27.41 62.88 -7.07
CA VAL G 148 26.04 62.77 -6.62
C VAL G 148 25.21 61.90 -7.55
N GLY G 149 25.85 61.06 -8.37
CA GLY G 149 25.12 60.15 -9.23
C GLY G 149 26.03 59.28 -10.08
N THR G 150 25.69 57.99 -10.19
CA THR G 150 26.47 57.06 -11.01
C THR G 150 25.52 56.03 -11.60
N ARG G 151 25.36 56.05 -12.92
CA ARG G 151 24.60 55.04 -13.62
C ARG G 151 25.57 53.93 -14.05
N THR G 152 25.14 52.68 -13.92
CA THR G 152 25.99 51.53 -14.24
C THR G 152 25.65 51.00 -15.64
N ASP G 153 26.47 51.38 -16.62
CA ASP G 153 26.45 50.76 -17.94
C ASP G 153 27.65 49.84 -18.08
N VAL G 154 27.40 48.66 -18.66
CA VAL G 154 28.33 47.54 -18.50
C VAL G 154 29.70 47.88 -19.07
N ASN G 155 29.74 48.51 -20.25
CA ASN G 155 31.01 48.83 -20.91
C ASN G 155 31.64 50.10 -20.34
N GLU G 156 30.94 51.24 -20.46
CA GLU G 156 31.44 52.50 -19.93
C GLU G 156 30.41 53.08 -18.97
N ILE G 157 30.88 53.52 -17.80
CA ILE G 157 30.04 54.15 -16.80
C ILE G 157 30.29 55.66 -16.79
N TYR G 158 29.31 56.41 -16.30
CA TYR G 158 29.40 57.86 -16.23
C TYR G 158 28.87 58.33 -14.87
N ALA G 159 29.54 59.33 -14.30
CA ALA G 159 29.21 59.92 -13.01
C ALA G 159 28.96 61.40 -13.18
N ILE G 160 27.85 61.89 -12.64
CA ILE G 160 27.50 63.31 -12.69
C ILE G 160 27.67 63.91 -11.30
N GLY G 161 28.58 64.88 -11.16
CA GLY G 161 28.91 65.46 -9.89
C GLY G 161 28.20 66.79 -9.63
N SER G 162 28.53 67.39 -8.49
CA SER G 162 27.95 68.68 -8.11
C SER G 162 28.95 69.49 -7.30
N ILE G 163 29.28 70.69 -7.78
CA ILE G 163 30.25 71.55 -7.10
C ILE G 163 29.54 72.68 -6.34
N LYS G 164 28.28 72.50 -5.98
CA LYS G 164 27.47 73.53 -5.34
C LYS G 164 27.70 73.64 -3.84
N GLU G 165 28.47 72.72 -3.26
CA GLU G 165 28.63 72.65 -1.82
C GLU G 165 29.98 73.22 -1.38
N ASP G 166 30.03 73.59 -0.09
CA ASP G 166 31.18 74.29 0.46
C ASP G 166 32.43 73.42 0.38
N PHE G 167 33.59 74.08 0.37
CA PHE G 167 34.90 73.43 0.27
C PHE G 167 35.07 72.70 -1.06
N LEU G 168 34.30 73.09 -2.08
CA LEU G 168 34.26 72.36 -3.34
C LEU G 168 34.30 73.36 -4.49
N GLY G 169 34.79 72.90 -5.64
CA GLY G 169 34.85 73.68 -6.84
C GLY G 169 36.29 73.91 -7.26
N ALA G 170 36.60 75.15 -7.65
CA ALA G 170 37.97 75.47 -7.99
C ALA G 170 38.84 75.35 -6.74
N ILE G 171 40.04 74.81 -6.92
CA ILE G 171 40.98 74.67 -5.82
C ILE G 171 42.40 74.99 -6.28
N SER H 3 66.05 -48.39 -34.65
CA SER H 3 65.47 -47.06 -34.75
C SER H 3 64.10 -47.00 -34.10
N ALA H 4 63.76 -48.05 -33.34
CA ALA H 4 62.51 -48.12 -32.62
C ALA H 4 62.76 -48.13 -31.13
N LEU H 5 61.73 -47.73 -30.38
CA LEU H 5 61.81 -47.57 -28.94
C LEU H 5 61.33 -48.79 -28.17
N PHE H 6 60.35 -49.52 -28.70
CA PHE H 6 59.80 -50.68 -28.01
C PHE H 6 59.24 -51.63 -29.06
N ASP H 7 59.99 -52.68 -29.35
CA ASP H 7 59.54 -53.77 -30.20
C ASP H 7 59.02 -54.90 -29.32
N ASP H 8 57.99 -55.60 -29.82
CA ASP H 8 57.39 -56.69 -29.05
C ASP H 8 56.34 -57.38 -29.91
N ILE H 9 56.00 -58.60 -29.51
CA ILE H 9 54.92 -59.38 -30.11
C ILE H 9 53.85 -59.60 -29.05
N PHE H 10 52.59 -59.43 -29.43
CA PHE H 10 51.48 -59.54 -28.50
C PHE H 10 50.47 -60.57 -28.99
N THR H 11 49.79 -61.20 -28.05
CA THR H 11 48.70 -62.12 -28.36
C THR H 11 47.39 -61.48 -27.91
N VAL H 12 46.51 -61.23 -28.88
CA VAL H 12 45.26 -60.52 -28.59
C VAL H 12 44.36 -61.42 -27.76
N GLN H 13 43.86 -60.88 -26.64
CA GLN H 13 43.04 -61.63 -25.71
C GLN H 13 41.55 -61.40 -25.93
N THR H 14 41.13 -60.13 -25.94
CA THR H 14 39.73 -59.77 -26.12
C THR H 14 39.63 -58.59 -27.06
N VAL H 15 38.52 -58.50 -27.78
CA VAL H 15 38.23 -57.39 -28.67
C VAL H 15 36.76 -57.03 -28.48
N ASP H 16 36.51 -55.87 -27.89
CA ASP H 16 35.15 -55.37 -27.69
C ASP H 16 34.87 -54.33 -28.79
N ASN H 17 34.31 -54.80 -29.90
CA ASN H 17 33.82 -53.90 -30.94
C ASN H 17 32.78 -52.96 -30.34
N GLY H 18 31.65 -53.53 -29.90
CA GLY H 18 30.85 -52.94 -28.86
C GLY H 18 30.37 -51.52 -29.07
N ARG H 19 31.00 -50.59 -28.34
CA ARG H 19 30.52 -49.21 -28.28
C ARG H 19 30.42 -48.57 -29.66
N TYR H 20 31.40 -48.81 -30.52
CA TYR H 20 31.51 -48.08 -31.78
C TYR H 20 31.36 -49.04 -32.96
N ASN H 21 31.56 -48.51 -34.15
CA ASN H 21 31.44 -49.26 -35.39
C ASN H 21 32.74 -49.34 -36.17
N LYS H 22 33.56 -48.30 -36.14
CA LYS H 22 34.85 -48.31 -36.82
C LYS H 22 36.01 -48.42 -35.84
N VAL H 23 35.73 -48.64 -34.56
CA VAL H 23 36.75 -48.59 -33.52
C VAL H 23 36.52 -49.76 -32.58
N SER H 24 37.59 -50.47 -32.24
CA SER H 24 37.54 -51.57 -31.29
C SER H 24 38.71 -51.45 -30.33
N ARG H 25 38.46 -51.81 -29.06
CA ARG H 25 39.50 -51.84 -28.05
C ARG H 25 40.02 -53.26 -27.89
N ILE H 26 41.34 -53.43 -27.89
CA ILE H 26 41.95 -54.74 -27.78
C ILE H 26 42.82 -54.80 -26.54
N ILE H 27 42.92 -55.99 -25.96
CA ILE H 27 43.79 -56.25 -24.81
C ILE H 27 44.74 -57.37 -25.21
N GLY H 28 46.02 -57.19 -24.93
CA GLY H 28 46.98 -58.23 -25.27
C GLY H 28 48.19 -58.30 -24.37
N ILE H 29 48.54 -59.52 -23.93
CA ILE H 29 49.75 -59.75 -23.14
C ILE H 29 50.84 -60.22 -24.06
N SER H 30 52.06 -59.75 -23.81
CA SER H 30 53.22 -60.19 -24.59
C SER H 30 53.39 -61.71 -24.48
N THR H 31 53.72 -62.33 -25.60
CA THR H 31 53.93 -63.77 -25.62
C THR H 31 55.25 -64.17 -24.97
N THR H 32 56.25 -63.29 -25.03
CA THR H 32 57.58 -63.61 -24.51
C THR H 32 57.79 -63.13 -23.08
N ASN H 33 57.12 -62.06 -22.67
CA ASN H 33 57.31 -61.45 -21.35
C ASN H 33 55.92 -61.11 -20.83
N SER H 34 55.33 -62.03 -20.07
CA SER H 34 54.04 -61.75 -19.48
C SER H 34 54.14 -60.62 -18.47
N ALA H 35 52.98 -60.22 -17.95
CA ALA H 35 52.73 -59.03 -17.14
C ALA H 35 52.91 -57.75 -17.93
N ILE H 36 53.32 -57.81 -19.19
CA ILE H 36 53.28 -56.67 -20.09
C ILE H 36 51.93 -56.69 -20.79
N LYS H 37 51.04 -55.80 -20.38
CA LYS H 37 49.69 -55.71 -20.92
C LYS H 37 49.63 -54.54 -21.91
N LEU H 38 48.79 -54.70 -22.93
CA LEU H 38 48.59 -53.67 -23.94
C LEU H 38 47.11 -53.51 -24.21
N THR H 39 46.59 -52.31 -23.98
CA THR H 39 45.25 -51.94 -24.38
C THR H 39 45.35 -50.87 -25.46
N LEU H 40 44.59 -51.04 -26.54
CA LEU H 40 44.77 -50.21 -27.72
C LEU H 40 43.46 -50.10 -28.49
N ASP H 41 43.11 -48.88 -28.88
CA ASP H 41 42.00 -48.63 -29.79
C ASP H 41 42.51 -48.61 -31.22
N ILE H 42 41.81 -49.29 -32.12
CA ILE H 42 42.23 -49.41 -33.51
C ILE H 42 41.02 -49.23 -34.41
N ASN H 43 41.28 -48.72 -35.61
CA ASN H 43 40.25 -48.60 -36.63
C ASN H 43 39.94 -49.97 -37.22
N ASN H 44 38.68 -50.40 -37.12
CA ASN H 44 38.31 -51.73 -37.63
C ASN H 44 38.42 -51.79 -39.15
N GLU H 45 37.93 -50.75 -39.84
CA GLU H 45 37.88 -50.78 -41.29
C GLU H 45 39.26 -50.67 -41.94
N MET H 46 40.25 -50.16 -41.22
CA MET H 46 41.61 -50.04 -41.75
C MET H 46 42.51 -51.19 -41.36
N PHE H 47 42.24 -51.83 -40.21
CA PHE H 47 43.07 -52.92 -39.72
C PHE H 47 42.23 -53.82 -38.83
N PRO H 48 41.39 -54.67 -39.43
CA PRO H 48 40.54 -55.55 -38.62
C PRO H 48 41.37 -56.56 -37.85
N VAL H 49 40.96 -56.80 -36.60
CA VAL H 49 41.69 -57.68 -35.70
C VAL H 49 40.70 -58.61 -35.02
N SER H 50 41.08 -59.88 -34.90
CA SER H 50 40.26 -60.90 -34.27
C SER H 50 40.96 -61.41 -33.02
N GLN H 51 40.20 -62.11 -32.19
CA GLN H 51 40.72 -62.66 -30.95
C GLN H 51 41.77 -63.74 -31.23
N ASP H 52 42.73 -63.85 -30.33
CA ASP H 52 43.84 -64.80 -30.34
C ASP H 52 44.84 -64.55 -31.47
N ASP H 53 44.67 -63.47 -32.23
CA ASP H 53 45.63 -63.14 -33.27
C ASP H 53 46.93 -62.64 -32.65
N SER H 54 48.00 -62.67 -33.43
CA SER H 54 49.34 -62.31 -32.96
C SER H 54 49.78 -61.07 -33.70
N LEU H 55 50.05 -60.00 -32.96
CA LEU H 55 50.40 -58.70 -33.52
C LEU H 55 51.81 -58.33 -33.12
N THR H 56 52.64 -58.01 -34.11
CA THR H 56 53.94 -57.39 -33.88
C THR H 56 53.75 -55.89 -33.71
N VAL H 57 53.94 -55.39 -32.49
CA VAL H 57 53.64 -54.02 -32.12
C VAL H 57 54.95 -53.29 -31.87
N THR H 58 55.13 -52.14 -32.53
CA THR H 58 56.30 -51.30 -32.39
C THR H 58 55.89 -49.92 -31.91
N LEU H 59 56.70 -49.35 -31.02
CA LEU H 59 56.57 -47.95 -30.62
C LEU H 59 57.85 -47.23 -31.00
N ALA H 60 57.72 -46.12 -31.73
CA ALA H 60 58.88 -45.40 -32.24
C ALA H 60 58.68 -43.91 -32.07
N ASN H 61 59.79 -43.18 -31.96
CA ASN H 61 59.77 -41.73 -31.87
C ASN H 61 59.87 -41.08 -33.24
N SER H 62 60.05 -41.87 -34.30
CA SER H 62 60.12 -41.32 -35.64
C SER H 62 59.89 -42.44 -36.63
N LEU H 63 59.54 -42.06 -37.86
CA LEU H 63 59.49 -43.00 -38.96
C LEU H 63 60.66 -42.87 -39.93
N SER H 64 61.52 -41.87 -39.75
CA SER H 64 62.65 -41.72 -40.64
C SER H 64 63.70 -42.79 -40.36
N LEU H 65 64.59 -42.99 -41.33
CA LEU H 65 65.61 -44.01 -41.20
C LEU H 65 67.00 -43.40 -41.05
N LYS H 76 57.33 -29.90 -40.37
CA LYS H 76 56.33 -29.96 -39.31
C LYS H 76 54.93 -29.83 -39.89
N SER H 77 54.84 -29.65 -41.19
CA SER H 77 53.56 -29.49 -41.88
C SER H 77 53.33 -30.74 -42.71
N TRP H 78 52.31 -31.52 -42.33
CA TRP H 78 52.08 -32.80 -42.98
C TRP H 78 51.72 -32.64 -44.44
N ARG H 79 52.40 -33.40 -45.29
CA ARG H 79 52.13 -33.48 -46.71
C ARG H 79 52.05 -34.94 -47.11
N PRO H 80 51.22 -35.27 -48.10
CA PRO H 80 51.01 -36.68 -48.48
C PRO H 80 52.31 -37.35 -48.89
N PRO H 81 52.50 -38.60 -48.54
CA PRO H 81 53.77 -39.27 -48.86
C PRO H 81 53.84 -39.64 -50.34
N LYS H 82 55.03 -39.51 -50.89
CA LYS H 82 55.30 -39.95 -52.25
C LYS H 82 55.55 -41.45 -52.25
N PRO H 83 55.46 -42.09 -53.42
CA PRO H 83 55.85 -43.51 -53.48
C PRO H 83 57.35 -43.70 -53.38
N THR H 84 58.13 -42.73 -53.86
CA THR H 84 59.56 -42.92 -54.05
C THR H 84 60.36 -42.84 -52.76
N ASP H 85 59.86 -42.17 -51.73
CA ASP H 85 60.59 -42.08 -50.47
C ASP H 85 60.25 -43.27 -49.58
N LYS H 86 61.10 -43.49 -48.57
CA LYS H 86 60.97 -44.63 -47.68
C LYS H 86 61.02 -44.15 -46.23
N SER H 87 60.35 -44.92 -45.38
CA SER H 87 60.31 -44.64 -43.95
C SER H 87 60.16 -45.95 -43.21
N LEU H 88 60.13 -45.87 -41.87
CA LEU H 88 60.02 -47.07 -41.07
C LEU H 88 58.67 -47.76 -41.27
N ALA H 89 57.63 -46.97 -41.57
CA ALA H 89 56.27 -47.48 -41.69
C ALA H 89 56.08 -48.39 -42.90
N ASP H 90 57.08 -48.50 -43.77
CA ASP H 90 56.96 -49.29 -44.98
C ASP H 90 56.87 -50.79 -44.70
N ASP H 91 57.31 -51.23 -43.53
CA ASP H 91 57.33 -52.65 -43.19
C ASP H 91 56.17 -53.06 -42.30
N TYR H 92 55.17 -52.20 -42.13
CA TYR H 92 54.07 -52.46 -41.20
C TYR H 92 52.75 -52.31 -41.93
N ASP H 93 51.66 -52.66 -41.25
CA ASP H 93 50.33 -52.62 -41.83
C ASP H 93 49.43 -51.55 -41.24
N TYR H 94 49.70 -51.10 -40.02
CA TYR H 94 48.82 -50.16 -39.31
C TYR H 94 49.70 -49.22 -38.50
N VAL H 95 49.75 -47.96 -38.89
CA VAL H 95 50.58 -46.96 -38.23
C VAL H 95 49.70 -45.84 -37.69
N MET H 96 49.93 -45.46 -36.44
CA MET H 96 49.18 -44.39 -35.81
C MET H 96 50.14 -43.45 -35.08
N PHE H 97 49.73 -42.19 -34.96
CA PHE H 97 50.49 -41.17 -34.26
C PHE H 97 49.75 -40.69 -33.02
N GLY H 98 50.48 -40.51 -31.92
CA GLY H 98 49.83 -40.18 -30.66
C GLY H 98 50.65 -39.29 -29.75
N THR H 99 50.01 -38.89 -28.65
CA THR H 99 50.57 -37.98 -27.68
C THR H 99 50.63 -38.65 -26.32
N VAL H 100 51.82 -38.69 -25.72
CA VAL H 100 51.95 -39.22 -24.36
C VAL H 100 51.39 -38.18 -23.39
N TYR H 101 50.34 -38.56 -22.64
CA TYR H 101 49.74 -37.64 -21.70
C TYR H 101 49.79 -38.10 -20.25
N LYS H 102 50.40 -39.25 -19.96
CA LYS H 102 50.58 -39.66 -18.58
C LYS H 102 51.63 -40.76 -18.53
N PHE H 103 52.66 -40.56 -17.71
CA PHE H 103 53.72 -41.53 -17.49
C PHE H 103 53.74 -41.88 -16.00
N GLU H 104 53.21 -43.04 -15.65
CA GLU H 104 52.97 -43.40 -14.24
C GLU H 104 54.13 -44.25 -13.72
N GLU H 105 55.15 -43.57 -13.19
CA GLU H 105 56.24 -44.26 -12.50
C GLU H 105 55.77 -44.66 -11.11
N GLY H 106 54.88 -45.65 -11.09
CA GLY H 106 54.11 -45.97 -9.90
C GLY H 106 54.71 -46.99 -8.97
N ASP H 107 53.98 -48.07 -8.75
CA ASP H 107 54.31 -49.09 -7.76
C ASP H 107 55.56 -49.85 -8.19
N GLU H 108 55.90 -50.88 -7.41
CA GLU H 108 57.23 -51.51 -7.42
C GLU H 108 57.83 -51.62 -8.81
N ASP H 109 57.17 -52.35 -9.69
CA ASP H 109 57.56 -52.38 -11.09
C ASP H 109 56.33 -52.38 -11.99
N LYS H 110 55.30 -51.61 -11.63
CA LYS H 110 54.20 -51.32 -12.53
C LYS H 110 54.40 -49.93 -13.11
N ILE H 111 54.64 -49.86 -14.41
CA ILE H 111 54.87 -48.61 -15.13
C ILE H 111 53.81 -48.52 -16.21
N LYS H 112 52.99 -47.48 -16.17
CA LYS H 112 51.91 -47.32 -17.12
C LYS H 112 52.20 -46.09 -17.97
N VAL H 113 52.08 -46.25 -19.29
CA VAL H 113 52.24 -45.17 -20.23
C VAL H 113 50.90 -44.97 -20.93
N TYR H 114 50.54 -43.71 -21.14
CA TYR H 114 49.27 -43.35 -21.77
C TYR H 114 49.55 -42.55 -23.03
N VAL H 115 49.04 -43.01 -24.15
CA VAL H 115 49.22 -42.36 -25.43
C VAL H 115 47.84 -42.13 -26.02
N SER H 116 47.62 -40.96 -26.59
CA SER H 116 46.35 -40.60 -27.21
C SER H 116 46.58 -40.46 -28.71
N PHE H 117 46.00 -41.36 -29.48
CA PHE H 117 46.12 -41.34 -30.93
C PHE H 117 44.91 -40.61 -31.52
N GLY H 118 44.92 -39.29 -31.37
CA GLY H 118 43.80 -38.49 -31.82
C GLY H 118 42.48 -38.86 -31.18
N GLY H 119 42.50 -39.22 -29.90
CA GLY H 119 41.31 -39.68 -29.21
C GLY H 119 41.18 -41.18 -29.11
N LEU H 120 41.97 -41.93 -29.86
CA LEU H 120 42.10 -43.38 -29.68
C LEU H 120 43.22 -43.65 -28.69
N LEU H 121 42.87 -44.28 -27.56
CA LEU H 121 43.74 -44.32 -26.40
C LEU H 121 44.50 -45.63 -26.29
N MET H 122 45.65 -45.58 -25.62
CA MET H 122 46.50 -46.73 -25.40
C MET H 122 47.07 -46.71 -23.99
N CYS H 123 47.20 -47.89 -23.39
CA CYS H 123 47.88 -48.06 -22.11
C CYS H 123 48.85 -49.21 -22.25
N LEU H 124 50.01 -49.09 -21.59
CA LEU H 124 51.05 -50.10 -21.68
C LEU H 124 51.72 -50.26 -20.33
N GLU H 125 51.54 -51.43 -19.71
CA GLU H 125 52.17 -51.78 -18.45
C GLU H 125 53.51 -52.46 -18.68
N GLY H 126 54.12 -52.96 -17.62
CA GLY H 126 55.39 -53.66 -17.70
C GLY H 126 56.41 -53.07 -16.75
N GLY H 127 57.53 -53.77 -16.64
CA GLY H 127 58.58 -53.31 -15.76
C GLY H 127 59.22 -52.02 -16.25
N TYR H 128 59.84 -51.31 -15.31
CA TYR H 128 60.44 -50.02 -15.62
C TYR H 128 61.52 -50.14 -16.68
N LYS H 129 62.25 -51.25 -16.69
CA LYS H 129 63.38 -51.42 -17.61
C LYS H 129 62.94 -51.57 -19.06
N SER H 130 61.65 -51.83 -19.29
CA SER H 130 61.11 -51.92 -20.64
C SER H 130 60.57 -50.58 -21.13
N LEU H 131 59.98 -49.79 -20.24
CA LEU H 131 59.26 -48.59 -20.63
C LEU H 131 59.98 -47.31 -20.20
N ALA H 132 61.21 -47.43 -19.73
CA ALA H 132 61.96 -46.24 -19.31
C ALA H 132 62.19 -45.30 -20.49
N SER H 133 62.50 -45.85 -21.65
CA SER H 133 62.73 -45.06 -22.85
C SER H 133 61.44 -44.58 -23.49
N LEU H 134 60.28 -44.98 -22.97
CA LEU H 134 58.99 -44.52 -23.47
C LEU H 134 58.52 -43.21 -22.84
N LYS H 135 59.44 -42.41 -22.30
CA LYS H 135 59.08 -41.12 -21.72
C LYS H 135 59.41 -39.99 -22.70
N GLN H 136 58.50 -39.77 -23.65
CA GLN H 136 58.67 -38.82 -24.74
C GLN H 136 57.46 -37.91 -24.79
N ASP H 137 57.45 -37.02 -25.77
CA ASP H 137 56.30 -36.17 -26.05
C ASP H 137 55.31 -36.87 -26.98
N ASN H 138 55.77 -37.36 -28.12
CA ASN H 138 54.92 -38.01 -29.10
C ASN H 138 55.51 -39.34 -29.51
N LEU H 139 54.63 -40.32 -29.76
CA LEU H 139 55.04 -41.68 -30.09
C LEU H 139 54.27 -42.18 -31.31
N TYR H 140 54.97 -42.83 -32.22
CA TYR H 140 54.36 -43.61 -33.29
C TYR H 140 54.15 -45.05 -32.81
N ILE H 141 53.04 -45.65 -33.25
CA ILE H 141 52.80 -47.07 -33.08
C ILE H 141 52.65 -47.70 -34.46
N LEU H 142 53.35 -48.81 -34.68
CA LEU H 142 53.33 -49.54 -35.93
C LEU H 142 52.95 -50.98 -35.65
N ILE H 143 52.19 -51.60 -36.55
CA ILE H 143 51.66 -52.95 -36.34
C ILE H 143 51.79 -53.77 -37.61
N ARG H 144 52.06 -55.07 -37.44
CA ARG H 144 52.02 -56.04 -38.53
C ARG H 144 51.01 -57.12 -38.21
N ARG H 145 50.47 -57.75 -39.27
CA ARG H 145 49.57 -58.89 -39.14
C ARG H 145 48.33 -58.57 -38.31
N SER I 3 -33.49 -29.89 20.18
CA SER I 3 -34.69 -29.57 19.41
C SER I 3 -35.70 -28.81 20.25
N PHE I 4 -35.80 -27.51 20.01
CA PHE I 4 -36.67 -26.65 20.79
C PHE I 4 -38.10 -26.69 20.25
N ARG I 5 -39.07 -26.70 21.16
CA ARG I 5 -40.47 -26.82 20.79
C ARG I 5 -41.08 -25.43 20.55
N PHE I 6 -42.40 -25.40 20.35
CA PHE I 6 -43.13 -24.15 20.14
C PHE I 6 -44.40 -24.13 21.00
N CYS I 7 -44.99 -22.94 21.10
CA CYS I 7 -46.09 -22.70 22.02
C CYS I 7 -47.36 -23.34 21.47
N LEU I 8 -48.09 -24.03 22.35
CA LEU I 8 -49.39 -24.60 21.98
C LEU I 8 -50.49 -23.55 21.85
N GLU I 9 -50.27 -22.33 22.34
CA GLU I 9 -51.25 -21.26 22.23
C GLU I 9 -50.76 -20.13 21.33
N CYS I 10 -49.60 -19.55 21.65
CA CYS I 10 -49.12 -18.37 20.94
C CYS I 10 -48.30 -18.72 19.71
N ASN I 11 -47.93 -19.99 19.57
CA ASN I 11 -47.09 -20.50 18.47
C ASN I 11 -45.72 -19.83 18.40
N ASN I 12 -45.21 -19.28 19.49
CA ASN I 12 -43.81 -18.90 19.53
C ASN I 12 -43.01 -20.01 20.21
N MET I 13 -41.73 -19.75 20.47
CA MET I 13 -40.86 -20.78 21.02
C MET I 13 -40.63 -20.55 22.51
N LEU I 14 -40.60 -21.66 23.27
CA LEU I 14 -40.45 -21.65 24.72
C LEU I 14 -38.99 -21.66 25.17
N TYR I 15 -38.68 -20.82 26.17
CA TYR I 15 -37.35 -20.71 26.74
C TYR I 15 -37.31 -21.27 28.17
N PRO I 16 -36.15 -21.73 28.61
CA PRO I 16 -36.04 -22.34 29.94
C PRO I 16 -36.25 -21.34 31.07
N LYS I 17 -36.64 -21.87 32.23
CA LYS I 17 -36.77 -21.06 33.43
C LYS I 17 -36.75 -21.99 34.64
N GLU I 18 -36.66 -21.37 35.82
CA GLU I 18 -36.54 -22.11 37.07
C GLU I 18 -37.70 -21.76 38.00
N ASP I 19 -38.38 -22.79 38.51
CA ASP I 19 -39.41 -22.61 39.53
C ASP I 19 -38.73 -22.64 40.89
N LYS I 20 -38.30 -21.47 41.37
CA LYS I 20 -37.50 -21.44 42.58
C LYS I 20 -38.28 -21.99 43.78
N GLU I 21 -39.61 -22.02 43.70
CA GLU I 21 -40.40 -22.61 44.77
C GLU I 21 -40.62 -24.11 44.59
N ASN I 22 -40.18 -24.69 43.46
CA ASN I 22 -40.24 -26.13 43.27
C ASN I 22 -38.94 -26.71 42.70
N GLN I 23 -38.02 -25.88 42.23
CA GLN I 23 -36.73 -26.31 41.69
C GLN I 23 -36.87 -27.30 40.53
N ARG I 24 -37.82 -27.07 39.63
CA ARG I 24 -37.99 -27.90 38.45
C ARG I 24 -37.94 -27.04 37.18
N LEU I 25 -37.15 -27.49 36.19
CA LEU I 25 -36.95 -26.73 34.96
C LEU I 25 -38.25 -26.70 34.14
N LEU I 26 -38.91 -25.56 34.10
CA LEU I 26 -40.06 -25.32 33.24
C LEU I 26 -39.59 -24.83 31.87
N TYR I 27 -40.52 -24.32 31.07
CA TYR I 27 -40.18 -23.60 29.84
C TYR I 27 -41.13 -22.42 29.66
N SER I 28 -40.57 -21.22 29.60
CA SER I 28 -41.33 -19.98 29.69
C SER I 28 -41.50 -19.33 28.32
N CYS I 29 -42.75 -18.99 28.00
CA CYS I 29 -43.03 -18.18 26.81
C CYS I 29 -42.79 -16.71 27.11
N ARG I 30 -41.96 -16.05 26.31
CA ARG I 30 -41.70 -14.63 26.51
C ARG I 30 -42.82 -13.74 25.99
N ASN I 31 -43.82 -14.29 25.32
CA ASN I 31 -44.99 -13.52 24.90
C ASN I 31 -46.21 -13.78 25.76
N CYS I 32 -46.62 -15.04 25.92
CA CYS I 32 -47.82 -15.35 26.67
C CYS I 32 -47.44 -15.78 28.08
N ASP I 33 -48.43 -16.19 28.86
CA ASP I 33 -48.18 -16.65 30.22
C ASP I 33 -48.19 -18.16 30.35
N TYR I 34 -48.35 -18.89 29.24
CA TYR I 34 -48.44 -20.34 29.31
C TYR I 34 -47.08 -20.93 29.68
N THR I 35 -47.10 -21.94 30.54
CA THR I 35 -45.87 -22.60 30.99
C THR I 35 -46.15 -24.09 31.17
N GLU I 36 -45.54 -24.92 30.34
CA GLU I 36 -45.81 -26.36 30.36
C GLU I 36 -44.65 -27.08 31.01
N LEU I 37 -44.94 -28.28 31.51
CA LEU I 37 -43.89 -29.16 32.02
C LEU I 37 -43.11 -29.77 30.86
N ALA I 38 -41.80 -29.93 31.08
CA ALA I 38 -40.93 -30.53 30.09
C ALA I 38 -40.52 -31.92 30.52
N GLU I 39 -39.96 -32.67 29.58
CA GLU I 39 -39.52 -34.04 29.80
C GLU I 39 -38.02 -34.19 29.97
N ASP I 40 -37.24 -33.39 29.24
CA ASP I 40 -35.79 -33.57 29.17
C ASP I 40 -35.12 -32.38 29.84
N PRO I 41 -34.27 -32.63 30.84
CA PRO I 41 -33.57 -31.54 31.52
C PRO I 41 -32.37 -30.98 30.77
N LYS I 42 -32.06 -31.50 29.59
CA LYS I 42 -31.03 -30.89 28.78
C LYS I 42 -31.43 -29.49 28.31
N VAL I 43 -30.47 -28.57 28.31
CA VAL I 43 -30.72 -27.18 27.95
C VAL I 43 -29.76 -26.68 26.88
N TYR I 44 -28.67 -27.41 26.64
CA TYR I 44 -27.72 -26.95 25.62
C TYR I 44 -26.86 -28.10 25.11
N ARG I 45 -26.31 -27.91 23.92
CA ARG I 45 -25.46 -28.91 23.29
C ARG I 45 -24.42 -28.18 22.43
N HIS I 46 -23.27 -28.82 22.24
CA HIS I 46 -22.23 -28.28 21.38
C HIS I 46 -21.37 -29.42 20.88
N GLU I 47 -21.03 -29.39 19.59
CA GLU I 47 -20.33 -30.50 18.95
C GLU I 47 -19.19 -29.96 18.10
N LEU I 48 -18.11 -30.73 18.04
CA LEU I 48 -17.00 -30.43 17.13
C LEU I 48 -16.67 -31.63 16.27
N ILE I 49 -16.88 -32.83 16.81
CA ILE I 49 -16.78 -34.08 16.06
C ILE I 49 -18.19 -34.48 15.68
N THR I 50 -18.62 -34.07 14.50
CA THR I 50 -19.97 -34.37 14.01
C THR I 50 -19.91 -35.30 12.82
N ASN I 51 -21.04 -35.95 12.54
CA ASN I 51 -21.13 -36.88 11.43
C ASN I 51 -22.46 -36.77 10.67
N ILE I 52 -23.17 -35.65 10.81
CA ILE I 52 -24.46 -35.47 10.16
C ILE I 52 -24.23 -35.15 8.68
N GLY I 53 -24.75 -35.99 7.82
CA GLY I 53 -24.37 -36.04 6.43
C GLY I 53 -23.63 -37.29 6.04
N GLU I 54 -23.71 -38.34 6.85
CA GLU I 54 -23.04 -39.60 6.54
C GLU I 54 -23.88 -40.40 5.56
N THR I 55 -25.10 -40.74 5.98
CA THR I 55 -26.03 -41.50 5.16
C THR I 55 -27.17 -40.65 4.63
N ALA I 56 -27.20 -39.35 4.98
CA ALA I 56 -28.35 -38.52 4.61
C ALA I 56 -28.41 -38.27 3.12
N GLY I 57 -27.32 -38.46 2.39
CA GLY I 57 -27.27 -38.16 0.98
C GLY I 57 -27.82 -39.30 0.16
N ILE I 58 -29.01 -39.77 0.51
CA ILE I 58 -29.65 -40.89 -0.18
C ILE I 58 -31.13 -40.57 -0.36
N VAL I 59 -31.67 -40.97 -1.51
CA VAL I 59 -33.09 -40.86 -1.79
C VAL I 59 -33.62 -42.24 -2.18
N ASP I 60 -34.94 -42.33 -2.29
CA ASP I 60 -35.56 -43.57 -2.75
C ASP I 60 -35.11 -43.91 -4.18
N ASP I 61 -35.16 -42.92 -5.06
CA ASP I 61 -34.83 -43.05 -6.47
C ASP I 61 -33.35 -42.84 -6.76
N ILE I 62 -32.47 -43.05 -5.78
CA ILE I 62 -31.04 -42.96 -6.03
C ILE I 62 -30.57 -44.06 -6.98
N GLY I 63 -31.33 -45.15 -7.08
CA GLY I 63 -31.03 -46.15 -8.11
C GLY I 63 -31.20 -45.63 -9.52
N GLN I 64 -32.03 -44.61 -9.70
CA GLN I 64 -32.27 -44.03 -11.02
C GLN I 64 -31.15 -43.12 -11.51
N ASP I 65 -30.15 -42.81 -10.70
CA ASP I 65 -29.04 -42.01 -11.17
C ASP I 65 -28.17 -42.86 -12.09
N PRO I 66 -28.04 -42.51 -13.37
CA PRO I 66 -27.24 -43.32 -14.29
C PRO I 66 -25.75 -42.99 -14.28
N THR I 67 -25.31 -42.05 -13.46
CA THR I 67 -23.92 -41.67 -13.40
C THR I 67 -23.16 -42.35 -12.27
N LEU I 68 -23.87 -42.92 -11.30
CA LEU I 68 -23.25 -43.60 -10.16
C LEU I 68 -22.58 -44.90 -10.58
N PRO I 69 -21.36 -45.18 -10.15
CA PRO I 69 -20.71 -46.44 -10.51
C PRO I 69 -21.36 -47.61 -9.79
N ARG I 70 -21.44 -48.74 -10.49
CA ARG I 70 -22.13 -49.92 -9.99
C ARG I 70 -21.10 -50.94 -9.54
N SER I 71 -21.30 -51.50 -8.35
CA SER I 71 -20.35 -52.43 -7.74
C SER I 71 -20.95 -53.83 -7.63
N ASP I 72 -20.07 -54.79 -7.39
CA ASP I 72 -20.43 -56.19 -7.24
C ASP I 72 -20.56 -56.64 -5.79
N LYS I 73 -20.55 -55.72 -4.83
CA LYS I 73 -20.65 -56.13 -3.44
C LYS I 73 -21.96 -56.85 -3.15
N GLU I 74 -21.85 -57.90 -2.33
CA GLU I 74 -22.99 -58.70 -1.91
C GLU I 74 -23.84 -57.92 -0.91
N CYS I 75 -25.16 -57.89 -1.12
CA CYS I 75 -26.02 -57.28 -0.11
C CYS I 75 -26.05 -58.27 1.06
N PRO I 76 -25.62 -57.89 2.28
CA PRO I 76 -25.72 -58.85 3.40
C PRO I 76 -27.16 -59.23 3.66
N GLU I 77 -28.05 -58.30 3.35
CA GLU I 77 -29.49 -58.41 3.55
C GLU I 77 -30.10 -59.28 2.47
N CYS I 78 -29.95 -58.83 1.23
CA CYS I 78 -30.67 -59.35 0.09
C CYS I 78 -29.83 -60.03 -0.99
N HIS I 79 -28.58 -60.39 -0.68
CA HIS I 79 -27.69 -61.11 -1.60
C HIS I 79 -27.67 -60.51 -3.01
N SER I 80 -27.71 -59.19 -3.13
CA SER I 80 -27.77 -58.61 -4.47
C SER I 80 -26.40 -58.33 -5.07
N ARG I 81 -26.17 -58.86 -6.28
CA ARG I 81 -24.85 -58.80 -6.89
C ARG I 81 -24.69 -57.53 -7.72
N ASP I 82 -25.51 -56.51 -7.46
CA ASP I 82 -25.50 -55.28 -8.23
C ASP I 82 -25.83 -54.13 -7.28
N CYS I 83 -24.84 -53.27 -7.02
CA CYS I 83 -25.08 -52.14 -6.14
C CYS I 83 -24.32 -50.93 -6.63
N VAL I 84 -24.99 -49.78 -6.58
CA VAL I 84 -24.34 -48.50 -6.85
C VAL I 84 -23.67 -48.03 -5.56
N PHE I 85 -22.57 -47.32 -5.69
CA PHE I 85 -21.80 -46.95 -4.51
C PHE I 85 -21.22 -45.55 -4.65
N PHE I 86 -20.90 -44.99 -3.49
CA PHE I 86 -20.37 -43.64 -3.37
C PHE I 86 -19.72 -43.49 -2.00
N GLN I 87 -18.91 -42.46 -1.87
CA GLN I 87 -18.17 -42.19 -0.64
C GLN I 87 -18.96 -41.23 0.24
N SER I 88 -18.36 -40.86 1.38
CA SER I 88 -19.05 -40.03 2.35
C SER I 88 -19.38 -38.69 1.69
N GLN I 89 -20.65 -38.30 1.72
CA GLN I 89 -21.03 -37.05 1.08
C GLN I 89 -20.61 -35.81 1.85
N GLN I 90 -20.16 -35.95 3.11
CA GLN I 90 -19.55 -34.82 3.80
C GLN I 90 -18.25 -34.42 3.10
N ARG I 91 -17.97 -33.11 3.03
CA ARG I 91 -16.90 -32.62 2.16
C ARG I 91 -15.77 -31.98 2.96
N ARG I 92 -15.66 -32.28 4.25
CA ARG I 92 -14.61 -31.67 5.04
C ARG I 92 -13.26 -32.26 4.68
N LYS I 93 -12.21 -31.63 5.19
CA LYS I 93 -10.85 -32.02 4.83
C LYS I 93 -10.44 -33.30 5.55
N ASP I 94 -10.90 -33.47 6.79
CA ASP I 94 -10.47 -34.60 7.61
C ASP I 94 -11.42 -35.77 7.52
N THR I 95 -12.45 -35.71 6.68
CA THR I 95 -13.43 -36.78 6.60
C THR I 95 -12.77 -38.08 6.13
N ASN I 96 -13.43 -39.19 6.40
CA ASN I 96 -12.92 -40.51 6.05
C ASN I 96 -12.92 -40.63 4.51
N MET I 97 -12.43 -41.74 3.96
CA MET I 97 -12.76 -42.10 2.57
C MET I 97 -13.59 -43.37 2.39
N THR I 98 -14.19 -43.91 3.44
CA THR I 98 -15.04 -45.09 3.29
C THR I 98 -16.30 -44.77 2.47
N LEU I 99 -16.81 -45.81 1.82
CA LEU I 99 -17.85 -45.72 0.82
C LEU I 99 -19.19 -46.09 1.44
N PHE I 100 -20.26 -45.83 0.68
CA PHE I 100 -21.57 -46.35 0.99
C PHE I 100 -22.12 -47.14 -0.19
N TYR I 101 -22.96 -48.12 0.13
CA TYR I 101 -23.47 -49.05 -0.87
C TYR I 101 -24.98 -49.14 -0.76
N VAL I 102 -25.66 -48.94 -1.88
CA VAL I 102 -27.11 -48.93 -2.00
C VAL I 102 -27.51 -50.09 -2.89
N CYS I 103 -28.41 -50.95 -2.39
CA CYS I 103 -28.89 -52.04 -3.23
C CYS I 103 -29.98 -51.50 -4.14
N LEU I 104 -29.98 -51.92 -5.41
CA LEU I 104 -31.02 -51.47 -6.32
C LEU I 104 -32.22 -52.41 -6.28
N ASN I 105 -32.06 -53.52 -5.56
CA ASN I 105 -33.03 -54.58 -5.39
C ASN I 105 -33.80 -54.38 -4.10
N CYS I 106 -33.06 -54.29 -3.01
CA CYS I 106 -33.57 -54.18 -1.66
C CYS I 106 -33.62 -52.75 -1.11
N LYS I 107 -32.98 -51.79 -1.75
CA LYS I 107 -32.84 -50.40 -1.33
C LYS I 107 -32.21 -50.17 0.05
N LYS I 108 -31.71 -51.20 0.73
CA LYS I 108 -30.97 -50.96 1.96
C LYS I 108 -29.59 -50.36 1.68
N THR I 109 -29.23 -49.30 2.40
CA THR I 109 -27.86 -48.83 2.29
C THR I 109 -26.99 -49.66 3.22
N PHE I 110 -25.77 -49.97 2.78
CA PHE I 110 -24.83 -50.74 3.60
C PHE I 110 -23.42 -50.22 3.40
N ARG I 111 -22.47 -50.89 4.05
CA ARG I 111 -21.06 -50.54 4.01
C ARG I 111 -20.24 -51.82 3.96
N ASP I 112 -18.96 -51.66 3.64
CA ASP I 112 -17.98 -52.75 3.67
C ASP I 112 -17.09 -52.60 4.90
N GLU I 113 -17.46 -53.29 5.97
CA GLU I 113 -16.69 -53.25 7.22
C GLU I 113 -16.52 -54.65 7.77
N MET J 1 -5.70 -19.84 -57.89
CA MET J 1 -6.40 -18.92 -58.77
C MET J 1 -6.52 -19.53 -60.17
N ILE J 2 -5.40 -19.55 -60.89
CA ILE J 2 -5.29 -20.22 -62.17
C ILE J 2 -4.04 -21.08 -62.13
N ILE J 3 -4.05 -22.16 -62.90
CA ILE J 3 -3.01 -23.19 -62.76
C ILE J 3 -1.63 -22.56 -62.97
N PRO J 4 -0.68 -22.79 -62.08
CA PRO J 4 0.66 -22.23 -62.28
C PRO J 4 1.35 -22.84 -63.49
N VAL J 5 2.18 -22.02 -64.14
CA VAL J 5 2.87 -22.48 -65.34
C VAL J 5 3.85 -23.59 -64.99
N ARG J 6 4.69 -23.34 -63.99
CA ARG J 6 5.73 -24.27 -63.58
C ARG J 6 5.40 -24.95 -62.26
N CYS J 7 6.08 -26.06 -62.00
CA CYS J 7 6.10 -26.64 -60.67
C CYS J 7 7.02 -25.81 -59.78
N PHE J 8 6.54 -25.44 -58.59
CA PHE J 8 7.35 -24.60 -57.71
C PHE J 8 8.69 -25.24 -57.41
N SER J 9 8.68 -26.51 -57.01
CA SER J 9 9.88 -27.15 -56.48
C SER J 9 10.93 -27.35 -57.57
N CYS J 10 10.55 -27.96 -58.69
CA CYS J 10 11.54 -28.31 -59.70
C CYS J 10 11.42 -27.52 -61.00
N GLY J 11 10.25 -27.02 -61.36
CA GLY J 11 10.14 -26.22 -62.55
C GLY J 11 9.56 -26.88 -63.78
N LYS J 12 9.08 -28.11 -63.69
CA LYS J 12 8.38 -28.70 -64.82
C LYS J 12 7.18 -27.85 -65.19
N VAL J 13 6.84 -27.82 -66.48
CA VAL J 13 5.72 -27.04 -66.96
C VAL J 13 4.45 -27.85 -66.73
N VAL J 14 3.59 -27.36 -65.83
CA VAL J 14 2.30 -27.96 -65.55
C VAL J 14 1.13 -27.11 -66.03
N GLY J 15 1.39 -25.92 -66.56
CA GLY J 15 0.32 -25.02 -66.95
C GLY J 15 -0.44 -25.47 -68.17
N ASP J 16 0.09 -26.40 -68.93
CA ASP J 16 -0.57 -26.91 -70.13
C ASP J 16 -1.29 -28.22 -69.87
N LYS J 17 -1.46 -28.61 -68.61
CA LYS J 17 -2.02 -29.91 -68.26
C LYS J 17 -3.32 -29.84 -67.47
N TRP J 18 -3.77 -28.65 -67.10
CA TRP J 18 -4.96 -28.55 -66.25
C TRP J 18 -6.21 -29.01 -66.99
N ASP J 19 -6.33 -28.65 -68.26
CA ASP J 19 -7.50 -29.03 -69.04
C ASP J 19 -7.50 -30.54 -69.29
N ALA J 20 -6.35 -31.09 -69.64
CA ALA J 20 -6.23 -32.54 -69.79
C ALA J 20 -6.55 -33.25 -68.50
N TYR J 21 -6.13 -32.71 -67.36
CA TYR J 21 -6.44 -33.33 -66.08
C TYR J 21 -7.94 -33.33 -65.82
N LEU J 22 -8.62 -32.23 -66.14
CA LEU J 22 -10.06 -32.18 -65.96
C LEU J 22 -10.78 -33.16 -66.89
N ARG J 23 -10.30 -33.26 -68.13
CA ARG J 23 -10.91 -34.20 -69.06
C ARG J 23 -10.70 -35.62 -68.57
N LEU J 24 -9.52 -35.93 -68.04
CA LEU J 24 -9.29 -37.26 -67.47
C LEU J 24 -10.21 -37.52 -66.30
N LEU J 25 -10.47 -36.52 -65.47
CA LEU J 25 -11.38 -36.68 -64.35
C LEU J 25 -12.83 -36.89 -64.77
N GLU J 26 -13.26 -36.35 -65.92
CA GLU J 26 -14.67 -36.58 -66.29
C GLU J 26 -14.97 -38.06 -66.56
N GLU J 27 -14.10 -38.78 -67.29
CA GLU J 27 -14.45 -40.16 -67.61
C GLU J 27 -14.25 -41.12 -66.44
N GLY J 28 -14.03 -40.63 -65.23
CA GLY J 28 -14.07 -41.49 -64.08
C GLY J 28 -12.72 -41.86 -63.50
N LYS J 29 -11.64 -41.62 -64.23
CA LYS J 29 -10.32 -41.99 -63.75
C LYS J 29 -9.98 -41.23 -62.47
N GLN J 30 -9.44 -41.95 -61.50
CA GLN J 30 -9.06 -41.35 -60.24
C GLN J 30 -7.77 -40.53 -60.40
N GLU J 31 -7.54 -39.67 -59.41
CA GLU J 31 -6.55 -38.61 -59.56
C GLU J 31 -5.15 -39.15 -59.79
N GLY J 32 -4.76 -40.20 -59.08
CA GLY J 32 -3.44 -40.77 -59.28
C GLY J 32 -3.21 -41.29 -60.69
N ASP J 33 -4.23 -41.94 -61.27
CA ASP J 33 -4.07 -42.46 -62.62
C ASP J 33 -3.98 -41.33 -63.64
N ALA J 34 -4.80 -40.28 -63.48
CA ALA J 34 -4.72 -39.14 -64.35
C ALA J 34 -3.36 -38.45 -64.26
N LEU J 35 -2.84 -38.29 -63.05
CA LEU J 35 -1.52 -37.71 -62.89
C LEU J 35 -0.44 -38.61 -63.48
N ASP J 36 -0.64 -39.92 -63.43
CA ASP J 36 0.30 -40.84 -64.06
C ASP J 36 0.33 -40.66 -65.59
N GLU J 37 -0.85 -40.58 -66.21
CA GLU J 37 -0.88 -40.47 -67.67
C GLU J 37 -0.30 -39.15 -68.15
N LEU J 38 -0.56 -38.05 -67.44
CA LEU J 38 0.09 -36.79 -67.77
C LEU J 38 1.59 -36.81 -67.51
N LYS J 39 2.12 -37.95 -67.07
CA LYS J 39 3.55 -38.14 -66.83
C LYS J 39 4.11 -37.16 -65.79
N LEU J 40 3.37 -36.99 -64.70
CA LEU J 40 3.86 -36.34 -63.50
C LEU J 40 4.27 -37.42 -62.51
N LYS J 41 5.57 -37.65 -62.39
CA LYS J 41 6.09 -38.77 -61.61
C LYS J 41 6.62 -38.35 -60.24
N ARG J 42 7.20 -37.17 -60.12
CA ARG J 42 7.67 -36.67 -58.84
C ARG J 42 6.52 -36.07 -58.05
N TYR J 43 6.48 -36.38 -56.75
CA TYR J 43 5.34 -35.95 -55.94
C TYR J 43 5.24 -34.43 -55.81
N CYS J 44 6.32 -33.69 -56.06
CA CYS J 44 6.19 -32.23 -56.14
C CYS J 44 5.32 -31.82 -57.32
N CYS J 45 5.63 -32.33 -58.50
CA CYS J 45 4.82 -32.05 -59.68
C CYS J 45 3.40 -32.54 -59.47
N ARG J 46 3.25 -33.70 -58.84
CA ARG J 46 1.91 -34.26 -58.65
C ARG J 46 1.08 -33.37 -57.72
N ARG J 47 1.64 -32.93 -56.59
CA ARG J 47 0.89 -32.06 -55.72
C ARG J 47 0.63 -30.69 -56.32
N MET J 48 1.46 -30.25 -57.29
CA MET J 48 1.15 -29.03 -58.02
C MET J 48 -0.23 -29.09 -58.68
N VAL J 49 -0.52 -30.19 -59.37
CA VAL J 49 -1.78 -30.31 -60.09
C VAL J 49 -2.90 -30.82 -59.19
N LEU J 50 -2.56 -31.65 -58.21
CA LEU J 50 -3.56 -32.29 -57.37
C LEU J 50 -4.18 -31.33 -56.38
N THR J 51 -3.46 -30.28 -55.99
CA THR J 51 -3.94 -29.36 -54.97
C THR J 51 -4.40 -28.02 -55.52
N HIS J 52 -4.29 -27.80 -56.83
CA HIS J 52 -4.76 -26.55 -57.40
C HIS J 52 -6.26 -26.37 -57.16
N VAL J 53 -6.64 -25.15 -56.78
CA VAL J 53 -8.02 -24.73 -56.67
C VAL J 53 -8.27 -23.61 -57.67
N ASP J 54 -9.25 -23.80 -58.54
CA ASP J 54 -9.44 -22.92 -59.68
C ASP J 54 -10.44 -21.84 -59.29
N LEU J 55 -9.94 -20.70 -58.83
CA LEU J 55 -10.76 -19.61 -58.33
C LEU J 55 -11.13 -18.61 -59.41
N ILE J 56 -10.46 -18.67 -60.56
CA ILE J 56 -10.76 -17.74 -61.65
C ILE J 56 -12.18 -17.94 -62.14
N GLU J 57 -12.72 -19.15 -62.03
CA GLU J 57 -14.11 -19.36 -62.37
C GLU J 57 -15.02 -18.51 -61.48
N LYS J 58 -14.69 -18.42 -60.20
CA LYS J 58 -15.49 -17.61 -59.29
C LYS J 58 -15.27 -16.12 -59.52
N PHE J 59 -14.02 -15.72 -59.82
CA PHE J 59 -13.77 -14.31 -60.07
C PHE J 59 -14.41 -13.81 -61.35
N LEU J 60 -14.53 -14.66 -62.36
CA LEU J 60 -15.08 -14.25 -63.65
C LEU J 60 -16.58 -14.02 -63.63
N ARG J 61 -17.27 -14.43 -62.57
CA ARG J 61 -18.72 -14.31 -62.52
C ARG J 61 -19.22 -12.90 -62.24
N TYR J 62 -18.38 -12.00 -61.76
CA TYR J 62 -18.83 -10.64 -61.50
C TYR J 62 -18.68 -9.81 -62.77
N ASN J 63 -19.77 -9.17 -63.18
CA ASN J 63 -19.83 -8.56 -64.50
C ASN J 63 -18.66 -7.60 -64.69
N PRO J 64 -18.01 -7.63 -65.85
CA PRO J 64 -17.00 -6.60 -66.16
C PRO J 64 -17.57 -5.20 -66.06
N LEU J 65 -16.81 -4.32 -65.40
CA LEU J 65 -17.28 -2.99 -65.05
C LEU J 65 -16.96 -1.99 -66.16
N GLU J 66 -16.38 -2.48 -67.24
CA GLU J 66 -16.15 -1.70 -68.46
C GLU J 66 -16.90 -2.34 -69.61
N MET K 1 13.26 -3.78 -50.74
CA MET K 1 13.69 -2.42 -50.43
C MET K 1 15.16 -2.42 -50.04
N ASN K 2 15.66 -3.59 -49.62
CA ASN K 2 17.08 -3.79 -49.40
C ASN K 2 17.61 -4.95 -50.24
N ALA K 3 16.80 -5.51 -51.12
CA ALA K 3 17.19 -6.65 -51.93
C ALA K 3 18.09 -6.19 -53.08
N PRO K 4 19.31 -6.70 -53.19
CA PRO K 4 20.14 -6.35 -54.34
C PRO K 4 19.62 -7.04 -55.60
N ASP K 5 20.18 -6.66 -56.73
CA ASP K 5 19.72 -7.18 -58.01
C ASP K 5 20.23 -8.59 -58.24
N ARG K 6 19.39 -9.39 -58.88
CA ARG K 6 19.65 -10.80 -59.14
C ARG K 6 20.64 -11.02 -60.28
N PHE K 7 21.07 -9.96 -60.95
CA PHE K 7 22.05 -10.05 -62.02
C PHE K 7 23.47 -9.67 -61.59
N GLU K 8 23.64 -9.15 -60.38
CA GLU K 8 24.97 -8.90 -59.84
C GLU K 8 25.73 -10.19 -59.51
N LEU K 9 25.05 -11.34 -59.59
CA LEU K 9 25.73 -12.62 -59.42
C LEU K 9 26.75 -12.86 -60.53
N PHE K 10 26.44 -12.45 -61.76
CA PHE K 10 27.19 -12.83 -62.94
C PHE K 10 27.72 -11.65 -63.75
N ILE K 11 27.11 -10.47 -63.67
CA ILE K 11 27.58 -9.34 -64.46
C ILE K 11 28.79 -8.73 -63.75
N LEU K 12 29.96 -8.81 -64.39
CA LEU K 12 31.17 -8.26 -63.78
C LEU K 12 31.17 -6.73 -63.94
N PRO K 13 31.31 -5.97 -62.86
CA PRO K 13 31.49 -4.53 -63.04
C PRO K 13 32.80 -4.22 -63.78
N ASP K 14 32.97 -2.95 -64.13
CA ASP K 14 34.18 -2.55 -64.82
C ASP K 14 35.33 -2.27 -63.85
N ASP K 15 35.02 -1.90 -62.62
CA ASP K 15 36.00 -1.64 -61.58
C ASP K 15 36.32 -2.85 -60.72
N VAL K 16 35.71 -4.01 -60.98
CA VAL K 16 35.92 -5.20 -60.17
C VAL K 16 36.60 -6.26 -61.04
N PRO K 17 37.82 -6.69 -60.70
CA PRO K 17 38.47 -7.76 -61.46
C PRO K 17 37.79 -9.10 -61.23
N LYS K 18 37.91 -9.97 -62.23
CA LYS K 18 37.43 -11.34 -62.09
C LYS K 18 38.26 -12.12 -61.08
N LEU K 19 39.56 -11.84 -61.01
CA LEU K 19 40.48 -12.66 -60.23
C LEU K 19 41.58 -11.79 -59.64
N LYS K 20 41.98 -12.11 -58.42
CA LYS K 20 42.94 -11.32 -57.65
C LYS K 20 43.78 -12.27 -56.80
N ILE K 21 45.10 -12.18 -56.95
CA ILE K 21 46.03 -13.12 -56.33
C ILE K 21 46.87 -12.37 -55.31
N THR K 22 46.92 -12.90 -54.09
CA THR K 22 47.77 -12.45 -53.01
C THR K 22 48.51 -13.65 -52.43
N PRO K 23 49.73 -13.46 -51.95
CA PRO K 23 50.48 -14.58 -51.39
C PRO K 23 50.24 -14.77 -49.91
N ASP K 24 50.20 -16.03 -49.49
CA ASP K 24 50.18 -16.39 -48.08
C ASP K 24 51.62 -16.51 -47.60
N SER K 25 52.06 -15.57 -46.77
CA SER K 25 53.45 -15.54 -46.32
C SER K 25 53.76 -16.53 -45.21
N ARG K 26 52.75 -17.05 -44.52
CA ARG K 26 53.01 -17.92 -43.39
C ARG K 26 53.71 -19.20 -43.81
N VAL K 27 53.28 -19.80 -44.91
CA VAL K 27 53.87 -21.05 -45.38
C VAL K 27 54.54 -20.78 -46.72
N PRO K 28 55.57 -21.52 -47.10
CA PRO K 28 56.30 -21.19 -48.33
C PRO K 28 55.54 -21.60 -49.56
N ASN K 29 55.56 -20.72 -50.56
CA ASN K 29 55.10 -21.04 -51.92
C ASN K 29 53.61 -21.35 -51.92
N CYS K 30 52.84 -20.42 -51.36
CA CYS K 30 51.38 -20.53 -51.25
C CYS K 30 50.76 -19.22 -51.68
N ILE K 31 49.55 -19.29 -52.23
CA ILE K 31 48.86 -18.10 -52.74
C ILE K 31 47.38 -18.20 -52.40
N ILE K 32 46.76 -17.03 -52.25
CA ILE K 32 45.35 -16.91 -51.95
C ILE K 32 44.68 -16.23 -53.14
N ILE K 33 43.68 -16.89 -53.72
CA ILE K 33 42.98 -16.40 -54.89
C ILE K 33 41.54 -16.14 -54.49
N LYS K 34 41.05 -14.94 -54.79
CA LYS K 34 39.63 -14.63 -54.62
C LYS K 34 38.96 -14.58 -55.98
N PHE K 35 37.97 -15.43 -56.18
CA PHE K 35 37.19 -15.43 -57.41
C PHE K 35 35.91 -14.66 -57.13
N GLU K 36 35.70 -13.58 -57.85
CA GLU K 36 34.51 -12.78 -57.69
C GLU K 36 33.46 -13.26 -58.67
N ARG K 37 32.20 -13.27 -58.22
CA ARG K 37 31.06 -13.59 -59.08
C ARG K 37 31.02 -15.06 -59.50
N GLU K 38 31.58 -15.95 -58.68
CA GLU K 38 31.52 -17.38 -58.91
C GLU K 38 30.96 -18.04 -57.66
N ASP K 39 30.78 -19.36 -57.73
CA ASP K 39 30.13 -20.09 -56.64
C ASP K 39 30.70 -21.50 -56.60
N HIS K 40 30.00 -22.41 -55.93
CA HIS K 40 30.49 -23.76 -55.74
C HIS K 40 30.75 -24.51 -57.04
N THR K 41 30.10 -24.12 -58.13
CA THR K 41 30.21 -24.89 -59.37
C THR K 41 31.64 -24.93 -59.87
N LEU K 42 32.29 -23.78 -59.94
CA LEU K 42 33.69 -23.73 -60.37
C LEU K 42 34.63 -24.14 -59.23
N ALA K 43 34.28 -23.77 -58.00
CA ALA K 43 35.17 -23.99 -56.87
C ALA K 43 35.38 -25.47 -56.61
N ASN K 44 34.30 -26.25 -56.53
CA ASN K 44 34.45 -27.67 -56.23
C ASN K 44 35.15 -28.41 -57.35
N LEU K 45 34.81 -28.09 -58.60
CA LEU K 45 35.48 -28.67 -59.75
C LEU K 45 36.98 -28.45 -59.67
N LEU K 46 37.41 -27.19 -59.50
CA LEU K 46 38.83 -26.90 -59.43
C LEU K 46 39.49 -27.56 -58.22
N ARG K 47 38.81 -27.56 -57.08
CA ARG K 47 39.42 -28.11 -55.87
C ARG K 47 39.68 -29.60 -56.00
N GLU K 48 38.67 -30.35 -56.46
CA GLU K 48 38.87 -31.79 -56.59
C GLU K 48 39.77 -32.16 -57.76
N GLU K 49 39.91 -31.27 -58.76
CA GLU K 49 40.92 -31.53 -59.78
C GLU K 49 42.33 -31.32 -59.24
N LEU K 50 42.54 -30.22 -58.51
CA LEU K 50 43.87 -29.88 -58.02
C LEU K 50 44.31 -30.80 -56.89
N ALA K 51 43.37 -31.33 -56.10
CA ALA K 51 43.72 -32.17 -54.97
C ALA K 51 44.36 -33.49 -55.36
N LEU K 52 44.30 -33.89 -56.62
CA LEU K 52 44.85 -35.16 -57.05
C LEU K 52 46.22 -35.04 -57.69
N TYR K 53 46.80 -33.85 -57.72
CA TYR K 53 48.15 -33.73 -58.27
C TYR K 53 49.20 -34.02 -57.20
N PRO K 54 50.29 -34.69 -57.58
CA PRO K 54 51.36 -34.95 -56.60
C PRO K 54 52.01 -33.69 -56.07
N ASP K 55 52.15 -32.65 -56.89
CA ASP K 55 52.90 -31.47 -56.51
C ASP K 55 52.07 -30.46 -55.76
N VAL K 56 50.78 -30.70 -55.58
CA VAL K 56 49.91 -29.80 -54.83
C VAL K 56 49.83 -30.33 -53.41
N THR K 57 50.29 -29.52 -52.45
CA THR K 57 50.28 -29.91 -51.05
C THR K 57 49.07 -29.40 -50.30
N PHE K 58 48.60 -28.20 -50.61
CA PHE K 58 47.38 -27.70 -49.99
C PHE K 58 46.51 -27.05 -51.05
N VAL K 59 45.21 -27.34 -51.01
CA VAL K 59 44.20 -26.68 -51.83
C VAL K 59 42.88 -26.73 -51.07
N ALA K 60 42.17 -25.60 -51.03
CA ALA K 60 40.90 -25.53 -50.32
C ALA K 60 40.17 -24.29 -50.80
N TYR K 61 38.87 -24.27 -50.51
CA TYR K 61 38.07 -23.11 -50.87
C TYR K 61 36.98 -22.90 -49.83
N LYS K 62 36.46 -21.67 -49.77
CA LYS K 62 35.29 -21.41 -48.96
C LYS K 62 34.51 -20.26 -49.57
N VAL K 63 33.22 -20.24 -49.25
CA VAL K 63 32.34 -19.13 -49.57
C VAL K 63 31.96 -18.52 -48.22
N GLU K 64 32.63 -17.43 -47.87
CA GLU K 64 32.53 -16.91 -46.51
C GLU K 64 31.09 -16.53 -46.16
N HIS K 65 30.33 -16.02 -47.14
CA HIS K 65 28.93 -15.72 -46.86
C HIS K 65 28.08 -16.12 -48.05
N PRO K 66 26.99 -16.84 -47.83
CA PRO K 66 26.11 -17.22 -48.94
C PRO K 66 25.44 -16.06 -49.64
N LEU K 67 25.31 -14.90 -48.98
CA LEU K 67 24.64 -13.77 -49.59
C LEU K 67 25.55 -12.97 -50.50
N PHE K 68 26.83 -13.35 -50.59
CA PHE K 68 27.79 -12.71 -51.48
C PHE K 68 28.36 -13.76 -52.41
N ALA K 69 28.41 -13.44 -53.70
CA ALA K 69 28.71 -14.43 -54.74
C ALA K 69 30.20 -14.37 -55.05
N ASN K 70 30.99 -14.97 -54.16
CA ASN K 70 32.41 -15.15 -54.41
C ASN K 70 32.89 -16.32 -53.58
N PHE K 71 34.11 -16.77 -53.88
CA PHE K 71 34.80 -17.71 -53.02
C PHE K 71 36.28 -17.39 -53.03
N VAL K 72 36.97 -17.86 -51.99
CA VAL K 72 38.40 -17.67 -51.82
C VAL K 72 39.06 -19.03 -51.75
N MET K 73 40.23 -19.16 -52.37
CA MET K 73 40.89 -20.44 -52.47
C MET K 73 42.35 -20.31 -52.05
N ARG K 74 42.78 -21.22 -51.18
CA ARG K 74 44.16 -21.31 -50.72
C ARG K 74 44.81 -22.49 -51.42
N LEU K 75 45.96 -22.27 -52.05
CA LEU K 75 46.64 -23.33 -52.78
C LEU K 75 48.13 -23.24 -52.52
N GLN K 76 48.71 -24.33 -52.05
CA GLN K 76 50.14 -24.45 -51.84
C GLN K 76 50.69 -25.55 -52.71
N THR K 77 51.95 -25.42 -53.10
CA THR K 77 52.63 -26.41 -53.92
C THR K 77 54.03 -26.62 -53.40
N GLU K 78 54.72 -27.60 -53.98
CA GLU K 78 56.08 -27.92 -53.56
C GLU K 78 57.06 -26.84 -54.02
N GLU K 79 58.34 -27.07 -53.72
CA GLU K 79 59.36 -26.03 -53.91
C GLU K 79 59.52 -25.62 -55.38
N GLY K 80 59.75 -26.59 -56.26
CA GLY K 80 59.96 -26.25 -57.67
C GLY K 80 58.74 -25.69 -58.34
N THR K 81 57.59 -26.32 -58.12
CA THR K 81 56.35 -25.95 -58.78
C THR K 81 55.78 -24.64 -58.21
N ARG K 82 55.11 -23.88 -59.07
CA ARG K 82 54.34 -22.68 -58.72
C ARG K 82 52.86 -22.97 -58.72
N PRO K 83 52.11 -22.50 -57.72
CA PRO K 83 50.67 -22.81 -57.66
C PRO K 83 49.90 -22.30 -58.88
N LYS K 84 50.31 -21.17 -59.45
CA LYS K 84 49.66 -20.65 -60.65
C LYS K 84 49.75 -21.62 -61.82
N GLN K 85 50.95 -22.14 -62.12
CA GLN K 85 51.07 -23.08 -63.22
C GLN K 85 50.22 -24.31 -62.98
N ALA K 86 50.21 -24.82 -61.74
CA ALA K 86 49.33 -25.95 -61.42
C ALA K 86 47.87 -25.59 -61.61
N LEU K 87 47.50 -24.33 -61.40
CA LEU K 87 46.11 -23.93 -61.57
C LEU K 87 45.73 -23.93 -63.03
N GLU K 88 46.61 -23.41 -63.89
CA GLU K 88 46.38 -23.50 -65.32
C GLU K 88 46.35 -24.95 -65.78
N ARG K 89 47.24 -25.78 -65.23
CA ARG K 89 47.26 -27.19 -65.61
C ARG K 89 45.95 -27.87 -65.28
N ALA K 90 45.40 -27.60 -64.09
CA ALA K 90 44.13 -28.19 -63.70
C ALA K 90 43.00 -27.69 -64.60
N CYS K 91 42.98 -26.39 -64.90
CA CYS K 91 41.95 -25.84 -65.78
C CYS K 91 41.99 -26.51 -67.15
N ALA K 92 43.20 -26.63 -67.72
CA ALA K 92 43.34 -27.24 -69.03
C ALA K 92 42.90 -28.70 -68.99
N SER K 93 43.26 -29.41 -67.92
CA SER K 93 42.87 -30.81 -67.80
C SER K 93 41.36 -30.96 -67.77
N ILE K 94 40.67 -30.12 -66.99
CA ILE K 94 39.22 -30.22 -66.94
C ILE K 94 38.61 -29.86 -68.29
N ILE K 95 39.19 -28.88 -69.00
CA ILE K 95 38.70 -28.52 -70.32
C ILE K 95 38.81 -29.71 -71.27
N ASN K 96 39.97 -30.38 -71.26
CA ASN K 96 40.15 -31.52 -72.15
C ASN K 96 39.19 -32.65 -71.79
N LYS K 97 38.99 -32.90 -70.49
CA LYS K 97 38.07 -33.94 -70.08
C LYS K 97 36.65 -33.62 -70.54
N LEU K 98 36.24 -32.37 -70.42
CA LEU K 98 34.91 -31.97 -70.88
C LEU K 98 34.79 -32.10 -72.41
N LYS K 99 35.85 -31.79 -73.15
CA LYS K 99 35.79 -31.93 -74.60
C LYS K 99 35.62 -33.39 -75.00
N THR K 100 36.39 -34.28 -74.36
CA THR K 100 36.23 -35.70 -74.63
C THR K 100 34.84 -36.18 -74.25
N LEU K 101 34.33 -35.70 -73.11
CA LEU K 101 32.99 -36.08 -72.68
C LEU K 101 31.94 -35.65 -73.69
N ASP K 102 32.07 -34.42 -74.22
CA ASP K 102 31.14 -33.91 -75.20
C ASP K 102 31.19 -34.72 -76.49
N HIS K 103 32.40 -35.01 -76.97
CA HIS K 103 32.54 -35.80 -78.19
C HIS K 103 31.88 -37.17 -78.04
N LYS K 104 32.12 -37.82 -76.91
CA LYS K 104 31.55 -39.14 -76.71
C LYS K 104 30.04 -39.08 -76.55
N PHE K 105 29.53 -38.03 -75.89
CA PHE K 105 28.08 -37.91 -75.78
C PHE K 105 27.45 -37.70 -77.15
N ASN K 106 28.03 -36.85 -77.99
CA ASN K 106 27.46 -36.63 -79.32
C ASN K 106 27.49 -37.90 -80.16
N GLU K 107 28.61 -38.62 -80.16
CA GLU K 107 28.63 -39.87 -80.92
C GLU K 107 27.59 -40.87 -80.40
N GLU K 108 27.48 -41.00 -79.08
CA GLU K 108 26.50 -41.91 -78.50
C GLU K 108 25.08 -41.51 -78.87
N TRP K 109 24.78 -40.21 -78.83
CA TRP K 109 23.45 -39.72 -79.19
C TRP K 109 23.14 -40.00 -80.65
N ASN K 110 24.12 -39.83 -81.53
CA ASN K 110 23.91 -40.16 -82.94
C ASN K 110 23.67 -41.66 -83.12
N ILE K 111 24.44 -42.49 -82.41
CA ILE K 111 24.27 -43.93 -82.52
C ILE K 111 22.90 -44.37 -82.01
N LYS K 112 22.40 -43.71 -80.96
CA LYS K 112 21.09 -44.04 -80.42
C LYS K 112 19.96 -43.82 -81.40
N ASN K 113 20.14 -42.95 -82.40
CA ASN K 113 19.11 -42.77 -83.42
C ASN K 113 19.02 -44.01 -84.31
N GLY L 28 -13.93 15.86 -71.69
CA GLY L 28 -12.74 16.11 -70.88
C GLY L 28 -11.97 14.85 -70.54
N VAL L 29 -12.40 14.17 -69.49
CA VAL L 29 -11.75 12.95 -69.01
C VAL L 29 -12.81 11.86 -68.87
N LYS L 30 -12.45 10.65 -69.26
CA LYS L 30 -13.43 9.58 -69.44
C LYS L 30 -13.75 8.91 -68.11
N TYR L 31 -15.04 8.64 -67.88
CA TYR L 31 -15.47 7.96 -66.67
C TYR L 31 -16.26 6.71 -67.08
N THR L 32 -16.77 5.98 -66.10
CA THR L 32 -17.60 4.83 -66.40
C THR L 32 -18.58 4.58 -65.25
N CYS L 33 -19.78 4.11 -65.61
CA CYS L 33 -20.77 3.77 -64.58
C CYS L 33 -20.31 2.52 -63.84
N GLY L 34 -20.85 2.33 -62.63
CA GLY L 34 -20.52 1.16 -61.85
C GLY L 34 -21.55 0.07 -61.97
N ALA L 35 -22.78 0.47 -62.31
CA ALA L 35 -23.91 -0.42 -62.46
C ALA L 35 -24.15 -0.83 -63.91
N CYS L 36 -24.22 0.13 -64.84
CA CYS L 36 -24.61 -0.17 -66.20
C CYS L 36 -23.46 -0.10 -67.21
N ALA L 37 -22.22 0.03 -66.74
CA ALA L 37 -21.04 -0.05 -67.59
C ALA L 37 -21.03 0.97 -68.71
N HIS L 38 -21.78 2.07 -68.60
CA HIS L 38 -21.78 3.06 -69.65
C HIS L 38 -20.51 3.88 -69.63
N ASN L 39 -19.95 4.14 -70.81
CA ASN L 39 -18.79 5.00 -70.97
C ASN L 39 -19.27 6.41 -71.32
N PHE L 40 -18.57 7.39 -70.81
CA PHE L 40 -18.91 8.80 -71.04
C PHE L 40 -17.72 9.64 -70.61
N SER L 41 -17.92 10.95 -70.56
CA SER L 41 -16.88 11.90 -70.19
C SER L 41 -17.58 13.12 -69.61
N LEU L 42 -17.17 13.52 -68.41
CA LEU L 42 -17.78 14.64 -67.74
C LEU L 42 -16.77 15.78 -67.65
N ASN L 43 -17.27 17.01 -67.47
CA ASN L 43 -16.43 18.19 -67.61
C ASN L 43 -16.50 19.09 -66.38
N LYS L 44 -16.43 18.49 -65.19
CA LYS L 44 -16.19 19.14 -63.91
C LYS L 44 -17.31 20.06 -63.42
N SER L 45 -18.37 20.28 -64.18
CA SER L 45 -19.43 21.15 -63.68
C SER L 45 -20.81 20.51 -63.64
N ASP L 46 -21.11 19.56 -64.51
CA ASP L 46 -22.31 18.77 -64.34
C ASP L 46 -22.18 17.91 -63.08
N PRO L 47 -23.30 17.49 -62.49
CA PRO L 47 -23.22 16.55 -61.36
C PRO L 47 -22.68 15.19 -61.79
N VAL L 48 -22.48 14.31 -60.81
CA VAL L 48 -21.91 12.98 -61.04
C VAL L 48 -23.07 12.01 -61.29
N ARG L 49 -23.18 11.56 -62.53
CA ARG L 49 -24.38 10.82 -62.93
C ARG L 49 -24.08 10.14 -64.26
N CYS L 50 -24.87 9.11 -64.58
CA CYS L 50 -24.79 8.45 -65.87
C CYS L 50 -25.88 8.95 -66.80
N LYS L 51 -25.58 8.93 -68.08
CA LYS L 51 -26.54 9.41 -69.06
C LYS L 51 -27.57 8.32 -69.33
N GLU L 52 -27.09 7.13 -69.67
CA GLU L 52 -27.96 6.07 -70.13
C GLU L 52 -28.96 5.67 -69.05
N CYS L 53 -28.48 5.44 -67.83
CA CYS L 53 -29.36 5.03 -66.75
C CYS L 53 -29.60 6.09 -65.68
N GLY L 54 -28.61 6.93 -65.39
CA GLY L 54 -28.72 7.83 -64.26
C GLY L 54 -28.23 7.28 -62.92
N HIS L 55 -27.21 6.43 -62.93
CA HIS L 55 -26.75 5.79 -61.70
C HIS L 55 -25.75 6.69 -60.94
N ARG L 56 -25.54 6.33 -59.67
CA ARG L 56 -24.96 7.23 -58.69
C ARG L 56 -23.44 7.12 -58.52
N VAL L 57 -22.83 5.99 -58.86
CA VAL L 57 -21.41 5.75 -58.60
C VAL L 57 -20.66 5.57 -59.92
N ILE L 58 -19.53 6.27 -60.06
CA ILE L 58 -18.73 6.19 -61.28
C ILE L 58 -17.27 5.98 -60.93
N TYR L 59 -16.54 5.37 -61.87
CA TYR L 59 -15.14 5.02 -61.73
C TYR L 59 -14.36 5.71 -62.84
N LYS L 60 -13.17 6.19 -62.53
CA LYS L 60 -12.37 6.78 -63.60
C LYS L 60 -11.94 5.70 -64.59
N ALA L 61 -11.46 6.14 -65.76
CA ALA L 61 -11.00 5.20 -66.75
C ALA L 61 -9.49 4.97 -66.62
N ARG L 62 -9.03 3.86 -67.18
CA ARG L 62 -7.61 3.57 -67.16
C ARG L 62 -6.83 4.63 -67.94
N THR L 63 -5.61 4.91 -67.50
CA THR L 63 -4.80 5.95 -68.12
C THR L 63 -4.48 5.58 -69.58
N LYS L 64 -3.92 6.55 -70.30
CA LYS L 64 -3.49 6.37 -71.67
C LYS L 64 -2.01 6.06 -71.81
N ARG L 65 -1.20 6.40 -70.82
CA ARG L 65 0.23 6.11 -70.84
C ARG L 65 0.47 4.61 -70.95
N MET L 66 1.71 4.25 -71.22
CA MET L 66 2.11 2.85 -71.40
C MET L 66 2.86 2.38 -70.17
N ILE L 67 2.48 1.20 -69.67
CA ILE L 67 2.95 0.65 -68.42
C ILE L 67 3.78 -0.60 -68.70
N GLN L 68 4.93 -0.72 -68.04
CA GLN L 68 5.85 -1.82 -68.26
C GLN L 68 5.91 -2.67 -66.99
N PHE L 69 6.00 -3.97 -67.18
CA PHE L 69 6.19 -4.92 -66.10
C PHE L 69 7.40 -5.80 -66.39
N ASP L 70 8.01 -6.29 -65.31
CA ASP L 70 9.28 -7.01 -65.39
C ASP L 70 9.10 -8.50 -65.64
N ALA L 71 7.87 -9.02 -65.54
CA ALA L 71 7.60 -10.45 -65.73
C ALA L 71 8.43 -11.32 -64.80
N ARG L 72 8.53 -10.91 -63.54
CA ARG L 72 9.28 -11.67 -62.55
C ARG L 72 8.39 -11.96 -61.34
N PRO P 42 -57.24 51.35 43.53
CA PRO P 42 -58.17 51.84 44.56
C PRO P 42 -57.46 52.38 45.79
N HIS P 43 -57.41 51.60 46.86
CA HIS P 43 -56.71 51.99 48.09
C HIS P 43 -56.52 50.79 49.00
N ARG P 44 -55.29 50.51 49.41
CA ARG P 44 -55.00 49.40 50.30
C ARG P 44 -53.79 49.78 51.14
N TYR P 45 -53.97 49.70 52.46
CA TYR P 45 -52.88 49.96 53.40
C TYR P 45 -51.86 48.84 53.42
N ARG P 46 -50.61 49.22 53.69
CA ARG P 46 -49.52 48.29 53.77
C ARG P 46 -49.66 47.35 54.96
N PRO P 47 -49.12 46.13 54.86
CA PRO P 47 -49.22 45.18 55.96
C PRO P 47 -48.57 45.73 57.22
N GLY P 48 -49.31 45.69 58.33
CA GLY P 48 -48.83 46.13 59.61
C GLY P 48 -49.31 47.50 60.04
N THR P 49 -49.79 48.33 59.13
CA THR P 49 -50.32 49.63 59.55
C THR P 49 -51.58 49.45 60.38
N VAL P 50 -52.53 48.66 59.87
CA VAL P 50 -53.75 48.41 60.60
C VAL P 50 -53.46 47.64 61.87
N ALA P 51 -52.43 46.78 61.88
CA ALA P 51 -52.06 46.11 63.11
C ALA P 51 -51.71 47.11 64.21
N LEU P 52 -50.90 48.13 63.88
CA LEU P 52 -50.57 49.16 64.87
C LEU P 52 -51.82 49.93 65.27
N ARG P 53 -52.67 50.25 64.30
CA ARG P 53 -53.89 50.98 64.61
C ARG P 53 -54.77 50.20 65.58
N GLU P 54 -54.87 48.88 65.37
CA GLU P 54 -55.64 48.03 66.27
C GLU P 54 -54.97 47.92 67.63
N ILE P 55 -53.65 47.90 67.66
CA ILE P 55 -52.92 47.88 68.94
C ILE P 55 -53.25 49.14 69.74
N ARG P 56 -53.22 50.30 69.10
CA ARG P 56 -53.55 51.53 69.83
C ARG P 56 -55.00 51.53 70.29
N ARG P 57 -55.92 51.06 69.44
CA ARG P 57 -57.32 51.09 69.84
C ARG P 57 -57.57 50.16 71.03
N TYR P 58 -56.99 48.97 71.01
CA TYR P 58 -57.35 48.05 72.09
C TYR P 58 -56.54 48.32 73.35
N GLN P 59 -55.28 48.74 73.22
CA GLN P 59 -54.54 49.12 74.43
C GLN P 59 -55.11 50.39 75.03
N LYS P 60 -55.95 51.12 74.30
CA LYS P 60 -56.56 52.34 74.83
C LYS P 60 -57.91 52.07 75.49
N SER P 61 -58.62 51.04 75.04
CA SER P 61 -59.94 50.69 75.54
C SER P 61 -59.83 49.71 76.72
N THR P 62 -60.98 49.45 77.34
CA THR P 62 -61.08 48.56 78.50
C THR P 62 -62.08 47.43 78.32
N GLU P 63 -62.91 47.47 77.28
CA GLU P 63 -63.97 46.49 77.10
C GLU P 63 -63.41 45.09 76.81
N LEU P 64 -64.19 44.07 77.20
CA LEU P 64 -63.75 42.69 77.12
C LEU P 64 -63.69 42.21 75.68
N LEU P 65 -62.63 41.48 75.35
CA LEU P 65 -62.34 41.13 73.97
C LEU P 65 -62.82 39.74 73.57
N ILE P 66 -63.41 38.97 74.48
CA ILE P 66 -63.98 37.68 74.16
C ILE P 66 -65.49 37.81 74.20
N ARG P 67 -66.16 37.17 73.25
CA ARG P 67 -67.62 37.16 73.25
C ARG P 67 -68.13 36.50 74.53
N LYS P 68 -69.16 37.10 75.13
CA LYS P 68 -69.57 36.67 76.45
C LYS P 68 -70.28 35.31 76.43
N LEU P 69 -71.18 35.11 75.47
CA LEU P 69 -71.95 33.87 75.43
C LEU P 69 -71.10 32.63 75.19
N PRO P 70 -70.19 32.60 74.20
CA PRO P 70 -69.35 31.41 74.05
C PRO P 70 -68.49 31.14 75.27
N PHE P 71 -68.00 32.19 75.92
CA PHE P 71 -67.21 31.98 77.13
C PHE P 71 -68.06 31.38 78.24
N GLN P 72 -69.32 31.84 78.37
CA GLN P 72 -70.19 31.28 79.39
C GLN P 72 -70.46 29.81 79.12
N ARG P 73 -70.70 29.46 77.86
CA ARG P 73 -70.92 28.07 77.50
C ARG P 73 -69.68 27.23 77.80
N LEU P 74 -68.50 27.75 77.47
CA LEU P 74 -67.25 27.02 77.75
C LEU P 74 -67.08 26.79 79.24
N VAL P 75 -67.34 27.82 80.05
CA VAL P 75 -67.20 27.69 81.50
C VAL P 75 -68.15 26.61 82.03
N ARG P 76 -69.40 26.67 81.57
CA ARG P 76 -70.38 25.70 82.05
C ARG P 76 -69.99 24.29 81.64
N GLU P 77 -69.50 24.11 80.42
CA GLU P 77 -69.18 22.76 79.97
C GLU P 77 -67.94 22.24 80.65
N ILE P 78 -67.01 23.11 81.02
CA ILE P 78 -65.87 22.69 81.83
C ILE P 78 -66.34 22.25 83.21
N ALA P 79 -67.18 23.07 83.86
CA ALA P 79 -67.62 22.71 85.20
C ALA P 79 -68.53 21.49 85.21
N GLN P 80 -69.10 21.14 84.06
CA GLN P 80 -69.93 19.94 83.97
C GLN P 80 -69.14 18.68 84.30
N ASP P 81 -67.81 18.73 84.15
CA ASP P 81 -66.93 17.59 84.38
C ASP P 81 -66.63 17.39 85.87
N PHE P 82 -66.94 18.36 86.72
CA PHE P 82 -66.66 18.27 88.14
C PHE P 82 -67.88 18.01 89.00
N LYS P 83 -69.02 18.59 88.64
CA LYS P 83 -70.29 18.25 89.27
C LYS P 83 -71.41 18.54 88.28
N THR P 84 -72.31 17.58 88.13
CA THR P 84 -73.46 17.81 87.26
C THR P 84 -74.46 18.75 87.93
N ASP P 85 -75.23 19.44 87.10
CA ASP P 85 -76.30 20.32 87.55
C ASP P 85 -75.74 21.40 88.50
N LEU P 86 -74.85 22.23 87.94
CA LEU P 86 -74.28 23.36 88.66
C LEU P 86 -74.83 24.66 88.09
N ARG P 87 -75.35 25.52 88.95
CA ARG P 87 -75.73 26.86 88.55
C ARG P 87 -74.62 27.85 88.87
N PHE P 88 -74.64 28.97 88.14
CA PHE P 88 -73.63 30.02 88.30
C PHE P 88 -74.31 31.37 88.48
N GLN P 89 -73.83 32.16 89.43
CA GLN P 89 -74.15 33.57 89.42
C GLN P 89 -73.58 34.21 88.16
N SER P 90 -74.28 35.19 87.62
CA SER P 90 -73.78 35.89 86.44
C SER P 90 -72.46 36.58 86.74
N SER P 91 -72.36 37.23 87.91
CA SER P 91 -71.12 37.89 88.28
C SER P 91 -69.97 36.90 88.43
N ALA P 92 -70.26 35.63 88.71
CA ALA P 92 -69.20 34.64 88.77
C ALA P 92 -68.57 34.43 87.40
N VAL P 93 -69.42 34.27 86.37
CA VAL P 93 -68.91 34.16 85.02
C VAL P 93 -68.20 35.44 84.59
N MET P 94 -68.71 36.60 85.02
CA MET P 94 -68.03 37.85 84.71
C MET P 94 -66.63 37.89 85.32
N ALA P 95 -66.50 37.48 86.58
CA ALA P 95 -65.19 37.45 87.23
C ALA P 95 -64.27 36.49 86.51
N LEU P 96 -64.79 35.33 86.12
CA LEU P 96 -63.98 34.36 85.40
C LEU P 96 -63.49 34.93 84.08
N GLN P 97 -64.36 35.64 83.36
CA GLN P 97 -63.95 36.23 82.09
C GLN P 97 -62.89 37.30 82.29
N GLU P 98 -63.10 38.17 83.29
CA GLU P 98 -62.10 39.20 83.60
C GLU P 98 -60.75 38.56 83.88
N ALA P 99 -60.72 37.55 84.74
CA ALA P 99 -59.47 36.91 85.11
C ALA P 99 -58.82 36.24 83.91
N CYS P 100 -59.62 35.56 83.08
CA CYS P 100 -59.05 34.86 81.94
C CYS P 100 -58.47 35.85 80.93
N GLU P 101 -59.18 36.93 80.65
CA GLU P 101 -58.65 37.92 79.72
C GLU P 101 -57.39 38.58 80.25
N ALA P 102 -57.36 38.90 81.55
CA ALA P 102 -56.14 39.46 82.12
C ALA P 102 -54.98 38.49 81.99
N TYR P 103 -55.22 37.21 82.29
CA TYR P 103 -54.16 36.22 82.20
C TYR P 103 -53.65 36.11 80.78
N LEU P 104 -54.57 36.06 79.81
CA LEU P 104 -54.15 35.90 78.42
C LEU P 104 -53.43 37.14 77.91
N VAL P 105 -53.85 38.33 78.34
CA VAL P 105 -53.15 39.54 77.91
C VAL P 105 -51.74 39.56 78.47
N GLY P 106 -51.57 39.22 79.75
CA GLY P 106 -50.22 39.16 80.30
C GLY P 106 -49.37 38.12 79.60
N LEU P 107 -49.97 36.97 79.30
CA LEU P 107 -49.26 35.92 78.59
C LEU P 107 -48.84 36.39 77.21
N PHE P 108 -49.71 37.15 76.53
CA PHE P 108 -49.37 37.63 75.20
C PHE P 108 -48.29 38.70 75.26
N GLU P 109 -48.25 39.50 76.34
CA GLU P 109 -47.15 40.43 76.50
C GLU P 109 -45.83 39.68 76.62
N ASP P 110 -45.79 38.66 77.49
CA ASP P 110 -44.54 37.92 77.61
C ASP P 110 -44.18 37.16 76.34
N THR P 111 -45.17 36.65 75.61
CA THR P 111 -44.88 36.02 74.31
C THR P 111 -44.28 37.00 73.33
N ASN P 112 -44.84 38.22 73.26
CA ASN P 112 -44.29 39.22 72.35
C ASN P 112 -42.87 39.58 72.73
N LEU P 113 -42.59 39.71 74.03
CA LEU P 113 -41.22 39.96 74.46
C LEU P 113 -40.30 38.84 74.02
N CYS P 114 -40.72 37.58 74.21
CA CYS P 114 -39.89 36.46 73.80
C CYS P 114 -39.64 36.49 72.29
N ALA P 115 -40.69 36.77 71.52
CA ALA P 115 -40.56 36.79 70.07
C ALA P 115 -39.60 37.88 69.64
N ILE P 116 -39.73 39.08 70.22
CA ILE P 116 -38.81 40.15 69.88
C ILE P 116 -37.40 39.76 70.26
N HIS P 117 -37.27 39.07 71.41
CA HIS P 117 -35.98 38.58 71.84
C HIS P 117 -35.36 37.68 70.79
N ALA P 118 -36.17 36.95 70.04
CA ALA P 118 -35.67 36.06 69.00
C ALA P 118 -35.52 36.75 67.66
N LYS P 119 -35.52 38.09 67.64
CA LYS P 119 -35.38 38.88 66.41
C LYS P 119 -36.51 38.61 65.44
N ARG P 120 -37.69 38.31 65.96
CA ARG P 120 -38.88 38.09 65.16
C ARG P 120 -39.93 39.13 65.49
N VAL P 121 -40.92 39.25 64.62
CA VAL P 121 -42.10 40.06 64.88
C VAL P 121 -43.36 39.22 65.05
N THR P 122 -43.42 38.05 64.41
CA THR P 122 -44.56 37.16 64.56
C THR P 122 -44.40 36.31 65.82
N ILE P 123 -45.43 36.31 66.67
CA ILE P 123 -45.45 35.41 67.82
C ILE P 123 -45.81 34.00 67.36
N MET P 124 -45.16 33.01 67.94
CA MET P 124 -45.30 31.62 67.56
C MET P 124 -45.62 30.79 68.78
N PRO P 125 -46.20 29.60 68.61
CA PRO P 125 -46.56 28.79 69.79
C PRO P 125 -45.37 28.49 70.68
N LYS P 126 -44.17 28.34 70.11
CA LYS P 126 -42.98 28.13 70.92
C LYS P 126 -42.74 29.30 71.86
N ASP P 127 -43.12 30.51 71.45
CA ASP P 127 -43.01 31.65 72.35
C ASP P 127 -43.92 31.50 73.55
N ILE P 128 -45.16 31.05 73.32
CA ILE P 128 -46.09 30.82 74.42
C ILE P 128 -45.54 29.75 75.35
N GLN P 129 -45.03 28.67 74.78
CA GLN P 129 -44.49 27.59 75.60
C GLN P 129 -43.32 28.08 76.44
N LEU P 130 -42.43 28.88 75.85
CA LEU P 130 -41.29 29.41 76.60
C LEU P 130 -41.76 30.33 77.72
N ALA P 131 -42.73 31.21 77.43
CA ALA P 131 -43.19 32.15 78.44
C ALA P 131 -43.82 31.41 79.61
N ARG P 132 -44.63 30.40 79.33
CA ARG P 132 -45.22 29.65 80.44
C ARG P 132 -44.18 28.82 81.18
N ARG P 133 -43.17 28.31 80.47
CA ARG P 133 -42.11 27.56 81.15
C ARG P 133 -41.33 28.44 82.11
N ILE P 134 -40.97 29.64 81.68
CA ILE P 134 -40.24 30.56 82.54
C ILE P 134 -41.12 31.06 83.69
N ARG P 135 -42.37 31.39 83.39
CA ARG P 135 -43.29 31.85 84.42
C ARG P 135 -43.50 30.83 85.52
N GLY P 136 -43.23 29.54 85.27
CA GLY P 136 -43.40 28.54 86.28
C GLY P 136 -44.67 27.73 86.17
N GLU P 137 -45.51 28.00 85.17
CA GLU P 137 -46.73 27.24 85.00
C GLU P 137 -46.43 25.87 84.38
N ARG P 138 -47.44 25.01 84.43
CA ARG P 138 -47.32 23.66 83.90
C ARG P 138 -48.51 23.34 82.99
N LYS Q 24 -79.66 20.93 78.38
CA LYS Q 24 -78.92 20.34 77.27
C LYS Q 24 -77.46 20.06 77.62
N VAL Q 25 -76.92 19.00 77.01
CA VAL Q 25 -75.50 18.74 77.13
C VAL Q 25 -74.72 19.86 76.45
N LEU Q 26 -73.57 20.20 77.01
CA LEU Q 26 -72.69 21.23 76.47
C LEU Q 26 -71.43 20.56 75.93
N ARG Q 27 -71.12 20.83 74.66
CA ARG Q 27 -70.12 20.05 73.95
C ARG Q 27 -69.38 20.91 72.92
N ASP Q 28 -68.05 20.82 72.94
CA ASP Q 28 -67.15 21.47 71.99
C ASP Q 28 -67.48 22.97 71.88
N ASN Q 29 -67.47 23.63 73.03
CA ASN Q 29 -67.62 25.08 73.08
C ASN Q 29 -66.29 25.81 73.08
N ILE Q 30 -65.16 25.10 73.06
CA ILE Q 30 -63.86 25.76 72.98
C ILE Q 30 -63.69 26.49 71.66
N GLN Q 31 -64.41 26.09 70.61
CA GLN Q 31 -64.35 26.80 69.35
C GLN Q 31 -65.05 28.14 69.39
N GLY Q 32 -65.81 28.43 70.45
CA GLY Q 32 -66.40 29.74 70.61
C GLY Q 32 -65.40 30.83 70.86
N ILE Q 33 -64.19 30.48 71.28
CA ILE Q 33 -63.10 31.45 71.37
C ILE Q 33 -62.55 31.60 69.96
N THR Q 34 -63.09 32.54 69.20
CA THR Q 34 -62.82 32.59 67.78
C THR Q 34 -61.45 33.19 67.52
N LYS Q 35 -60.97 32.99 66.29
CA LYS Q 35 -59.71 33.58 65.86
C LYS Q 35 -59.68 35.10 66.03
N PRO Q 36 -60.70 35.86 65.63
CA PRO Q 36 -60.64 37.32 65.86
C PRO Q 36 -60.57 37.71 67.32
N ALA Q 37 -61.22 36.95 68.21
CA ALA Q 37 -61.12 37.27 69.64
C ALA Q 37 -59.71 37.07 70.16
N ILE Q 38 -59.06 35.98 69.74
CA ILE Q 38 -57.67 35.77 70.14
C ILE Q 38 -56.78 36.86 69.58
N ARG Q 39 -57.02 37.26 68.33
CA ARG Q 39 -56.25 38.36 67.77
C ARG Q 39 -56.45 39.64 68.56
N ARG Q 40 -57.67 39.91 69.00
CA ARG Q 40 -57.93 41.11 69.79
C ARG Q 40 -57.16 41.06 71.11
N LEU Q 41 -57.18 39.90 71.77
CA LEU Q 41 -56.42 39.77 73.00
C LEU Q 41 -54.93 39.99 72.76
N ALA Q 42 -54.41 39.47 71.65
CA ALA Q 42 -52.99 39.68 71.34
C ALA Q 42 -52.70 41.14 71.05
N ARG Q 43 -53.65 41.83 70.41
CA ARG Q 43 -53.48 43.26 70.16
C ARG Q 43 -53.43 44.03 71.46
N ARG Q 44 -54.29 43.69 72.41
CA ARG Q 44 -54.22 44.34 73.71
C ARG Q 44 -52.88 44.08 74.39
N GLY Q 45 -52.25 42.95 74.07
CA GLY Q 45 -50.92 42.65 74.57
C GLY Q 45 -49.78 43.29 73.80
N GLY Q 46 -50.07 44.09 72.79
CA GLY Q 46 -49.02 44.75 72.03
C GLY Q 46 -48.40 43.92 70.93
N VAL Q 47 -49.11 42.92 70.42
CA VAL Q 47 -48.57 42.01 69.41
C VAL Q 47 -48.95 42.50 68.02
N LYS Q 48 -47.97 42.52 67.11
CA LYS Q 48 -48.17 43.07 65.78
C LYS Q 48 -48.44 42.01 64.71
N ARG Q 49 -47.84 40.84 64.83
CA ARG Q 49 -48.03 39.76 63.86
C ARG Q 49 -48.25 38.47 64.62
N ILE Q 50 -49.23 37.68 64.18
CA ILE Q 50 -49.63 36.47 64.87
C ILE Q 50 -49.52 35.29 63.91
N SER Q 51 -48.86 34.22 64.36
CA SER Q 51 -48.78 33.02 63.54
C SER Q 51 -50.13 32.31 63.51
N GLY Q 52 -50.28 31.42 62.53
CA GLY Q 52 -51.55 30.73 62.38
C GLY Q 52 -51.78 29.62 63.38
N LEU Q 53 -50.72 29.07 63.96
CA LEU Q 53 -50.83 28.01 64.96
C LEU Q 53 -51.03 28.55 66.36
N ILE Q 54 -51.00 29.87 66.53
CA ILE Q 54 -51.19 30.47 67.85
C ILE Q 54 -52.57 30.16 68.39
N TYR Q 55 -53.60 30.26 67.54
CA TYR Q 55 -54.98 30.27 68.03
C TYR Q 55 -55.32 29.00 68.79
N GLU Q 56 -54.89 27.84 68.28
CA GLU Q 56 -55.16 26.59 68.98
C GLU Q 56 -54.38 26.52 70.28
N GLU Q 57 -53.09 26.87 70.24
CA GLU Q 57 -52.28 26.89 71.45
C GLU Q 57 -52.96 27.71 72.55
N THR Q 58 -53.40 28.92 72.20
CA THR Q 58 -54.12 29.77 73.12
C THR Q 58 -55.36 29.07 73.66
N ARG Q 59 -56.16 28.44 72.79
CA ARG Q 59 -57.36 27.77 73.30
C ARG Q 59 -57.00 26.64 74.25
N GLY Q 60 -55.81 26.06 74.09
CA GLY Q 60 -55.34 25.09 75.07
C GLY Q 60 -55.01 25.76 76.39
N VAL Q 61 -54.19 26.80 76.34
CA VAL Q 61 -53.72 27.46 77.56
C VAL Q 61 -54.92 27.93 78.36
N LEU Q 62 -55.83 28.64 77.70
CA LEU Q 62 -57.05 29.11 78.35
C LEU Q 62 -57.81 27.96 78.97
N LYS Q 63 -58.00 26.86 78.22
CA LYS Q 63 -58.79 25.75 78.77
C LYS Q 63 -58.15 25.21 80.04
N VAL Q 64 -56.81 25.19 80.09
CA VAL Q 64 -56.14 24.71 81.29
C VAL Q 64 -56.39 25.67 82.45
N PHE Q 65 -56.19 26.96 82.19
CA PHE Q 65 -56.37 27.96 83.23
C PHE Q 65 -57.75 27.82 83.85
N LEU Q 66 -58.76 27.78 82.97
CA LEU Q 66 -60.14 27.62 83.42
C LEU Q 66 -60.31 26.36 84.27
N GLU Q 67 -59.78 25.22 83.81
CA GLU Q 67 -59.95 24.01 84.60
C GLU Q 67 -59.38 24.17 86.00
N ASN Q 68 -58.22 24.83 86.10
CA ASN Q 68 -57.60 25.03 87.42
C ASN Q 68 -58.44 25.95 88.30
N VAL Q 69 -59.07 26.96 87.71
CA VAL Q 69 -59.83 27.90 88.51
C VAL Q 69 -61.15 27.27 88.92
N ILE Q 70 -61.88 26.72 87.94
CA ILE Q 70 -63.20 26.14 88.19
C ILE Q 70 -63.12 25.00 89.19
N ARG Q 71 -62.13 24.10 89.07
CA ARG Q 71 -62.03 23.02 90.04
C ARG Q 71 -62.04 23.53 91.48
N ASP Q 72 -61.32 24.62 91.73
CA ASP Q 72 -61.28 25.20 93.07
C ASP Q 72 -62.59 25.88 93.42
N ALA Q 73 -63.14 26.66 92.49
CA ALA Q 73 -64.40 27.33 92.77
C ALA Q 73 -65.48 26.31 93.13
N VAL Q 74 -65.61 25.27 92.31
CA VAL Q 74 -66.55 24.19 92.56
C VAL Q 74 -66.28 23.55 93.93
N THR Q 75 -65.02 23.33 94.27
CA THR Q 75 -64.71 22.78 95.59
C THR Q 75 -65.26 23.68 96.70
N TYR Q 76 -64.96 24.98 96.61
CA TYR Q 76 -65.45 25.93 97.59
C TYR Q 76 -66.97 25.93 97.66
N THR Q 77 -67.64 25.64 96.53
CA THR Q 77 -69.10 25.60 96.54
C THR Q 77 -69.61 24.31 97.16
N GLU Q 78 -68.93 23.19 96.91
CA GLU Q 78 -69.32 21.91 97.48
C GLU Q 78 -69.22 21.95 98.99
N HIS Q 79 -68.16 22.56 99.51
CA HIS Q 79 -67.97 22.62 100.97
C HIS Q 79 -69.10 23.38 101.64
N ALA Q 80 -69.59 24.43 101.00
CA ALA Q 80 -70.67 25.25 101.56
C ALA Q 80 -72.05 24.64 101.38
N LYS Q 81 -72.15 23.43 100.82
CA LYS Q 81 -73.37 22.68 100.60
C LYS Q 81 -74.25 23.30 99.52
N ARG Q 82 -73.82 24.37 98.88
CA ARG Q 82 -74.62 25.05 97.88
C ARG Q 82 -74.54 24.32 96.54
N LYS Q 83 -75.57 24.52 95.72
CA LYS Q 83 -75.57 24.02 94.35
C LYS Q 83 -75.18 25.08 93.33
N THR Q 84 -74.86 26.30 93.78
CA THR Q 84 -74.60 27.41 92.88
C THR Q 84 -73.22 27.99 93.16
N VAL Q 85 -72.42 28.14 92.11
CA VAL Q 85 -71.10 28.75 92.24
C VAL Q 85 -71.29 30.26 92.25
N THR Q 86 -70.89 30.90 93.34
CA THR Q 86 -70.98 32.35 93.46
C THR Q 86 -69.70 33.01 92.94
N ALA Q 87 -69.78 34.33 92.73
CA ALA Q 87 -68.61 35.08 92.31
C ALA Q 87 -67.56 35.11 93.41
N MET Q 88 -67.99 35.00 94.65
CA MET Q 88 -67.06 35.05 95.77
C MET Q 88 -66.19 33.79 95.79
N ASP Q 89 -66.75 32.65 95.41
CA ASP Q 89 -65.94 31.44 95.28
C ASP Q 89 -64.87 31.61 94.23
N VAL Q 90 -65.23 32.20 93.08
CA VAL Q 90 -64.25 32.42 92.03
C VAL Q 90 -63.15 33.36 92.49
N VAL Q 91 -63.52 34.44 93.18
CA VAL Q 91 -62.52 35.36 93.70
C VAL Q 91 -61.58 34.65 94.66
N TYR Q 92 -62.14 33.79 95.52
CA TYR Q 92 -61.33 33.13 96.53
C TYR Q 92 -60.41 32.11 95.90
N ALA Q 93 -60.90 31.37 94.91
CA ALA Q 93 -60.05 30.44 94.18
C ALA Q 93 -58.91 31.18 93.49
N LEU Q 94 -59.21 32.33 92.89
CA LEU Q 94 -58.18 33.11 92.23
C LEU Q 94 -57.11 33.54 93.21
N LYS Q 95 -57.52 34.15 94.33
CA LYS Q 95 -56.52 34.59 95.30
C LYS Q 95 -55.78 33.41 95.90
N ARG Q 96 -56.41 32.23 95.95
CA ARG Q 96 -55.70 31.04 96.38
C ARG Q 96 -54.62 30.66 95.38
N GLN Q 97 -54.82 30.95 94.10
CA GLN Q 97 -53.76 30.76 93.11
C GLN Q 97 -52.82 31.95 93.02
N GLY Q 98 -52.83 32.86 93.99
CA GLY Q 98 -51.97 34.03 93.91
C GLY Q 98 -52.24 34.91 92.71
N ARG Q 99 -53.50 35.13 92.38
CA ARG Q 99 -53.89 35.89 91.21
C ARG Q 99 -55.09 36.77 91.54
N THR Q 100 -54.99 37.49 92.65
CA THR Q 100 -56.15 38.15 93.23
C THR Q 100 -56.80 39.10 92.25
N LEU Q 101 -58.12 39.25 92.40
CA LEU Q 101 -58.94 40.01 91.46
C LEU Q 101 -59.70 41.08 92.24
N TYR Q 102 -59.67 42.31 91.76
CA TYR Q 102 -60.38 43.40 92.39
C TYR Q 102 -61.64 43.74 91.62
N GLY Q 103 -62.71 44.07 92.35
CA GLY Q 103 -63.91 44.60 91.73
C GLY Q 103 -65.15 43.73 91.82
N PHE Q 104 -65.06 42.53 92.39
CA PHE Q 104 -66.21 41.65 92.50
C PHE Q 104 -66.51 41.27 93.94
N GLY Q 105 -66.35 42.22 94.86
CA GLY Q 105 -66.54 41.92 96.27
C GLY Q 105 -65.31 41.30 96.90
N GLY Q 106 -65.43 41.08 98.21
CA GLY Q 106 -64.35 40.53 99.00
C GLY Q 106 -63.17 41.48 99.16
N ALA R 18 -55.34 2.07 129.18
CA ALA R 18 -55.26 3.35 128.48
C ALA R 18 -54.53 3.19 127.15
N LYS R 19 -55.27 3.34 126.05
CA LYS R 19 -54.70 3.29 124.71
C LYS R 19 -54.78 4.67 124.06
N THR R 20 -53.70 5.04 123.37
CA THR R 20 -53.55 6.38 122.84
C THR R 20 -54.48 6.62 121.66
N ARG R 21 -54.75 7.89 121.39
CA ARG R 21 -55.66 8.26 120.32
C ARG R 21 -55.14 7.78 118.97
N SER R 22 -53.83 7.87 118.76
CA SER R 22 -53.22 7.37 117.53
C SER R 22 -53.45 5.87 117.36
N SER R 23 -53.29 5.11 118.44
CA SER R 23 -53.52 3.68 118.38
C SER R 23 -54.97 3.37 118.05
N ARG R 24 -55.91 4.10 118.66
CA ARG R 24 -57.32 3.82 118.43
C ARG R 24 -57.72 4.09 116.98
N ALA R 25 -57.01 4.99 116.30
CA ALA R 25 -57.28 5.32 114.91
C ALA R 25 -56.41 4.51 113.94
N GLY R 26 -55.54 3.66 114.46
CA GLY R 26 -54.64 2.90 113.61
C GLY R 26 -53.62 3.72 112.87
N LEU R 27 -53.06 4.74 113.52
CA LEU R 27 -52.06 5.60 112.91
C LEU R 27 -50.77 5.51 113.71
N GLN R 28 -49.70 6.05 113.13
CA GLN R 28 -48.44 6.20 113.84
C GLN R 28 -48.07 7.66 114.11
N PHE R 29 -48.77 8.60 113.50
CA PHE R 29 -48.50 10.00 113.81
C PHE R 29 -49.30 10.41 115.04
N PRO R 30 -48.80 11.37 115.81
CA PRO R 30 -49.42 11.67 117.11
C PRO R 30 -50.69 12.51 116.96
N VAL R 31 -51.84 11.86 117.14
CA VAL R 31 -53.10 12.56 117.03
C VAL R 31 -53.22 13.61 118.13
N GLY R 32 -52.85 13.25 119.36
CA GLY R 32 -52.91 14.19 120.46
C GLY R 32 -52.04 15.41 120.23
N ARG R 33 -50.84 15.22 119.68
CA ARG R 33 -49.95 16.35 119.43
C ARG R 33 -50.53 17.26 118.35
N VAL R 34 -51.09 16.68 117.30
CA VAL R 34 -51.69 17.50 116.25
C VAL R 34 -52.88 18.28 116.81
N HIS R 35 -53.67 17.64 117.67
CA HIS R 35 -54.78 18.32 118.31
C HIS R 35 -54.29 19.49 119.17
N ARG R 36 -53.21 19.26 119.93
CA ARG R 36 -52.66 20.33 120.75
C ARG R 36 -52.16 21.48 119.87
N LEU R 37 -51.48 21.18 118.77
CA LEU R 37 -50.98 22.24 117.90
C LEU R 37 -52.11 23.02 117.25
N LEU R 38 -53.18 22.32 116.86
CA LEU R 38 -54.33 23.01 116.30
C LEU R 38 -54.93 23.95 117.34
N ARG R 39 -55.07 23.50 118.57
CA ARG R 39 -55.65 24.40 119.57
C ARG R 39 -54.69 25.55 119.83
N LYS R 40 -53.42 25.25 120.03
CA LYS R 40 -52.39 26.25 120.33
C LYS R 40 -51.71 26.75 119.06
N GLY R 41 -52.53 27.11 118.07
CA GLY R 41 -51.99 27.65 116.84
C GLY R 41 -52.93 28.74 116.34
N ASN R 42 -53.99 28.97 117.11
CA ASN R 42 -55.03 29.94 116.79
C ASN R 42 -55.52 29.78 115.35
N TYR R 43 -55.87 28.54 114.99
CA TYR R 43 -56.55 28.34 113.73
C TYR R 43 -58.07 28.52 113.84
N SER R 44 -58.65 28.10 114.96
CA SER R 44 -60.07 28.32 115.19
C SER R 44 -60.33 28.27 116.70
N GLU R 45 -61.52 28.72 117.09
CA GLU R 45 -61.87 28.73 118.50
C GLU R 45 -62.10 27.31 119.03
N ARG R 46 -62.59 26.41 118.18
CA ARG R 46 -63.00 25.08 118.58
C ARG R 46 -62.45 24.09 117.56
N VAL R 47 -62.17 22.87 118.01
CA VAL R 47 -61.58 21.84 117.16
C VAL R 47 -62.37 20.56 117.33
N GLY R 48 -62.86 20.01 116.23
CA GLY R 48 -63.64 18.79 116.28
C GLY R 48 -62.80 17.60 116.72
N ALA R 49 -63.49 16.52 117.07
CA ALA R 49 -62.77 15.33 117.53
C ALA R 49 -62.03 14.64 116.40
N GLY R 50 -62.66 14.55 115.23
CA GLY R 50 -62.06 13.87 114.10
C GLY R 50 -61.06 14.68 113.30
N ALA R 51 -60.96 15.99 113.55
CA ALA R 51 -60.01 16.82 112.82
C ALA R 51 -58.57 16.41 113.04
N PRO R 52 -58.08 16.25 114.28
CA PRO R 52 -56.69 15.79 114.42
C PRO R 52 -56.45 14.42 113.84
N VAL R 53 -57.43 13.51 113.94
CA VAL R 53 -57.28 12.18 113.36
C VAL R 53 -57.11 12.27 111.84
N TYR R 54 -57.99 13.02 111.19
CA TYR R 54 -57.92 13.16 109.74
C TYR R 54 -56.62 13.82 109.31
N LEU R 55 -56.21 14.87 110.03
CA LEU R 55 -55.01 15.59 109.66
C LEU R 55 -53.78 14.70 109.85
N ALA R 56 -53.75 13.94 110.94
CA ALA R 56 -52.63 13.04 111.18
C ALA R 56 -52.57 11.96 110.12
N ALA R 57 -53.73 11.45 109.70
CA ALA R 57 -53.74 10.47 108.63
C ALA R 57 -53.17 11.05 107.35
N VAL R 58 -53.54 12.30 107.02
CA VAL R 58 -53.03 12.90 105.79
C VAL R 58 -51.51 13.09 105.87
N LEU R 59 -51.01 13.60 107.00
CA LEU R 59 -49.56 13.76 107.12
C LEU R 59 -48.85 12.43 107.04
N GLU R 60 -49.40 11.40 107.69
CA GLU R 60 -48.77 10.09 107.62
C GLU R 60 -48.75 9.56 106.19
N TYR R 61 -49.84 9.77 105.45
CA TYR R 61 -49.87 9.29 104.07
C TYR R 61 -48.83 10.01 103.23
N LEU R 62 -48.73 11.34 103.37
CA LEU R 62 -47.77 12.10 102.58
C LEU R 62 -46.34 11.71 102.93
N THR R 63 -46.05 11.55 104.22
CA THR R 63 -44.73 11.10 104.63
C THR R 63 -44.43 9.72 104.06
N ALA R 64 -45.42 8.81 104.07
CA ALA R 64 -45.21 7.48 103.51
C ALA R 64 -44.90 7.55 102.02
N GLU R 65 -45.61 8.41 101.28
CA GLU R 65 -45.32 8.58 99.86
C GLU R 65 -43.88 9.04 99.65
N ILE R 66 -43.48 10.09 100.37
CA ILE R 66 -42.14 10.62 100.16
C ILE R 66 -41.10 9.60 100.57
N LEU R 67 -41.32 8.88 101.66
CA LEU R 67 -40.34 7.89 102.09
C LEU R 67 -40.27 6.71 101.13
N GLU R 68 -41.41 6.28 100.59
CA GLU R 68 -41.39 5.35 99.45
C GLU R 68 -40.43 5.84 98.37
N LEU R 69 -40.73 7.01 97.82
CA LEU R 69 -39.99 7.46 96.64
C LEU R 69 -38.52 7.68 96.98
N ALA R 70 -38.24 8.22 98.16
CA ALA R 70 -36.88 8.49 98.58
C ALA R 70 -36.11 7.21 98.86
N GLY R 71 -36.75 6.21 99.46
CA GLY R 71 -36.10 4.93 99.64
C GLY R 71 -35.76 4.29 98.32
N ASN R 72 -36.67 4.39 97.34
CA ASN R 72 -36.36 3.86 96.01
C ASN R 72 -35.16 4.59 95.42
N ALA R 73 -35.14 5.92 95.54
CA ALA R 73 -34.03 6.70 94.99
C ALA R 73 -32.73 6.35 95.69
N ALA R 74 -32.76 6.15 97.02
CA ALA R 74 -31.55 5.78 97.74
C ALA R 74 -31.06 4.40 97.31
N ARG R 75 -31.99 3.45 97.13
CA ARG R 75 -31.57 2.13 96.68
C ARG R 75 -31.02 2.19 95.26
N ASP R 76 -31.48 3.15 94.48
CA ASP R 76 -30.93 3.35 93.13
C ASP R 76 -29.48 3.78 93.17
N ASN R 77 -28.98 4.26 94.30
CA ASN R 77 -27.59 4.68 94.43
C ASN R 77 -26.80 3.73 95.33
N LYS R 78 -27.31 2.52 95.54
CA LYS R 78 -26.67 1.52 96.39
C LYS R 78 -26.42 2.08 97.79
N LYS R 79 -27.36 2.88 98.28
CA LYS R 79 -27.29 3.51 99.59
C LYS R 79 -28.44 3.02 100.44
N THR R 80 -28.16 2.68 101.69
CA THR R 80 -29.18 2.19 102.61
C THR R 80 -29.68 3.28 103.56
N ARG R 81 -29.17 4.49 103.44
CA ARG R 81 -29.64 5.63 104.21
C ARG R 81 -30.14 6.72 103.26
N ILE R 82 -31.13 7.46 103.71
CA ILE R 82 -31.70 8.54 102.91
C ILE R 82 -31.02 9.85 103.29
N ILE R 83 -30.57 10.59 102.28
CA ILE R 83 -29.91 11.87 102.47
C ILE R 83 -30.71 12.91 101.69
N PRO R 84 -30.51 14.20 101.99
CA PRO R 84 -31.31 15.23 101.30
C PRO R 84 -31.32 15.15 99.78
N ARG R 85 -30.23 14.69 99.17
CA ARG R 85 -30.22 14.52 97.72
C ARG R 85 -31.31 13.55 97.26
N HIS R 86 -31.50 12.46 98.00
CA HIS R 86 -32.51 11.48 97.61
C HIS R 86 -33.92 12.07 97.74
N LEU R 87 -34.17 12.81 98.81
CA LEU R 87 -35.46 13.46 98.97
C LEU R 87 -35.71 14.46 97.85
N GLN R 88 -34.69 15.23 97.48
CA GLN R 88 -34.84 16.20 96.40
C GLN R 88 -35.17 15.50 95.09
N LEU R 89 -34.46 14.41 94.77
CA LEU R 89 -34.72 13.66 93.54
C LEU R 89 -36.12 13.06 93.55
N ALA R 90 -36.54 12.55 94.71
CA ALA R 90 -37.87 11.96 94.83
C ALA R 90 -38.93 13.01 94.56
N ILE R 91 -38.76 14.21 95.10
CA ILE R 91 -39.78 15.23 94.92
C ILE R 91 -39.81 15.68 93.47
N ARG R 92 -38.64 16.00 92.90
CA ARG R 92 -38.63 16.55 91.56
C ARG R 92 -38.98 15.52 90.48
N ASN R 93 -38.93 14.23 90.81
CA ASN R 93 -39.25 13.20 89.82
C ASN R 93 -40.72 12.80 89.84
N ASP R 94 -41.44 13.11 90.91
CA ASP R 94 -42.86 12.76 91.03
C ASP R 94 -43.65 14.02 90.73
N GLU R 95 -44.53 13.96 89.74
CA GLU R 95 -45.09 15.18 89.18
C GLU R 95 -46.08 15.83 90.14
N GLU R 96 -46.84 15.04 90.90
CA GLU R 96 -47.78 15.67 91.83
C GLU R 96 -47.06 16.23 93.05
N LEU R 97 -46.02 15.51 93.52
CA LEU R 97 -45.17 16.08 94.55
C LEU R 97 -44.45 17.32 94.06
N ASN R 98 -43.97 17.28 92.80
CA ASN R 98 -43.30 18.44 92.23
C ASN R 98 -44.22 19.64 92.19
N LYS R 99 -45.49 19.43 91.80
CA LYS R 99 -46.47 20.51 91.86
C LYS R 99 -46.66 21.01 93.27
N LEU R 100 -46.75 20.09 94.24
CA LEU R 100 -46.95 20.49 95.62
C LEU R 100 -45.76 21.28 96.16
N LEU R 101 -44.56 20.72 96.02
CA LEU R 101 -43.33 21.38 96.48
C LEU R 101 -42.60 22.06 95.33
N GLY R 102 -43.28 22.99 94.66
CA GLY R 102 -42.66 23.64 93.53
C GLY R 102 -41.85 24.86 93.90
N ARG R 103 -42.38 25.67 94.82
CA ARG R 103 -41.73 26.88 95.28
C ARG R 103 -40.80 26.61 96.47
N VAL R 104 -40.40 25.36 96.68
CA VAL R 104 -39.66 24.96 97.86
C VAL R 104 -38.25 24.57 97.44
N THR R 105 -37.26 25.09 98.16
CA THR R 105 -35.87 24.73 97.96
C THR R 105 -35.40 23.90 99.15
N ILE R 106 -34.60 22.87 98.85
CA ILE R 106 -34.19 21.87 99.83
C ILE R 106 -32.70 22.03 100.04
N ALA R 107 -32.30 22.31 101.28
CA ALA R 107 -30.89 22.48 101.58
C ALA R 107 -30.11 21.23 101.20
N GLN R 108 -28.93 21.43 100.62
CA GLN R 108 -28.07 20.33 100.18
C GLN R 108 -28.79 19.41 99.20
N GLY R 109 -29.69 19.95 98.40
CA GLY R 109 -30.51 19.14 97.53
C GLY R 109 -29.97 18.95 96.12
N GLY R 110 -29.30 19.96 95.59
CA GLY R 110 -28.88 19.88 94.20
C GLY R 110 -30.06 20.03 93.25
N VAL R 111 -29.84 19.62 92.00
CA VAL R 111 -30.84 19.71 90.95
C VAL R 111 -30.89 18.39 90.18
N LEU R 112 -31.93 18.25 89.37
CA LEU R 112 -32.02 17.09 88.48
C LEU R 112 -30.98 17.19 87.37
N PRO R 113 -30.32 16.09 87.02
CA PRO R 113 -29.47 16.09 85.83
C PRO R 113 -30.31 16.36 84.59
N ASN R 114 -30.00 17.46 83.90
CA ASN R 114 -30.78 17.88 82.74
C ASN R 114 -29.93 18.76 81.87
N ILE R 115 -29.75 18.36 80.61
CA ILE R 115 -29.04 19.13 79.60
C ILE R 115 -29.95 19.28 78.39
N GLN R 116 -30.07 20.49 77.87
CA GLN R 116 -30.92 20.71 76.70
C GLN R 116 -30.37 19.93 75.51
N ALA R 117 -31.27 19.33 74.74
CA ALA R 117 -30.85 18.53 73.59
C ALA R 117 -30.14 19.35 72.53
N VAL R 118 -30.33 20.67 72.54
CA VAL R 118 -29.64 21.55 71.60
C VAL R 118 -28.15 21.60 71.91
N LEU R 119 -27.79 21.60 73.19
CA LEU R 119 -26.40 21.78 73.58
C LEU R 119 -25.52 20.55 73.33
N LEU R 120 -26.10 19.38 73.14
CA LEU R 120 -25.28 18.21 72.90
C LEU R 120 -24.66 18.27 71.50
N PRO R 121 -23.43 17.81 71.34
CA PRO R 121 -22.78 17.88 70.03
C PRO R 121 -23.42 16.89 69.06
N LYS R 122 -23.32 17.23 67.77
CA LYS R 122 -23.84 16.35 66.72
C LYS R 122 -22.90 15.17 66.50
N ARG S 35 -32.40 23.94 130.10
CA ARG S 35 -32.74 23.03 129.02
C ARG S 35 -34.17 23.27 128.57
N SER S 36 -34.33 23.74 127.34
CA SER S 36 -35.65 24.09 126.82
C SER S 36 -36.43 22.81 126.49
N ARG S 37 -37.58 22.99 125.86
CA ARG S 37 -38.41 21.90 125.37
C ARG S 37 -38.40 21.92 123.85
N LYS S 38 -38.04 20.80 123.23
CA LYS S 38 -38.01 20.71 121.78
C LYS S 38 -39.07 19.74 121.30
N GLU S 39 -39.69 20.07 120.17
CA GLU S 39 -40.77 19.27 119.59
C GLU S 39 -40.36 18.89 118.18
N SER S 40 -40.50 17.62 117.83
CA SER S 40 -40.18 17.20 116.47
C SER S 40 -40.97 15.94 116.14
N TYR S 41 -40.83 15.50 114.89
CA TYR S 41 -41.50 14.30 114.40
C TYR S 41 -40.49 13.23 114.02
N SER S 42 -39.31 13.24 114.64
CA SER S 42 -38.26 12.31 114.22
C SER S 42 -38.69 10.86 114.44
N ILE S 43 -39.25 10.57 115.62
CA ILE S 43 -39.57 9.18 115.94
C ILE S 43 -40.70 8.68 115.06
N TYR S 44 -41.70 9.52 114.79
CA TYR S 44 -42.83 9.09 113.97
C TYR S 44 -42.41 8.90 112.51
N VAL S 45 -41.58 9.82 112.01
CA VAL S 45 -41.04 9.65 110.66
C VAL S 45 -40.22 8.37 110.58
N TYR S 46 -39.47 8.07 111.64
CA TYR S 46 -38.70 6.83 111.64
C TYR S 46 -39.61 5.61 111.65
N LYS S 47 -40.71 5.66 112.39
CA LYS S 47 -41.66 4.54 112.38
C LYS S 47 -42.26 4.34 111.00
N VAL S 48 -42.67 5.44 110.35
CA VAL S 48 -43.22 5.33 109.00
C VAL S 48 -42.17 4.77 108.05
N LEU S 49 -40.92 5.21 108.18
CA LEU S 49 -39.85 4.69 107.32
C LEU S 49 -39.65 3.20 107.53
N LYS S 50 -39.66 2.75 108.78
CA LYS S 50 -39.54 1.32 109.05
C LYS S 50 -40.70 0.54 108.45
N GLN S 51 -41.90 1.12 108.47
CA GLN S 51 -43.03 0.48 107.78
C GLN S 51 -42.78 0.37 106.28
N VAL S 52 -42.31 1.44 105.67
CA VAL S 52 -42.23 1.48 104.21
C VAL S 52 -41.05 0.67 103.73
N HIS S 53 -39.85 1.03 104.16
CA HIS S 53 -38.61 0.37 103.76
C HIS S 53 -37.93 -0.15 105.01
N PRO S 54 -38.22 -1.38 105.44
CA PRO S 54 -37.74 -1.82 106.76
C PRO S 54 -36.23 -1.81 106.89
N ASP S 55 -35.51 -2.17 105.84
CA ASP S 55 -34.04 -2.19 105.86
C ASP S 55 -33.46 -0.90 105.31
N THR S 56 -33.91 0.25 105.81
CA THR S 56 -33.45 1.54 105.31
C THR S 56 -33.52 2.57 106.41
N GLY S 57 -32.44 3.33 106.57
CA GLY S 57 -32.34 4.38 107.55
C GLY S 57 -32.39 5.76 106.91
N ILE S 58 -32.26 6.77 107.75
CA ILE S 58 -32.38 8.16 107.34
C ILE S 58 -31.36 9.00 108.10
N SER S 59 -30.63 9.84 107.38
CA SER S 59 -29.62 10.71 107.97
C SER S 59 -30.29 11.84 108.76
N SER S 60 -29.49 12.50 109.61
CA SER S 60 -30.06 13.54 110.46
C SER S 60 -30.47 14.75 109.63
N LYS S 61 -29.70 15.07 108.59
CA LYS S 61 -30.08 16.17 107.70
C LYS S 61 -31.40 15.88 107.01
N ALA S 62 -31.55 14.65 106.52
CA ALA S 62 -32.81 14.27 105.89
C ALA S 62 -33.95 14.27 106.89
N MET S 63 -33.68 13.91 108.14
CA MET S 63 -34.72 13.98 109.16
C MET S 63 -35.13 15.42 109.41
N GLY S 64 -34.16 16.35 109.43
CA GLY S 64 -34.50 17.75 109.56
C GLY S 64 -35.34 18.26 108.40
N ILE S 65 -35.00 17.83 107.18
CA ILE S 65 -35.78 18.21 106.02
C ILE S 65 -37.20 17.65 106.12
N MET S 66 -37.33 16.39 106.54
CA MET S 66 -38.66 15.81 106.64
C MET S 66 -39.47 16.48 107.73
N ASN S 67 -38.84 16.86 108.83
CA ASN S 67 -39.50 17.65 109.85
C ASN S 67 -40.00 18.97 109.29
N SER S 68 -39.15 19.66 108.53
CA SER S 68 -39.55 20.91 107.91
C SER S 68 -40.71 20.69 106.98
N PHE S 69 -40.67 19.63 106.18
CA PHE S 69 -41.75 19.33 105.25
C PHE S 69 -43.05 19.08 106.00
N VAL S 70 -42.99 18.28 107.06
CA VAL S 70 -44.19 17.95 107.81
C VAL S 70 -44.78 19.21 108.43
N ASN S 71 -43.94 20.06 109.00
CA ASN S 71 -44.44 21.29 109.60
C ASN S 71 -45.03 22.19 108.54
N ASP S 72 -44.38 22.28 107.38
CA ASP S 72 -44.86 23.12 106.29
C ASP S 72 -46.23 22.66 105.83
N ILE S 73 -46.38 21.35 105.58
CA ILE S 73 -47.65 20.82 105.10
C ILE S 73 -48.72 20.98 106.17
N PHE S 74 -48.37 20.73 107.43
CA PHE S 74 -49.33 20.94 108.51
C PHE S 74 -49.83 22.37 108.48
N GLU S 75 -48.93 23.34 108.35
CA GLU S 75 -49.36 24.73 108.40
C GLU S 75 -50.19 25.09 107.18
N ARG S 76 -49.82 24.58 106.01
CA ARG S 76 -50.63 24.83 104.82
C ARG S 76 -52.04 24.29 104.99
N ILE S 77 -52.16 23.03 105.39
CA ILE S 77 -53.47 22.41 105.51
C ILE S 77 -54.27 23.10 106.61
N ALA S 78 -53.64 23.37 107.74
CA ALA S 78 -54.34 24.00 108.85
C ALA S 78 -54.78 25.41 108.48
N GLY S 79 -53.94 26.16 107.78
CA GLY S 79 -54.31 27.50 107.38
C GLY S 79 -55.46 27.50 106.39
N GLU S 80 -55.41 26.60 105.41
CA GLU S 80 -56.51 26.51 104.47
C GLU S 80 -57.80 26.09 105.17
N ALA S 81 -57.70 25.18 106.13
CA ALA S 81 -58.87 24.76 106.88
C ALA S 81 -59.41 25.90 107.73
N SER S 82 -58.53 26.69 108.34
CA SER S 82 -58.95 27.85 109.10
C SER S 82 -59.67 28.85 108.20
N ARG S 83 -59.12 29.07 107.02
CA ARG S 83 -59.78 29.96 106.07
C ARG S 83 -61.16 29.43 105.72
N LEU S 84 -61.26 28.14 105.39
CA LEU S 84 -62.56 27.57 105.06
C LEU S 84 -63.55 27.72 106.22
N ALA S 85 -63.09 27.46 107.45
CA ALA S 85 -63.97 27.61 108.61
C ALA S 85 -64.45 29.04 108.77
N HIS S 86 -63.58 30.00 108.49
CA HIS S 86 -63.95 31.41 108.62
C HIS S 86 -64.87 31.83 107.48
N TYR S 87 -64.60 31.34 106.28
CA TYR S 87 -65.28 31.77 105.06
C TYR S 87 -66.77 31.54 105.21
N ASN S 88 -67.13 30.37 105.72
CA ASN S 88 -68.50 29.94 105.96
C ASN S 88 -69.07 30.50 107.25
N LYS S 89 -68.40 31.50 107.83
CA LYS S 89 -68.82 32.13 109.08
C LYS S 89 -68.99 31.09 110.18
N ARG S 90 -68.05 30.15 110.23
CA ARG S 90 -68.16 28.93 111.00
C ARG S 90 -67.08 28.99 112.07
N SER S 91 -67.34 28.40 113.24
CA SER S 91 -66.46 28.59 114.37
C SER S 91 -65.64 27.37 114.73
N THR S 92 -65.77 26.27 114.01
CA THR S 92 -65.12 25.03 114.39
C THR S 92 -64.44 24.42 113.17
N ILE S 93 -63.29 23.79 113.41
CA ILE S 93 -62.55 23.08 112.38
C ILE S 93 -62.87 21.60 112.51
N THR S 94 -63.66 21.08 111.58
CA THR S 94 -64.07 19.69 111.61
C THR S 94 -63.30 18.90 110.54
N SER S 95 -63.52 17.59 110.51
CA SER S 95 -62.86 16.77 109.50
C SER S 95 -63.28 17.16 108.09
N ARG S 96 -64.48 17.74 107.95
CA ARG S 96 -64.91 18.22 106.64
C ARG S 96 -64.00 19.33 106.13
N GLU S 97 -63.65 20.28 106.99
CA GLU S 97 -62.74 21.35 106.59
C GLU S 97 -61.37 20.79 106.22
N ILE S 98 -60.88 19.83 106.99
CA ILE S 98 -59.59 19.24 106.67
C ILE S 98 -59.64 18.55 105.32
N GLN S 99 -60.74 17.83 105.04
CA GLN S 99 -60.87 17.13 103.78
C GLN S 99 -60.92 18.11 102.62
N THR S 100 -61.69 19.19 102.77
CA THR S 100 -61.78 20.18 101.70
C THR S 100 -60.43 20.86 101.48
N ALA S 101 -59.72 21.18 102.55
CA ALA S 101 -58.41 21.80 102.41
C ALA S 101 -57.43 20.87 101.73
N VAL S 102 -57.53 19.57 102.03
CA VAL S 102 -56.67 18.60 101.36
C VAL S 102 -56.98 18.54 99.87
N ARG S 103 -58.27 18.56 99.52
CA ARG S 103 -58.64 18.59 98.11
C ARG S 103 -58.11 19.85 97.42
N LEU S 104 -58.21 21.00 98.09
CA LEU S 104 -57.74 22.25 97.50
C LEU S 104 -56.23 22.27 97.29
N LEU S 105 -55.46 21.80 98.27
CA LEU S 105 -54.01 21.94 98.20
C LEU S 105 -53.37 20.85 97.35
N LEU S 106 -53.69 19.60 97.61
CA LEU S 106 -52.93 18.57 96.95
C LEU S 106 -53.39 18.36 95.50
N PRO S 107 -52.49 17.93 94.62
CA PRO S 107 -52.88 17.60 93.25
C PRO S 107 -53.86 16.44 93.23
N GLY S 108 -54.53 16.27 92.08
CA GLY S 108 -55.68 15.39 91.99
C GLY S 108 -55.49 13.99 92.53
N GLU S 109 -54.58 13.22 91.95
CA GLU S 109 -54.42 11.83 92.38
C GLU S 109 -53.97 11.76 93.83
N LEU S 110 -53.02 12.62 94.21
CA LEU S 110 -52.58 12.66 95.59
C LEU S 110 -53.72 13.05 96.51
N ALA S 111 -54.55 14.02 96.10
CA ALA S 111 -55.67 14.40 96.95
C ALA S 111 -56.62 13.24 97.13
N LYS S 112 -56.85 12.48 96.05
CA LYS S 112 -57.77 11.35 96.10
C LYS S 112 -57.28 10.31 97.10
N HIS S 113 -56.01 9.91 96.98
CA HIS S 113 -55.46 8.94 97.92
C HIS S 113 -55.43 9.48 99.35
N ALA S 114 -55.09 10.76 99.51
CA ALA S 114 -55.05 11.34 100.85
C ALA S 114 -56.42 11.33 101.50
N VAL S 115 -57.46 11.64 100.73
CA VAL S 115 -58.82 11.61 101.25
C VAL S 115 -59.22 10.19 101.61
N SER S 116 -58.88 9.22 100.76
CA SER S 116 -59.17 7.82 101.08
C SER S 116 -58.53 7.44 102.41
N GLU S 117 -57.25 7.77 102.58
CA GLU S 117 -56.55 7.38 103.81
C GLU S 117 -57.12 8.07 105.03
N GLY S 118 -57.40 9.37 104.92
CA GLY S 118 -57.95 10.09 106.06
C GLY S 118 -59.33 9.62 106.44
N THR S 119 -60.20 9.40 105.45
CA THR S 119 -61.54 8.91 105.76
C THR S 119 -61.48 7.51 106.36
N LYS S 120 -60.59 6.66 105.86
CA LYS S 120 -60.42 5.34 106.48
C LYS S 120 -60.00 5.47 107.93
N ALA S 121 -59.04 6.36 108.21
CA ALA S 121 -58.55 6.51 109.58
C ALA S 121 -59.65 7.01 110.50
N VAL S 122 -60.42 8.02 110.06
CA VAL S 122 -61.48 8.54 110.93
C VAL S 122 -62.58 7.49 111.11
N THR S 123 -62.89 6.73 110.05
CA THR S 123 -63.84 5.64 110.16
C THR S 123 -63.41 4.64 111.23
N LYS S 124 -62.14 4.23 111.19
CA LYS S 124 -61.66 3.28 112.20
C LYS S 124 -61.70 3.90 113.59
N TYR S 125 -61.35 5.18 113.70
CA TYR S 125 -61.31 5.83 115.01
C TYR S 125 -62.69 5.93 115.63
N THR S 126 -63.70 6.28 114.85
CA THR S 126 -65.05 6.39 115.40
C THR S 126 -65.75 5.04 115.54
N SER S 127 -65.47 4.08 114.66
CA SER S 127 -66.02 2.74 114.79
C SER S 127 -65.58 2.08 116.09
N ALA S 128 -64.31 2.23 116.46
CA ALA S 128 -63.88 1.73 117.75
C ALA S 128 -64.21 2.75 118.85
N LYS S 129 -64.12 2.29 120.09
CA LYS S 129 -64.38 3.14 121.24
C LYS S 129 -63.85 2.50 122.52
N HIS T 43 -2.97 16.79 75.22
CA HIS T 43 -3.38 17.58 74.06
C HIS T 43 -4.51 18.55 74.43
N ARG T 44 -5.41 18.77 73.48
CA ARG T 44 -6.39 19.84 73.55
C ARG T 44 -7.78 19.25 73.41
N TYR T 45 -8.71 19.73 74.23
CA TYR T 45 -10.08 19.28 74.11
C TYR T 45 -10.81 20.17 73.11
N ARG T 46 -11.75 19.55 72.40
CA ARG T 46 -12.61 20.27 71.48
C ARG T 46 -13.32 21.36 72.29
N PRO T 47 -13.42 22.58 71.76
CA PRO T 47 -14.10 23.57 72.60
C PRO T 47 -15.53 23.19 72.91
N GLY T 48 -15.99 23.55 74.10
CA GLY T 48 -17.36 23.28 74.51
C GLY T 48 -17.55 21.91 75.13
N THR T 49 -16.62 20.98 74.88
CA THR T 49 -16.70 19.65 75.48
C THR T 49 -16.52 19.71 76.98
N VAL T 50 -15.47 20.40 77.45
CA VAL T 50 -15.24 20.54 78.88
C VAL T 50 -16.39 21.29 79.55
N ALA T 51 -17.04 22.20 78.83
CA ALA T 51 -18.22 22.85 79.37
C ALA T 51 -19.28 21.82 79.70
N LEU T 52 -19.54 20.90 78.78
CA LEU T 52 -20.53 19.84 79.01
C LEU T 52 -20.10 18.93 80.15
N ARG T 53 -18.82 18.57 80.20
CA ARG T 53 -18.35 17.71 81.29
C ARG T 53 -18.58 18.39 82.63
N GLU T 54 -18.33 19.70 82.71
CA GLU T 54 -18.53 20.40 83.96
C GLU T 54 -20.01 20.57 84.27
N ILE T 55 -20.86 20.71 83.25
CA ILE T 55 -22.29 20.74 83.48
C ILE T 55 -22.75 19.46 84.16
N ARG T 56 -22.34 18.32 83.61
CA ARG T 56 -22.70 17.04 84.22
C ARG T 56 -22.11 16.91 85.62
N ARG T 57 -20.86 17.33 85.79
CA ARG T 57 -20.20 17.21 87.09
C ARG T 57 -20.93 18.02 88.15
N TYR T 58 -21.34 19.23 87.82
CA TYR T 58 -21.96 20.09 88.82
C TYR T 58 -23.44 19.80 89.00
N GLN T 59 -24.12 19.23 88.00
CA GLN T 59 -25.48 18.79 88.25
C GLN T 59 -25.53 17.46 88.99
N LYS T 60 -24.45 16.69 88.98
CA LYS T 60 -24.42 15.44 89.74
C LYS T 60 -24.26 15.69 91.24
N SER T 61 -23.59 16.77 91.61
CA SER T 61 -23.20 17.01 93.00
C SER T 61 -24.21 17.91 93.70
N THR T 62 -23.91 18.22 94.97
CA THR T 62 -24.82 19.04 95.77
C THR T 62 -24.16 20.13 96.61
N GLU T 63 -22.84 20.20 96.70
CA GLU T 63 -22.18 21.13 97.60
C GLU T 63 -22.34 22.57 97.11
N LEU T 64 -21.99 23.51 97.99
CA LEU T 64 -22.10 24.92 97.68
C LEU T 64 -21.02 25.31 96.67
N LEU T 65 -21.40 26.15 95.70
CA LEU T 65 -20.50 26.56 94.63
C LEU T 65 -19.88 27.94 94.87
N ILE T 66 -20.26 28.64 95.93
CA ILE T 66 -19.68 29.92 96.29
C ILE T 66 -18.76 29.73 97.49
N ARG T 67 -17.61 30.41 97.46
CA ARG T 67 -16.69 30.36 98.59
C ARG T 67 -17.36 30.96 99.82
N LYS T 68 -17.22 30.28 100.95
CA LYS T 68 -18.04 30.63 102.12
C LYS T 68 -17.63 31.99 102.69
N LEU T 69 -16.35 32.30 102.69
CA LEU T 69 -15.89 33.49 103.40
C LEU T 69 -16.15 34.77 102.62
N PRO T 70 -15.92 34.82 101.30
CA PRO T 70 -16.38 36.00 100.56
C PRO T 70 -17.87 36.26 100.67
N PHE T 71 -18.69 35.22 100.64
CA PHE T 71 -20.13 35.43 100.80
C PHE T 71 -20.45 35.95 102.20
N GLN T 72 -19.79 35.41 103.22
CA GLN T 72 -20.03 35.90 104.58
C GLN T 72 -19.65 37.37 104.70
N ARG T 73 -18.51 37.74 104.13
CA ARG T 73 -18.11 39.15 104.16
C ARG T 73 -19.13 40.01 103.43
N LEU T 74 -19.61 39.56 102.28
CA LEU T 74 -20.61 40.33 101.54
C LEU T 74 -21.90 40.49 102.31
N VAL T 75 -22.39 39.43 102.95
CA VAL T 75 -23.63 39.56 103.71
C VAL T 75 -23.43 40.56 104.85
N ARG T 76 -22.31 40.47 105.56
CA ARG T 76 -22.08 41.40 106.66
C ARG T 76 -21.99 42.84 106.15
N GLU T 77 -21.31 43.03 105.02
CA GLU T 77 -21.20 44.36 104.43
C GLU T 77 -22.57 44.91 104.08
N ILE T 78 -23.41 44.08 103.44
CA ILE T 78 -24.73 44.53 103.04
C ILE T 78 -25.55 44.89 104.27
N ALA T 79 -25.53 44.03 105.29
CA ALA T 79 -26.32 44.29 106.49
C ALA T 79 -25.83 45.52 107.25
N GLN T 80 -24.56 45.92 107.06
CA GLN T 80 -24.08 47.13 107.74
C GLN T 80 -24.90 48.35 107.34
N ASP T 81 -25.43 48.37 106.13
CA ASP T 81 -26.23 49.50 105.69
C ASP T 81 -27.60 49.56 106.36
N PHE T 82 -28.10 48.45 106.90
CA PHE T 82 -29.44 48.46 107.48
C PHE T 82 -29.40 48.73 108.98
N LYS T 83 -28.70 47.89 109.72
CA LYS T 83 -28.40 48.13 111.13
C LYS T 83 -26.91 47.91 111.33
N THR T 84 -26.29 48.70 112.21
CA THR T 84 -24.86 48.58 112.45
C THR T 84 -24.53 47.63 113.59
N ASP T 85 -23.39 46.96 113.46
CA ASP T 85 -22.86 46.03 114.45
C ASP T 85 -23.81 44.86 114.72
N LEU T 86 -24.09 44.11 113.66
CA LEU T 86 -24.90 42.90 113.77
C LEU T 86 -23.99 41.69 113.88
N ARG T 87 -24.49 40.63 114.51
CA ARG T 87 -23.77 39.37 114.59
C ARG T 87 -24.59 38.29 113.91
N PHE T 88 -23.92 37.36 113.24
CA PHE T 88 -24.62 36.32 112.49
C PHE T 88 -24.19 34.96 113.02
N GLN T 89 -25.17 34.12 113.36
CA GLN T 89 -24.87 32.71 113.55
C GLN T 89 -24.40 32.11 112.23
N SER T 90 -23.54 31.10 112.32
CA SER T 90 -23.05 30.45 111.13
C SER T 90 -24.19 29.83 110.33
N SER T 91 -25.16 29.22 111.00
CA SER T 91 -26.29 28.64 110.27
C SER T 91 -27.08 29.70 109.52
N ALA T 92 -27.13 30.94 110.03
CA ALA T 92 -27.83 32.00 109.31
C ALA T 92 -27.16 32.26 107.96
N VAL T 93 -25.83 32.36 107.96
CA VAL T 93 -25.10 32.60 106.73
C VAL T 93 -25.22 31.39 105.81
N MET T 94 -25.22 30.18 106.39
CA MET T 94 -25.42 28.99 105.57
C MET T 94 -26.77 29.02 104.87
N ALA T 95 -27.82 29.41 105.59
CA ALA T 95 -29.14 29.49 104.98
C ALA T 95 -29.18 30.53 103.87
N LEU T 96 -28.58 31.69 104.10
CA LEU T 96 -28.55 32.72 103.07
C LEU T 96 -27.81 32.23 101.83
N GLN T 97 -26.68 31.55 102.04
CA GLN T 97 -25.90 31.06 100.91
C GLN T 97 -26.68 30.02 100.12
N GLU T 98 -27.36 29.10 100.81
CA GLU T 98 -28.13 28.08 100.11
C GLU T 98 -29.24 28.71 99.30
N ALA T 99 -29.97 29.67 99.89
CA ALA T 99 -31.06 30.31 99.16
C ALA T 99 -30.53 31.06 97.95
N CYS T 100 -29.43 31.80 98.10
CA CYS T 100 -28.90 32.57 96.99
C CYS T 100 -28.42 31.67 95.87
N GLU T 101 -27.74 30.57 96.21
CA GLU T 101 -27.26 29.67 95.18
C GLU T 101 -28.42 29.03 94.43
N ALA T 102 -29.47 28.62 95.15
CA ALA T 102 -30.63 28.05 94.48
C ALA T 102 -31.26 29.09 93.55
N TYR T 103 -31.39 30.32 94.01
CA TYR T 103 -31.97 31.37 93.19
C TYR T 103 -31.17 31.57 91.91
N LEU T 104 -29.84 31.65 92.04
CA LEU T 104 -29.00 31.91 90.88
C LEU T 104 -29.05 30.73 89.90
N VAL T 105 -29.11 29.50 90.41
CA VAL T 105 -29.19 28.35 89.53
C VAL T 105 -30.50 28.38 88.75
N GLY T 106 -31.62 28.68 89.43
CA GLY T 106 -32.88 28.81 88.71
C GLY T 106 -32.86 29.91 87.68
N LEU T 107 -32.25 31.04 88.03
CA LEU T 107 -32.14 32.16 87.09
C LEU T 107 -31.32 31.75 85.88
N PHE T 108 -30.27 30.95 86.08
CA PHE T 108 -29.46 30.52 84.95
C PHE T 108 -30.21 29.51 84.09
N GLU T 109 -31.08 28.70 84.70
CA GLU T 109 -31.94 27.82 83.93
C GLU T 109 -32.85 28.62 83.00
N ASP T 110 -33.51 29.65 83.54
CA ASP T 110 -34.35 30.48 82.69
C ASP T 110 -33.53 31.21 81.62
N THR T 111 -32.34 31.70 81.98
CA THR T 111 -31.48 32.37 81.02
C THR T 111 -31.08 31.42 79.90
N ASN T 112 -30.79 30.17 80.23
CA ASN T 112 -30.46 29.17 79.22
C ASN T 112 -31.64 28.94 78.29
N LEU T 113 -32.85 28.87 78.85
CA LEU T 113 -34.03 28.72 78.00
C LEU T 113 -34.14 29.88 77.03
N CYS T 114 -33.95 31.10 77.53
CA CYS T 114 -34.02 32.27 76.65
C CYS T 114 -32.97 32.22 75.57
N ALA T 115 -31.73 31.84 75.92
CA ALA T 115 -30.67 31.78 74.94
C ALA T 115 -30.96 30.76 73.85
N ILE T 116 -31.45 29.57 74.25
CA ILE T 116 -31.82 28.57 73.25
C ILE T 116 -32.94 29.10 72.36
N HIS T 117 -33.88 29.86 72.94
CA HIS T 117 -35.00 30.36 72.16
C HIS T 117 -34.54 31.28 71.04
N ALA T 118 -33.55 32.13 71.30
CA ALA T 118 -32.99 33.00 70.27
C ALA T 118 -32.04 32.27 69.34
N LYS T 119 -32.01 30.94 69.40
CA LYS T 119 -31.17 30.13 68.52
C LYS T 119 -29.69 30.45 68.73
N ARG T 120 -29.31 30.63 69.99
CA ARG T 120 -27.92 30.82 70.37
C ARG T 120 -27.49 29.70 71.31
N VAL T 121 -26.24 29.76 71.75
CA VAL T 121 -25.72 28.82 72.72
C VAL T 121 -25.10 29.62 73.87
N THR T 122 -24.68 30.84 73.56
CA THR T 122 -24.08 31.73 74.55
C THR T 122 -25.15 32.56 75.23
N ILE T 123 -25.11 32.57 76.57
CA ILE T 123 -26.04 33.41 77.33
C ILE T 123 -25.48 34.82 77.41
N MET T 124 -26.36 35.80 77.25
CA MET T 124 -26.02 37.22 77.16
C MET T 124 -26.86 37.98 78.17
N PRO T 125 -26.40 39.17 78.57
CA PRO T 125 -27.16 39.91 79.60
C PRO T 125 -28.60 40.19 79.21
N LYS T 126 -28.87 40.32 77.92
CA LYS T 126 -30.25 40.48 77.46
C LYS T 126 -31.09 39.27 77.83
N ASP T 127 -30.50 38.07 77.83
CA ASP T 127 -31.24 36.87 78.23
C ASP T 127 -31.62 36.92 79.69
N ILE T 128 -30.68 37.33 80.55
CA ILE T 128 -30.95 37.47 81.97
C ILE T 128 -32.05 38.50 82.19
N GLN T 129 -31.98 39.64 81.50
CA GLN T 129 -32.98 40.67 81.69
C GLN T 129 -34.36 40.18 81.25
N LEU T 130 -34.43 39.48 80.12
CA LEU T 130 -35.73 38.97 79.68
C LEU T 130 -36.29 37.94 80.65
N ALA T 131 -35.44 37.03 81.13
CA ALA T 131 -35.91 36.02 82.07
C ALA T 131 -36.40 36.65 83.36
N ARG T 132 -35.65 37.62 83.89
CA ARG T 132 -36.08 38.30 85.11
C ARG T 132 -37.35 39.10 84.89
N ARG T 133 -37.50 39.70 83.71
CA ARG T 133 -38.69 40.51 83.45
C ARG T 133 -39.94 39.62 83.37
N ILE T 134 -39.81 38.47 82.72
CA ILE T 134 -40.95 37.56 82.64
C ILE T 134 -41.26 36.98 84.02
N ARG T 135 -40.22 36.62 84.77
CA ARG T 135 -40.44 36.07 86.10
C ARG T 135 -41.19 37.04 87.00
N GLY T 136 -41.15 38.33 86.70
CA GLY T 136 -41.81 39.32 87.52
C GLY T 136 -40.93 39.99 88.55
N GLU T 137 -39.61 39.81 88.47
CA GLU T 137 -38.71 40.46 89.40
C GLU T 137 -38.31 41.85 88.91
N ARG T 138 -37.96 41.97 87.63
CA ARG T 138 -37.59 43.25 87.04
C ARG T 138 -38.84 43.94 86.52
N ALA T 139 -38.98 45.23 86.83
CA ALA T 139 -40.10 46.01 86.34
C ALA T 139 -40.16 45.99 84.81
N ASN U 29 -16.66 44.72 97.34
CA ASN U 29 -16.85 43.57 98.22
C ASN U 29 -17.79 42.55 97.57
N ILE U 30 -18.62 43.04 96.65
CA ILE U 30 -19.35 42.15 95.76
C ILE U 30 -18.41 41.35 94.87
N GLN U 31 -17.18 41.81 94.69
CA GLN U 31 -16.17 41.14 93.88
C GLN U 31 -15.71 39.83 94.47
N GLY U 32 -16.05 39.51 95.71
CA GLY U 32 -15.76 38.21 96.26
C GLY U 32 -16.45 37.08 95.52
N ILE U 33 -17.53 37.38 94.83
CA ILE U 33 -18.20 36.45 93.94
C ILE U 33 -17.46 36.41 92.60
N THR U 34 -16.46 35.55 92.52
CA THR U 34 -15.48 35.60 91.46
C THR U 34 -16.09 35.13 90.14
N LYS U 35 -15.30 35.23 89.07
CA LYS U 35 -15.73 34.72 87.78
C LYS U 35 -15.93 33.22 87.78
N PRO U 36 -15.00 32.40 88.29
CA PRO U 36 -15.26 30.95 88.33
C PRO U 36 -16.47 30.55 89.16
N ALA U 37 -16.78 31.27 90.24
CA ALA U 37 -17.96 30.93 91.03
C ALA U 37 -19.23 31.11 90.21
N ILE U 38 -19.35 32.22 89.49
CA ILE U 38 -20.51 32.43 88.64
C ILE U 38 -20.52 31.41 87.51
N ARG U 39 -19.34 31.06 87.00
CA ARG U 39 -19.26 30.03 85.96
C ARG U 39 -19.81 28.71 86.47
N ARG U 40 -19.45 28.31 87.69
CA ARG U 40 -19.96 27.08 88.27
C ARG U 40 -21.47 27.15 88.49
N LEU U 41 -21.96 28.28 88.99
CA LEU U 41 -23.40 28.42 89.19
C LEU U 41 -24.14 28.28 87.87
N ALA U 42 -23.60 28.84 86.79
CA ALA U 42 -24.22 28.70 85.49
C ALA U 42 -24.14 27.25 85.02
N ARG U 43 -23.03 26.57 85.28
CA ARG U 43 -22.89 25.18 84.88
C ARG U 43 -23.95 24.31 85.54
N ARG U 44 -24.22 24.53 86.83
CA ARG U 44 -25.30 23.78 87.47
C ARG U 44 -26.63 24.07 86.82
N GLY U 45 -26.78 25.23 86.19
CA GLY U 45 -27.99 25.55 85.47
C GLY U 45 -28.07 25.00 84.06
N GLY U 46 -27.06 24.26 83.61
CA GLY U 46 -27.08 23.70 82.27
C GLY U 46 -26.62 24.63 81.18
N VAL U 47 -25.82 25.64 81.50
CA VAL U 47 -25.38 26.63 80.52
C VAL U 47 -24.04 26.19 79.96
N LYS U 48 -23.96 26.14 78.63
CA LYS U 48 -22.76 25.64 77.95
C LYS U 48 -21.76 26.74 77.66
N ARG U 49 -22.21 27.91 77.22
CA ARG U 49 -21.32 28.98 76.82
C ARG U 49 -21.80 30.27 77.45
N ILE U 50 -20.89 31.04 78.04
CA ILE U 50 -21.25 32.21 78.84
C ILE U 50 -20.51 33.41 78.27
N SER U 51 -21.25 34.47 77.99
CA SER U 51 -20.65 35.71 77.50
C SER U 51 -19.86 36.41 78.59
N GLY U 52 -19.02 37.37 78.17
CA GLY U 52 -18.13 38.04 79.09
C GLY U 52 -18.81 39.08 79.95
N LEU U 53 -19.99 39.54 79.55
CA LEU U 53 -20.72 40.58 80.26
C LEU U 53 -21.70 39.99 81.27
N ILE U 54 -21.81 38.66 81.31
CA ILE U 54 -22.73 38.00 82.23
C ILE U 54 -22.37 38.32 83.67
N TYR U 55 -21.08 38.26 84.00
CA TYR U 55 -20.64 38.36 85.39
C TYR U 55 -21.11 39.65 86.08
N GLU U 56 -20.86 40.81 85.50
CA GLU U 56 -21.28 42.04 86.18
C GLU U 56 -22.81 42.13 86.31
N GLU U 57 -23.54 41.55 85.36
CA GLU U 57 -24.99 41.44 85.52
C GLU U 57 -25.32 40.51 86.69
N THR U 58 -24.72 39.33 86.72
CA THR U 58 -25.05 38.35 87.73
C THR U 58 -24.78 38.93 89.11
N ARG U 59 -23.60 39.53 89.27
CA ARG U 59 -23.28 40.19 90.54
C ARG U 59 -24.37 41.17 90.92
N GLY U 60 -24.76 42.04 89.98
CA GLY U 60 -25.85 42.97 90.28
C GLY U 60 -27.12 42.30 90.77
N VAL U 61 -27.64 41.35 90.01
CA VAL U 61 -28.86 40.64 90.40
C VAL U 61 -28.70 39.99 91.78
N LEU U 62 -27.62 39.24 91.97
CA LEU U 62 -27.42 38.56 93.25
C LEU U 62 -27.42 39.56 94.38
N LYS U 63 -26.70 40.67 94.22
CA LYS U 63 -26.62 41.69 95.26
C LYS U 63 -28.01 42.17 95.61
N VAL U 64 -28.81 42.45 94.58
CA VAL U 64 -30.19 42.90 94.80
C VAL U 64 -30.93 41.88 95.64
N PHE U 65 -30.87 40.61 95.23
CA PHE U 65 -31.55 39.53 95.95
C PHE U 65 -31.14 39.53 97.41
N LEU U 66 -29.83 39.60 97.66
CA LEU U 66 -29.35 39.53 99.03
C LEU U 66 -29.89 40.70 99.82
N GLU U 67 -29.90 41.90 99.23
CA GLU U 67 -30.42 43.05 99.96
C GLU U 67 -31.88 42.84 100.31
N ASN U 68 -32.63 42.20 99.40
CA ASN U 68 -34.06 42.00 99.62
C ASN U 68 -34.32 40.95 100.70
N VAL U 69 -33.38 40.03 100.88
CA VAL U 69 -33.56 38.99 101.89
C VAL U 69 -33.09 39.56 103.23
N ILE U 70 -31.85 40.03 103.26
CA ILE U 70 -31.22 40.52 104.48
C ILE U 70 -32.04 41.63 105.11
N ARG U 71 -32.54 42.58 104.31
CA ARG U 71 -33.42 43.60 104.86
C ARG U 71 -34.49 43.00 105.77
N ASP U 72 -35.30 42.10 105.22
CA ASP U 72 -36.36 41.46 105.98
C ASP U 72 -35.82 40.72 107.20
N ALA U 73 -34.75 39.93 107.01
CA ALA U 73 -34.16 39.20 108.14
C ALA U 73 -33.79 40.15 109.28
N VAL U 74 -33.10 41.24 108.95
CA VAL U 74 -32.70 42.23 109.94
C VAL U 74 -33.93 42.83 110.59
N THR U 75 -34.97 43.09 109.81
CA THR U 75 -36.20 43.63 110.38
C THR U 75 -36.78 42.69 111.42
N TYR U 76 -36.73 41.37 111.16
CA TYR U 76 -37.20 40.40 112.14
C TYR U 76 -36.32 40.42 113.39
N THR U 77 -35.02 40.62 113.19
CA THR U 77 -34.12 40.61 114.34
C THR U 77 -34.37 41.84 115.19
N GLU U 78 -34.44 43.01 114.57
CA GLU U 78 -34.65 44.24 115.32
C GLU U 78 -36.00 44.21 116.03
N HIS U 79 -37.01 43.62 115.40
CA HIS U 79 -38.30 43.48 116.06
C HIS U 79 -38.19 42.57 117.27
N ALA U 80 -37.30 41.59 117.23
CA ALA U 80 -37.19 40.64 118.32
C ALA U 80 -36.28 41.13 119.43
N LYS U 81 -35.92 42.41 119.43
CA LYS U 81 -35.05 43.03 120.44
C LYS U 81 -33.65 42.45 120.42
N ARG U 82 -33.38 41.54 119.48
CA ARG U 82 -32.09 40.87 119.46
C ARG U 82 -31.10 41.68 118.65
N LYS U 83 -29.83 41.31 118.76
CA LYS U 83 -28.77 41.89 117.96
C LYS U 83 -28.09 40.85 117.07
N THR U 84 -28.51 39.60 117.13
CA THR U 84 -27.93 38.51 116.37
C THR U 84 -28.96 38.01 115.37
N VAL U 85 -28.58 37.97 114.10
CA VAL U 85 -29.45 37.47 113.03
C VAL U 85 -29.38 35.94 113.04
N THR U 86 -30.49 35.30 113.38
CA THR U 86 -30.52 33.85 113.50
C THR U 86 -31.00 33.21 112.19
N ALA U 87 -30.65 31.93 112.02
CA ALA U 87 -31.04 31.21 110.82
C ALA U 87 -32.55 31.17 110.68
N MET U 88 -33.27 31.22 111.79
CA MET U 88 -34.72 31.20 111.73
C MET U 88 -35.23 32.50 111.11
N ASP U 89 -34.60 33.63 111.46
CA ASP U 89 -34.96 34.90 110.85
C ASP U 89 -34.79 34.83 109.34
N VAL U 90 -33.70 34.22 108.88
CA VAL U 90 -33.46 34.08 107.45
C VAL U 90 -34.51 33.19 106.82
N VAL U 91 -34.92 32.12 107.53
CA VAL U 91 -35.93 31.22 106.97
C VAL U 91 -37.25 31.95 106.77
N TYR U 92 -37.66 32.75 107.76
CA TYR U 92 -38.89 33.52 107.60
C TYR U 92 -38.74 34.60 106.54
N ALA U 93 -37.56 35.21 106.44
CA ALA U 93 -37.35 36.21 105.40
C ALA U 93 -37.44 35.59 104.01
N LEU U 94 -37.03 34.34 103.87
CA LEU U 94 -37.12 33.65 102.58
C LEU U 94 -38.56 33.25 102.27
N LYS U 95 -39.24 32.68 103.26
CA LYS U 95 -40.65 32.35 103.12
C LYS U 95 -41.49 33.59 102.82
N ARG U 96 -41.00 34.77 103.21
CA ARG U 96 -41.66 36.02 102.87
C ARG U 96 -41.84 36.18 101.36
N GLN U 97 -40.80 35.88 100.59
CA GLN U 97 -40.85 36.00 99.13
C GLN U 97 -41.37 34.76 98.43
N GLY U 98 -41.92 33.79 99.16
CA GLY U 98 -42.27 32.53 98.55
C GLY U 98 -41.07 31.72 98.11
N ARG U 99 -40.00 31.72 98.88
CA ARG U 99 -38.79 30.97 98.59
C ARG U 99 -38.52 29.96 99.69
N THR U 100 -39.57 29.27 100.11
CA THR U 100 -39.52 28.41 101.30
C THR U 100 -38.29 27.52 101.28
N LEU U 101 -37.62 27.44 102.43
CA LEU U 101 -36.35 26.74 102.54
C LEU U 101 -36.49 25.67 103.61
N TYR U 102 -36.18 24.43 103.25
CA TYR U 102 -36.27 23.30 104.14
C TYR U 102 -34.90 22.97 104.68
N GLY U 103 -34.83 22.64 105.97
CA GLY U 103 -33.62 22.09 106.55
C GLY U 103 -32.89 22.97 107.55
N PHE U 104 -33.47 24.09 107.98
CA PHE U 104 -32.81 24.98 108.93
C PHE U 104 -33.72 25.28 110.10
N GLY U 105 -34.41 24.28 110.61
CA GLY U 105 -35.28 24.46 111.76
C GLY U 105 -36.66 25.00 111.46
N GLY U 106 -37.01 25.17 110.19
CA GLY U 106 -38.34 25.64 109.82
C GLY U 106 -39.46 24.74 110.32
N ALA V 18 -68.34 61.88 124.61
CA ALA V 18 -67.72 60.75 123.92
C ALA V 18 -67.25 61.15 122.54
N LYS V 19 -65.94 61.19 122.35
CA LYS V 19 -65.33 61.46 121.06
C LYS V 19 -64.64 60.20 120.55
N THR V 20 -64.78 59.93 119.26
CA THR V 20 -64.32 58.66 118.72
C THR V 20 -62.80 58.60 118.66
N ARG V 21 -62.29 57.38 118.62
CA ARG V 21 -60.84 57.15 118.60
C ARG V 21 -60.20 57.74 117.36
N SER V 22 -60.87 57.64 116.22
CA SER V 22 -60.35 58.23 114.98
C SER V 22 -60.15 59.74 115.11
N SER V 23 -61.13 60.44 115.70
CA SER V 23 -60.98 61.87 115.88
C SER V 23 -59.80 62.20 116.79
N ARG V 24 -59.64 61.45 117.87
CA ARG V 24 -58.56 61.73 118.82
C ARG V 24 -57.19 61.49 118.20
N ALA V 25 -57.10 60.62 117.20
CA ALA V 25 -55.84 60.35 116.52
C ALA V 25 -55.66 61.17 115.25
N GLY V 26 -56.63 62.01 114.89
CA GLY V 26 -56.52 62.79 113.67
C GLY V 26 -56.57 61.98 112.39
N LEU V 27 -57.42 60.96 112.32
CA LEU V 27 -57.55 60.09 111.16
C LEU V 27 -58.96 60.16 110.62
N GLN V 28 -59.15 59.58 109.43
CA GLN V 28 -60.48 59.42 108.88
C GLN V 28 -60.94 57.98 108.80
N PHE V 29 -60.05 57.02 109.01
CA PHE V 29 -60.44 55.62 109.05
C PHE V 29 -60.91 55.21 110.45
N PRO V 30 -61.81 54.23 110.54
CA PRO V 30 -62.43 53.90 111.83
C PRO V 30 -61.51 53.05 112.69
N VAL V 31 -60.93 53.68 113.73
CA VAL V 31 -60.03 52.94 114.60
C VAL V 31 -60.76 51.85 115.36
N GLY V 32 -61.97 52.16 115.87
CA GLY V 32 -62.73 51.16 116.59
C GLY V 32 -63.08 49.96 115.73
N ARG V 33 -63.43 50.20 114.48
CA ARG V 33 -63.78 49.11 113.58
C ARG V 33 -62.58 48.23 113.26
N VAL V 34 -61.42 48.84 113.03
CA VAL V 34 -60.21 48.06 112.76
C VAL V 34 -59.85 47.23 113.99
N HIS V 35 -60.01 47.82 115.18
CA HIS V 35 -59.76 47.08 116.41
C HIS V 35 -60.71 45.89 116.53
N ARG V 36 -61.99 46.11 116.20
CA ARG V 36 -62.94 45.01 116.25
C ARG V 36 -62.58 43.90 115.28
N LEU V 37 -62.15 44.25 114.06
CA LEU V 37 -61.80 43.22 113.09
C LEU V 37 -60.58 42.44 113.55
N LEU V 38 -59.60 43.14 114.14
CA LEU V 38 -58.44 42.45 114.68
C LEU V 38 -58.86 41.48 115.77
N ARG V 39 -59.77 41.90 116.65
CA ARG V 39 -60.18 40.98 117.71
C ARG V 39 -60.93 39.80 117.11
N LYS V 40 -61.88 40.07 116.21
CA LYS V 40 -62.69 39.03 115.60
C LYS V 40 -62.06 38.53 114.30
N GLY V 41 -60.78 38.24 114.33
CA GLY V 41 -60.12 37.71 113.14
C GLY V 41 -59.13 36.66 113.54
N ASN V 42 -59.06 36.40 114.86
CA ASN V 42 -58.16 35.42 115.44
C ASN V 42 -56.72 35.59 114.94
N TYR V 43 -56.22 36.82 115.03
CA TYR V 43 -54.80 37.00 114.78
C TYR V 43 -53.97 36.75 116.03
N SER V 44 -54.49 37.14 117.19
CA SER V 44 -53.83 36.87 118.46
C SER V 44 -54.89 36.91 119.55
N GLU V 45 -54.51 36.43 120.73
CA GLU V 45 -55.46 36.42 121.84
C GLU V 45 -55.74 37.84 122.34
N ARG V 46 -54.76 38.72 122.24
CA ARG V 46 -54.85 40.05 122.82
C ARG V 46 -54.33 41.06 121.79
N VAL V 47 -54.88 42.27 121.83
CA VAL V 47 -54.54 43.32 120.88
C VAL V 47 -54.24 44.60 121.65
N GLY V 48 -53.07 45.18 121.40
CA GLY V 48 -52.67 46.40 122.09
C GLY V 48 -53.53 47.57 121.67
N ALA V 49 -53.41 48.66 122.45
CA ALA V 49 -54.22 49.84 122.19
C ALA V 49 -53.76 50.58 120.93
N GLY V 50 -52.45 50.69 120.72
CA GLY V 50 -51.95 51.43 119.57
C GLY V 50 -51.94 50.69 118.26
N ALA V 51 -52.17 49.38 118.26
CA ALA V 51 -52.18 48.62 117.01
C ALA V 51 -53.27 49.07 116.06
N PRO V 52 -54.55 49.18 116.46
CA PRO V 52 -55.55 49.67 115.50
C PRO V 52 -55.30 51.08 115.03
N VAL V 53 -54.78 51.97 115.90
CA VAL V 53 -54.48 53.32 115.48
C VAL V 53 -53.41 53.32 114.40
N TYR V 54 -52.34 52.56 114.62
CA TYR V 54 -51.25 52.51 113.64
C TYR V 54 -51.74 51.94 112.33
N LEU V 55 -52.55 50.86 112.39
CA LEU V 55 -53.04 50.23 111.18
C LEU V 55 -53.97 51.15 110.41
N ALA V 56 -54.85 51.86 111.11
CA ALA V 56 -55.75 52.78 110.45
C ALA V 56 -54.99 53.92 109.80
N ALA V 57 -53.95 54.42 110.46
CA ALA V 57 -53.15 55.47 109.85
C ALA V 57 -52.47 54.98 108.58
N VAL V 58 -51.92 53.76 108.60
CA VAL V 58 -51.26 53.23 107.40
C VAL V 58 -52.26 53.04 106.27
N LEU V 59 -53.42 52.47 106.56
CA LEU V 59 -54.43 52.25 105.54
C LEU V 59 -54.89 53.58 104.95
N GLU V 60 -55.11 54.58 105.79
CA GLU V 60 -55.53 55.89 105.31
C GLU V 60 -54.46 56.50 104.41
N TYR V 61 -53.19 56.35 104.79
CA TYR V 61 -52.14 56.91 103.95
C TYR V 61 -52.10 56.25 102.58
N LEU V 62 -52.20 54.91 102.53
CA LEU V 62 -52.16 54.24 101.22
C LEU V 62 -53.35 54.61 100.36
N THR V 63 -54.55 54.65 100.96
CA THR V 63 -55.72 55.06 100.21
C THR V 63 -55.58 56.49 99.69
N ALA V 64 -55.03 57.39 100.51
CA ALA V 64 -54.84 58.77 100.08
C ALA V 64 -53.86 58.86 98.92
N GLU V 65 -52.78 58.09 98.98
CA GLU V 65 -51.81 58.09 97.86
C GLU V 65 -52.47 57.64 96.56
N ILE V 66 -53.18 56.50 96.61
CA ILE V 66 -53.77 55.98 95.37
C ILE V 66 -54.82 56.94 94.84
N LEU V 67 -55.62 57.53 95.72
CA LEU V 67 -56.66 58.45 95.25
C LEU V 67 -56.05 59.72 94.68
N GLU V 68 -54.98 60.23 95.28
CA GLU V 68 -54.18 61.27 94.64
C GLU V 68 -53.86 60.91 93.20
N LEU V 69 -53.14 59.80 93.01
CA LEU V 69 -52.62 59.48 91.69
C LEU V 69 -53.75 59.25 90.69
N ALA V 70 -54.83 58.60 91.15
CA ALA V 70 -55.95 58.32 90.26
C ALA V 70 -56.68 59.60 89.87
N GLY V 71 -56.84 60.53 90.81
CA GLY V 71 -57.43 61.82 90.47
C GLY V 71 -56.59 62.57 89.45
N ASN V 72 -55.27 62.53 89.63
CA ASN V 72 -54.41 63.18 88.65
C ASN V 72 -54.58 62.54 87.28
N ALA V 73 -54.60 61.21 87.22
CA ALA V 73 -54.77 60.53 85.94
C ALA V 73 -56.12 60.85 85.31
N ALA V 74 -57.17 60.92 86.12
CA ALA V 74 -58.49 61.27 85.58
C ALA V 74 -58.50 62.68 85.03
N ARG V 75 -57.86 63.63 85.73
CA ARG V 75 -57.80 64.99 85.23
C ARG V 75 -56.97 65.06 83.96
N ASP V 76 -56.00 64.16 83.82
CA ASP V 76 -55.19 64.08 82.61
C ASP V 76 -56.03 63.65 81.41
N ASN V 77 -57.21 63.06 81.64
CA ASN V 77 -58.09 62.62 80.57
C ASN V 77 -59.36 63.46 80.49
N LYS V 78 -59.36 64.65 81.06
CA LYS V 78 -60.54 65.54 81.06
C LYS V 78 -61.75 64.83 81.66
N LYS V 79 -61.51 64.02 82.69
CA LYS V 79 -62.55 63.26 83.36
C LYS V 79 -62.63 63.73 84.80
N THR V 80 -63.84 63.95 85.31
CA THR V 80 -64.01 64.39 86.69
C THR V 80 -64.37 63.26 87.64
N ARG V 81 -64.51 62.04 87.15
CA ARG V 81 -64.75 60.87 87.98
C ARG V 81 -63.64 59.85 87.76
N ILE V 82 -63.33 59.09 88.81
CA ILE V 82 -62.30 58.08 88.74
C ILE V 82 -62.95 56.75 88.40
N ILE V 83 -62.41 56.07 87.41
CA ILE V 83 -62.91 54.78 86.96
C ILE V 83 -61.78 53.78 87.07
N PRO V 84 -62.08 52.47 87.06
CA PRO V 84 -61.01 51.48 87.22
C PRO V 84 -59.85 51.68 86.26
N ARG V 85 -60.10 52.18 85.06
CA ARG V 85 -59.00 52.47 84.14
C ARG V 85 -58.02 53.46 84.73
N HIS V 86 -58.55 54.50 85.40
CA HIS V 86 -57.68 55.50 86.02
C HIS V 86 -56.90 54.90 87.18
N LEU V 87 -57.53 54.04 87.98
CA LEU V 87 -56.82 53.38 89.06
C LEU V 87 -55.71 52.50 88.52
N GLN V 88 -55.98 51.78 87.43
CA GLN V 88 -54.94 50.96 86.82
C GLN V 88 -53.79 51.82 86.32
N LEU V 89 -54.09 52.94 85.67
CA LEU V 89 -53.01 53.80 85.18
C LEU V 89 -52.20 54.36 86.34
N ALA V 90 -52.87 54.75 87.43
CA ALA V 90 -52.18 55.27 88.60
C ALA V 90 -51.27 54.22 89.21
N ILE V 91 -51.77 52.99 89.34
CA ILE V 91 -50.99 51.95 89.98
C ILE V 91 -49.81 51.56 89.09
N ARG V 92 -50.07 51.30 87.81
CA ARG V 92 -49.05 50.80 86.92
C ARG V 92 -48.00 51.86 86.58
N ASN V 93 -48.30 53.15 86.83
CA ASN V 93 -47.33 54.18 86.53
C ASN V 93 -46.43 54.53 87.70
N ASP V 94 -46.82 54.16 88.92
CA ASP V 94 -46.04 54.44 90.11
C ASP V 94 -45.31 53.16 90.51
N GLU V 95 -43.98 53.21 90.57
CA GLU V 95 -43.22 51.98 90.63
C GLU V 95 -43.36 51.28 91.98
N GLU V 96 -43.45 52.04 93.07
CA GLU V 96 -43.59 51.39 94.37
C GLU V 96 -45.02 50.87 94.58
N LEU V 97 -46.02 51.60 94.09
CA LEU V 97 -47.37 51.06 94.09
C LEU V 97 -47.47 49.85 93.17
N ASN V 98 -46.80 49.90 92.02
CA ASN V 98 -46.80 48.76 91.12
C ASN V 98 -46.19 47.54 91.78
N LYS V 99 -45.10 47.73 92.51
CA LYS V 99 -44.52 46.63 93.27
C LYS V 99 -45.50 46.10 94.31
N LEU V 100 -46.19 47.01 95.03
CA LEU V 100 -47.13 46.58 96.05
C LEU V 100 -48.29 45.80 95.44
N LEU V 101 -48.95 46.38 94.44
CA LEU V 101 -50.07 45.73 93.75
C LEU V 101 -49.61 45.12 92.44
N GLY V 102 -48.64 44.22 92.52
CA GLY V 102 -48.10 43.62 91.32
C GLY V 102 -48.85 42.40 90.85
N ARG V 103 -49.24 41.54 91.80
CA ARG V 103 -49.97 40.32 91.49
C ARG V 103 -51.48 40.54 91.45
N VAL V 104 -51.93 41.78 91.31
CA VAL V 104 -53.34 42.12 91.40
C VAL V 104 -53.84 42.52 90.03
N THR V 105 -54.98 41.96 89.62
CA THR V 105 -55.64 42.34 88.39
C THR V 105 -56.91 43.12 88.72
N ILE V 106 -57.19 44.15 87.95
CA ILE V 106 -58.25 45.09 88.23
C ILE V 106 -59.31 44.94 87.15
N ALA V 107 -60.52 44.59 87.57
CA ALA V 107 -61.61 44.43 86.60
C ALA V 107 -61.81 45.72 85.81
N GLN V 108 -62.06 45.57 84.51
CA GLN V 108 -62.26 46.71 83.61
C GLN V 108 -61.08 47.66 83.65
N GLY V 109 -59.88 47.13 83.86
CA GLY V 109 -58.72 47.97 84.03
C GLY V 109 -57.95 48.22 82.75
N GLY V 110 -57.93 47.23 81.86
CA GLY V 110 -57.10 47.43 80.69
C GLY V 110 -55.62 47.31 81.04
N VAL V 111 -54.80 47.83 80.13
CA VAL V 111 -53.36 47.80 80.26
C VAL V 111 -52.81 49.18 79.92
N LEU V 112 -51.54 49.39 80.23
CA LEU V 112 -50.87 50.63 79.84
C LEU V 112 -50.65 50.66 78.34
N PRO V 113 -50.86 51.81 77.70
CA PRO V 113 -50.48 51.93 76.29
C PRO V 113 -48.97 51.76 76.18
N ASN V 114 -48.56 50.73 75.44
CA ASN V 114 -47.14 50.41 75.32
C ASN V 114 -46.95 49.60 74.04
N ILE V 115 -46.10 50.10 73.15
CA ILE V 115 -45.74 49.39 71.94
C ILE V 115 -44.23 49.31 71.88
N GLN V 116 -43.71 48.11 71.60
CA GLN V 116 -42.27 47.94 71.51
C GLN V 116 -41.72 48.75 70.35
N ALA V 117 -40.56 49.38 70.56
CA ALA V 117 -39.96 50.22 69.53
C ALA V 117 -39.59 49.44 68.28
N VAL V 118 -39.44 48.11 68.38
CA VAL V 118 -39.13 47.30 67.22
C VAL V 118 -40.32 47.25 66.27
N LEU V 119 -41.54 47.19 66.82
CA LEU V 119 -42.71 47.02 65.96
C LEU V 119 -43.07 48.29 65.20
N LEU V 120 -42.57 49.45 65.64
CA LEU V 120 -42.88 50.69 64.94
C LEU V 120 -42.13 50.75 63.62
N PRO V 121 -42.72 51.32 62.57
CA PRO V 121 -42.03 51.35 61.27
C PRO V 121 -40.85 52.29 61.30
N LYS V 122 -39.87 52.00 60.44
CA LYS V 122 -38.69 52.84 60.29
C LYS V 122 -39.02 54.11 59.51
N SER W 36 -79.80 42.17 105.65
CA SER W 36 -78.63 42.00 106.52
C SER W 36 -77.63 43.13 106.33
N ARG W 37 -77.00 43.54 107.42
CA ARG W 37 -76.04 44.64 107.36
C ARG W 37 -74.84 44.26 106.50
N LYS W 38 -74.23 45.26 105.87
CA LYS W 38 -73.06 45.04 105.04
C LYS W 38 -71.95 45.99 105.44
N GLU W 39 -70.73 45.47 105.38
CA GLU W 39 -69.52 46.19 105.80
C GLU W 39 -68.77 46.74 104.60
N SER W 40 -68.36 48.01 104.69
CA SER W 40 -67.57 48.62 103.62
C SER W 40 -66.74 49.75 104.19
N TYR W 41 -65.72 50.15 103.42
CA TYR W 41 -64.96 51.36 103.68
C TYR W 41 -65.31 52.47 102.69
N SER W 42 -66.55 52.48 102.18
CA SER W 42 -66.91 53.42 101.14
C SER W 42 -66.81 54.86 101.63
N ILE W 43 -67.46 55.16 102.76
CA ILE W 43 -67.53 56.54 103.19
C ILE W 43 -66.16 57.07 103.59
N TYR W 44 -65.31 56.24 104.19
CA TYR W 44 -63.99 56.70 104.57
C TYR W 44 -63.12 56.98 103.34
N VAL W 45 -63.17 56.11 102.34
CA VAL W 45 -62.45 56.36 101.11
C VAL W 45 -62.94 57.65 100.45
N TYR W 46 -64.26 57.88 100.46
CA TYR W 46 -64.77 59.09 99.84
C TYR W 46 -64.30 60.33 100.61
N LYS W 47 -64.28 60.26 101.94
CA LYS W 47 -63.77 61.38 102.74
C LYS W 47 -62.30 61.65 102.42
N VAL W 48 -61.50 60.59 102.36
CA VAL W 48 -60.08 60.76 102.05
C VAL W 48 -59.90 61.40 100.67
N LEU W 49 -60.67 60.94 99.69
CA LEU W 49 -60.58 61.51 98.35
C LEU W 49 -60.91 62.99 98.37
N LYS W 50 -62.01 63.35 99.05
CA LYS W 50 -62.35 64.77 99.21
C LYS W 50 -61.25 65.54 99.91
N GLN W 51 -60.54 64.91 100.85
CA GLN W 51 -59.39 65.57 101.44
C GLN W 51 -58.26 65.74 100.44
N VAL W 52 -58.19 64.89 99.42
CA VAL W 52 -57.06 64.95 98.49
C VAL W 52 -57.41 65.78 97.24
N HIS W 53 -58.52 65.45 96.57
CA HIS W 53 -58.96 66.14 95.36
C HIS W 53 -60.38 66.65 95.57
N PRO W 54 -60.55 67.82 96.19
CA PRO W 54 -61.90 68.23 96.64
C PRO W 54 -62.97 68.40 95.57
N ASP W 55 -62.67 68.22 94.29
CA ASP W 55 -63.69 68.43 93.26
C ASP W 55 -63.80 67.26 92.27
N THR W 56 -63.42 66.07 92.69
CA THR W 56 -63.43 64.89 91.83
C THR W 56 -64.30 63.81 92.46
N GLY W 57 -65.19 63.20 91.68
CA GLY W 57 -66.00 62.10 92.15
C GLY W 57 -65.40 60.76 91.78
N ILE W 58 -66.11 59.70 92.17
CA ILE W 58 -65.62 58.35 91.96
C ILE W 58 -66.79 57.42 91.66
N SER W 59 -66.59 56.52 90.69
CA SER W 59 -67.59 55.56 90.30
C SER W 59 -67.90 54.58 91.43
N SER W 60 -69.00 53.84 91.27
CA SER W 60 -69.29 52.73 92.18
C SER W 60 -68.32 51.57 91.97
N LYS W 61 -67.96 51.28 90.72
CA LYS W 61 -66.99 50.21 90.44
C LYS W 61 -65.63 50.54 91.06
N ALA W 62 -65.20 51.79 90.93
CA ALA W 62 -63.92 52.16 91.52
C ALA W 62 -63.99 52.11 93.04
N MET W 63 -65.16 52.42 93.64
CA MET W 63 -65.26 52.26 95.08
C MET W 63 -65.20 50.79 95.48
N GLY W 64 -65.77 49.91 94.66
CA GLY W 64 -65.61 48.48 94.91
C GLY W 64 -64.16 48.04 94.89
N ILE W 65 -63.41 48.54 93.91
CA ILE W 65 -62.00 48.19 93.83
C ILE W 65 -61.23 48.75 95.01
N MET W 66 -61.53 49.99 95.42
CA MET W 66 -60.82 50.57 96.55
C MET W 66 -61.13 49.81 97.85
N ASN W 67 -62.38 49.37 98.00
CA ASN W 67 -62.73 48.55 99.15
C ASN W 67 -61.96 47.25 99.15
N SER W 68 -61.88 46.59 97.99
CA SER W 68 -61.13 45.35 97.91
C SER W 68 -59.67 45.57 98.25
N PHE W 69 -59.08 46.66 97.76
CA PHE W 69 -57.68 46.93 98.02
C PHE W 69 -57.44 47.17 99.50
N VAL W 70 -58.30 47.97 100.14
CA VAL W 70 -58.14 48.24 101.56
C VAL W 70 -58.21 46.95 102.35
N ASN W 71 -59.20 46.11 102.03
CA ASN W 71 -59.31 44.81 102.70
C ASN W 71 -58.03 44.01 102.52
N ASP W 72 -57.60 43.83 101.26
CA ASP W 72 -56.44 42.99 100.99
C ASP W 72 -55.24 43.45 101.79
N ILE W 73 -54.95 44.76 101.78
CA ILE W 73 -53.82 45.29 102.55
C ILE W 73 -54.02 45.06 104.04
N PHE W 74 -55.26 45.20 104.52
CA PHE W 74 -55.55 44.97 105.92
C PHE W 74 -55.18 43.55 106.31
N GLU W 75 -55.62 42.58 105.50
CA GLU W 75 -55.33 41.19 105.80
C GLU W 75 -53.84 40.91 105.72
N ARG W 76 -53.15 41.50 104.73
CA ARG W 76 -51.70 41.32 104.64
C ARG W 76 -51.03 41.77 105.94
N ILE W 77 -51.32 43.00 106.37
CA ILE W 77 -50.67 43.56 107.55
C ILE W 77 -51.03 42.76 108.79
N ALA W 78 -52.31 42.44 108.96
CA ALA W 78 -52.74 41.78 110.18
C ALA W 78 -52.19 40.37 110.25
N GLY W 79 -52.19 39.65 109.12
CA GLY W 79 -51.59 38.33 109.10
C GLY W 79 -50.11 38.35 109.39
N GLU W 80 -49.39 39.31 108.81
CA GLU W 80 -47.96 39.40 109.09
C GLU W 80 -47.71 39.73 110.57
N ALA W 81 -48.52 40.63 111.13
CA ALA W 81 -48.36 40.98 112.54
C ALA W 81 -48.66 39.78 113.44
N SER W 82 -49.70 39.02 113.11
CA SER W 82 -50.00 37.81 113.88
C SER W 82 -48.86 36.81 113.80
N ARG W 83 -48.30 36.65 112.61
CA ARG W 83 -47.15 35.77 112.43
C ARG W 83 -46.00 36.21 113.32
N LEU W 84 -45.63 37.49 113.24
CA LEU W 84 -44.56 38.01 114.07
C LEU W 84 -44.82 37.75 115.54
N ALA W 85 -46.05 37.97 115.98
CA ALA W 85 -46.37 37.79 117.39
C ALA W 85 -46.23 36.33 117.81
N HIS W 86 -46.73 35.40 117.00
CA HIS W 86 -46.64 34.01 117.42
C HIS W 86 -45.23 33.46 117.28
N TYR W 87 -44.41 34.03 116.41
CA TYR W 87 -43.06 33.51 116.27
C TYR W 87 -42.05 34.23 117.16
N ASN W 88 -42.51 35.23 117.93
CA ASN W 88 -41.75 35.75 119.06
C ASN W 88 -42.31 35.25 120.38
N LYS W 89 -43.16 34.22 120.34
CA LYS W 89 -43.79 33.64 121.52
C LYS W 89 -44.53 34.70 122.31
N ARG W 90 -45.04 35.71 121.61
CA ARG W 90 -45.62 36.90 122.19
C ARG W 90 -47.11 36.90 121.91
N SER W 91 -47.89 37.42 122.86
CA SER W 91 -49.33 37.15 122.86
C SER W 91 -50.20 38.33 122.48
N THR W 92 -49.68 39.56 122.53
CA THR W 92 -50.45 40.73 122.14
C THR W 92 -49.96 41.28 120.81
N ILE W 93 -50.88 41.91 120.08
CA ILE W 93 -50.54 42.69 118.90
C ILE W 93 -50.49 44.16 119.33
N THR W 94 -49.29 44.72 119.41
CA THR W 94 -49.11 46.12 119.77
C THR W 94 -48.76 46.93 118.53
N SER W 95 -48.63 48.23 118.69
CA SER W 95 -48.31 49.09 117.56
C SER W 95 -46.96 48.71 116.97
N ARG W 96 -46.07 48.16 117.78
CA ARG W 96 -44.76 47.75 117.30
C ARG W 96 -44.87 46.62 116.29
N GLU W 97 -45.77 45.68 116.54
CA GLU W 97 -45.99 44.59 115.59
C GLU W 97 -46.50 45.15 114.27
N ILE W 98 -47.42 46.12 114.33
CA ILE W 98 -47.94 46.73 113.12
C ILE W 98 -46.83 47.44 112.36
N GLN W 99 -45.96 48.15 113.08
CA GLN W 99 -44.88 48.88 112.43
C GLN W 99 -43.90 47.93 111.73
N THR W 100 -43.53 46.84 112.40
CA THR W 100 -42.65 45.87 111.77
C THR W 100 -43.31 45.25 110.54
N ALA W 101 -44.61 44.97 110.63
CA ALA W 101 -45.32 44.42 109.49
C ALA W 101 -45.32 45.41 108.34
N VAL W 102 -45.47 46.70 108.64
CA VAL W 102 -45.42 47.72 107.59
C VAL W 102 -44.06 47.74 106.92
N ARG W 103 -42.97 47.70 107.70
CA ARG W 103 -41.66 47.64 107.05
C ARG W 103 -41.53 46.41 106.17
N LEU W 104 -42.09 45.28 106.60
CA LEU W 104 -41.96 44.08 105.79
C LEU W 104 -42.78 44.16 104.51
N LEU W 105 -43.99 44.71 104.58
CA LEU W 105 -44.89 44.72 103.42
C LEU W 105 -44.62 45.87 102.46
N LEU W 106 -44.28 47.04 102.97
CA LEU W 106 -44.31 48.14 102.01
C LEU W 106 -42.93 48.42 101.43
N PRO W 107 -42.90 48.80 100.15
CA PRO W 107 -41.63 49.23 99.54
C PRO W 107 -41.07 50.47 100.20
N GLY W 108 -39.84 50.81 99.81
CA GLY W 108 -39.00 51.74 100.55
C GLY W 108 -39.63 53.06 100.96
N GLU W 109 -39.87 53.95 99.99
CA GLU W 109 -40.37 55.28 100.35
C GLU W 109 -41.77 55.19 100.94
N LEU W 110 -42.59 54.28 100.41
CA LEU W 110 -43.92 54.09 100.96
C LEU W 110 -43.86 53.62 102.39
N ALA W 111 -42.96 52.69 102.71
CA ALA W 111 -42.82 52.25 104.08
C ALA W 111 -42.33 53.38 104.98
N LYS W 112 -41.37 54.17 104.50
CA LYS W 112 -40.91 55.32 105.28
C LYS W 112 -42.06 56.24 105.65
N HIS W 113 -42.83 56.67 104.64
CA HIS W 113 -43.91 57.63 104.91
C HIS W 113 -45.01 57.00 105.75
N ALA W 114 -45.33 55.73 105.50
CA ALA W 114 -46.38 55.08 106.27
C ALA W 114 -45.97 54.96 107.73
N VAL W 115 -44.72 54.62 107.98
CA VAL W 115 -44.22 54.55 109.36
C VAL W 115 -44.28 55.92 110.01
N SER W 116 -43.92 56.97 109.25
CA SER W 116 -44.03 58.33 109.78
C SER W 116 -45.46 58.66 110.19
N GLU W 117 -46.42 58.35 109.31
CA GLU W 117 -47.82 58.64 109.62
C GLU W 117 -48.31 57.83 110.81
N GLY W 118 -47.94 56.55 110.88
CA GLY W 118 -48.37 55.72 111.99
C GLY W 118 -47.80 56.23 113.30
N THR W 119 -46.51 56.58 113.33
CA THR W 119 -45.92 57.12 114.54
C THR W 119 -46.59 58.43 114.93
N LYS W 120 -46.85 59.29 113.95
CA LYS W 120 -47.54 60.55 114.24
C LYS W 120 -48.89 60.29 114.88
N ALA W 121 -49.65 59.35 114.31
CA ALA W 121 -50.98 59.07 114.82
C ALA W 121 -50.94 58.49 116.22
N VAL W 122 -50.00 57.56 116.48
CA VAL W 122 -49.92 56.98 117.82
C VAL W 122 -49.52 58.05 118.84
N THR W 123 -48.56 58.93 118.47
CA THR W 123 -48.16 60.00 119.37
C THR W 123 -49.31 60.92 119.70
N LYS W 124 -50.04 61.38 118.67
CA LYS W 124 -51.17 62.26 118.91
C LYS W 124 -52.25 61.57 119.73
N TYR W 125 -52.53 60.30 119.43
CA TYR W 125 -53.58 59.58 120.14
C TYR W 125 -53.25 59.44 121.62
N THR W 126 -51.99 59.12 121.94
CA THR W 126 -51.61 58.94 123.33
C THR W 126 -51.44 60.27 124.06
N SER W 127 -51.06 61.34 123.36
CA SER W 127 -50.90 62.62 124.02
C SER W 127 -52.23 63.12 124.57
N ALA W 128 -53.31 62.96 123.80
CA ALA W 128 -54.63 63.39 124.25
C ALA W 128 -55.33 62.28 125.02
N PRO X 38 -15.21 56.52 36.81
CA PRO X 38 -15.10 55.21 36.17
C PRO X 38 -16.25 54.29 36.55
N PRO X 39 -16.79 53.55 35.59
CA PRO X 39 -17.89 52.64 35.88
C PRO X 39 -17.52 51.51 36.84
N VAL X 40 -18.48 51.16 37.69
CA VAL X 40 -18.36 50.18 38.77
C VAL X 40 -17.95 48.80 38.29
N SER X 41 -18.26 48.44 37.04
CA SER X 41 -17.78 47.18 36.48
C SER X 41 -16.26 47.09 36.43
N GLU X 42 -15.57 48.18 36.10
CA GLU X 42 -14.10 48.14 36.19
C GLU X 42 -13.63 48.03 37.64
N LEU X 43 -14.19 48.84 38.54
CA LEU X 43 -13.76 48.80 39.94
C LEU X 43 -13.94 47.40 40.53
N ILE X 44 -15.07 46.75 40.24
CA ILE X 44 -15.31 45.37 40.66
C ILE X 44 -14.31 44.41 40.01
N THR X 45 -14.07 44.56 38.71
CA THR X 45 -13.15 43.63 38.04
C THR X 45 -11.74 43.78 38.61
N LYS X 46 -11.31 45.01 38.85
CA LYS X 46 -10.01 45.30 39.46
C LYS X 46 -9.92 44.73 40.87
N ALA X 47 -10.96 44.91 41.69
CA ALA X 47 -10.98 44.32 43.03
C ALA X 47 -10.93 42.80 43.01
N VAL X 48 -11.63 42.17 42.07
CA VAL X 48 -11.58 40.71 41.97
C VAL X 48 -10.22 40.24 41.45
N ALA X 49 -9.57 41.04 40.60
CA ALA X 49 -8.22 40.71 40.13
C ALA X 49 -7.17 40.90 41.21
N ALA X 50 -7.29 41.96 42.00
CA ALA X 50 -6.34 42.19 43.09
C ALA X 50 -6.46 41.16 44.19
N SER X 51 -7.66 40.67 44.48
CA SER X 51 -7.85 39.67 45.52
C SER X 51 -7.97 38.24 44.96
N LYS X 52 -7.55 38.03 43.70
CA LYS X 52 -7.59 36.73 43.06
C LYS X 52 -7.17 35.62 44.01
N GLU X 53 -7.89 34.50 43.97
CA GLU X 53 -7.67 33.35 44.85
C GLU X 53 -8.33 32.13 44.20
N ARG X 54 -8.52 31.07 44.99
CA ARG X 54 -9.19 29.86 44.53
C ARG X 54 -10.62 29.75 45.06
N SER X 55 -10.98 30.56 46.04
CA SER X 55 -12.33 30.58 46.57
C SER X 55 -13.15 31.61 45.81
N GLY X 56 -12.88 32.89 46.05
CA GLY X 56 -13.58 33.95 45.38
C GLY X 56 -14.04 35.04 46.30
N VAL X 57 -13.70 36.29 45.97
CA VAL X 57 -14.13 37.48 46.70
C VAL X 57 -15.63 37.40 46.98
N SER X 58 -15.99 37.50 48.26
CA SER X 58 -17.38 37.65 48.65
C SER X 58 -17.86 39.10 48.50
N LEU X 59 -19.18 39.26 48.48
CA LEU X 59 -19.79 40.58 48.44
C LEU X 59 -19.28 41.48 49.58
N ALA X 60 -19.05 40.90 50.75
CA ALA X 60 -18.50 41.68 51.86
C ALA X 60 -17.07 42.11 51.58
N ALA X 61 -16.26 41.21 51.04
CA ALA X 61 -14.91 41.59 50.63
C ALA X 61 -14.93 42.60 49.49
N LEU X 62 -15.85 42.46 48.53
CA LEU X 62 -15.98 43.46 47.49
C LEU X 62 -16.36 44.82 48.04
N LYS X 63 -17.30 44.86 48.98
CA LYS X 63 -17.61 46.09 49.69
C LYS X 63 -16.37 46.69 50.34
N LYS X 64 -15.61 45.87 51.07
CA LYS X 64 -14.40 46.37 51.72
C LYS X 64 -13.37 46.90 50.72
N ALA X 65 -13.13 46.17 49.62
CA ALA X 65 -12.17 46.63 48.61
C ALA X 65 -12.59 47.93 47.93
N LEU X 66 -13.88 48.05 47.56
CA LEU X 66 -14.32 49.30 46.94
C LEU X 66 -14.35 50.47 47.91
N ALA X 67 -14.75 50.23 49.17
CA ALA X 67 -14.67 51.30 50.17
C ALA X 67 -13.22 51.73 50.40
N ALA X 68 -12.31 50.76 50.47
CA ALA X 68 -10.90 51.09 50.56
C ALA X 68 -10.41 51.80 49.30
N ALA X 69 -11.07 51.57 48.16
CA ALA X 69 -10.81 52.34 46.95
C ALA X 69 -11.60 53.63 46.87
N GLY X 70 -12.10 54.12 48.01
CA GLY X 70 -12.80 55.39 48.06
C GLY X 70 -14.19 55.40 47.45
N TYR X 71 -14.71 54.27 47.01
CA TYR X 71 -16.04 54.20 46.43
C TYR X 71 -17.07 54.04 47.54
N ASP X 72 -18.01 54.97 47.62
CA ASP X 72 -19.15 54.85 48.52
C ASP X 72 -19.95 53.59 48.19
N VAL X 73 -19.77 52.55 49.01
CA VAL X 73 -20.50 51.30 48.86
C VAL X 73 -21.85 51.33 49.55
N GLU X 74 -22.16 52.40 50.29
CA GLU X 74 -23.43 52.47 51.03
C GLU X 74 -24.59 52.91 50.15
N LYS X 75 -24.56 54.16 49.68
CA LYS X 75 -25.63 54.64 48.81
C LYS X 75 -25.72 53.83 47.51
N ASN X 76 -24.58 53.45 46.94
CA ASN X 76 -24.59 52.79 45.64
C ASN X 76 -24.56 51.26 45.74
N ASN X 77 -24.76 50.71 46.94
CA ASN X 77 -24.92 49.26 47.10
C ASN X 77 -25.88 48.63 46.11
N SER X 78 -27.02 49.27 45.86
CA SER X 78 -27.97 48.76 44.88
C SER X 78 -27.41 48.82 43.47
N ARG X 79 -26.61 49.83 43.17
CA ARG X 79 -25.91 49.86 41.90
C ARG X 79 -24.89 48.73 41.82
N ILE X 80 -24.18 48.46 42.91
CA ILE X 80 -23.21 47.36 42.92
C ILE X 80 -23.89 46.04 42.64
N LYS X 81 -24.97 45.73 43.35
CA LYS X 81 -25.69 44.49 43.10
C LYS X 81 -26.11 44.42 41.64
N LEU X 82 -26.56 45.54 41.07
CA LEU X 82 -26.93 45.51 39.66
C LEU X 82 -25.70 45.29 38.79
N GLY X 83 -24.65 46.10 38.98
CA GLY X 83 -23.45 45.94 38.17
C GLY X 83 -22.83 44.56 38.29
N LEU X 84 -22.80 44.03 39.51
CA LEU X 84 -22.32 42.68 39.72
C LEU X 84 -23.17 41.68 38.95
N LYS X 85 -24.50 41.83 39.06
CA LYS X 85 -25.39 40.98 38.27
C LYS X 85 -25.13 41.14 36.78
N SER X 86 -24.88 42.36 36.32
CA SER X 86 -24.57 42.52 34.91
C SER X 86 -23.29 41.77 34.55
N LEU X 87 -22.29 41.85 35.42
CA LEU X 87 -21.05 41.12 35.15
C LEU X 87 -21.27 39.62 35.17
N VAL X 88 -22.14 39.11 36.03
CA VAL X 88 -22.46 37.68 35.95
C VAL X 88 -23.25 37.39 34.68
N SER X 89 -24.24 38.24 34.35
CA SER X 89 -24.97 38.05 33.10
C SER X 89 -24.10 38.19 31.86
N LYS X 90 -23.05 39.01 31.92
CA LYS X 90 -22.07 39.03 30.85
C LYS X 90 -21.13 37.82 30.88
N GLY X 91 -21.21 36.97 31.90
CA GLY X 91 -20.29 35.86 32.04
C GLY X 91 -18.90 36.25 32.45
N THR X 92 -18.64 37.54 32.71
CA THR X 92 -17.33 37.98 33.15
C THR X 92 -16.97 37.46 34.53
N LEU X 93 -17.96 37.26 35.40
CA LEU X 93 -17.74 36.65 36.70
C LEU X 93 -18.50 35.33 36.82
N VAL X 94 -17.79 34.29 37.25
CA VAL X 94 -18.37 33.01 37.62
C VAL X 94 -18.81 33.02 39.08
N GLN X 95 -20.07 32.67 39.30
CA GLN X 95 -20.59 32.36 40.63
C GLN X 95 -20.02 31.03 41.10
N THR X 96 -19.30 31.05 42.21
CA THR X 96 -18.69 29.81 42.70
C THR X 96 -19.44 29.21 43.88
N LYS X 97 -20.23 30.01 44.60
CA LYS X 97 -21.06 29.52 45.69
C LYS X 97 -22.20 30.50 45.89
N GLY X 98 -23.23 30.03 46.58
CA GLY X 98 -24.43 30.82 46.73
C GLY X 98 -25.18 31.05 45.42
N THR X 99 -26.16 31.93 45.50
CA THR X 99 -26.97 32.35 44.37
C THR X 99 -27.00 33.86 44.30
N GLY X 100 -26.75 34.41 43.11
CA GLY X 100 -26.71 35.85 42.97
C GLY X 100 -25.64 36.55 43.79
N ALA X 101 -25.92 37.84 44.04
CA ALA X 101 -24.95 38.73 44.68
C ALA X 101 -24.52 38.27 46.06
N SER X 102 -25.25 37.37 46.69
CA SER X 102 -24.83 36.90 48.02
C SER X 102 -23.65 35.93 47.95
N GLY X 103 -23.21 35.54 46.76
CA GLY X 103 -22.25 34.47 46.61
C GLY X 103 -20.80 34.88 46.72
N SER X 104 -19.94 34.00 46.22
CA SER X 104 -18.53 34.24 45.91
C SER X 104 -18.34 34.25 44.40
N PHE X 105 -17.36 35.00 43.92
CA PHE X 105 -17.24 35.22 42.48
C PHE X 105 -15.78 35.16 42.08
N LYS X 106 -15.53 34.69 40.85
CA LYS X 106 -14.19 34.72 40.28
C LYS X 106 -14.20 35.23 38.84
N LEU X 107 -13.11 35.88 38.45
CA LEU X 107 -12.96 36.32 37.07
C LEU X 107 -12.96 35.12 36.14
N ASN X 108 -13.85 35.13 35.15
CA ASN X 108 -13.95 34.00 34.23
C ASN X 108 -12.78 34.05 33.25
N LYS X 109 -11.73 33.27 33.55
CA LYS X 109 -10.55 33.21 32.71
C LYS X 109 -10.84 32.69 31.31
N LYS X 110 -11.93 31.95 31.12
CA LYS X 110 -12.39 31.57 29.79
C LYS X 110 -13.00 32.76 29.06
ZN ZN Y . 9.51 35.01 -24.54
ZN ZN Z . -3.36 32.28 22.43
MG MG AA . 10.78 -14.88 -30.22
ZN ZN BA . 15.41 36.17 -9.36
ZN ZN CA . 20.28 -4.15 -78.99
ZN ZN DA . -31.10 -56.08 -0.89
ZN ZN EA . -46.30 -19.19 24.44
ZN ZN FA . 8.07 -30.82 -59.64
ZN ZN GA . -24.73 3.94 -65.42
#